data_6RH5
#
_entry.id   6RH5
#
_entity_poly.entity_id   1
_entity_poly.type   'polypeptide(L)'
_entity_poly.pdbx_seq_one_letter_code
;GSPNSMATELEYESVLCVKPDVSVYRIPPRASNRGYRASDWKLDQPDWTGRLRITSKGKTAYIKLEDKVSGELFAQAPVE
QYPGIAVETVTDSSRYFVIRIQDGTGRSAFIGIGFTDRGDAFDFNVSLQDHFKWVKQE
;
_entity_poly.pdbx_strand_id   A
#
# COMPACT_ATOMS: atom_id res chain seq x y z
N GLY A 1 -34.23 -20.78 2.02
CA GLY A 1 -33.54 -19.62 2.60
C GLY A 1 -33.01 -18.69 1.53
N SER A 2 -32.98 -17.38 1.81
CA SER A 2 -32.62 -16.31 0.85
C SER A 2 -31.56 -15.37 1.46
N PRO A 3 -30.30 -15.34 0.94
CA PRO A 3 -29.23 -14.49 1.45
C PRO A 3 -29.29 -13.03 0.93
N ASN A 4 -30.30 -12.70 0.13
CA ASN A 4 -30.43 -11.46 -0.65
C ASN A 4 -30.62 -10.17 0.19
N SER A 5 -30.74 -10.28 1.52
CA SER A 5 -30.76 -9.17 2.47
C SER A 5 -29.41 -8.43 2.59
N MET A 6 -28.31 -9.03 2.11
CA MET A 6 -26.97 -8.43 2.03
C MET A 6 -26.36 -8.59 0.63
N ALA A 7 -25.49 -7.64 0.24
CA ALA A 7 -24.76 -7.64 -1.03
C ALA A 7 -23.42 -6.89 -0.94
N THR A 8 -23.40 -5.72 -0.28
CA THR A 8 -22.20 -4.95 0.07
C THR A 8 -21.97 -5.07 1.58
N GLU A 9 -21.03 -5.94 1.96
CA GLU A 9 -20.81 -6.39 3.34
C GLU A 9 -19.34 -6.28 3.82
N LEU A 10 -18.54 -5.47 3.13
CA LEU A 10 -17.11 -5.21 3.43
C LEU A 10 -16.92 -4.24 4.62
N GLU A 11 -17.62 -4.51 5.71
CA GLU A 11 -17.60 -3.74 6.97
C GLU A 11 -16.66 -4.42 7.99
N TYR A 12 -15.41 -4.67 7.56
CA TYR A 12 -14.38 -5.39 8.31
C TYR A 12 -13.01 -4.87 7.92
N GLU A 13 -12.09 -4.78 8.89
CA GLU A 13 -10.66 -4.55 8.70
C GLU A 13 -9.98 -4.59 10.07
N SER A 14 -8.92 -5.39 10.18
CA SER A 14 -7.97 -5.35 11.29
C SER A 14 -6.86 -4.36 10.95
N VAL A 15 -6.78 -3.22 11.63
CA VAL A 15 -5.72 -2.21 11.41
C VAL A 15 -4.33 -2.71 11.86
N LEU A 16 -3.28 -2.31 11.14
CA LEU A 16 -1.89 -2.78 11.30
C LEU A 16 -0.88 -1.62 11.41
N CYS A 17 -1.06 -0.56 10.62
CA CYS A 17 -0.27 0.68 10.69
C CYS A 17 -1.09 1.86 10.19
N VAL A 18 -1.06 2.98 10.92
CA VAL A 18 -1.64 4.27 10.50
C VAL A 18 -0.61 5.37 10.67
N LYS A 19 -0.35 6.16 9.61
CA LYS A 19 0.50 7.36 9.62
C LYS A 19 -0.18 8.57 8.96
N PRO A 20 0.00 9.79 9.50
CA PRO A 20 -0.68 11.00 9.01
C PRO A 20 -0.11 11.57 7.70
N ASP A 21 1.08 11.15 7.29
CA ASP A 21 1.83 11.76 6.18
C ASP A 21 2.43 10.69 5.25
N VAL A 22 1.86 10.58 4.05
CA VAL A 22 2.35 9.76 2.94
C VAL A 22 2.05 10.45 1.60
N SER A 23 2.96 10.30 0.64
CA SER A 23 2.93 11.02 -0.64
C SER A 23 2.99 10.06 -1.83
N VAL A 24 2.06 10.19 -2.78
CA VAL A 24 1.95 9.35 -3.99
C VAL A 24 2.63 9.97 -5.19
N TYR A 25 3.34 9.12 -5.92
CA TYR A 25 3.94 9.41 -7.21
C TYR A 25 3.56 8.31 -8.21
N ARG A 26 3.03 8.69 -9.37
CA ARG A 26 2.89 7.80 -10.52
C ARG A 26 4.28 7.52 -11.12
N ILE A 27 4.64 6.23 -11.22
CA ILE A 27 6.00 5.76 -11.52
C ILE A 27 6.21 5.38 -13.01
N PRO A 28 7.47 5.38 -13.50
CA PRO A 28 7.84 4.67 -14.73
C PRO A 28 7.72 3.14 -14.56
N PRO A 29 7.56 2.36 -15.63
CA PRO A 29 7.45 0.90 -15.56
C PRO A 29 8.78 0.23 -15.16
N ARG A 30 8.70 -0.90 -14.44
CA ARG A 30 9.86 -1.63 -13.90
C ARG A 30 10.69 -2.28 -15.00
N ALA A 31 12.01 -2.20 -14.83
CA ALA A 31 12.98 -3.04 -15.53
C ALA A 31 14.31 -3.05 -14.77
N SER A 32 14.96 -4.20 -14.64
CA SER A 32 16.19 -4.41 -13.85
C SER A 32 17.41 -3.64 -14.35
N ASN A 33 17.38 -3.14 -15.60
CA ASN A 33 18.39 -2.24 -16.16
C ASN A 33 18.29 -0.80 -15.62
N ARG A 34 17.22 -0.46 -14.90
CA ARG A 34 17.00 0.82 -14.20
C ARG A 34 16.62 0.67 -12.72
N GLY A 35 15.68 -0.23 -12.39
CA GLY A 35 15.07 -0.35 -11.08
C GLY A 35 14.14 0.83 -10.78
N TYR A 36 13.23 0.64 -9.83
CA TYR A 36 12.65 1.74 -9.08
C TYR A 36 13.71 2.28 -8.12
N ARG A 37 14.13 3.54 -8.23
CA ARG A 37 15.25 4.11 -7.42
C ARG A 37 14.88 5.31 -6.56
N ALA A 38 13.57 5.49 -6.31
CA ALA A 38 12.93 6.65 -5.68
C ALA A 38 13.17 8.01 -6.39
N SER A 39 14.41 8.35 -6.72
CA SER A 39 14.83 9.60 -7.36
C SER A 39 14.35 9.79 -8.80
N ASP A 40 13.87 8.73 -9.46
CA ASP A 40 13.23 8.80 -10.77
C ASP A 40 11.75 9.25 -10.68
N TRP A 41 11.15 9.20 -9.49
CA TRP A 41 9.78 9.58 -9.21
C TRP A 41 9.66 11.08 -8.93
N LYS A 42 8.43 11.58 -8.88
CA LYS A 42 8.06 12.98 -8.67
C LYS A 42 8.13 13.44 -7.20
N LEU A 43 9.32 13.29 -6.60
CA LEU A 43 9.60 13.61 -5.19
C LEU A 43 9.40 15.09 -4.81
N ASP A 44 9.42 16.01 -5.77
CA ASP A 44 9.21 17.45 -5.56
C ASP A 44 7.74 17.88 -5.79
N GLN A 45 6.94 16.99 -6.40
CA GLN A 45 5.63 17.29 -6.98
C GLN A 45 4.69 16.05 -6.97
N PRO A 46 4.21 15.60 -5.80
CA PRO A 46 3.32 14.44 -5.68
C PRO A 46 2.06 14.56 -6.55
N ASP A 47 1.56 13.42 -7.04
CA ASP A 47 0.24 13.33 -7.68
C ASP A 47 -0.89 13.44 -6.66
N TRP A 48 -0.63 13.00 -5.42
CA TRP A 48 -1.53 13.13 -4.26
C TRP A 48 -0.74 13.06 -2.95
N THR A 49 -1.27 13.66 -1.87
CA THR A 49 -0.77 13.48 -0.49
C THR A 49 -1.91 13.24 0.50
N GLY A 50 -1.65 12.46 1.55
CA GLY A 50 -2.63 12.13 2.57
C GLY A 50 -2.10 11.19 3.65
N ARG A 51 -2.95 10.28 4.12
CA ARG A 51 -2.73 9.36 5.24
C ARG A 51 -2.57 7.91 4.78
N LEU A 52 -1.77 7.16 5.52
CA LEU A 52 -1.58 5.72 5.39
C LEU A 52 -2.53 4.97 6.34
N ARG A 53 -3.13 3.88 5.86
CA ARG A 53 -3.90 2.92 6.68
C ARG A 53 -3.70 1.49 6.17
N ILE A 54 -2.68 0.82 6.68
CA ILE A 54 -2.46 -0.61 6.47
C ILE A 54 -3.44 -1.37 7.34
N THR A 55 -4.19 -2.28 6.72
CA THR A 55 -5.23 -3.12 7.32
C THR A 55 -5.14 -4.55 6.77
N SER A 56 -5.89 -5.49 7.33
CA SER A 56 -5.97 -6.88 6.85
C SER A 56 -7.24 -7.57 7.31
N LYS A 57 -7.64 -8.64 6.62
CA LYS A 57 -8.55 -9.65 7.17
C LYS A 57 -8.24 -11.05 6.64
N GLY A 58 -7.94 -11.96 7.56
CA GLY A 58 -7.58 -13.35 7.30
C GLY A 58 -6.24 -13.42 6.59
N LYS A 59 -6.27 -14.00 5.39
CA LYS A 59 -5.11 -14.16 4.51
C LYS A 59 -4.97 -13.05 3.45
N THR A 60 -5.70 -11.95 3.60
CA THR A 60 -5.70 -10.82 2.68
C THR A 60 -5.42 -9.50 3.40
N ALA A 61 -4.26 -8.91 3.17
CA ALA A 61 -3.92 -7.57 3.64
C ALA A 61 -4.38 -6.50 2.64
N TYR A 62 -4.53 -5.27 3.13
CA TYR A 62 -5.07 -4.12 2.41
C TYR A 62 -4.24 -2.86 2.76
N ILE A 63 -3.39 -2.38 1.85
CA ILE A 63 -2.76 -1.06 2.00
C ILE A 63 -3.75 -0.03 1.51
N LYS A 64 -4.51 0.60 2.42
CA LYS A 64 -5.43 1.69 2.10
C LYS A 64 -4.77 3.06 2.30
N LEU A 65 -5.04 3.98 1.37
CA LEU A 65 -4.66 5.39 1.42
C LEU A 65 -5.91 6.26 1.57
N GLU A 66 -5.87 7.26 2.45
CA GLU A 66 -7.03 8.08 2.82
C GLU A 66 -6.71 9.58 2.89
N ASP A 67 -7.72 10.42 2.69
CA ASP A 67 -7.58 11.87 2.70
C ASP A 67 -7.41 12.41 4.13
N LYS A 68 -6.58 13.45 4.26
CA LYS A 68 -6.23 14.14 5.52
C LYS A 68 -7.20 15.23 5.96
N VAL A 69 -8.19 15.54 5.13
CA VAL A 69 -9.23 16.54 5.40
C VAL A 69 -10.64 15.93 5.31
N SER A 70 -10.90 15.11 4.29
CA SER A 70 -12.24 14.55 4.04
C SER A 70 -12.44 13.19 4.71
N GLY A 71 -11.36 12.46 4.99
CA GLY A 71 -11.41 11.12 5.57
C GLY A 71 -11.78 10.02 4.57
N GLU A 72 -11.88 10.37 3.28
CA GLU A 72 -12.31 9.49 2.20
C GLU A 72 -11.18 8.60 1.67
N LEU A 73 -11.52 7.47 1.07
CA LEU A 73 -10.56 6.55 0.45
C LEU A 73 -10.01 7.15 -0.86
N PHE A 74 -8.68 7.26 -0.98
CA PHE A 74 -8.00 7.59 -2.23
C PHE A 74 -7.80 6.35 -3.11
N ALA A 75 -7.19 5.31 -2.54
CA ALA A 75 -6.87 4.04 -3.22
C ALA A 75 -6.67 2.90 -2.20
N GLN A 76 -6.77 1.65 -2.66
CA GLN A 76 -6.44 0.47 -1.84
C GLN A 76 -5.76 -0.63 -2.67
N ALA A 77 -4.74 -1.29 -2.10
CA ALA A 77 -4.01 -2.41 -2.70
C ALA A 77 -4.20 -3.70 -1.87
N PRO A 78 -4.93 -4.71 -2.38
CA PRO A 78 -5.09 -6.01 -1.72
C PRO A 78 -3.88 -6.93 -1.97
N VAL A 79 -3.46 -7.67 -0.94
CA VAL A 79 -2.23 -8.49 -0.93
C VAL A 79 -2.54 -9.87 -0.34
N GLU A 80 -2.11 -10.96 -0.98
CA GLU A 80 -2.36 -12.34 -0.50
C GLU A 80 -1.18 -12.94 0.29
N GLN A 81 0.02 -12.41 0.10
CA GLN A 81 1.27 -12.75 0.81
C GLN A 81 2.31 -11.63 0.61
N TYR A 82 3.21 -11.44 1.58
CA TYR A 82 4.22 -10.39 1.57
C TYR A 82 5.65 -10.94 1.75
N PRO A 83 6.64 -10.57 0.91
CA PRO A 83 6.50 -9.85 -0.36
C PRO A 83 5.65 -10.61 -1.40
N GLY A 84 4.99 -9.87 -2.28
CA GLY A 84 4.13 -10.40 -3.35
C GLY A 84 3.83 -9.37 -4.45
N ILE A 85 2.91 -9.71 -5.37
CA ILE A 85 2.63 -8.91 -6.57
C ILE A 85 2.16 -7.48 -6.28
N ALA A 86 1.46 -7.27 -5.16
CA ALA A 86 0.82 -5.99 -4.83
C ALA A 86 1.67 -5.04 -3.99
N VAL A 87 2.93 -5.38 -3.69
CA VAL A 87 3.85 -4.55 -2.89
C VAL A 87 5.32 -4.75 -3.34
N GLU A 88 6.03 -3.65 -3.57
CA GLU A 88 7.41 -3.61 -4.07
C GLU A 88 8.25 -2.52 -3.38
N THR A 89 9.57 -2.62 -3.50
CA THR A 89 10.61 -1.73 -2.93
C THR A 89 11.43 -1.04 -4.02
N VAL A 90 12.04 0.08 -3.67
CA VAL A 90 13.07 0.77 -4.48
C VAL A 90 14.46 0.19 -4.22
N THR A 91 15.46 0.62 -4.98
CA THR A 91 16.87 0.21 -4.87
C THR A 91 17.72 1.14 -4.01
N ASP A 92 17.39 2.44 -4.01
CA ASP A 92 18.31 3.48 -3.52
C ASP A 92 18.08 3.87 -2.05
N SER A 93 16.82 3.99 -1.61
CA SER A 93 16.51 4.45 -0.24
C SER A 93 15.34 3.72 0.42
N SER A 94 15.53 3.26 1.66
CA SER A 94 14.60 2.37 2.38
C SER A 94 13.31 3.03 2.90
N ARG A 95 12.95 4.23 2.39
CA ARG A 95 11.73 4.97 2.76
C ARG A 95 10.66 5.08 1.67
N TYR A 96 10.73 4.21 0.64
CA TYR A 96 9.89 4.29 -0.54
C TYR A 96 9.42 2.89 -0.97
N PHE A 97 8.13 2.77 -1.30
CA PHE A 97 7.50 1.52 -1.76
C PHE A 97 6.64 1.77 -2.99
N VAL A 98 6.28 0.70 -3.69
CA VAL A 98 5.25 0.69 -4.73
C VAL A 98 4.17 -0.30 -4.34
N ILE A 99 2.90 0.00 -4.61
CA ILE A 99 1.79 -0.95 -4.39
C ILE A 99 0.83 -1.01 -5.58
N ARG A 100 0.24 -2.20 -5.80
CA ARG A 100 -0.71 -2.44 -6.90
C ARG A 100 -2.16 -2.16 -6.45
N ILE A 101 -2.55 -0.89 -6.46
CA ILE A 101 -3.92 -0.49 -6.10
C ILE A 101 -4.94 -0.99 -7.13
N GLN A 102 -6.12 -1.40 -6.64
CA GLN A 102 -7.16 -2.08 -7.41
C GLN A 102 -8.56 -1.54 -7.06
N ASP A 103 -9.46 -1.57 -8.05
CA ASP A 103 -10.85 -1.09 -7.92
C ASP A 103 -11.85 -2.21 -7.57
N GLY A 104 -11.35 -3.44 -7.37
CA GLY A 104 -12.14 -4.63 -6.99
C GLY A 104 -12.86 -5.32 -8.16
N THR A 105 -12.50 -4.97 -9.39
CA THR A 105 -13.17 -5.39 -10.65
C THR A 105 -12.20 -5.75 -11.79
N GLY A 106 -10.91 -5.96 -11.48
CA GLY A 106 -9.86 -6.29 -12.45
C GLY A 106 -9.11 -5.08 -13.03
N ARG A 107 -9.50 -3.85 -12.65
CA ARG A 107 -8.73 -2.61 -12.84
C ARG A 107 -7.60 -2.61 -11.82
N SER A 108 -6.41 -2.25 -12.29
CA SER A 108 -5.27 -2.00 -11.40
C SER A 108 -4.29 -0.94 -11.90
N ALA A 109 -3.51 -0.37 -10.98
CA ALA A 109 -2.36 0.48 -11.26
C ALA A 109 -1.25 0.26 -10.21
N PHE A 110 0.01 0.37 -10.63
CA PHE A 110 1.15 0.44 -9.71
C PHE A 110 1.45 1.90 -9.37
N ILE A 111 1.34 2.27 -8.08
CA ILE A 111 1.64 3.62 -7.57
C ILE A 111 2.80 3.58 -6.58
N GLY A 112 3.67 4.59 -6.63
CA GLY A 112 4.77 4.76 -5.68
C GLY A 112 4.32 5.60 -4.48
N ILE A 113 4.81 5.26 -3.28
CA ILE A 113 4.62 6.02 -2.05
C ILE A 113 5.95 6.30 -1.34
N GLY A 114 6.08 7.51 -0.77
CA GLY A 114 7.23 7.94 0.02
C GLY A 114 6.86 8.32 1.45
N PHE A 115 7.77 8.01 2.37
CA PHE A 115 7.68 8.29 3.82
C PHE A 115 8.64 9.42 4.21
N THR A 116 8.48 9.94 5.43
CA THR A 116 9.36 11.00 5.98
C THR A 116 10.76 10.46 6.33
N ASP A 117 10.85 9.22 6.82
CA ASP A 117 12.11 8.60 7.26
C ASP A 117 12.08 7.07 7.16
N ARG A 118 13.26 6.46 6.98
CA ARG A 118 13.44 4.99 6.93
C ARG A 118 12.94 4.30 8.19
N GLY A 119 13.12 4.94 9.34
CA GLY A 119 12.65 4.44 10.63
C GLY A 119 11.12 4.42 10.79
N ASP A 120 10.38 5.09 9.89
CA ASP A 120 8.91 5.00 9.81
C ASP A 120 8.45 4.11 8.64
N ALA A 121 9.18 4.10 7.52
CA ALA A 121 8.94 3.13 6.44
C ALA A 121 9.20 1.67 6.86
N PHE A 122 10.13 1.45 7.80
CA PHE A 122 10.30 0.15 8.46
C PHE A 122 8.99 -0.37 9.09
N ASP A 123 8.14 0.52 9.60
CA ASP A 123 6.84 0.14 10.20
C ASP A 123 5.84 -0.38 9.15
N PHE A 124 5.89 0.15 7.91
CA PHE A 124 5.12 -0.37 6.77
C PHE A 124 5.50 -1.83 6.45
N ASN A 125 6.80 -2.12 6.31
CA ASN A 125 7.24 -3.48 5.96
C ASN A 125 7.23 -4.48 7.13
N VAL A 126 7.35 -4.02 8.39
CA VAL A 126 7.25 -4.89 9.57
C VAL A 126 5.79 -5.23 9.89
N SER A 127 4.87 -4.26 9.82
CA SER A 127 3.44 -4.50 10.10
C SER A 127 2.78 -5.45 9.10
N LEU A 128 3.24 -5.45 7.84
CA LEU A 128 2.84 -6.44 6.82
C LEU A 128 3.41 -7.83 7.12
N GLN A 129 4.73 -7.98 7.31
CA GLN A 129 5.33 -9.31 7.52
C GLN A 129 4.92 -9.95 8.85
N ASP A 130 4.63 -9.15 9.89
CA ASP A 130 4.16 -9.61 11.20
C ASP A 130 2.63 -9.86 11.22
N HIS A 131 1.93 -9.59 10.12
CA HIS A 131 0.62 -10.21 9.86
C HIS A 131 0.77 -11.55 9.12
N PHE A 132 1.64 -11.63 8.12
CA PHE A 132 1.75 -12.79 7.23
C PHE A 132 2.63 -13.94 7.76
N LYS A 133 3.36 -13.79 8.88
CA LYS A 133 4.31 -14.81 9.35
C LYS A 133 3.76 -16.25 9.46
N TRP A 134 2.47 -16.39 9.84
CA TRP A 134 1.80 -17.70 9.93
C TRP A 134 1.41 -18.25 8.54
N VAL A 135 1.04 -17.38 7.59
CA VAL A 135 0.80 -17.73 6.18
C VAL A 135 2.12 -18.13 5.50
N LYS A 136 3.23 -17.51 5.92
CA LYS A 136 4.62 -17.80 5.51
C LYS A 136 5.26 -19.00 6.24
N GLN A 137 4.46 -19.68 7.06
CA GLN A 137 4.78 -20.89 7.83
C GLN A 137 6.00 -20.78 8.76
N GLU A 138 6.24 -19.57 9.26
CA GLU A 138 7.33 -19.24 10.21
C GLU A 138 7.00 -19.59 11.67
N GLY A 1 -33.91 -13.08 0.89
CA GLY A 1 -32.55 -12.64 0.46
C GLY A 1 -32.54 -12.23 -1.00
N SER A 2 -31.54 -11.43 -1.39
CA SER A 2 -31.39 -10.91 -2.77
C SER A 2 -31.08 -12.02 -3.80
N PRO A 3 -31.57 -11.91 -5.06
CA PRO A 3 -31.34 -12.90 -6.11
C PRO A 3 -29.94 -12.81 -6.75
N ASN A 4 -29.17 -11.77 -6.44
CA ASN A 4 -27.79 -11.52 -6.93
C ASN A 4 -26.87 -11.01 -5.81
N SER A 5 -25.56 -11.00 -6.07
CA SER A 5 -24.50 -10.70 -5.08
C SER A 5 -24.09 -9.22 -4.98
N MET A 6 -24.76 -8.30 -5.69
CA MET A 6 -24.38 -6.87 -5.77
C MET A 6 -24.88 -6.06 -4.56
N ALA A 7 -24.48 -6.47 -3.35
CA ALA A 7 -24.87 -5.86 -2.07
C ALA A 7 -23.74 -4.98 -1.47
N THR A 8 -22.53 -5.06 -2.03
CA THR A 8 -21.31 -4.34 -1.62
C THR A 8 -21.03 -4.46 -0.13
N GLU A 9 -20.68 -5.67 0.29
CA GLU A 9 -20.68 -6.12 1.69
C GLU A 9 -19.30 -6.16 2.37
N LEU A 10 -18.33 -5.42 1.82
CA LEU A 10 -16.95 -5.29 2.32
C LEU A 10 -16.85 -4.35 3.55
N GLU A 11 -17.69 -4.58 4.55
CA GLU A 11 -17.82 -3.80 5.79
C GLU A 11 -16.95 -4.40 6.92
N TYR A 12 -15.66 -4.63 6.62
CA TYR A 12 -14.69 -5.28 7.49
C TYR A 12 -13.28 -4.77 7.21
N GLU A 13 -12.46 -4.63 8.25
CA GLU A 13 -11.03 -4.33 8.18
C GLU A 13 -10.44 -4.33 9.60
N SER A 14 -9.40 -5.13 9.82
CA SER A 14 -8.57 -5.06 11.03
C SER A 14 -7.37 -4.14 10.78
N VAL A 15 -7.35 -2.95 11.40
CA VAL A 15 -6.22 -1.99 11.30
C VAL A 15 -4.92 -2.56 11.89
N LEU A 16 -3.78 -2.26 11.25
CA LEU A 16 -2.44 -2.76 11.61
C LEU A 16 -1.41 -1.64 11.77
N CYS A 17 -1.39 -0.66 10.86
CA CYS A 17 -0.54 0.53 10.94
C CYS A 17 -1.22 1.74 10.30
N VAL A 18 -1.14 2.88 10.97
CA VAL A 18 -1.60 4.18 10.48
C VAL A 18 -0.47 5.21 10.63
N LYS A 19 -0.15 5.92 9.54
CA LYS A 19 0.79 7.05 9.51
C LYS A 19 0.10 8.28 8.89
N PRO A 20 0.23 9.49 9.46
CA PRO A 20 -0.58 10.65 9.10
C PRO A 20 -0.24 11.29 7.75
N ASP A 21 1.02 11.20 7.32
CA ASP A 21 1.49 11.84 6.09
C ASP A 21 2.43 10.92 5.28
N VAL A 22 1.96 10.56 4.11
CA VAL A 22 2.63 9.76 3.07
C VAL A 22 2.25 10.29 1.69
N SER A 23 3.15 10.18 0.72
CA SER A 23 3.03 10.87 -0.58
C SER A 23 3.07 9.90 -1.75
N VAL A 24 2.13 10.03 -2.70
CA VAL A 24 2.00 9.21 -3.91
C VAL A 24 2.66 9.85 -5.11
N TYR A 25 3.34 9.02 -5.87
CA TYR A 25 3.91 9.34 -7.17
C TYR A 25 3.52 8.28 -8.19
N ARG A 26 3.14 8.74 -9.38
CA ARG A 26 3.33 7.98 -10.62
C ARG A 26 4.80 7.61 -10.81
N ILE A 27 5.04 6.36 -11.23
CA ILE A 27 6.38 5.81 -11.51
C ILE A 27 6.59 5.60 -13.02
N PRO A 28 7.83 5.69 -13.53
CA PRO A 28 8.16 5.35 -14.92
C PRO A 28 8.06 3.84 -15.19
N PRO A 29 7.98 3.40 -16.47
CA PRO A 29 7.94 1.98 -16.83
C PRO A 29 9.22 1.25 -16.39
N ARG A 30 9.04 0.11 -15.71
CA ARG A 30 10.13 -0.68 -15.11
C ARG A 30 10.97 -1.42 -16.16
N ALA A 31 12.25 -1.58 -15.83
CA ALA A 31 13.10 -2.66 -16.33
C ALA A 31 14.20 -2.97 -15.30
N SER A 32 14.75 -4.18 -15.32
CA SER A 32 15.79 -4.67 -14.40
C SER A 32 17.14 -3.94 -14.52
N ASN A 33 17.43 -3.39 -15.71
CA ASN A 33 18.57 -2.50 -15.96
C ASN A 33 18.33 -1.05 -15.45
N ARG A 34 17.14 -0.77 -14.91
CA ARG A 34 16.74 0.50 -14.30
C ARG A 34 16.52 0.31 -12.80
N GLY A 35 15.57 -0.56 -12.43
CA GLY A 35 15.00 -0.62 -11.09
C GLY A 35 14.20 0.64 -10.76
N TYR A 36 13.34 0.53 -9.76
CA TYR A 36 12.76 1.69 -9.09
C TYR A 36 13.78 2.28 -8.13
N ARG A 37 14.12 3.57 -8.23
CA ARG A 37 15.23 4.18 -7.45
C ARG A 37 14.82 5.39 -6.62
N ALA A 38 13.52 5.56 -6.40
CA ALA A 38 12.84 6.71 -5.79
C ALA A 38 13.07 8.07 -6.50
N SER A 39 14.31 8.41 -6.85
CA SER A 39 14.72 9.69 -7.46
C SER A 39 14.24 9.90 -8.89
N ASP A 40 13.83 8.85 -9.60
CA ASP A 40 13.18 8.92 -10.92
C ASP A 40 11.65 9.12 -10.84
N TRP A 41 11.08 9.15 -9.63
CA TRP A 41 9.66 9.45 -9.38
C TRP A 41 9.45 10.96 -9.17
N LYS A 42 8.19 11.38 -9.06
CA LYS A 42 7.74 12.78 -8.91
C LYS A 42 7.94 13.38 -7.51
N LEU A 43 9.14 13.22 -6.93
CA LEU A 43 9.40 13.53 -5.51
C LEU A 43 9.08 14.97 -5.09
N ASP A 44 9.26 15.96 -5.97
CA ASP A 44 8.97 17.38 -5.70
C ASP A 44 7.54 17.80 -6.10
N GLN A 45 6.76 16.86 -6.67
CA GLN A 45 5.37 17.07 -7.13
C GLN A 45 4.52 15.79 -6.94
N PRO A 46 4.15 15.40 -5.70
CA PRO A 46 3.24 14.27 -5.47
C PRO A 46 1.94 14.41 -6.26
N ASP A 47 1.47 13.31 -6.84
CA ASP A 47 0.16 13.23 -7.51
C ASP A 47 -0.98 13.23 -6.48
N TRP A 48 -0.69 12.78 -5.25
CA TRP A 48 -1.56 12.88 -4.07
C TRP A 48 -0.73 12.82 -2.77
N THR A 49 -1.24 13.41 -1.68
CA THR A 49 -0.71 13.16 -0.32
C THR A 49 -1.84 12.92 0.69
N GLY A 50 -1.55 12.15 1.73
CA GLY A 50 -2.52 11.80 2.76
C GLY A 50 -2.00 10.77 3.76
N ARG A 51 -2.90 9.95 4.30
CA ARG A 51 -2.66 8.96 5.35
C ARG A 51 -2.36 7.57 4.78
N LEU A 52 -1.42 6.88 5.40
CA LEU A 52 -1.31 5.42 5.32
C LEU A 52 -2.34 4.79 6.28
N ARG A 53 -3.02 3.74 5.83
CA ARG A 53 -3.84 2.87 6.70
C ARG A 53 -3.77 1.41 6.24
N ILE A 54 -2.76 0.70 6.75
CA ILE A 54 -2.63 -0.74 6.55
C ILE A 54 -3.69 -1.45 7.38
N THR A 55 -4.45 -2.31 6.72
CA THR A 55 -5.53 -3.13 7.27
C THR A 55 -5.42 -4.57 6.76
N SER A 56 -6.12 -5.52 7.38
CA SER A 56 -6.19 -6.92 6.95
C SER A 56 -7.54 -7.55 7.26
N LYS A 57 -7.85 -8.67 6.60
CA LYS A 57 -8.81 -9.65 7.09
C LYS A 57 -8.48 -11.07 6.60
N GLY A 58 -8.20 -11.98 7.53
CA GLY A 58 -7.78 -13.34 7.27
C GLY A 58 -6.42 -13.36 6.59
N LYS A 59 -6.32 -14.14 5.52
CA LYS A 59 -5.12 -14.33 4.69
C LYS A 59 -4.96 -13.27 3.58
N THR A 60 -5.59 -12.11 3.76
CA THR A 60 -5.48 -10.96 2.85
C THR A 60 -5.20 -9.68 3.63
N ALA A 61 -4.13 -8.96 3.24
CA ALA A 61 -3.84 -7.61 3.71
C ALA A 61 -4.28 -6.56 2.68
N TYR A 62 -4.45 -5.32 3.12
CA TYR A 62 -4.99 -4.20 2.37
C TYR A 62 -4.21 -2.92 2.75
N ILE A 63 -3.33 -2.43 1.88
CA ILE A 63 -2.72 -1.11 2.05
C ILE A 63 -3.73 -0.08 1.54
N LYS A 64 -4.54 0.50 2.44
CA LYS A 64 -5.47 1.58 2.09
C LYS A 64 -4.82 2.95 2.30
N LEU A 65 -5.06 3.86 1.36
CA LEU A 65 -4.63 5.27 1.41
C LEU A 65 -5.86 6.18 1.54
N GLU A 66 -5.84 7.08 2.52
CA GLU A 66 -7.00 7.88 2.93
C GLU A 66 -6.64 9.36 3.14
N ASP A 67 -7.57 10.28 2.88
CA ASP A 67 -7.30 11.72 2.96
C ASP A 67 -7.07 12.17 4.42
N LYS A 68 -6.11 13.07 4.61
CA LYS A 68 -5.70 13.60 5.92
C LYS A 68 -6.59 14.70 6.50
N VAL A 69 -7.59 15.14 5.73
CA VAL A 69 -8.56 16.17 6.12
C VAL A 69 -9.99 15.65 6.03
N SER A 70 -10.34 14.92 4.96
CA SER A 70 -11.71 14.43 4.73
C SER A 70 -11.94 13.00 5.24
N GLY A 71 -10.86 12.21 5.40
CA GLY A 71 -10.92 10.80 5.82
C GLY A 71 -11.45 9.86 4.73
N GLU A 72 -11.49 10.33 3.47
CA GLU A 72 -12.04 9.61 2.32
C GLU A 72 -10.98 8.73 1.63
N LEU A 73 -11.38 7.60 1.04
CA LEU A 73 -10.46 6.67 0.39
C LEU A 73 -9.92 7.26 -0.93
N PHE A 74 -8.60 7.28 -1.09
CA PHE A 74 -7.93 7.58 -2.36
C PHE A 74 -7.80 6.31 -3.21
N ALA A 75 -7.13 5.28 -2.68
CA ALA A 75 -6.91 3.98 -3.31
C ALA A 75 -6.65 2.88 -2.27
N GLN A 76 -6.73 1.61 -2.69
CA GLN A 76 -6.35 0.47 -1.85
C GLN A 76 -5.67 -0.63 -2.67
N ALA A 77 -4.67 -1.29 -2.08
CA ALA A 77 -3.89 -2.37 -2.69
C ALA A 77 -4.01 -3.67 -1.86
N PRO A 78 -4.78 -4.67 -2.33
CA PRO A 78 -4.91 -5.97 -1.67
C PRO A 78 -3.69 -6.87 -1.93
N VAL A 79 -3.31 -7.68 -0.93
CA VAL A 79 -2.10 -8.51 -0.89
C VAL A 79 -2.44 -9.88 -0.30
N GLU A 80 -2.08 -10.97 -0.99
CA GLU A 80 -2.39 -12.34 -0.53
C GLU A 80 -1.27 -12.96 0.33
N GLN A 81 -0.03 -12.47 0.18
CA GLN A 81 1.13 -12.76 1.03
C GLN A 81 2.21 -11.69 0.83
N TYR A 82 2.99 -11.39 1.87
CA TYR A 82 4.13 -10.48 1.84
C TYR A 82 5.44 -11.21 2.14
N PRO A 83 6.51 -11.06 1.32
CA PRO A 83 6.54 -10.35 0.04
C PRO A 83 5.68 -11.04 -1.05
N GLY A 84 5.13 -10.22 -1.96
CA GLY A 84 4.29 -10.65 -3.08
C GLY A 84 4.29 -9.65 -4.23
N ILE A 85 3.35 -9.76 -5.17
CA ILE A 85 3.27 -8.88 -6.35
C ILE A 85 2.80 -7.45 -5.99
N ALA A 86 1.89 -7.30 -5.04
CA ALA A 86 1.18 -6.05 -4.77
C ALA A 86 1.95 -5.05 -3.90
N VAL A 87 3.21 -5.34 -3.56
CA VAL A 87 4.09 -4.51 -2.72
C VAL A 87 5.56 -4.73 -3.11
N GLU A 88 6.30 -3.66 -3.37
CA GLU A 88 7.72 -3.65 -3.78
C GLU A 88 8.52 -2.51 -3.13
N THR A 89 9.85 -2.63 -3.13
CA THR A 89 10.83 -1.64 -2.65
C THR A 89 11.61 -1.00 -3.79
N VAL A 90 12.21 0.17 -3.54
CA VAL A 90 13.18 0.80 -4.44
C VAL A 90 14.61 0.27 -4.20
N THR A 91 15.57 0.72 -5.02
CA THR A 91 16.99 0.37 -4.95
C THR A 91 17.78 1.36 -4.08
N ASP A 92 17.44 2.65 -4.14
CA ASP A 92 18.29 3.71 -3.60
C ASP A 92 18.03 4.05 -2.13
N SER A 93 16.76 4.14 -1.71
CA SER A 93 16.39 4.63 -0.36
C SER A 93 15.21 3.89 0.27
N SER A 94 15.40 3.29 1.45
CA SER A 94 14.42 2.37 2.07
C SER A 94 13.08 3.02 2.47
N ARG A 95 12.95 4.35 2.43
CA ARG A 95 11.72 5.09 2.77
C ARG A 95 10.70 5.22 1.62
N TYR A 96 10.81 4.36 0.60
CA TYR A 96 9.98 4.38 -0.61
C TYR A 96 9.57 2.96 -1.05
N PHE A 97 8.32 2.81 -1.51
CA PHE A 97 7.73 1.54 -1.93
C PHE A 97 6.83 1.72 -3.16
N VAL A 98 6.53 0.64 -3.86
CA VAL A 98 5.48 0.58 -4.89
C VAL A 98 4.39 -0.39 -4.44
N ILE A 99 3.11 -0.09 -4.70
CA ILE A 99 2.01 -1.03 -4.44
C ILE A 99 1.04 -1.14 -5.61
N ARG A 100 0.45 -2.33 -5.80
CA ARG A 100 -0.54 -2.60 -6.86
C ARG A 100 -1.96 -2.30 -6.38
N ILE A 101 -2.35 -1.03 -6.44
CA ILE A 101 -3.72 -0.61 -6.12
C ILE A 101 -4.74 -1.21 -7.11
N GLN A 102 -5.93 -1.55 -6.61
CA GLN A 102 -7.03 -2.17 -7.36
C GLN A 102 -8.37 -1.51 -7.00
N ASP A 103 -9.21 -1.31 -8.00
CA ASP A 103 -10.51 -0.61 -7.88
C ASP A 103 -11.69 -1.55 -7.53
N GLY A 104 -11.40 -2.78 -7.09
CA GLY A 104 -12.40 -3.78 -6.64
C GLY A 104 -13.25 -4.41 -7.76
N THR A 105 -12.88 -4.20 -9.03
CA THR A 105 -13.71 -4.51 -10.21
C THR A 105 -12.95 -5.24 -11.35
N GLY A 106 -11.65 -5.51 -11.18
CA GLY A 106 -10.81 -6.22 -12.15
C GLY A 106 -9.86 -5.30 -12.95
N ARG A 107 -9.50 -4.14 -12.37
CA ARG A 107 -8.59 -3.12 -12.90
C ARG A 107 -7.58 -2.71 -11.84
N SER A 108 -6.34 -2.43 -12.24
CA SER A 108 -5.21 -2.19 -11.34
C SER A 108 -4.17 -1.20 -11.86
N ALA A 109 -3.37 -0.63 -10.96
CA ALA A 109 -2.20 0.19 -11.27
C ALA A 109 -1.11 0.02 -10.21
N PHE A 110 0.17 0.07 -10.62
CA PHE A 110 1.32 0.13 -9.72
C PHE A 110 1.66 1.59 -9.44
N ILE A 111 1.52 2.05 -8.18
CA ILE A 111 1.83 3.42 -7.75
C ILE A 111 2.98 3.43 -6.74
N GLY A 112 3.77 4.50 -6.73
CA GLY A 112 4.86 4.71 -5.77
C GLY A 112 4.35 5.47 -4.56
N ILE A 113 4.87 5.15 -3.36
CA ILE A 113 4.68 5.91 -2.13
C ILE A 113 6.02 6.20 -1.45
N GLY A 114 6.14 7.37 -0.83
CA GLY A 114 7.31 7.80 -0.07
C GLY A 114 6.95 8.32 1.33
N PHE A 115 7.76 7.96 2.30
CA PHE A 115 7.67 8.40 3.70
C PHE A 115 8.69 9.51 4.01
N THR A 116 8.41 10.29 5.05
CA THR A 116 9.29 11.40 5.51
C THR A 116 10.54 10.89 6.23
N ASP A 117 10.53 9.65 6.72
CA ASP A 117 11.61 9.05 7.50
C ASP A 117 11.64 7.52 7.34
N ARG A 118 12.85 6.94 7.43
CA ARG A 118 13.09 5.49 7.30
C ARG A 118 12.43 4.66 8.39
N GLY A 119 12.26 5.19 9.61
CA GLY A 119 11.57 4.51 10.71
C GLY A 119 10.06 4.31 10.46
N ASP A 120 9.43 5.24 9.73
CA ASP A 120 8.00 5.15 9.39
C ASP A 120 7.76 4.17 8.22
N ALA A 121 8.69 4.13 7.28
CA ALA A 121 8.76 3.09 6.25
C ALA A 121 9.06 1.69 6.80
N PHE A 122 9.91 1.59 7.82
CA PHE A 122 10.13 0.34 8.54
C PHE A 122 8.85 -0.13 9.24
N ASP A 123 8.06 0.77 9.85
CA ASP A 123 6.75 0.40 10.39
C ASP A 123 5.77 -0.08 9.31
N PHE A 124 5.79 0.50 8.10
CA PHE A 124 5.04 -0.01 6.94
C PHE A 124 5.39 -1.46 6.61
N ASN A 125 6.68 -1.77 6.36
CA ASN A 125 7.08 -3.13 5.95
C ASN A 125 7.08 -4.16 7.09
N VAL A 126 7.23 -3.75 8.35
CA VAL A 126 7.11 -4.65 9.51
C VAL A 126 5.65 -4.98 9.79
N SER A 127 4.73 -4.03 9.63
CA SER A 127 3.28 -4.25 9.78
C SER A 127 2.75 -5.35 8.84
N LEU A 128 3.27 -5.39 7.60
CA LEU A 128 2.91 -6.43 6.62
C LEU A 128 3.51 -7.80 6.98
N GLN A 129 4.82 -7.90 7.24
CA GLN A 129 5.45 -9.19 7.52
C GLN A 129 5.00 -9.81 8.86
N ASP A 130 4.62 -8.99 9.84
CA ASP A 130 4.06 -9.43 11.12
C ASP A 130 2.55 -9.71 11.06
N HIS A 131 1.92 -9.53 9.89
CA HIS A 131 0.61 -10.13 9.59
C HIS A 131 0.74 -11.52 8.98
N PHE A 132 1.70 -11.73 8.07
CA PHE A 132 1.81 -12.98 7.31
C PHE A 132 2.72 -14.06 7.92
N LYS A 133 3.37 -13.81 9.07
CA LYS A 133 4.30 -14.78 9.71
C LYS A 133 3.72 -16.18 9.97
N TRP A 134 2.42 -16.28 10.21
CA TRP A 134 1.69 -17.55 10.42
C TRP A 134 1.28 -18.23 9.09
N VAL A 135 1.12 -17.46 8.02
CA VAL A 135 0.80 -17.94 6.65
C VAL A 135 2.06 -18.46 5.94
N LYS A 136 3.23 -17.88 6.24
CA LYS A 136 4.55 -18.18 5.67
C LYS A 136 5.32 -19.22 6.48
N GLN A 137 4.62 -20.10 7.20
CA GLN A 137 5.20 -21.24 7.90
C GLN A 137 5.46 -22.38 6.90
N GLU A 138 6.65 -22.36 6.32
CA GLU A 138 7.10 -23.23 5.20
C GLU A 138 8.54 -23.74 5.39
N GLY A 1 -34.27 -11.80 5.20
CA GLY A 1 -32.99 -11.90 4.46
C GLY A 1 -33.07 -11.24 3.10
N SER A 2 -31.92 -10.77 2.59
CA SER A 2 -31.79 -10.06 1.30
C SER A 2 -30.62 -10.62 0.46
N PRO A 3 -30.70 -10.60 -0.89
CA PRO A 3 -29.68 -11.18 -1.77
C PRO A 3 -28.40 -10.32 -1.91
N ASN A 4 -28.40 -9.08 -1.40
CA ASN A 4 -27.31 -8.11 -1.58
C ASN A 4 -25.96 -8.59 -1.01
N SER A 5 -25.97 -9.45 0.00
CA SER A 5 -24.77 -10.07 0.60
C SER A 5 -24.00 -10.98 -0.38
N MET A 6 -24.65 -11.45 -1.45
CA MET A 6 -24.02 -12.25 -2.52
C MET A 6 -23.16 -11.39 -3.49
N ALA A 7 -23.12 -10.07 -3.31
CA ALA A 7 -22.37 -9.13 -4.13
C ALA A 7 -21.57 -8.10 -3.30
N THR A 8 -22.14 -7.63 -2.18
CA THR A 8 -21.53 -6.65 -1.27
C THR A 8 -21.77 -7.05 0.19
N GLU A 9 -20.72 -7.49 0.86
CA GLU A 9 -20.73 -7.90 2.28
C GLU A 9 -19.46 -7.49 3.06
N LEU A 10 -18.71 -6.51 2.55
CA LEU A 10 -17.46 -6.01 3.13
C LEU A 10 -17.75 -5.08 4.32
N GLU A 11 -17.70 -5.63 5.53
CA GLU A 11 -17.95 -4.94 6.81
C GLU A 11 -16.90 -5.35 7.87
N TYR A 12 -15.62 -5.31 7.47
CA TYR A 12 -14.47 -5.79 8.24
C TYR A 12 -13.20 -5.04 7.81
N GLU A 13 -12.23 -4.91 8.72
CA GLU A 13 -10.85 -4.50 8.44
C GLU A 13 -10.07 -4.50 9.77
N SER A 14 -9.01 -5.29 9.87
CA SER A 14 -8.07 -5.24 11.00
C SER A 14 -6.88 -4.35 10.64
N VAL A 15 -6.81 -3.16 11.25
CA VAL A 15 -5.70 -2.19 11.06
C VAL A 15 -4.37 -2.75 11.60
N LEU A 16 -3.26 -2.40 10.94
CA LEU A 16 -1.90 -2.93 11.19
C LEU A 16 -0.86 -1.81 11.34
N CYS A 17 -0.97 -0.75 10.53
CA CYS A 17 -0.13 0.45 10.63
C CYS A 17 -0.89 1.67 10.09
N VAL A 18 -0.78 2.80 10.80
CA VAL A 18 -1.28 4.11 10.36
C VAL A 18 -0.16 5.15 10.51
N LYS A 19 0.12 5.88 9.44
CA LYS A 19 1.08 7.01 9.39
C LYS A 19 0.39 8.26 8.80
N PRO A 20 0.58 9.46 9.38
CA PRO A 20 -0.14 10.66 8.98
C PRO A 20 0.39 11.35 7.71
N ASP A 21 1.59 11.01 7.26
CA ASP A 21 2.25 11.63 6.09
C ASP A 21 2.79 10.55 5.15
N VAL A 22 2.12 10.40 4.00
CA VAL A 22 2.56 9.59 2.86
C VAL A 22 2.23 10.31 1.55
N SER A 23 3.13 10.22 0.57
CA SER A 23 3.08 10.98 -0.68
C SER A 23 3.12 10.05 -1.90
N VAL A 24 2.14 10.17 -2.80
CA VAL A 24 2.02 9.35 -4.02
C VAL A 24 2.68 10.02 -5.21
N TYR A 25 3.40 9.18 -5.96
CA TYR A 25 3.94 9.52 -7.26
C TYR A 25 3.50 8.46 -8.28
N ARG A 26 2.94 8.92 -9.39
CA ARG A 26 2.85 8.12 -10.62
C ARG A 26 4.25 7.84 -11.16
N ILE A 27 4.51 6.58 -11.53
CA ILE A 27 5.85 6.10 -11.92
C ILE A 27 5.95 5.79 -13.43
N PRO A 28 7.12 5.96 -14.05
CA PRO A 28 7.37 5.57 -15.44
C PRO A 28 7.37 4.04 -15.64
N PRO A 29 7.24 3.55 -16.89
CA PRO A 29 7.47 2.13 -17.21
C PRO A 29 8.94 1.75 -16.92
N ARG A 30 9.15 0.86 -15.95
CA ARG A 30 10.44 0.59 -15.31
C ARG A 30 10.55 -0.84 -14.76
N ALA A 31 11.78 -1.25 -14.43
CA ALA A 31 12.07 -2.50 -13.73
C ALA A 31 11.78 -2.39 -12.22
N SER A 32 10.95 -3.30 -11.74
CA SER A 32 10.15 -3.18 -10.51
C SER A 32 10.89 -3.40 -9.18
N ASN A 33 12.10 -3.95 -9.21
CA ASN A 33 13.02 -4.03 -8.07
C ASN A 33 14.49 -3.75 -8.46
N ARG A 34 14.70 -3.14 -9.64
CA ARG A 34 16.01 -2.86 -10.26
C ARG A 34 16.16 -1.44 -10.81
N GLY A 35 15.05 -0.83 -11.23
CA GLY A 35 15.02 0.49 -11.87
C GLY A 35 14.24 1.57 -11.13
N TYR A 36 13.34 1.20 -10.21
CA TYR A 36 12.77 2.10 -9.21
C TYR A 36 13.86 2.52 -8.22
N ARG A 37 14.37 3.77 -8.28
CA ARG A 37 15.42 4.27 -7.36
C ARG A 37 14.99 5.43 -6.47
N ALA A 38 13.67 5.56 -6.28
CA ALA A 38 12.97 6.74 -5.77
C ALA A 38 13.20 8.03 -6.59
N SER A 39 14.45 8.38 -6.92
CA SER A 39 14.85 9.55 -7.72
C SER A 39 14.37 9.52 -9.17
N ASP A 40 13.81 8.39 -9.63
CA ASP A 40 13.16 8.26 -10.95
C ASP A 40 11.72 8.82 -10.96
N TRP A 41 11.16 9.13 -9.79
CA TRP A 41 9.76 9.52 -9.57
C TRP A 41 9.59 11.04 -9.35
N LYS A 42 8.34 11.48 -9.23
CA LYS A 42 7.92 12.88 -9.02
C LYS A 42 8.10 13.39 -7.58
N LEU A 43 9.27 13.17 -6.98
CA LEU A 43 9.52 13.38 -5.53
C LEU A 43 9.19 14.80 -5.02
N ASP A 44 9.41 15.83 -5.83
CA ASP A 44 9.14 17.24 -5.48
C ASP A 44 7.75 17.74 -5.95
N GLN A 45 6.98 16.87 -6.62
CA GLN A 45 5.64 17.13 -7.17
C GLN A 45 4.71 15.90 -7.03
N PRO A 46 4.40 15.41 -5.82
CA PRO A 46 3.49 14.28 -5.63
C PRO A 46 2.12 14.53 -6.27
N ASP A 47 1.62 13.51 -6.95
CA ASP A 47 0.30 13.52 -7.61
C ASP A 47 -0.85 13.55 -6.59
N TRP A 48 -0.61 13.03 -5.38
CA TRP A 48 -1.49 13.13 -4.21
C TRP A 48 -0.69 13.01 -2.91
N THR A 49 -1.17 13.60 -1.81
CA THR A 49 -0.63 13.39 -0.45
C THR A 49 -1.74 13.15 0.57
N GLY A 50 -1.44 12.36 1.60
CA GLY A 50 -2.41 12.02 2.65
C GLY A 50 -1.85 11.08 3.73
N ARG A 51 -2.72 10.21 4.24
CA ARG A 51 -2.46 9.26 5.33
C ARG A 51 -2.39 7.82 4.83
N LEU A 52 -1.58 7.01 5.49
CA LEU A 52 -1.42 5.57 5.29
C LEU A 52 -2.35 4.79 6.23
N ARG A 53 -2.93 3.68 5.74
CA ARG A 53 -3.73 2.72 6.50
C ARG A 53 -3.47 1.32 5.96
N ILE A 54 -2.54 0.61 6.60
CA ILE A 54 -2.30 -0.82 6.35
C ILE A 54 -3.29 -1.60 7.19
N THR A 55 -3.91 -2.59 6.57
CA THR A 55 -5.08 -3.33 7.06
C THR A 55 -5.03 -4.79 6.59
N SER A 56 -5.86 -5.67 7.15
CA SER A 56 -5.95 -7.07 6.71
C SER A 56 -7.29 -7.70 7.07
N LYS A 57 -7.61 -8.80 6.38
CA LYS A 57 -8.54 -9.81 6.87
C LYS A 57 -8.22 -11.20 6.31
N GLY A 58 -7.95 -12.15 7.21
CA GLY A 58 -7.56 -13.53 6.88
C GLY A 58 -6.22 -13.54 6.17
N LYS A 59 -6.17 -14.28 5.07
CA LYS A 59 -5.00 -14.43 4.20
C LYS A 59 -4.90 -13.34 3.12
N THR A 60 -5.46 -12.16 3.38
CA THR A 60 -5.36 -10.97 2.52
C THR A 60 -5.02 -9.74 3.36
N ALA A 61 -3.99 -9.00 2.94
CA ALA A 61 -3.68 -7.67 3.46
C ALA A 61 -4.16 -6.58 2.49
N TYR A 62 -4.31 -5.35 2.97
CA TYR A 62 -4.86 -4.21 2.24
C TYR A 62 -4.05 -2.96 2.61
N ILE A 63 -3.26 -2.43 1.67
CA ILE A 63 -2.63 -1.10 1.82
C ILE A 63 -3.61 -0.07 1.28
N LYS A 64 -4.26 0.67 2.18
CA LYS A 64 -5.19 1.75 1.85
C LYS A 64 -4.59 3.13 2.14
N LEU A 65 -4.89 4.07 1.28
CA LEU A 65 -4.50 5.48 1.35
C LEU A 65 -5.73 6.36 1.53
N GLU A 66 -5.71 7.29 2.49
CA GLU A 66 -6.86 8.12 2.85
C GLU A 66 -6.51 9.60 2.99
N ASP A 67 -7.44 10.50 2.68
CA ASP A 67 -7.24 11.94 2.70
C ASP A 67 -7.03 12.46 4.13
N LYS A 68 -6.05 13.34 4.30
CA LYS A 68 -5.63 13.88 5.60
C LYS A 68 -6.55 14.94 6.21
N VAL A 69 -7.56 15.38 5.47
CA VAL A 69 -8.57 16.36 5.92
C VAL A 69 -9.98 15.76 5.90
N SER A 70 -10.34 15.03 4.84
CA SER A 70 -11.70 14.49 4.67
C SER A 70 -11.85 13.06 5.21
N GLY A 71 -10.74 12.33 5.38
CA GLY A 71 -10.73 10.93 5.82
C GLY A 71 -11.25 9.94 4.76
N GLU A 72 -11.33 10.38 3.51
CA GLU A 72 -11.92 9.63 2.39
C GLU A 72 -10.87 8.77 1.66
N LEU A 73 -11.29 7.64 1.08
CA LEU A 73 -10.39 6.68 0.41
C LEU A 73 -9.86 7.26 -0.92
N PHE A 74 -8.54 7.31 -1.07
CA PHE A 74 -7.86 7.63 -2.33
C PHE A 74 -7.66 6.38 -3.19
N ALA A 75 -7.02 5.35 -2.63
CA ALA A 75 -6.71 4.10 -3.31
C ALA A 75 -6.51 2.93 -2.31
N GLN A 76 -6.57 1.70 -2.83
CA GLN A 76 -6.40 0.47 -2.06
C GLN A 76 -5.65 -0.62 -2.86
N ALA A 77 -4.68 -1.30 -2.25
CA ALA A 77 -3.90 -2.39 -2.84
C ALA A 77 -4.03 -3.69 -2.00
N PRO A 78 -4.88 -4.64 -2.43
CA PRO A 78 -4.95 -5.98 -1.85
C PRO A 78 -3.70 -6.83 -2.13
N VAL A 79 -3.28 -7.62 -1.15
CA VAL A 79 -2.08 -8.49 -1.20
C VAL A 79 -2.42 -9.88 -0.66
N GLU A 80 -2.07 -10.95 -1.37
CA GLU A 80 -2.33 -12.33 -0.91
C GLU A 80 -1.22 -12.89 0.00
N GLN A 81 0.02 -12.39 -0.15
CA GLN A 81 1.15 -12.63 0.77
C GLN A 81 2.28 -11.62 0.51
N TYR A 82 3.10 -11.36 1.54
CA TYR A 82 4.21 -10.39 1.51
C TYR A 82 5.56 -11.08 1.74
N PRO A 83 6.61 -10.80 0.94
CA PRO A 83 6.58 -10.02 -0.30
C PRO A 83 5.77 -10.72 -1.41
N GLY A 84 5.13 -9.93 -2.27
CA GLY A 84 4.27 -10.40 -3.37
C GLY A 84 3.92 -9.33 -4.40
N ILE A 85 3.08 -9.69 -5.37
CA ILE A 85 2.79 -8.89 -6.59
C ILE A 85 2.36 -7.43 -6.32
N ALA A 86 1.61 -7.19 -5.23
CA ALA A 86 1.00 -5.90 -4.94
C ALA A 86 1.86 -4.96 -4.09
N VAL A 87 3.11 -5.32 -3.76
CA VAL A 87 4.03 -4.50 -2.95
C VAL A 87 5.50 -4.72 -3.34
N GLU A 88 6.21 -3.64 -3.63
CA GLU A 88 7.61 -3.60 -4.08
C GLU A 88 8.41 -2.44 -3.47
N THR A 89 9.73 -2.48 -3.65
CA THR A 89 10.73 -1.59 -3.02
C THR A 89 11.58 -0.87 -4.06
N VAL A 90 12.20 0.26 -3.69
CA VAL A 90 13.22 0.94 -4.51
C VAL A 90 14.63 0.36 -4.28
N THR A 91 15.60 0.81 -5.08
CA THR A 91 17.01 0.43 -4.98
C THR A 91 17.80 1.30 -4.00
N ASP A 92 17.47 2.59 -3.94
CA ASP A 92 18.35 3.61 -3.34
C ASP A 92 18.08 3.91 -1.86
N SER A 93 16.81 4.02 -1.47
CA SER A 93 16.44 4.43 -0.09
C SER A 93 15.21 3.74 0.49
N SER A 94 15.33 3.19 1.70
CA SER A 94 14.30 2.34 2.35
C SER A 94 13.01 3.07 2.77
N ARG A 95 12.84 4.37 2.44
CA ARG A 95 11.62 5.15 2.71
C ARG A 95 10.65 5.24 1.52
N TYR A 96 10.78 4.38 0.52
CA TYR A 96 10.01 4.44 -0.72
C TYR A 96 9.61 3.02 -1.17
N PHE A 97 8.33 2.85 -1.51
CA PHE A 97 7.73 1.59 -1.93
C PHE A 97 6.81 1.81 -3.13
N VAL A 98 6.46 0.74 -3.86
CA VAL A 98 5.45 0.75 -4.92
C VAL A 98 4.36 -0.26 -4.57
N ILE A 99 3.08 0.06 -4.80
CA ILE A 99 1.98 -0.87 -4.56
C ILE A 99 1.01 -0.97 -5.75
N ARG A 100 0.44 -2.15 -5.95
CA ARG A 100 -0.54 -2.41 -7.04
C ARG A 100 -1.98 -2.13 -6.56
N ILE A 101 -2.40 -0.87 -6.65
CA ILE A 101 -3.78 -0.49 -6.28
C ILE A 101 -4.80 -1.05 -7.28
N GLN A 102 -5.94 -1.51 -6.77
CA GLN A 102 -6.98 -2.27 -7.50
C GLN A 102 -8.38 -1.81 -7.11
N ASP A 103 -9.28 -1.80 -8.08
CA ASP A 103 -10.69 -1.38 -7.92
C ASP A 103 -11.64 -2.55 -7.55
N GLY A 104 -11.08 -3.76 -7.38
CA GLY A 104 -11.81 -4.98 -6.98
C GLY A 104 -12.53 -5.69 -8.13
N THR A 105 -12.21 -5.33 -9.38
CA THR A 105 -12.91 -5.76 -10.61
C THR A 105 -11.96 -6.06 -11.79
N GLY A 106 -10.66 -6.24 -11.52
CA GLY A 106 -9.63 -6.51 -12.54
C GLY A 106 -8.94 -5.26 -13.12
N ARG A 107 -9.36 -4.06 -12.70
CA ARG A 107 -8.64 -2.79 -12.88
C ARG A 107 -7.49 -2.74 -11.89
N SER A 108 -6.33 -2.34 -12.38
CA SER A 108 -5.19 -2.06 -11.51
C SER A 108 -4.20 -1.02 -12.04
N ALA A 109 -3.41 -0.44 -11.14
CA ALA A 109 -2.25 0.42 -11.44
C ALA A 109 -1.14 0.22 -10.39
N PHE A 110 0.12 0.35 -10.80
CA PHE A 110 1.25 0.46 -9.87
C PHE A 110 1.52 1.93 -9.54
N ILE A 111 1.44 2.30 -8.27
CA ILE A 111 1.73 3.66 -7.76
C ILE A 111 2.91 3.63 -6.80
N GLY A 112 3.75 4.66 -6.83
CA GLY A 112 4.86 4.84 -5.88
C GLY A 112 4.39 5.64 -4.67
N ILE A 113 4.91 5.28 -3.49
CA ILE A 113 4.72 6.02 -2.24
C ILE A 113 6.05 6.32 -1.56
N GLY A 114 6.17 7.55 -1.03
CA GLY A 114 7.29 8.03 -0.24
C GLY A 114 6.88 8.46 1.16
N PHE A 115 7.75 8.20 2.13
CA PHE A 115 7.57 8.51 3.55
C PHE A 115 8.44 9.69 3.99
N THR A 116 8.18 10.22 5.18
CA THR A 116 8.98 11.29 5.79
C THR A 116 10.39 10.80 6.19
N ASP A 117 10.52 9.55 6.67
CA ASP A 117 11.78 8.96 7.10
C ASP A 117 11.75 7.43 7.05
N ARG A 118 12.92 6.80 6.91
CA ARG A 118 13.11 5.34 6.95
C ARG A 118 12.59 4.74 8.25
N GLY A 119 12.81 5.43 9.36
CA GLY A 119 12.35 5.04 10.69
C GLY A 119 10.81 5.04 10.87
N ASP A 120 10.05 5.51 9.87
CA ASP A 120 8.58 5.34 9.78
C ASP A 120 8.19 4.40 8.63
N ALA A 121 8.94 4.40 7.53
CA ALA A 121 8.71 3.50 6.40
C ALA A 121 9.05 2.02 6.71
N PHE A 122 9.94 1.77 7.68
CA PHE A 122 10.16 0.40 8.19
C PHE A 122 8.90 -0.19 8.83
N ASP A 123 8.01 0.62 9.42
CA ASP A 123 6.75 0.13 9.98
C ASP A 123 5.75 -0.33 8.90
N PHE A 124 5.81 0.22 7.69
CA PHE A 124 5.06 -0.29 6.51
C PHE A 124 5.49 -1.71 6.17
N ASN A 125 6.79 -1.97 6.16
CA ASN A 125 7.38 -3.26 5.81
C ASN A 125 7.26 -4.31 6.95
N VAL A 126 7.37 -3.88 8.21
CA VAL A 126 7.28 -4.78 9.37
C VAL A 126 5.84 -5.16 9.70
N SER A 127 4.88 -4.25 9.59
CA SER A 127 3.47 -4.56 9.87
C SER A 127 2.85 -5.55 8.87
N LEU A 128 3.29 -5.53 7.61
CA LEU A 128 2.91 -6.51 6.58
C LEU A 128 3.50 -7.90 6.88
N GLN A 129 4.82 -8.00 7.12
CA GLN A 129 5.45 -9.30 7.38
C GLN A 129 5.02 -9.92 8.72
N ASP A 130 4.64 -9.10 9.72
CA ASP A 130 4.11 -9.54 11.00
C ASP A 130 2.59 -9.86 10.95
N HIS A 131 1.95 -9.64 9.79
CA HIS A 131 0.66 -10.28 9.48
C HIS A 131 0.85 -11.62 8.77
N PHE A 132 1.80 -11.73 7.84
CA PHE A 132 1.98 -12.92 7.00
C PHE A 132 2.95 -13.98 7.57
N LYS A 133 3.57 -13.79 8.74
CA LYS A 133 4.54 -14.76 9.30
C LYS A 133 4.04 -16.20 9.44
N TRP A 134 2.73 -16.39 9.66
CA TRP A 134 2.09 -17.72 9.72
C TRP A 134 1.74 -18.31 8.34
N VAL A 135 1.66 -17.46 7.31
CA VAL A 135 1.45 -17.82 5.89
C VAL A 135 2.80 -18.11 5.20
N LYS A 136 3.89 -17.45 5.64
CA LYS A 136 5.25 -17.56 5.12
C LYS A 136 6.04 -18.68 5.85
N GLN A 137 5.35 -19.79 6.08
CA GLN A 137 5.91 -21.04 6.63
C GLN A 137 6.36 -22.04 5.55
N GLU A 138 6.50 -21.54 4.33
CA GLU A 138 6.96 -22.28 3.14
C GLU A 138 8.48 -22.56 3.10
N GLY A 1 -37.33 -15.72 2.48
CA GLY A 1 -35.86 -15.96 2.54
C GLY A 1 -35.12 -14.78 3.13
N SER A 2 -33.82 -14.95 3.39
CA SER A 2 -32.95 -13.92 3.98
C SER A 2 -32.72 -12.70 3.06
N PRO A 3 -32.54 -11.49 3.59
CA PRO A 3 -32.34 -10.26 2.81
C PRO A 3 -30.92 -10.12 2.21
N ASN A 4 -29.97 -10.97 2.61
CA ASN A 4 -28.60 -11.02 2.11
C ASN A 4 -28.13 -12.47 1.87
N SER A 5 -27.00 -12.64 1.17
CA SER A 5 -26.47 -13.95 0.75
C SER A 5 -25.73 -14.73 1.83
N MET A 6 -25.43 -14.11 2.98
CA MET A 6 -24.52 -14.61 4.03
C MET A 6 -23.11 -14.98 3.49
N ALA A 7 -22.69 -14.30 2.41
CA ALA A 7 -21.38 -14.45 1.77
C ALA A 7 -20.79 -13.11 1.30
N THR A 8 -21.62 -12.18 0.82
CA THR A 8 -21.22 -10.84 0.35
C THR A 8 -21.34 -9.83 1.51
N GLU A 9 -20.39 -9.90 2.44
CA GLU A 9 -20.40 -9.18 3.73
C GLU A 9 -19.06 -8.45 4.00
N LEU A 10 -18.44 -7.91 2.96
CA LEU A 10 -17.13 -7.25 2.96
C LEU A 10 -17.17 -5.84 3.59
N GLU A 11 -17.48 -5.78 4.87
CA GLU A 11 -17.55 -4.57 5.70
C GLU A 11 -16.69 -4.75 6.97
N TYR A 12 -15.39 -5.02 6.74
CA TYR A 12 -14.40 -5.38 7.76
C TYR A 12 -13.01 -4.92 7.34
N GLU A 13 -12.15 -4.65 8.32
CA GLU A 13 -10.75 -4.24 8.14
C GLU A 13 -10.06 -4.18 9.52
N SER A 14 -9.06 -5.04 9.73
CA SER A 14 -8.22 -5.05 10.93
C SER A 14 -6.95 -4.22 10.69
N VAL A 15 -6.85 -3.07 11.37
CA VAL A 15 -5.72 -2.12 11.27
C VAL A 15 -4.37 -2.76 11.65
N LEU A 16 -3.30 -2.37 10.95
CA LEU A 16 -1.91 -2.84 11.14
C LEU A 16 -0.92 -1.66 11.28
N CYS A 17 -1.11 -0.59 10.50
CA CYS A 17 -0.36 0.67 10.57
C CYS A 17 -1.25 1.83 10.15
N VAL A 18 -1.10 2.98 10.80
CA VAL A 18 -1.73 4.26 10.40
C VAL A 18 -0.70 5.36 10.57
N LYS A 19 -0.48 6.15 9.52
CA LYS A 19 0.53 7.22 9.49
C LYS A 19 0.00 8.49 8.82
N PRO A 20 0.14 9.68 9.43
CA PRO A 20 -0.56 10.90 8.99
C PRO A 20 0.00 11.56 7.72
N ASP A 21 1.22 11.23 7.31
CA ASP A 21 1.90 11.82 6.17
C ASP A 21 2.48 10.75 5.24
N VAL A 22 1.87 10.60 4.07
CA VAL A 22 2.36 9.81 2.93
C VAL A 22 2.06 10.52 1.61
N SER A 23 2.94 10.39 0.64
CA SER A 23 2.88 11.09 -0.65
C SER A 23 2.96 10.11 -1.82
N VAL A 24 2.07 10.25 -2.80
CA VAL A 24 1.98 9.39 -4.00
C VAL A 24 2.63 10.05 -5.20
N TYR A 25 3.40 9.26 -5.93
CA TYR A 25 3.94 9.60 -7.25
C TYR A 25 3.69 8.42 -8.19
N ARG A 26 2.94 8.66 -9.28
CA ARG A 26 2.86 7.72 -10.41
C ARG A 26 4.23 7.59 -11.08
N ILE A 27 4.65 6.35 -11.31
CA ILE A 27 6.02 6.00 -11.70
C ILE A 27 6.22 5.90 -13.23
N PRO A 28 7.44 6.15 -13.75
CA PRO A 28 7.78 5.92 -15.16
C PRO A 28 7.69 4.43 -15.57
N PRO A 29 7.60 4.12 -16.88
CA PRO A 29 7.70 2.75 -17.39
C PRO A 29 9.11 2.18 -17.12
N ARG A 30 9.18 1.14 -16.28
CA ARG A 30 10.42 0.67 -15.64
C ARG A 30 10.40 -0.82 -15.29
N ALA A 31 11.60 -1.37 -15.12
CA ALA A 31 11.85 -2.57 -14.33
C ALA A 31 11.93 -2.22 -12.84
N SER A 32 11.25 -3.01 -12.01
CA SER A 32 11.10 -2.79 -10.57
C SER A 32 12.41 -2.95 -9.80
N ASN A 33 12.95 -4.17 -9.79
CA ASN A 33 14.13 -4.56 -8.99
C ASN A 33 15.46 -4.08 -9.60
N ARG A 34 15.40 -3.40 -10.76
CA ARG A 34 16.55 -2.84 -11.49
C ARG A 34 16.51 -1.31 -11.62
N GLY A 35 15.31 -0.71 -11.65
CA GLY A 35 15.13 0.70 -12.04
C GLY A 35 14.12 1.54 -11.26
N TYR A 36 13.42 1.01 -10.25
CA TYR A 36 12.77 1.85 -9.25
C TYR A 36 13.83 2.33 -8.25
N ARG A 37 14.39 3.53 -8.40
CA ARG A 37 15.45 4.05 -7.48
C ARG A 37 15.01 5.20 -6.58
N ALA A 38 13.70 5.34 -6.40
CA ALA A 38 13.01 6.51 -5.84
C ALA A 38 13.26 7.83 -6.62
N SER A 39 14.51 8.17 -6.91
CA SER A 39 14.93 9.38 -7.65
C SER A 39 14.48 9.42 -9.12
N ASP A 40 13.98 8.30 -9.66
CA ASP A 40 13.35 8.23 -10.99
C ASP A 40 11.91 8.77 -10.99
N TRP A 41 11.30 8.96 -9.81
CA TRP A 41 9.91 9.35 -9.61
C TRP A 41 9.78 10.87 -9.37
N LYS A 42 8.54 11.36 -9.36
CA LYS A 42 8.18 12.77 -9.14
C LYS A 42 8.19 13.18 -7.66
N LEU A 43 9.30 12.97 -6.98
CA LEU A 43 9.42 13.09 -5.51
C LEU A 43 9.03 14.45 -4.92
N ASP A 44 9.11 15.53 -5.69
CA ASP A 44 8.75 16.89 -5.27
C ASP A 44 7.42 17.38 -5.89
N GLN A 45 6.77 16.53 -6.70
CA GLN A 45 5.49 16.79 -7.37
C GLN A 45 4.52 15.61 -7.19
N PRO A 46 3.88 15.47 -6.01
CA PRO A 46 2.99 14.35 -5.81
C PRO A 46 1.71 14.45 -6.66
N ASP A 47 1.23 13.30 -7.11
CA ASP A 47 -0.11 13.16 -7.71
C ASP A 47 -1.22 13.32 -6.65
N TRP A 48 -0.91 12.96 -5.40
CA TRP A 48 -1.77 13.09 -4.21
C TRP A 48 -0.93 13.03 -2.92
N THR A 49 -1.41 13.65 -1.84
CA THR A 49 -0.87 13.46 -0.48
C THR A 49 -1.99 13.22 0.53
N GLY A 50 -1.69 12.45 1.59
CA GLY A 50 -2.66 12.12 2.63
C GLY A 50 -2.10 11.20 3.71
N ARG A 51 -2.95 10.29 4.20
CA ARG A 51 -2.65 9.34 5.28
C ARG A 51 -2.49 7.92 4.76
N LEU A 52 -1.55 7.19 5.35
CA LEU A 52 -1.41 5.74 5.24
C LEU A 52 -2.38 5.06 6.22
N ARG A 53 -3.05 3.99 5.78
CA ARG A 53 -3.82 3.09 6.66
C ARG A 53 -3.76 1.65 6.15
N ILE A 54 -2.74 0.92 6.63
CA ILE A 54 -2.61 -0.51 6.38
C ILE A 54 -3.62 -1.25 7.25
N THR A 55 -4.42 -2.10 6.61
CA THR A 55 -5.44 -2.97 7.18
C THR A 55 -5.27 -4.39 6.64
N SER A 56 -6.04 -5.36 7.13
CA SER A 56 -6.02 -6.76 6.66
C SER A 56 -7.30 -7.46 7.08
N LYS A 57 -7.65 -8.57 6.42
CA LYS A 57 -8.46 -9.64 7.02
C LYS A 57 -8.10 -11.02 6.45
N GLY A 58 -7.82 -11.95 7.36
CA GLY A 58 -7.47 -13.34 7.08
C GLY A 58 -6.09 -13.41 6.45
N LYS A 59 -6.07 -13.86 5.20
CA LYS A 59 -4.86 -13.96 4.35
C LYS A 59 -4.78 -12.86 3.28
N THR A 60 -5.57 -11.80 3.43
CA THR A 60 -5.57 -10.66 2.50
C THR A 60 -5.31 -9.35 3.25
N ALA A 61 -4.14 -8.76 3.05
CA ALA A 61 -3.81 -7.43 3.54
C ALA A 61 -4.29 -6.34 2.56
N TYR A 62 -4.44 -5.13 3.05
CA TYR A 62 -5.04 -3.98 2.36
C TYR A 62 -4.25 -2.70 2.70
N ILE A 63 -3.37 -2.23 1.82
CA ILE A 63 -2.75 -0.91 1.97
C ILE A 63 -3.75 0.12 1.47
N LYS A 64 -4.55 0.69 2.38
CA LYS A 64 -5.49 1.78 2.06
C LYS A 64 -4.83 3.15 2.25
N LEU A 65 -5.08 4.06 1.31
CA LEU A 65 -4.67 5.47 1.36
C LEU A 65 -5.90 6.35 1.54
N GLU A 66 -5.87 7.26 2.51
CA GLU A 66 -7.05 8.03 2.96
C GLU A 66 -6.74 9.53 3.08
N ASP A 67 -7.73 10.39 2.78
CA ASP A 67 -7.58 11.85 2.79
C ASP A 67 -7.37 12.38 4.21
N LYS A 68 -6.42 13.30 4.35
CA LYS A 68 -5.99 13.87 5.64
C LYS A 68 -6.94 14.89 6.26
N VAL A 69 -7.99 15.29 5.54
CA VAL A 69 -9.01 16.24 5.99
C VAL A 69 -10.40 15.60 5.99
N SER A 70 -10.76 14.85 4.96
CA SER A 70 -12.10 14.27 4.79
C SER A 70 -12.22 12.84 5.32
N GLY A 71 -11.09 12.13 5.45
CA GLY A 71 -11.05 10.72 5.87
C GLY A 71 -11.54 9.74 4.79
N GLU A 72 -11.67 10.21 3.55
CA GLU A 72 -12.21 9.46 2.41
C GLU A 72 -11.12 8.65 1.68
N LEU A 73 -11.50 7.53 1.06
CA LEU A 73 -10.54 6.64 0.38
C LEU A 73 -10.02 7.26 -0.93
N PHE A 74 -8.70 7.33 -1.08
CA PHE A 74 -8.02 7.68 -2.33
C PHE A 74 -7.84 6.44 -3.21
N ALA A 75 -7.16 5.42 -2.68
CA ALA A 75 -6.86 4.16 -3.35
C ALA A 75 -6.62 3.03 -2.33
N GLN A 76 -6.70 1.77 -2.77
CA GLN A 76 -6.32 0.62 -1.94
C GLN A 76 -5.63 -0.49 -2.74
N ALA A 77 -4.59 -1.10 -2.16
CA ALA A 77 -3.84 -2.21 -2.75
C ALA A 77 -4.03 -3.51 -1.92
N PRO A 78 -4.82 -4.49 -2.42
CA PRO A 78 -4.99 -5.79 -1.79
C PRO A 78 -3.80 -6.72 -2.06
N VAL A 79 -3.38 -7.48 -1.05
CA VAL A 79 -2.16 -8.30 -1.04
C VAL A 79 -2.47 -9.69 -0.47
N GLU A 80 -2.22 -10.76 -1.23
CA GLU A 80 -2.48 -12.15 -0.79
C GLU A 80 -1.31 -12.79 -0.02
N GLN A 81 -0.10 -12.22 -0.16
CA GLN A 81 1.13 -12.59 0.54
C GLN A 81 2.16 -11.45 0.43
N TYR A 82 2.93 -11.19 1.49
CA TYR A 82 4.02 -10.22 1.51
C TYR A 82 5.33 -10.86 2.00
N PRO A 83 6.46 -10.75 1.27
CA PRO A 83 6.60 -10.15 -0.06
C PRO A 83 5.77 -10.83 -1.16
N GLY A 84 5.31 -10.04 -2.13
CA GLY A 84 4.46 -10.49 -3.25
C GLY A 84 4.14 -9.39 -4.27
N ILE A 85 3.13 -9.61 -5.12
CA ILE A 85 2.85 -8.80 -6.31
C ILE A 85 2.45 -7.34 -6.03
N ALA A 86 1.66 -7.09 -4.98
CA ALA A 86 1.01 -5.80 -4.75
C ALA A 86 1.81 -4.83 -3.86
N VAL A 87 3.05 -5.18 -3.48
CA VAL A 87 3.93 -4.33 -2.66
C VAL A 87 5.41 -4.62 -3.01
N GLU A 88 6.16 -3.58 -3.37
CA GLU A 88 7.57 -3.65 -3.78
C GLU A 88 8.41 -2.49 -3.24
N THR A 89 9.73 -2.66 -3.27
CA THR A 89 10.73 -1.69 -2.77
C THR A 89 11.51 -1.06 -3.92
N VAL A 90 12.18 0.07 -3.65
CA VAL A 90 13.16 0.69 -4.55
C VAL A 90 14.55 0.05 -4.40
N THR A 91 15.50 0.48 -5.22
CA THR A 91 16.90 0.03 -5.22
C THR A 91 17.78 0.89 -4.30
N ASP A 92 17.54 2.20 -4.26
CA ASP A 92 18.49 3.16 -3.67
C ASP A 92 18.21 3.54 -2.20
N SER A 93 16.94 3.76 -1.83
CA SER A 93 16.59 4.31 -0.49
C SER A 93 15.36 3.65 0.13
N SER A 94 15.51 2.97 1.27
CA SER A 94 14.47 2.09 1.84
C SER A 94 13.19 2.79 2.33
N ARG A 95 13.12 4.13 2.28
CA ARG A 95 11.93 4.93 2.66
C ARG A 95 10.92 5.14 1.54
N TYR A 96 10.95 4.30 0.50
CA TYR A 96 10.10 4.38 -0.70
C TYR A 96 9.64 2.99 -1.15
N PHE A 97 8.38 2.87 -1.57
CA PHE A 97 7.74 1.63 -2.02
C PHE A 97 6.87 1.85 -3.25
N VAL A 98 6.53 0.78 -3.96
CA VAL A 98 5.46 0.77 -4.98
C VAL A 98 4.38 -0.21 -4.56
N ILE A 99 3.10 0.14 -4.70
CA ILE A 99 1.99 -0.78 -4.44
C ILE A 99 1.02 -0.88 -5.62
N ARG A 100 0.41 -2.06 -5.78
CA ARG A 100 -0.57 -2.33 -6.86
C ARG A 100 -1.99 -2.03 -6.40
N ILE A 101 -2.40 -0.77 -6.49
CA ILE A 101 -3.77 -0.38 -6.15
C ILE A 101 -4.78 -0.93 -7.18
N GLN A 102 -5.92 -1.40 -6.70
CA GLN A 102 -6.92 -2.17 -7.46
C GLN A 102 -8.35 -1.75 -7.10
N ASP A 103 -9.26 -1.85 -8.08
CA ASP A 103 -10.67 -1.43 -7.94
C ASP A 103 -11.61 -2.61 -7.56
N GLY A 104 -11.05 -3.80 -7.34
CA GLY A 104 -11.78 -5.02 -6.93
C GLY A 104 -12.48 -5.76 -8.09
N THR A 105 -12.16 -5.38 -9.34
CA THR A 105 -12.82 -5.86 -10.58
C THR A 105 -11.82 -6.29 -11.68
N GLY A 106 -10.52 -6.36 -11.35
CA GLY A 106 -9.42 -6.69 -12.29
C GLY A 106 -8.72 -5.46 -12.91
N ARG A 107 -9.16 -4.25 -12.57
CA ARG A 107 -8.43 -3.00 -12.78
C ARG A 107 -7.28 -2.92 -11.80
N SER A 108 -6.12 -2.53 -12.30
CA SER A 108 -4.93 -2.30 -11.48
C SER A 108 -4.05 -1.15 -11.97
N ALA A 109 -3.31 -0.54 -11.03
CA ALA A 109 -2.23 0.42 -11.29
C ALA A 109 -1.11 0.27 -10.25
N PHE A 110 0.15 0.41 -10.68
CA PHE A 110 1.30 0.51 -9.78
C PHE A 110 1.58 1.99 -9.45
N ILE A 111 1.49 2.36 -8.17
CA ILE A 111 1.77 3.71 -7.67
C ILE A 111 2.95 3.70 -6.69
N GLY A 112 3.80 4.72 -6.73
CA GLY A 112 4.91 4.90 -5.80
C GLY A 112 4.49 5.71 -4.58
N ILE A 113 4.98 5.36 -3.39
CA ILE A 113 4.84 6.14 -2.16
C ILE A 113 6.17 6.36 -1.46
N GLY A 114 6.32 7.52 -0.82
CA GLY A 114 7.50 7.90 -0.02
C GLY A 114 7.17 8.28 1.42
N PHE A 115 8.11 8.01 2.32
CA PHE A 115 8.03 8.25 3.76
C PHE A 115 9.06 9.31 4.21
N THR A 116 8.78 9.96 5.34
CA THR A 116 9.63 11.02 5.92
C THR A 116 10.92 10.48 6.56
N ASP A 117 10.92 9.21 6.97
CA ASP A 117 12.04 8.57 7.67
C ASP A 117 12.08 7.06 7.42
N ARG A 118 13.28 6.47 7.39
CA ARG A 118 13.51 5.04 7.16
C ARG A 118 12.89 4.15 8.25
N GLY A 119 12.86 4.60 9.51
CA GLY A 119 12.22 3.87 10.61
C GLY A 119 10.68 3.79 10.48
N ASP A 120 10.07 4.77 9.82
CA ASP A 120 8.62 4.81 9.57
C ASP A 120 8.23 4.04 8.30
N ALA A 121 9.12 3.97 7.30
CA ALA A 121 9.02 3.02 6.21
C ALA A 121 9.23 1.56 6.68
N PHE A 122 10.12 1.34 7.65
CA PHE A 122 10.22 0.04 8.33
C PHE A 122 8.93 -0.31 9.07
N ASP A 123 8.21 0.64 9.66
CA ASP A 123 6.90 0.39 10.26
C ASP A 123 5.85 -0.07 9.22
N PHE A 124 5.88 0.47 7.99
CA PHE A 124 5.09 -0.03 6.86
C PHE A 124 5.43 -1.49 6.50
N ASN A 125 6.71 -1.84 6.31
CA ASN A 125 7.08 -3.20 5.87
C ASN A 125 7.09 -4.26 6.98
N VAL A 126 7.30 -3.88 8.25
CA VAL A 126 7.26 -4.80 9.39
C VAL A 126 5.81 -5.14 9.77
N SER A 127 4.91 -4.16 9.79
CA SER A 127 3.49 -4.40 10.11
C SER A 127 2.79 -5.32 9.09
N LEU A 128 3.21 -5.26 7.82
CA LEU A 128 2.81 -6.22 6.77
C LEU A 128 3.39 -7.62 7.03
N GLN A 129 4.72 -7.77 7.15
CA GLN A 129 5.33 -9.10 7.25
C GLN A 129 5.01 -9.83 8.57
N ASP A 130 4.70 -9.09 9.64
CA ASP A 130 4.26 -9.64 10.93
C ASP A 130 2.76 -10.03 10.92
N HIS A 131 2.05 -9.75 9.81
CA HIS A 131 0.75 -10.38 9.51
C HIS A 131 0.93 -11.67 8.69
N PHE A 132 1.97 -11.78 7.86
CA PHE A 132 2.19 -12.90 6.95
C PHE A 132 3.20 -13.96 7.42
N LYS A 133 3.85 -13.83 8.58
CA LYS A 133 4.85 -14.81 9.06
C LYS A 133 4.36 -16.26 9.16
N TRP A 134 3.06 -16.47 9.39
CA TRP A 134 2.42 -17.80 9.40
C TRP A 134 2.05 -18.33 8.01
N VAL A 135 2.02 -17.46 7.00
CA VAL A 135 1.85 -17.80 5.57
C VAL A 135 3.23 -18.04 4.92
N LYS A 136 4.27 -17.32 5.35
CA LYS A 136 5.67 -17.41 4.92
C LYS A 136 6.46 -18.45 5.72
N GLN A 137 5.83 -19.60 5.95
CA GLN A 137 6.42 -20.76 6.63
C GLN A 137 7.20 -21.62 5.64
N GLU A 138 8.51 -21.41 5.59
CA GLU A 138 9.48 -22.13 4.75
C GLU A 138 9.74 -23.58 5.22
N GLY A 1 -30.97 -2.25 -3.37
CA GLY A 1 -29.57 -2.20 -3.85
C GLY A 1 -29.49 -2.16 -5.37
N SER A 2 -28.26 -2.17 -5.90
CA SER A 2 -27.96 -2.15 -7.35
C SER A 2 -26.62 -2.84 -7.65
N PRO A 3 -26.25 -3.07 -8.94
CA PRO A 3 -24.92 -3.56 -9.30
C PRO A 3 -23.74 -2.72 -8.76
N ASN A 4 -23.99 -1.47 -8.34
CA ASN A 4 -22.98 -0.60 -7.72
C ASN A 4 -22.69 -0.99 -6.26
N SER A 5 -23.72 -1.36 -5.48
CA SER A 5 -23.57 -1.83 -4.09
C SER A 5 -23.31 -3.34 -3.99
N MET A 6 -23.73 -4.12 -5.00
CA MET A 6 -23.45 -5.56 -5.16
C MET A 6 -22.02 -5.84 -5.66
N ALA A 7 -21.05 -5.02 -5.22
CA ALA A 7 -19.63 -5.08 -5.58
C ALA A 7 -18.72 -4.62 -4.42
N THR A 8 -19.12 -3.56 -3.70
CA THR A 8 -18.44 -3.02 -2.51
C THR A 8 -19.45 -2.80 -1.39
N GLU A 9 -19.42 -3.66 -0.36
CA GLU A 9 -20.43 -3.70 0.72
C GLU A 9 -19.86 -3.96 2.12
N LEU A 10 -18.53 -3.98 2.24
CA LEU A 10 -17.81 -4.52 3.40
C LEU A 10 -17.93 -3.66 4.67
N GLU A 11 -17.90 -4.34 5.81
CA GLU A 11 -17.94 -3.75 7.15
C GLU A 11 -16.88 -4.43 8.07
N TYR A 12 -15.66 -4.60 7.55
CA TYR A 12 -14.52 -5.22 8.22
C TYR A 12 -13.21 -4.55 7.80
N GLU A 13 -12.25 -4.48 8.73
CA GLU A 13 -10.83 -4.16 8.48
C GLU A 13 -10.08 -4.23 9.82
N SER A 14 -9.09 -5.13 9.96
CA SER A 14 -8.21 -5.19 11.13
C SER A 14 -6.95 -4.36 10.87
N VAL A 15 -6.83 -3.23 11.57
CA VAL A 15 -5.72 -2.26 11.41
C VAL A 15 -4.39 -2.82 11.96
N LEU A 16 -3.28 -2.42 11.32
CA LEU A 16 -1.92 -2.91 11.55
C LEU A 16 -0.94 -1.75 11.69
N CYS A 17 -1.10 -0.70 10.89
CA CYS A 17 -0.32 0.54 10.94
C CYS A 17 -1.14 1.73 10.44
N VAL A 18 -0.92 2.91 11.01
CA VAL A 18 -1.47 4.19 10.57
C VAL A 18 -0.39 5.27 10.68
N LYS A 19 -0.06 5.97 9.58
CA LYS A 19 0.87 7.11 9.53
C LYS A 19 0.16 8.39 9.06
N PRO A 20 0.49 9.55 9.66
CA PRO A 20 -0.10 10.85 9.29
C PRO A 20 0.40 11.42 7.96
N ASP A 21 1.54 10.97 7.44
CA ASP A 21 2.18 11.56 6.26
C ASP A 21 2.61 10.48 5.26
N VAL A 22 1.93 10.45 4.11
CA VAL A 22 2.31 9.66 2.93
C VAL A 22 2.01 10.43 1.64
N SER A 23 2.88 10.28 0.64
CA SER A 23 2.83 11.03 -0.63
C SER A 23 2.89 10.08 -1.82
N VAL A 24 1.98 10.21 -2.79
CA VAL A 24 1.88 9.36 -3.99
C VAL A 24 2.55 10.00 -5.19
N TYR A 25 3.29 9.17 -5.92
CA TYR A 25 3.83 9.48 -7.23
C TYR A 25 3.51 8.33 -8.20
N ARG A 26 2.89 8.66 -9.33
CA ARG A 26 2.87 7.76 -10.50
C ARG A 26 4.29 7.56 -11.02
N ILE A 27 4.65 6.30 -11.26
CA ILE A 27 6.04 5.88 -11.52
C ILE A 27 6.35 5.73 -13.02
N PRO A 28 7.61 5.95 -13.46
CA PRO A 28 8.07 5.60 -14.81
C PRO A 28 8.13 4.07 -14.99
N PRO A 29 8.27 3.57 -16.23
CA PRO A 29 8.57 2.15 -16.48
C PRO A 29 9.88 1.71 -15.78
N ARG A 30 9.93 0.44 -15.38
CA ARG A 30 11.03 -0.15 -14.59
C ARG A 30 12.38 -0.12 -15.34
N ALA A 31 13.47 -0.12 -14.57
CA ALA A 31 14.81 -0.47 -15.05
C ALA A 31 14.86 -1.91 -15.64
N SER A 32 16.06 -2.31 -16.09
CA SER A 32 16.30 -3.55 -16.85
C SER A 32 16.34 -4.78 -15.92
N ASN A 33 15.16 -5.20 -15.48
CA ASN A 33 14.91 -6.15 -14.38
C ASN A 33 15.56 -5.78 -13.02
N ARG A 34 15.85 -4.49 -12.80
CA ARG A 34 16.49 -3.98 -11.56
C ARG A 34 15.47 -3.49 -10.55
N GLY A 35 14.53 -2.65 -10.99
CA GLY A 35 13.52 -2.07 -10.13
C GLY A 35 13.38 -0.57 -10.35
N TYR A 36 13.11 0.12 -9.24
CA TYR A 36 12.94 1.57 -9.13
C TYR A 36 13.96 2.16 -8.15
N ARG A 37 14.25 3.46 -8.24
CA ARG A 37 15.35 4.12 -7.49
C ARG A 37 14.94 5.36 -6.71
N ALA A 38 13.65 5.52 -6.45
CA ALA A 38 12.98 6.66 -5.81
C ALA A 38 13.18 8.03 -6.50
N SER A 39 14.44 8.41 -6.79
CA SER A 39 14.83 9.68 -7.41
C SER A 39 14.34 9.86 -8.85
N ASP A 40 13.85 8.79 -9.48
CA ASP A 40 13.24 8.80 -10.82
C ASP A 40 11.72 9.07 -10.77
N TRP A 41 11.13 9.14 -9.58
CA TRP A 41 9.73 9.50 -9.33
C TRP A 41 9.59 11.01 -9.07
N LYS A 42 8.35 11.50 -9.00
CA LYS A 42 8.00 12.92 -8.82
C LYS A 42 8.09 13.42 -7.37
N LEU A 43 9.26 13.23 -6.74
CA LEU A 43 9.49 13.53 -5.32
C LEU A 43 9.27 15.00 -4.92
N ASP A 44 9.27 15.92 -5.90
CA ASP A 44 9.03 17.36 -5.70
C ASP A 44 7.60 17.80 -6.08
N GLN A 45 6.80 16.91 -6.70
CA GLN A 45 5.42 17.16 -7.10
C GLN A 45 4.55 15.88 -7.05
N PRO A 46 4.07 15.46 -5.85
CA PRO A 46 3.14 14.35 -5.68
C PRO A 46 1.88 14.49 -6.54
N ASP A 47 1.34 13.36 -7.01
CA ASP A 47 0.01 13.29 -7.62
C ASP A 47 -1.09 13.46 -6.56
N TRP A 48 -0.82 13.03 -5.32
CA TRP A 48 -1.69 13.17 -4.15
C TRP A 48 -0.87 13.07 -2.84
N THR A 49 -1.37 13.66 -1.75
CA THR A 49 -0.83 13.49 -0.38
C THR A 49 -1.95 13.27 0.64
N GLY A 50 -1.66 12.48 1.68
CA GLY A 50 -2.64 12.19 2.72
C GLY A 50 -2.11 11.24 3.80
N ARG A 51 -2.99 10.33 4.24
CA ARG A 51 -2.83 9.45 5.40
C ARG A 51 -2.67 7.99 4.94
N LEU A 52 -1.79 7.25 5.60
CA LEU A 52 -1.60 5.82 5.40
C LEU A 52 -2.44 5.03 6.38
N ARG A 53 -3.08 3.96 5.90
CA ARG A 53 -3.51 2.82 6.72
C ARG A 53 -3.00 1.51 6.11
N ILE A 54 -2.49 0.63 6.97
CA ILE A 54 -2.25 -0.78 6.68
C ILE A 54 -3.24 -1.59 7.52
N THR A 55 -3.83 -2.58 6.88
CA THR A 55 -5.02 -3.29 7.33
C THR A 55 -5.00 -4.74 6.81
N SER A 56 -5.85 -5.62 7.33
CA SER A 56 -6.02 -6.98 6.82
C SER A 56 -7.37 -7.58 7.19
N LYS A 57 -7.78 -8.60 6.46
CA LYS A 57 -8.76 -9.58 6.92
C LYS A 57 -8.45 -10.99 6.40
N GLY A 58 -8.23 -11.92 7.32
CA GLY A 58 -7.87 -13.31 7.07
C GLY A 58 -6.47 -13.39 6.46
N LYS A 59 -6.41 -13.86 5.22
CA LYS A 59 -5.21 -14.01 4.41
C LYS A 59 -5.06 -12.94 3.32
N THR A 60 -5.80 -11.83 3.45
CA THR A 60 -5.73 -10.69 2.53
C THR A 60 -5.44 -9.40 3.30
N ALA A 61 -4.23 -8.88 3.16
CA ALA A 61 -3.87 -7.55 3.64
C ALA A 61 -4.36 -6.46 2.68
N TYR A 62 -4.50 -5.24 3.19
CA TYR A 62 -4.95 -4.07 2.45
C TYR A 62 -4.10 -2.85 2.87
N ILE A 63 -3.36 -2.26 1.93
CA ILE A 63 -2.75 -0.93 2.12
C ILE A 63 -3.74 0.09 1.57
N LYS A 64 -4.38 0.88 2.45
CA LYS A 64 -5.39 1.88 2.08
C LYS A 64 -4.89 3.30 2.35
N LEU A 65 -5.04 4.15 1.35
CA LEU A 65 -4.67 5.57 1.37
C LEU A 65 -5.92 6.44 1.52
N GLU A 66 -5.93 7.33 2.50
CA GLU A 66 -7.11 8.11 2.88
C GLU A 66 -6.84 9.61 3.06
N ASP A 67 -7.84 10.45 2.81
CA ASP A 67 -7.72 11.91 2.80
C ASP A 67 -7.39 12.48 4.19
N LYS A 68 -6.53 13.50 4.18
CA LYS A 68 -5.99 14.15 5.37
C LYS A 68 -6.93 15.07 6.13
N VAL A 69 -8.10 15.38 5.56
CA VAL A 69 -9.11 16.27 6.14
C VAL A 69 -10.46 15.55 6.33
N SER A 70 -10.85 14.70 5.37
CA SER A 70 -12.19 14.08 5.34
C SER A 70 -12.16 12.54 5.42
N GLY A 71 -10.99 11.91 5.34
CA GLY A 71 -10.82 10.45 5.45
C GLY A 71 -11.30 9.66 4.22
N GLU A 72 -11.52 10.35 3.10
CA GLU A 72 -11.98 9.78 1.83
C GLU A 72 -10.98 8.78 1.25
N LEU A 73 -11.43 7.64 0.74
CA LEU A 73 -10.55 6.63 0.15
C LEU A 73 -9.98 7.11 -1.19
N PHE A 74 -8.66 7.34 -1.24
CA PHE A 74 -7.93 7.66 -2.48
C PHE A 74 -7.68 6.38 -3.29
N ALA A 75 -7.07 5.37 -2.66
CA ALA A 75 -6.74 4.09 -3.28
C ALA A 75 -6.58 2.97 -2.24
N GLN A 76 -6.66 1.72 -2.68
CA GLN A 76 -6.50 0.52 -1.86
C GLN A 76 -5.73 -0.59 -2.62
N ALA A 77 -4.76 -1.23 -1.98
CA ALA A 77 -3.98 -2.34 -2.54
C ALA A 77 -4.17 -3.64 -1.71
N PRO A 78 -5.08 -4.53 -2.13
CA PRO A 78 -5.14 -5.91 -1.65
C PRO A 78 -3.85 -6.70 -1.93
N VAL A 79 -3.43 -7.51 -0.96
CA VAL A 79 -2.22 -8.35 -0.99
C VAL A 79 -2.55 -9.74 -0.44
N GLU A 80 -2.17 -10.82 -1.14
CA GLU A 80 -2.45 -12.20 -0.68
C GLU A 80 -1.34 -12.81 0.19
N GLN A 81 -0.10 -12.32 0.05
CA GLN A 81 1.04 -12.60 0.93
C GLN A 81 2.18 -11.60 0.70
N TYR A 82 3.04 -11.40 1.71
CA TYR A 82 4.17 -10.46 1.68
C TYR A 82 5.49 -11.18 2.05
N PRO A 83 6.57 -11.08 1.23
CA PRO A 83 6.63 -10.38 -0.05
C PRO A 83 5.76 -11.04 -1.15
N GLY A 84 5.23 -10.22 -2.06
CA GLY A 84 4.36 -10.61 -3.17
C GLY A 84 4.29 -9.54 -4.27
N ILE A 85 3.31 -9.64 -5.17
CA ILE A 85 3.18 -8.73 -6.33
C ILE A 85 2.72 -7.31 -5.96
N ALA A 86 1.79 -7.17 -5.01
CA ALA A 86 1.07 -5.93 -4.75
C ALA A 86 1.82 -4.94 -3.84
N VAL A 87 3.09 -5.23 -3.51
CA VAL A 87 3.96 -4.41 -2.67
C VAL A 87 5.42 -4.61 -3.09
N GLU A 88 6.15 -3.52 -3.31
CA GLU A 88 7.51 -3.49 -3.88
C GLU A 88 8.37 -2.35 -3.28
N THR A 89 9.69 -2.43 -3.47
CA THR A 89 10.70 -1.51 -2.90
C THR A 89 11.53 -0.82 -3.98
N VAL A 90 12.19 0.28 -3.61
CA VAL A 90 13.23 0.96 -4.40
C VAL A 90 14.63 0.42 -4.06
N THR A 91 15.63 0.78 -4.84
CA THR A 91 17.04 0.39 -4.66
C THR A 91 17.87 1.40 -3.88
N ASP A 92 17.55 2.69 -3.99
CA ASP A 92 18.45 3.79 -3.58
C ASP A 92 18.19 4.30 -2.16
N SER A 93 16.92 4.43 -1.76
CA SER A 93 16.56 5.03 -0.45
C SER A 93 15.43 4.30 0.28
N SER A 94 15.66 3.85 1.51
CA SER A 94 14.80 2.92 2.24
C SER A 94 13.55 3.56 2.89
N ARG A 95 12.99 4.62 2.29
CA ARG A 95 11.73 5.28 2.71
C ARG A 95 10.63 5.30 1.63
N TYR A 96 10.73 4.45 0.60
CA TYR A 96 9.88 4.50 -0.58
C TYR A 96 9.45 3.08 -1.01
N PHE A 97 8.18 2.93 -1.39
CA PHE A 97 7.59 1.66 -1.83
C PHE A 97 6.70 1.85 -3.05
N VAL A 98 6.43 0.78 -3.78
CA VAL A 98 5.37 0.71 -4.81
C VAL A 98 4.28 -0.25 -4.33
N ILE A 99 3.01 0.02 -4.61
CA ILE A 99 1.92 -0.92 -4.36
C ILE A 99 0.96 -1.04 -5.55
N ARG A 100 0.37 -2.22 -5.74
CA ARG A 100 -0.64 -2.49 -6.78
C ARG A 100 -2.04 -2.19 -6.26
N ILE A 101 -2.49 -0.95 -6.41
CA ILE A 101 -3.85 -0.56 -6.03
C ILE A 101 -4.89 -1.16 -7.00
N GLN A 102 -6.04 -1.60 -6.50
CA GLN A 102 -7.07 -2.34 -7.23
C GLN A 102 -8.48 -1.80 -6.93
N ASP A 103 -9.33 -1.81 -7.96
CA ASP A 103 -10.70 -1.26 -7.91
C ASP A 103 -11.78 -2.32 -7.63
N GLY A 104 -11.37 -3.52 -7.17
CA GLY A 104 -12.26 -4.62 -6.77
C GLY A 104 -12.90 -5.42 -7.92
N THR A 105 -12.48 -5.15 -9.16
CA THR A 105 -13.08 -5.69 -10.41
C THR A 105 -12.04 -6.28 -11.40
N GLY A 106 -10.76 -6.31 -11.01
CA GLY A 106 -9.63 -6.75 -11.85
C GLY A 106 -8.90 -5.59 -12.55
N ARG A 107 -9.42 -4.37 -12.42
CA ARG A 107 -8.79 -3.09 -12.74
C ARG A 107 -7.79 -2.77 -11.63
N SER A 108 -6.57 -2.42 -12.03
CA SER A 108 -5.43 -2.15 -11.14
C SER A 108 -4.40 -1.18 -11.72
N ALA A 109 -3.58 -0.60 -10.84
CA ALA A 109 -2.42 0.24 -11.20
C ALA A 109 -1.29 0.08 -10.16
N PHE A 110 -0.03 0.21 -10.61
CA PHE A 110 1.13 0.29 -9.71
C PHE A 110 1.46 1.76 -9.42
N ILE A 111 1.36 2.17 -8.15
CA ILE A 111 1.65 3.54 -7.68
C ILE A 111 2.83 3.53 -6.69
N GLY A 112 3.64 4.58 -6.71
CA GLY A 112 4.73 4.79 -5.75
C GLY A 112 4.25 5.61 -4.55
N ILE A 113 4.74 5.29 -3.36
CA ILE A 113 4.53 6.05 -2.13
C ILE A 113 5.86 6.36 -1.43
N GLY A 114 5.97 7.58 -0.90
CA GLY A 114 7.08 8.06 -0.09
C GLY A 114 6.68 8.42 1.33
N PHE A 115 7.56 8.13 2.28
CA PHE A 115 7.37 8.36 3.71
C PHE A 115 8.09 9.62 4.18
N THR A 116 7.70 10.12 5.37
CA THR A 116 8.34 11.28 6.01
C THR A 116 9.77 10.97 6.50
N ASP A 117 10.05 9.70 6.82
CA ASP A 117 11.36 9.24 7.31
C ASP A 117 11.54 7.74 7.10
N ARG A 118 12.79 7.28 7.02
CA ARG A 118 13.16 5.85 6.97
C ARG A 118 12.57 5.05 8.13
N GLY A 119 12.57 5.59 9.34
CA GLY A 119 12.02 4.94 10.53
C GLY A 119 10.51 4.64 10.45
N ASP A 120 9.74 5.45 9.72
CA ASP A 120 8.30 5.24 9.49
C ASP A 120 8.06 4.24 8.35
N ALA A 121 8.88 4.25 7.30
CA ALA A 121 8.91 3.20 6.28
C ALA A 121 9.34 1.84 6.86
N PHE A 122 10.19 1.83 7.88
CA PHE A 122 10.55 0.64 8.68
C PHE A 122 9.44 0.15 9.63
N ASP A 123 8.27 0.80 9.65
CA ASP A 123 7.05 0.22 10.22
C ASP A 123 6.15 -0.40 9.14
N PHE A 124 6.12 0.14 7.91
CA PHE A 124 5.29 -0.35 6.80
C PHE A 124 5.60 -1.81 6.44
N ASN A 125 6.87 -2.11 6.21
CA ASN A 125 7.36 -3.45 5.88
C ASN A 125 7.21 -4.46 7.03
N VAL A 126 7.36 -4.03 8.28
CA VAL A 126 7.24 -4.87 9.48
C VAL A 126 5.77 -5.19 9.78
N SER A 127 4.86 -4.22 9.62
CA SER A 127 3.42 -4.40 9.86
C SER A 127 2.77 -5.37 8.87
N LEU A 128 3.32 -5.47 7.65
CA LEU A 128 2.91 -6.47 6.66
C LEU A 128 3.47 -7.87 6.98
N GLN A 129 4.79 -8.00 7.18
CA GLN A 129 5.41 -9.32 7.41
C GLN A 129 4.98 -9.96 8.74
N ASP A 130 4.61 -9.18 9.75
CA ASP A 130 4.10 -9.66 11.03
C ASP A 130 2.59 -9.96 11.00
N HIS A 131 1.91 -9.69 9.88
CA HIS A 131 0.63 -10.35 9.59
C HIS A 131 0.81 -11.67 8.84
N PHE A 132 1.76 -11.72 7.90
CA PHE A 132 1.91 -12.86 6.99
C PHE A 132 2.89 -13.95 7.46
N LYS A 133 3.51 -13.85 8.65
CA LYS A 133 4.49 -14.86 9.12
C LYS A 133 3.96 -16.30 9.22
N TRP A 134 2.64 -16.47 9.32
CA TRP A 134 1.96 -17.78 9.30
C TRP A 134 1.46 -18.23 7.91
N VAL A 135 1.38 -17.30 6.95
CA VAL A 135 0.87 -17.52 5.59
C VAL A 135 2.00 -17.77 4.58
N LYS A 136 3.14 -17.08 4.74
CA LYS A 136 4.27 -17.07 3.80
C LYS A 136 5.32 -18.17 4.10
N GLN A 137 4.86 -19.25 4.75
CA GLN A 137 5.69 -20.39 5.13
C GLN A 137 5.82 -21.37 3.95
N GLU A 138 6.90 -21.19 3.18
CA GLU A 138 7.25 -21.96 1.97
C GLU A 138 8.67 -22.56 2.03
N GLY A 1 -22.05 12.88 3.34
CA GLY A 1 -21.77 13.30 1.95
C GLY A 1 -22.52 12.44 0.94
N SER A 2 -22.83 13.01 -0.23
CA SER A 2 -23.68 12.43 -1.31
C SER A 2 -25.15 12.17 -0.92
N PRO A 3 -26.11 12.21 -1.89
CA PRO A 3 -27.54 12.00 -1.62
C PRO A 3 -27.92 10.51 -1.50
N ASN A 4 -27.07 9.58 -1.96
CA ASN A 4 -27.31 8.14 -1.95
C ASN A 4 -27.10 7.53 -0.55
N SER A 5 -27.82 6.43 -0.26
CA SER A 5 -27.73 5.68 1.00
C SER A 5 -26.57 4.67 1.05
N MET A 6 -25.98 4.35 -0.12
CA MET A 6 -24.88 3.40 -0.27
C MET A 6 -23.97 3.80 -1.45
N ALA A 7 -22.68 3.49 -1.36
CA ALA A 7 -21.71 3.59 -2.45
C ALA A 7 -20.64 2.49 -2.37
N THR A 8 -20.00 2.34 -1.20
CA THR A 8 -19.13 1.23 -0.80
C THR A 8 -19.07 1.19 0.73
N GLU A 9 -19.26 0.01 1.33
CA GLU A 9 -19.06 -0.28 2.74
C GLU A 9 -18.77 -1.77 2.94
N LEU A 10 -18.00 -2.08 3.98
CA LEU A 10 -17.66 -3.42 4.43
C LEU A 10 -17.60 -3.47 5.96
N GLU A 11 -18.11 -4.55 6.57
CA GLU A 11 -18.33 -4.68 8.01
C GLU A 11 -17.11 -5.27 8.77
N TYR A 12 -15.89 -5.01 8.27
CA TYR A 12 -14.62 -5.56 8.77
C TYR A 12 -13.45 -4.66 8.37
N GLU A 13 -12.37 -4.65 9.16
CA GLU A 13 -11.02 -4.20 8.81
C GLU A 13 -10.12 -4.29 10.06
N SER A 14 -9.07 -5.10 10.03
CA SER A 14 -8.06 -5.17 11.11
C SER A 14 -6.85 -4.31 10.78
N VAL A 15 -6.73 -3.14 11.42
CA VAL A 15 -5.62 -2.18 11.22
C VAL A 15 -4.26 -2.78 11.61
N LEU A 16 -3.20 -2.39 10.87
CA LEU A 16 -1.82 -2.89 10.99
C LEU A 16 -0.79 -1.76 11.14
N CYS A 17 -0.94 -0.67 10.37
CA CYS A 17 -0.11 0.54 10.45
C CYS A 17 -0.91 1.77 10.02
N VAL A 18 -0.80 2.85 10.77
CA VAL A 18 -1.34 4.17 10.42
C VAL A 18 -0.25 5.24 10.53
N LYS A 19 -0.06 6.02 9.45
CA LYS A 19 0.84 7.19 9.41
C LYS A 19 0.09 8.44 8.92
N PRO A 20 0.19 9.61 9.60
CA PRO A 20 -0.56 10.83 9.23
C PRO A 20 -0.15 11.45 7.89
N ASP A 21 1.08 11.21 7.44
CA ASP A 21 1.64 11.83 6.23
C ASP A 21 2.35 10.80 5.33
N VAL A 22 1.87 10.70 4.09
CA VAL A 22 2.44 9.88 3.00
C VAL A 22 2.10 10.54 1.65
N SER A 23 3.00 10.40 0.68
CA SER A 23 2.92 11.11 -0.61
C SER A 23 2.97 10.15 -1.80
N VAL A 24 2.05 10.28 -2.75
CA VAL A 24 1.93 9.45 -3.96
C VAL A 24 2.59 10.09 -5.17
N TYR A 25 3.30 9.25 -5.92
CA TYR A 25 3.83 9.56 -7.24
C TYR A 25 3.48 8.44 -8.21
N ARG A 26 2.86 8.79 -9.34
CA ARG A 26 2.70 7.89 -10.49
C ARG A 26 4.08 7.64 -11.12
N ILE A 27 4.51 6.37 -11.13
CA ILE A 27 5.90 5.97 -11.42
C ILE A 27 6.19 5.82 -12.93
N PRO A 28 7.45 5.99 -13.38
CA PRO A 28 7.94 5.47 -14.66
C PRO A 28 7.95 3.92 -14.66
N PRO A 29 7.99 3.27 -15.84
CA PRO A 29 7.92 1.81 -15.94
C PRO A 29 9.13 1.09 -15.31
N ARG A 30 8.89 -0.10 -14.76
CA ARG A 30 9.90 -1.02 -14.19
C ARG A 30 10.81 -1.59 -15.26
N ALA A 31 12.00 -1.97 -14.82
CA ALA A 31 12.91 -2.86 -15.53
C ALA A 31 13.66 -3.75 -14.53
N SER A 32 14.20 -4.86 -15.02
CA SER A 32 14.69 -6.00 -14.23
C SER A 32 16.11 -5.80 -13.69
N ASN A 33 16.98 -5.23 -14.52
CA ASN A 33 18.37 -4.89 -14.19
C ASN A 33 18.52 -3.45 -13.68
N ARG A 34 17.39 -2.73 -13.52
CA ARG A 34 17.32 -1.37 -12.95
C ARG A 34 16.59 -1.37 -11.61
N GLY A 35 15.31 -1.73 -11.60
CA GLY A 35 14.44 -1.51 -10.46
C GLY A 35 14.07 -0.04 -10.29
N TYR A 36 13.12 0.20 -9.40
CA TYR A 36 12.76 1.53 -8.96
C TYR A 36 13.86 2.12 -8.07
N ARG A 37 14.05 3.44 -8.11
CA ARG A 37 15.20 4.12 -7.46
C ARG A 37 14.82 5.40 -6.71
N ALA A 38 13.53 5.59 -6.44
CA ALA A 38 12.91 6.77 -5.80
C ALA A 38 13.14 8.12 -6.51
N SER A 39 14.37 8.46 -6.88
CA SER A 39 14.77 9.72 -7.52
C SER A 39 14.24 9.89 -8.95
N ASP A 40 13.78 8.80 -9.59
CA ASP A 40 13.10 8.84 -10.88
C ASP A 40 11.61 9.23 -10.78
N TRP A 41 11.05 9.25 -9.56
CA TRP A 41 9.68 9.63 -9.27
C TRP A 41 9.56 11.15 -9.04
N LYS A 42 8.31 11.65 -8.94
CA LYS A 42 7.99 13.08 -8.82
C LYS A 42 8.11 13.63 -7.40
N LEU A 43 9.27 13.48 -6.78
CA LEU A 43 9.52 13.79 -5.37
C LEU A 43 9.30 15.27 -4.96
N ASP A 44 9.21 16.18 -5.92
CA ASP A 44 8.92 17.61 -5.69
C ASP A 44 7.50 18.03 -6.16
N GLN A 45 6.75 17.10 -6.76
CA GLN A 45 5.37 17.30 -7.20
C GLN A 45 4.53 16.00 -7.14
N PRO A 46 4.17 15.51 -5.91
CA PRO A 46 3.28 14.36 -5.75
C PRO A 46 1.93 14.56 -6.43
N ASP A 47 1.38 13.48 -6.98
CA ASP A 47 0.04 13.45 -7.59
C ASP A 47 -1.07 13.57 -6.53
N TRP A 48 -0.80 13.10 -5.31
CA TRP A 48 -1.68 13.21 -4.14
C TRP A 48 -0.86 13.09 -2.84
N THR A 49 -1.33 13.70 -1.75
CA THR A 49 -0.79 13.47 -0.40
C THR A 49 -1.92 13.26 0.63
N GLY A 50 -1.63 12.48 1.67
CA GLY A 50 -2.61 12.13 2.69
C GLY A 50 -2.06 11.18 3.76
N ARG A 51 -2.90 10.26 4.23
CA ARG A 51 -2.64 9.28 5.29
C ARG A 51 -2.43 7.87 4.74
N LEU A 52 -1.60 7.09 5.44
CA LEU A 52 -1.53 5.64 5.33
C LEU A 52 -2.49 4.98 6.32
N ARG A 53 -3.19 3.93 5.90
CA ARG A 53 -3.88 2.98 6.80
C ARG A 53 -3.81 1.56 6.23
N ILE A 54 -2.77 0.83 6.62
CA ILE A 54 -2.66 -0.60 6.33
C ILE A 54 -3.67 -1.35 7.21
N THR A 55 -4.43 -2.24 6.57
CA THR A 55 -5.50 -3.05 7.16
C THR A 55 -5.38 -4.51 6.69
N SER A 56 -6.21 -5.42 7.20
CA SER A 56 -6.21 -6.83 6.85
C SER A 56 -7.55 -7.49 7.15
N LYS A 57 -7.85 -8.56 6.41
CA LYS A 57 -8.83 -9.57 6.80
C LYS A 57 -8.61 -10.90 6.06
N GLY A 58 -8.54 -11.99 6.81
CA GLY A 58 -8.68 -13.37 6.29
C GLY A 58 -7.59 -13.80 5.31
N LYS A 59 -6.31 -13.66 5.71
CA LYS A 59 -5.10 -13.93 4.90
C LYS A 59 -4.97 -13.03 3.66
N THR A 60 -5.62 -11.85 3.71
CA THR A 60 -5.40 -10.73 2.80
C THR A 60 -5.04 -9.50 3.63
N ALA A 61 -3.99 -8.78 3.22
CA ALA A 61 -3.68 -7.44 3.71
C ALA A 61 -4.15 -6.38 2.69
N TYR A 62 -4.36 -5.16 3.14
CA TYR A 62 -4.88 -4.04 2.36
C TYR A 62 -4.08 -2.77 2.68
N ILE A 63 -3.24 -2.30 1.76
CA ILE A 63 -2.62 -0.97 1.89
C ILE A 63 -3.65 0.04 1.40
N LYS A 64 -4.40 0.64 2.33
CA LYS A 64 -5.35 1.72 2.02
C LYS A 64 -4.74 3.10 2.27
N LEU A 65 -4.98 4.01 1.33
CA LEU A 65 -4.59 5.42 1.37
C LEU A 65 -5.84 6.28 1.53
N GLU A 66 -5.80 7.25 2.45
CA GLU A 66 -6.97 8.01 2.89
C GLU A 66 -6.65 9.49 3.08
N ASP A 67 -7.64 10.37 2.94
CA ASP A 67 -7.44 11.81 3.04
C ASP A 67 -7.24 12.28 4.49
N LYS A 68 -6.44 13.34 4.64
CA LYS A 68 -6.06 13.97 5.91
C LYS A 68 -7.01 15.05 6.42
N VAL A 69 -8.06 15.36 5.67
CA VAL A 69 -9.05 16.39 5.98
C VAL A 69 -10.50 15.86 5.93
N SER A 70 -10.84 15.03 4.93
CA SER A 70 -12.18 14.39 4.86
C SER A 70 -12.19 12.97 5.44
N GLY A 71 -11.06 12.27 5.41
CA GLY A 71 -10.97 10.85 5.74
C GLY A 71 -11.47 9.92 4.62
N GLU A 72 -11.75 10.46 3.42
CA GLU A 72 -12.21 9.68 2.29
C GLU A 72 -11.12 8.74 1.74
N LEU A 73 -11.51 7.61 1.14
CA LEU A 73 -10.58 6.66 0.51
C LEU A 73 -10.02 7.24 -0.80
N PHE A 74 -8.70 7.29 -0.95
CA PHE A 74 -8.01 7.63 -2.19
C PHE A 74 -7.82 6.38 -3.06
N ALA A 75 -7.19 5.34 -2.52
CA ALA A 75 -6.88 4.09 -3.22
C ALA A 75 -6.68 2.92 -2.23
N GLN A 76 -6.80 1.67 -2.70
CA GLN A 76 -6.53 0.47 -1.89
C GLN A 76 -5.81 -0.62 -2.70
N ALA A 77 -4.77 -1.22 -2.12
CA ALA A 77 -4.00 -2.33 -2.71
C ALA A 77 -4.14 -3.61 -1.87
N PRO A 78 -4.95 -4.60 -2.30
CA PRO A 78 -5.03 -5.91 -1.67
C PRO A 78 -3.80 -6.78 -1.98
N VAL A 79 -3.35 -7.54 -0.97
CA VAL A 79 -2.13 -8.36 -0.98
C VAL A 79 -2.44 -9.74 -0.39
N GLU A 80 -2.15 -10.82 -1.10
CA GLU A 80 -2.46 -12.19 -0.62
C GLU A 80 -1.31 -12.82 0.19
N GLN A 81 -0.08 -12.35 -0.01
CA GLN A 81 1.13 -12.67 0.75
C GLN A 81 2.22 -11.61 0.49
N TYR A 82 3.08 -11.36 1.47
CA TYR A 82 4.20 -10.43 1.37
C TYR A 82 5.54 -11.13 1.66
N PRO A 83 6.57 -11.03 0.79
CA PRO A 83 6.56 -10.39 -0.53
C PRO A 83 5.58 -11.01 -1.55
N GLY A 84 5.03 -10.19 -2.43
CA GLY A 84 4.10 -10.57 -3.50
C GLY A 84 4.04 -9.52 -4.62
N ILE A 85 3.04 -9.61 -5.51
CA ILE A 85 2.91 -8.68 -6.66
C ILE A 85 2.53 -7.25 -6.24
N ALA A 86 1.67 -7.11 -5.21
CA ALA A 86 0.99 -5.86 -4.90
C ALA A 86 1.80 -4.89 -4.03
N VAL A 87 3.07 -5.20 -3.75
CA VAL A 87 3.98 -4.38 -2.94
C VAL A 87 5.43 -4.60 -3.41
N GLU A 88 6.17 -3.51 -3.64
CA GLU A 88 7.60 -3.49 -4.05
C GLU A 88 8.39 -2.37 -3.35
N THR A 89 9.71 -2.50 -3.34
CA THR A 89 10.70 -1.54 -2.79
C THR A 89 11.46 -0.80 -3.90
N VAL A 90 12.07 0.33 -3.57
CA VAL A 90 13.11 0.99 -4.37
C VAL A 90 14.49 0.43 -4.02
N THR A 91 15.50 0.85 -4.78
CA THR A 91 16.91 0.40 -4.67
C THR A 91 17.84 1.41 -4.00
N ASP A 92 17.48 2.71 -4.03
CA ASP A 92 18.38 3.80 -3.61
C ASP A 92 18.09 4.32 -2.18
N SER A 93 16.81 4.43 -1.79
CA SER A 93 16.41 5.06 -0.51
C SER A 93 15.37 4.23 0.26
N SER A 94 15.71 3.75 1.46
CA SER A 94 14.93 2.76 2.25
C SER A 94 13.63 3.28 2.89
N ARG A 95 13.02 4.33 2.32
CA ARG A 95 11.78 4.99 2.78
C ARG A 95 10.75 5.23 1.66
N TYR A 96 10.77 4.40 0.61
CA TYR A 96 9.89 4.47 -0.56
C TYR A 96 9.45 3.08 -1.02
N PHE A 97 8.19 2.93 -1.45
CA PHE A 97 7.59 1.67 -1.90
C PHE A 97 6.67 1.89 -3.11
N VAL A 98 6.36 0.83 -3.84
CA VAL A 98 5.31 0.80 -4.86
C VAL A 98 4.24 -0.19 -4.44
N ILE A 99 2.96 0.09 -4.70
CA ILE A 99 1.86 -0.85 -4.46
C ILE A 99 0.88 -0.92 -5.63
N ARG A 100 0.30 -2.11 -5.84
CA ARG A 100 -0.72 -2.35 -6.89
C ARG A 100 -2.13 -2.04 -6.36
N ILE A 101 -2.53 -0.77 -6.43
CA ILE A 101 -3.91 -0.38 -6.08
C ILE A 101 -4.90 -0.92 -7.11
N GLN A 102 -6.06 -1.36 -6.64
CA GLN A 102 -7.05 -2.11 -7.42
C GLN A 102 -8.48 -1.59 -7.18
N ASP A 103 -9.33 -1.71 -8.20
CA ASP A 103 -10.71 -1.21 -8.19
C ASP A 103 -11.75 -2.30 -7.81
N GLY A 104 -11.27 -3.46 -7.31
CA GLY A 104 -12.09 -4.61 -6.88
C GLY A 104 -12.62 -5.50 -8.01
N THR A 105 -12.25 -5.22 -9.26
CA THR A 105 -12.71 -5.93 -10.48
C THR A 105 -11.55 -6.48 -11.36
N GLY A 106 -10.31 -6.33 -10.90
CA GLY A 106 -9.08 -6.74 -11.62
C GLY A 106 -8.40 -5.60 -12.40
N ARG A 107 -9.07 -4.45 -12.50
CA ARG A 107 -8.55 -3.15 -12.89
C ARG A 107 -7.61 -2.65 -11.80
N SER A 108 -6.44 -2.19 -12.21
CA SER A 108 -5.34 -1.79 -11.32
C SER A 108 -4.42 -0.70 -11.86
N ALA A 109 -3.65 -0.10 -10.95
CA ALA A 109 -2.46 0.72 -11.24
C ALA A 109 -1.35 0.43 -10.22
N PHE A 110 -0.09 0.52 -10.65
CA PHE A 110 1.07 0.53 -9.76
C PHE A 110 1.44 1.98 -9.42
N ILE A 111 1.34 2.35 -8.13
CA ILE A 111 1.63 3.71 -7.63
C ILE A 111 2.79 3.68 -6.64
N GLY A 112 3.63 4.72 -6.65
CA GLY A 112 4.72 4.89 -5.70
C GLY A 112 4.27 5.71 -4.49
N ILE A 113 4.75 5.35 -3.30
CA ILE A 113 4.56 6.10 -2.05
C ILE A 113 5.90 6.37 -1.36
N GLY A 114 6.04 7.58 -0.79
CA GLY A 114 7.21 8.03 -0.05
C GLY A 114 6.91 8.41 1.39
N PHE A 115 7.83 8.06 2.30
CA PHE A 115 7.81 8.34 3.73
C PHE A 115 8.85 9.39 4.10
N THR A 116 8.62 10.12 5.19
CA THR A 116 9.51 11.20 5.66
C THR A 116 10.81 10.66 6.28
N ASP A 117 10.80 9.41 6.76
CA ASP A 117 11.93 8.78 7.43
C ASP A 117 11.86 7.25 7.33
N ARG A 118 13.03 6.58 7.33
CA ARG A 118 13.14 5.12 7.29
C ARG A 118 12.43 4.43 8.47
N GLY A 119 12.40 5.05 9.64
CA GLY A 119 11.71 4.53 10.82
C GLY A 119 10.18 4.42 10.67
N ASP A 120 9.58 5.12 9.71
CA ASP A 120 8.14 5.04 9.41
C ASP A 120 7.85 4.06 8.27
N ALA A 121 8.73 4.00 7.27
CA ALA A 121 8.77 2.94 6.26
C ALA A 121 9.01 1.55 6.86
N PHE A 122 9.72 1.49 7.99
CA PHE A 122 9.90 0.29 8.83
C PHE A 122 8.86 0.15 9.96
N ASP A 123 7.72 0.83 9.85
CA ASP A 123 6.43 0.30 10.29
C ASP A 123 5.62 -0.25 9.10
N PHE A 124 5.65 0.40 7.91
CA PHE A 124 4.94 -0.07 6.70
C PHE A 124 5.30 -1.51 6.32
N ASN A 125 6.59 -1.81 6.09
CA ASN A 125 6.99 -3.14 5.60
C ASN A 125 7.07 -4.18 6.71
N VAL A 126 7.24 -3.75 7.96
CA VAL A 126 7.38 -4.63 9.12
C VAL A 126 6.00 -5.10 9.61
N SER A 127 4.99 -4.23 9.60
CA SER A 127 3.60 -4.61 9.92
C SER A 127 3.00 -5.58 8.89
N LEU A 128 3.41 -5.48 7.61
CA LEU A 128 3.05 -6.42 6.56
C LEU A 128 3.71 -7.79 6.75
N GLN A 129 5.04 -7.86 6.92
CA GLN A 129 5.72 -9.15 7.09
C GLN A 129 5.36 -9.87 8.42
N ASP A 130 5.01 -9.11 9.47
CA ASP A 130 4.54 -9.64 10.75
C ASP A 130 3.02 -9.95 10.73
N HIS A 131 2.32 -9.66 9.63
CA HIS A 131 0.97 -10.18 9.37
C HIS A 131 0.98 -11.52 8.63
N PHE A 132 2.00 -11.78 7.80
CA PHE A 132 2.08 -12.99 6.98
C PHE A 132 3.01 -14.09 7.50
N LYS A 133 3.76 -13.89 8.60
CA LYS A 133 4.74 -14.88 9.11
C LYS A 133 4.16 -16.27 9.40
N TRP A 134 2.87 -16.36 9.75
CA TRP A 134 2.15 -17.62 9.99
C TRP A 134 1.60 -18.26 8.70
N VAL A 135 1.37 -17.46 7.65
CA VAL A 135 0.94 -17.91 6.31
C VAL A 135 2.12 -18.41 5.48
N LYS A 136 3.33 -17.86 5.70
CA LYS A 136 4.59 -18.18 5.01
C LYS A 136 5.46 -19.19 5.77
N GLN A 137 4.82 -20.09 6.53
CA GLN A 137 5.49 -21.22 7.18
C GLN A 137 5.72 -22.35 6.15
N GLU A 138 6.89 -22.30 5.51
CA GLU A 138 7.30 -23.13 4.37
C GLU A 138 8.77 -23.62 4.50
N GLY A 1 -24.81 -6.90 -4.63
CA GLY A 1 -25.72 -8.02 -4.28
C GLY A 1 -27.05 -7.51 -3.76
N SER A 2 -28.08 -8.36 -3.82
CA SER A 2 -29.47 -7.99 -3.47
C SER A 2 -29.67 -7.76 -1.96
N PRO A 3 -30.43 -6.72 -1.54
CA PRO A 3 -30.67 -6.44 -0.12
C PRO A 3 -31.56 -7.49 0.55
N ASN A 4 -32.45 -8.13 -0.20
CA ASN A 4 -33.29 -9.25 0.28
C ASN A 4 -32.47 -10.52 0.61
N SER A 5 -31.25 -10.63 0.07
CA SER A 5 -30.33 -11.76 0.28
C SER A 5 -29.25 -11.49 1.33
N MET A 6 -29.16 -10.26 1.87
CA MET A 6 -28.13 -9.82 2.84
C MET A 6 -26.70 -10.20 2.40
N ALA A 7 -26.36 -9.83 1.16
CA ALA A 7 -25.19 -10.33 0.42
C ALA A 7 -24.09 -9.27 0.21
N THR A 8 -24.36 -8.02 0.60
CA THR A 8 -23.45 -6.87 0.50
C THR A 8 -23.50 -6.09 1.81
N GLU A 9 -22.89 -6.70 2.84
CA GLU A 9 -22.96 -6.30 4.25
C GLU A 9 -21.55 -6.15 4.89
N LEU A 10 -20.55 -5.82 4.06
CA LEU A 10 -19.13 -5.74 4.41
C LEU A 10 -18.88 -4.66 5.50
N GLU A 11 -18.42 -5.10 6.68
CA GLU A 11 -18.15 -4.25 7.85
C GLU A 11 -16.94 -4.79 8.65
N TYR A 12 -15.80 -4.95 7.98
CA TYR A 12 -14.55 -5.47 8.53
C TYR A 12 -13.34 -4.85 7.81
N GLU A 13 -12.23 -4.68 8.54
CA GLU A 13 -10.85 -4.48 8.06
C GLU A 13 -9.97 -4.17 9.29
N SER A 14 -9.15 -5.12 9.72
CA SER A 14 -8.36 -5.04 10.95
C SER A 14 -7.02 -4.33 10.73
N VAL A 15 -6.80 -3.22 11.44
CA VAL A 15 -5.66 -2.30 11.23
C VAL A 15 -4.31 -2.86 11.70
N LEU A 16 -3.23 -2.46 11.04
CA LEU A 16 -1.86 -2.98 11.19
C LEU A 16 -0.80 -1.86 11.30
N CYS A 17 -0.96 -0.78 10.53
CA CYS A 17 -0.14 0.44 10.61
C CYS A 17 -0.93 1.66 10.14
N VAL A 18 -0.78 2.78 10.83
CA VAL A 18 -1.31 4.09 10.43
C VAL A 18 -0.20 5.14 10.54
N LYS A 19 0.03 5.90 9.46
CA LYS A 19 0.95 7.05 9.41
C LYS A 19 0.25 8.29 8.82
N PRO A 20 0.41 9.49 9.40
CA PRO A 20 -0.35 10.68 8.99
C PRO A 20 0.16 11.35 7.71
N ASP A 21 1.40 11.07 7.28
CA ASP A 21 2.05 11.73 6.14
C ASP A 21 2.64 10.67 5.18
N VAL A 22 2.02 10.54 4.01
CA VAL A 22 2.48 9.74 2.87
C VAL A 22 2.16 10.45 1.55
N SER A 23 3.08 10.38 0.59
CA SER A 23 3.02 11.13 -0.67
C SER A 23 3.07 10.20 -1.89
N VAL A 24 2.09 10.31 -2.78
CA VAL A 24 1.96 9.48 -4.00
C VAL A 24 2.63 10.11 -5.20
N TYR A 25 3.33 9.27 -5.96
CA TYR A 25 3.85 9.58 -7.29
C TYR A 25 3.38 8.48 -8.25
N ARG A 26 2.69 8.87 -9.34
CA ARG A 26 2.47 7.98 -10.50
C ARG A 26 3.81 7.76 -11.21
N ILE A 27 4.35 6.54 -11.10
CA ILE A 27 5.74 6.21 -11.46
C ILE A 27 5.97 5.99 -12.97
N PRO A 28 7.20 6.16 -13.47
CA PRO A 28 7.64 5.57 -14.74
C PRO A 28 7.59 4.02 -14.68
N PRO A 29 7.58 3.32 -15.84
CA PRO A 29 7.62 1.86 -15.88
C PRO A 29 8.89 1.30 -15.23
N ARG A 30 8.79 0.09 -14.66
CA ARG A 30 9.88 -0.61 -13.97
C ARG A 30 11.06 -0.90 -14.90
N ALA A 31 12.26 -0.95 -14.34
CA ALA A 31 13.43 -1.55 -14.96
C ALA A 31 13.23 -3.06 -15.25
N SER A 32 14.19 -3.64 -15.97
CA SER A 32 14.20 -5.06 -16.40
C SER A 32 14.81 -6.00 -15.35
N ASN A 33 15.78 -5.49 -14.59
CA ASN A 33 16.58 -6.24 -13.61
C ASN A 33 16.81 -5.48 -12.28
N ARG A 34 16.18 -4.30 -12.10
CA ARG A 34 16.35 -3.43 -10.92
C ARG A 34 15.09 -3.29 -10.07
N GLY A 35 13.99 -2.82 -10.66
CA GLY A 35 12.88 -2.27 -9.89
C GLY A 35 12.71 -0.80 -10.26
N TYR A 36 12.78 0.04 -9.25
CA TYR A 36 12.64 1.48 -9.27
C TYR A 36 13.73 2.13 -8.43
N ARG A 37 14.05 3.38 -8.74
CA ARG A 37 14.81 4.27 -7.85
C ARG A 37 13.97 5.52 -7.63
N ALA A 38 13.84 5.88 -6.36
CA ALA A 38 12.97 6.96 -5.90
C ALA A 38 13.23 8.30 -6.61
N SER A 39 14.49 8.59 -6.96
CA SER A 39 14.90 9.78 -7.72
C SER A 39 14.38 9.86 -9.15
N ASP A 40 13.83 8.77 -9.72
CA ASP A 40 13.12 8.77 -11.01
C ASP A 40 11.64 9.19 -10.88
N TRP A 41 11.12 9.31 -9.65
CA TRP A 41 9.74 9.69 -9.34
C TRP A 41 9.61 11.20 -9.07
N LYS A 42 8.37 11.68 -8.95
CA LYS A 42 7.98 13.09 -8.76
C LYS A 42 8.14 13.59 -7.30
N LEU A 43 9.28 13.32 -6.68
CA LEU A 43 9.49 13.49 -5.23
C LEU A 43 9.19 14.89 -4.67
N ASP A 44 9.45 15.95 -5.45
CA ASP A 44 9.20 17.35 -5.05
C ASP A 44 7.83 17.89 -5.51
N GLN A 45 7.05 17.08 -6.24
CA GLN A 45 5.72 17.39 -6.77
C GLN A 45 4.80 16.14 -6.80
N PRO A 46 4.40 15.60 -5.62
CA PRO A 46 3.48 14.45 -5.54
C PRO A 46 2.15 14.71 -6.25
N ASP A 47 1.62 13.67 -6.87
CA ASP A 47 0.32 13.68 -7.56
C ASP A 47 -0.86 13.71 -6.56
N TRP A 48 -0.65 13.16 -5.36
CA TRP A 48 -1.55 13.25 -4.20
C TRP A 48 -0.77 13.12 -2.89
N THR A 49 -1.27 13.70 -1.79
CA THR A 49 -0.72 13.51 -0.44
C THR A 49 -1.81 13.26 0.59
N GLY A 50 -1.53 12.39 1.56
CA GLY A 50 -2.49 12.05 2.62
C GLY A 50 -1.94 11.08 3.66
N ARG A 51 -2.82 10.20 4.15
CA ARG A 51 -2.61 9.29 5.27
C ARG A 51 -2.46 7.85 4.78
N LEU A 52 -1.61 7.08 5.44
CA LEU A 52 -1.45 5.63 5.28
C LEU A 52 -2.36 4.88 6.26
N ARG A 53 -3.00 3.81 5.81
CA ARG A 53 -3.75 2.87 6.65
C ARG A 53 -3.61 1.43 6.12
N ILE A 54 -2.71 0.65 6.72
CA ILE A 54 -2.51 -0.77 6.42
C ILE A 54 -3.49 -1.59 7.26
N THR A 55 -4.16 -2.54 6.62
CA THR A 55 -5.30 -3.32 7.15
C THR A 55 -5.25 -4.77 6.66
N SER A 56 -6.09 -5.67 7.18
CA SER A 56 -6.24 -7.04 6.68
C SER A 56 -7.60 -7.65 7.02
N LYS A 57 -8.07 -8.54 6.14
CA LYS A 57 -8.98 -9.62 6.52
C LYS A 57 -8.83 -10.86 5.62
N GLY A 58 -8.74 -12.03 6.24
CA GLY A 58 -8.87 -13.35 5.57
C GLY A 58 -7.70 -13.73 4.68
N LYS A 59 -6.49 -13.78 5.26
CA LYS A 59 -5.20 -14.07 4.57
C LYS A 59 -4.90 -13.10 3.41
N THR A 60 -5.45 -11.89 3.52
CA THR A 60 -5.31 -10.80 2.56
C THR A 60 -5.10 -9.50 3.31
N ALA A 61 -3.98 -8.82 3.04
CA ALA A 61 -3.71 -7.48 3.55
C ALA A 61 -4.23 -6.42 2.56
N TYR A 62 -4.45 -5.21 3.06
CA TYR A 62 -5.05 -4.09 2.34
C TYR A 62 -4.29 -2.80 2.73
N ILE A 63 -3.37 -2.34 1.86
CA ILE A 63 -2.76 -1.01 2.01
C ILE A 63 -3.77 0.00 1.45
N LYS A 64 -4.46 0.72 2.33
CA LYS A 64 -5.38 1.80 1.93
C LYS A 64 -4.78 3.18 2.22
N LEU A 65 -5.02 4.10 1.30
CA LEU A 65 -4.61 5.51 1.35
C LEU A 65 -5.84 6.39 1.58
N GLU A 66 -5.76 7.34 2.51
CA GLU A 66 -6.91 8.11 3.00
C GLU A 66 -6.63 9.62 3.04
N ASP A 67 -7.66 10.44 2.82
CA ASP A 67 -7.55 11.89 2.73
C ASP A 67 -7.16 12.52 4.07
N LYS A 68 -6.29 13.55 4.01
CA LYS A 68 -5.72 14.21 5.20
C LYS A 68 -6.63 15.20 5.91
N VAL A 69 -7.83 15.48 5.38
CA VAL A 69 -8.89 16.25 6.04
C VAL A 69 -10.09 15.36 6.36
N SER A 70 -10.57 14.58 5.38
CA SER A 70 -11.87 13.87 5.47
C SER A 70 -11.75 12.40 5.86
N GLY A 71 -10.56 11.80 5.75
CA GLY A 71 -10.30 10.38 6.01
C GLY A 71 -10.87 9.43 4.94
N GLU A 72 -11.29 9.98 3.80
CA GLU A 72 -11.96 9.25 2.72
C GLU A 72 -10.95 8.54 1.79
N LEU A 73 -11.37 7.44 1.15
CA LEU A 73 -10.49 6.54 0.42
C LEU A 73 -9.99 7.17 -0.89
N PHE A 74 -8.66 7.26 -1.03
CA PHE A 74 -7.99 7.62 -2.30
C PHE A 74 -7.77 6.38 -3.18
N ALA A 75 -7.11 5.35 -2.62
CA ALA A 75 -6.78 4.10 -3.31
C ALA A 75 -6.54 2.95 -2.31
N GLN A 76 -6.61 1.71 -2.81
CA GLN A 76 -6.43 0.49 -2.01
C GLN A 76 -5.64 -0.59 -2.79
N ALA A 77 -4.67 -1.24 -2.14
CA ALA A 77 -3.88 -2.34 -2.70
C ALA A 77 -4.05 -3.63 -1.86
N PRO A 78 -4.88 -4.58 -2.33
CA PRO A 78 -4.96 -5.94 -1.79
C PRO A 78 -3.67 -6.73 -2.04
N VAL A 79 -3.22 -7.51 -1.04
CA VAL A 79 -2.01 -8.34 -1.07
C VAL A 79 -2.31 -9.72 -0.48
N GLU A 80 -1.96 -10.82 -1.16
CA GLU A 80 -2.22 -12.17 -0.66
C GLU A 80 -1.09 -12.74 0.20
N GLN A 81 0.14 -12.24 0.03
CA GLN A 81 1.33 -12.53 0.86
C GLN A 81 2.40 -11.46 0.63
N TYR A 82 3.23 -11.19 1.65
CA TYR A 82 4.29 -10.19 1.61
C TYR A 82 5.67 -10.77 2.00
N PRO A 83 6.75 -10.52 1.23
CA PRO A 83 6.78 -9.81 -0.06
C PRO A 83 6.02 -10.54 -1.19
N GLY A 84 5.37 -9.78 -2.07
CA GLY A 84 4.54 -10.29 -3.17
C GLY A 84 4.12 -9.23 -4.20
N ILE A 85 3.25 -9.60 -5.14
CA ILE A 85 2.93 -8.84 -6.37
C ILE A 85 2.49 -7.38 -6.13
N ALA A 86 1.73 -7.11 -5.07
CA ALA A 86 1.10 -5.82 -4.83
C ALA A 86 1.94 -4.85 -3.98
N VAL A 87 3.19 -5.17 -3.67
CA VAL A 87 4.10 -4.31 -2.89
C VAL A 87 5.56 -4.50 -3.34
N GLU A 88 6.26 -3.41 -3.63
CA GLU A 88 7.65 -3.36 -4.10
C GLU A 88 8.46 -2.24 -3.43
N THR A 89 9.78 -2.32 -3.49
CA THR A 89 10.76 -1.38 -2.91
C THR A 89 11.53 -0.62 -3.99
N VAL A 90 12.15 0.51 -3.62
CA VAL A 90 13.15 1.20 -4.43
C VAL A 90 14.57 0.69 -4.14
N THR A 91 15.55 1.15 -4.93
CA THR A 91 16.99 0.86 -4.72
C THR A 91 17.75 1.98 -4.01
N ASP A 92 17.27 3.23 -4.09
CA ASP A 92 18.00 4.42 -3.62
C ASP A 92 17.90 4.66 -2.11
N SER A 93 16.71 4.51 -1.52
CA SER A 93 16.47 4.74 -0.09
C SER A 93 15.25 3.99 0.46
N SER A 94 15.39 3.34 1.62
CA SER A 94 14.36 2.48 2.24
C SER A 94 13.15 3.24 2.86
N ARG A 95 12.88 4.48 2.42
CA ARG A 95 11.69 5.28 2.78
C ARG A 95 10.67 5.45 1.64
N TYR A 96 10.73 4.57 0.64
CA TYR A 96 9.92 4.64 -0.57
C TYR A 96 9.50 3.23 -1.03
N PHE A 97 8.23 3.06 -1.40
CA PHE A 97 7.66 1.79 -1.88
C PHE A 97 6.77 2.02 -3.09
N VAL A 98 6.45 0.95 -3.82
CA VAL A 98 5.39 0.92 -4.84
C VAL A 98 4.33 -0.08 -4.40
N ILE A 99 3.05 0.20 -4.66
CA ILE A 99 1.97 -0.76 -4.43
C ILE A 99 1.03 -0.88 -5.62
N ARG A 100 0.49 -2.08 -5.85
CA ARG A 100 -0.50 -2.35 -6.92
C ARG A 100 -1.92 -2.07 -6.42
N ILE A 101 -2.36 -0.83 -6.51
CA ILE A 101 -3.74 -0.46 -6.15
C ILE A 101 -4.74 -1.05 -7.16
N GLN A 102 -5.88 -1.53 -6.67
CA GLN A 102 -6.87 -2.31 -7.41
C GLN A 102 -8.30 -1.87 -7.10
N ASP A 103 -9.15 -1.91 -8.13
CA ASP A 103 -10.55 -1.44 -8.07
C ASP A 103 -11.57 -2.55 -7.74
N GLY A 104 -11.08 -3.73 -7.30
CA GLY A 104 -11.90 -4.89 -6.91
C GLY A 104 -12.50 -5.70 -8.07
N THR A 105 -12.13 -5.37 -9.31
CA THR A 105 -12.68 -5.95 -10.57
C THR A 105 -11.62 -6.48 -11.54
N GLY A 106 -10.32 -6.38 -11.18
CA GLY A 106 -9.16 -6.75 -12.01
C GLY A 106 -8.49 -5.57 -12.72
N ARG A 107 -9.11 -4.39 -12.64
CA ARG A 107 -8.54 -3.07 -12.95
C ARG A 107 -7.56 -2.70 -11.85
N SER A 108 -6.36 -2.30 -12.25
CA SER A 108 -5.23 -2.03 -11.35
C SER A 108 -4.21 -1.01 -11.89
N ALA A 109 -3.41 -0.43 -10.99
CA ALA A 109 -2.26 0.42 -11.30
C ALA A 109 -1.15 0.25 -10.26
N PHE A 110 0.12 0.38 -10.67
CA PHE A 110 1.25 0.49 -9.76
C PHE A 110 1.53 1.97 -9.45
N ILE A 111 1.41 2.35 -8.17
CA ILE A 111 1.69 3.72 -7.68
C ILE A 111 2.86 3.72 -6.69
N GLY A 112 3.69 4.76 -6.72
CA GLY A 112 4.78 4.96 -5.78
C GLY A 112 4.30 5.76 -4.57
N ILE A 113 4.81 5.44 -3.39
CA ILE A 113 4.61 6.18 -2.13
C ILE A 113 5.94 6.49 -1.44
N GLY A 114 6.04 7.71 -0.91
CA GLY A 114 7.19 8.20 -0.13
C GLY A 114 6.81 8.61 1.28
N PHE A 115 7.71 8.32 2.23
CA PHE A 115 7.54 8.60 3.66
C PHE A 115 8.39 9.78 4.10
N THR A 116 8.10 10.34 5.29
CA THR A 116 8.85 11.46 5.89
C THR A 116 10.19 11.02 6.50
N ASP A 117 10.31 9.74 6.88
CA ASP A 117 11.51 9.17 7.49
C ASP A 117 11.58 7.64 7.30
N ARG A 118 12.80 7.09 7.24
CA ARG A 118 13.05 5.64 7.09
C ARG A 118 12.51 4.83 8.27
N GLY A 119 12.51 5.36 9.49
CA GLY A 119 11.93 4.72 10.67
C GLY A 119 10.41 4.54 10.58
N ASP A 120 9.70 5.43 9.88
CA ASP A 120 8.25 5.33 9.64
C ASP A 120 7.94 4.40 8.45
N ALA A 121 8.77 4.43 7.40
CA ALA A 121 8.71 3.46 6.32
C ALA A 121 9.03 2.02 6.76
N PHE A 122 9.88 1.84 7.76
CA PHE A 122 10.10 0.53 8.37
C PHE A 122 8.83 -0.06 9.00
N ASP A 123 7.93 0.75 9.56
CA ASP A 123 6.66 0.25 10.11
C ASP A 123 5.67 -0.21 9.03
N PHE A 124 5.68 0.41 7.84
CA PHE A 124 4.93 -0.08 6.66
C PHE A 124 5.36 -1.51 6.29
N ASN A 125 6.67 -1.77 6.31
CA ASN A 125 7.27 -3.03 5.89
C ASN A 125 7.23 -4.12 6.98
N VAL A 126 7.38 -3.75 8.25
CA VAL A 126 7.34 -4.69 9.38
C VAL A 126 5.92 -5.13 9.71
N SER A 127 4.94 -4.23 9.68
CA SER A 127 3.53 -4.56 9.97
C SER A 127 2.92 -5.54 8.96
N LEU A 128 3.41 -5.57 7.72
CA LEU A 128 3.05 -6.57 6.72
C LEU A 128 3.74 -7.92 6.99
N GLN A 129 5.08 -7.95 7.10
CA GLN A 129 5.82 -9.22 7.21
C GLN A 129 5.54 -9.99 8.52
N ASP A 130 5.25 -9.27 9.60
CA ASP A 130 4.90 -9.80 10.92
C ASP A 130 3.38 -10.01 11.10
N HIS A 131 2.59 -9.76 10.04
CA HIS A 131 1.20 -10.22 9.93
C HIS A 131 1.08 -11.51 9.10
N PHE A 132 1.94 -11.69 8.10
CA PHE A 132 1.92 -12.87 7.21
C PHE A 132 2.79 -14.06 7.67
N LYS A 133 3.54 -13.98 8.78
CA LYS A 133 4.46 -15.07 9.19
C LYS A 133 3.82 -16.45 9.35
N TRP A 134 2.57 -16.51 9.79
CA TRP A 134 1.79 -17.76 9.91
C TRP A 134 1.30 -18.28 8.54
N VAL A 135 1.02 -17.38 7.59
CA VAL A 135 0.70 -17.72 6.18
C VAL A 135 1.96 -18.23 5.45
N LYS A 136 3.13 -17.66 5.78
CA LYS A 136 4.46 -18.12 5.33
C LYS A 136 5.02 -19.33 6.08
N GLN A 137 4.27 -19.79 7.07
CA GLN A 137 4.54 -20.95 7.96
C GLN A 137 5.93 -20.95 8.63
N GLU A 138 6.47 -19.76 8.87
CA GLU A 138 7.80 -19.54 9.48
C GLU A 138 7.79 -19.36 11.02
N GLY A 1 -16.19 12.71 -1.58
CA GLY A 1 -16.78 11.38 -1.80
C GLY A 1 -18.12 11.23 -1.08
N SER A 2 -19.11 10.61 -1.73
CA SER A 2 -20.44 10.33 -1.16
C SER A 2 -20.46 9.10 -0.23
N PRO A 3 -21.42 9.00 0.71
CA PRO A 3 -21.55 7.85 1.61
C PRO A 3 -22.09 6.62 0.86
N ASN A 4 -21.19 5.71 0.49
CA ASN A 4 -21.50 4.48 -0.26
C ASN A 4 -21.54 3.20 0.62
N SER A 5 -21.17 3.29 1.90
CA SER A 5 -21.09 2.13 2.82
C SER A 5 -22.44 1.45 3.09
N MET A 6 -23.56 2.11 2.81
CA MET A 6 -24.92 1.57 2.88
C MET A 6 -25.30 0.64 1.70
N ALA A 7 -24.38 0.47 0.73
CA ALA A 7 -24.56 -0.34 -0.49
C ALA A 7 -23.30 -1.16 -0.82
N THR A 8 -22.12 -0.54 -0.77
CA THR A 8 -20.81 -1.21 -0.73
C THR A 8 -20.53 -1.67 0.71
N GLU A 9 -21.35 -2.62 1.16
CA GLU A 9 -21.58 -2.88 2.58
C GLU A 9 -20.61 -3.93 3.16
N LEU A 10 -19.42 -3.46 3.55
CA LEU A 10 -18.47 -4.19 4.39
C LEU A 10 -18.07 -3.37 5.63
N GLU A 11 -17.91 -4.06 6.75
CA GLU A 11 -17.55 -3.50 8.06
C GLU A 11 -16.51 -4.39 8.76
N TYR A 12 -15.44 -4.71 8.03
CA TYR A 12 -14.32 -5.53 8.52
C TYR A 12 -13.00 -4.89 8.11
N GLU A 13 -12.03 -4.86 9.02
CA GLU A 13 -10.60 -4.64 8.77
C GLU A 13 -9.85 -4.82 10.09
N SER A 14 -8.78 -5.60 10.08
CA SER A 14 -7.79 -5.67 11.16
C SER A 14 -6.67 -4.67 10.87
N VAL A 15 -6.57 -3.57 11.62
CA VAL A 15 -5.55 -2.53 11.41
C VAL A 15 -4.14 -3.04 11.79
N LEU A 16 -3.13 -2.62 11.01
CA LEU A 16 -1.72 -3.05 11.12
C LEU A 16 -0.75 -1.87 11.25
N CYS A 17 -0.96 -0.80 10.49
CA CYS A 17 -0.20 0.45 10.59
C CYS A 17 -1.02 1.65 10.10
N VAL A 18 -1.00 2.75 10.85
CA VAL A 18 -1.57 4.04 10.45
C VAL A 18 -0.51 5.13 10.63
N LYS A 19 -0.28 5.92 9.57
CA LYS A 19 0.68 7.04 9.53
C LYS A 19 0.02 8.30 8.95
N PRO A 20 0.24 9.50 9.54
CA PRO A 20 -0.36 10.75 9.04
C PRO A 20 0.28 11.27 7.75
N ASP A 21 1.48 10.79 7.40
CA ASP A 21 2.19 11.16 6.17
C ASP A 21 2.25 9.99 5.18
N VAL A 22 1.74 10.24 3.97
CA VAL A 22 2.07 9.50 2.75
C VAL A 22 1.83 10.38 1.53
N SER A 23 2.69 10.26 0.52
CA SER A 23 2.61 10.98 -0.75
C SER A 23 2.67 10.00 -1.93
N VAL A 24 1.93 10.28 -3.02
CA VAL A 24 1.83 9.42 -4.21
C VAL A 24 2.45 10.09 -5.42
N TYR A 25 3.32 9.36 -6.12
CA TYR A 25 3.94 9.75 -7.38
C TYR A 25 3.92 8.54 -8.33
N ARG A 26 3.23 8.70 -9.46
CA ARG A 26 3.10 7.66 -10.49
C ARG A 26 4.44 7.46 -11.19
N ILE A 27 4.83 6.20 -11.34
CA ILE A 27 6.23 5.80 -11.60
C ILE A 27 6.60 5.80 -13.09
N PRO A 28 7.89 6.03 -13.43
CA PRO A 28 8.42 5.88 -14.80
C PRO A 28 8.37 4.42 -15.29
N PRO A 29 8.59 4.16 -16.60
CA PRO A 29 8.68 2.80 -17.13
C PRO A 29 9.91 2.07 -16.55
N ARG A 30 9.65 1.24 -15.54
CA ARG A 30 10.63 0.44 -14.76
C ARG A 30 9.98 -0.86 -14.27
N ALA A 31 10.83 -1.82 -13.89
CA ALA A 31 10.45 -3.13 -13.35
C ALA A 31 11.31 -3.49 -12.12
N SER A 32 10.85 -4.44 -11.30
CA SER A 32 11.57 -4.97 -10.13
C SER A 32 12.97 -5.50 -10.46
N ASN A 33 13.12 -6.17 -11.61
CA ASN A 33 14.42 -6.69 -12.10
C ASN A 33 15.34 -5.60 -12.71
N ARG A 34 14.84 -4.37 -12.89
CA ARG A 34 15.59 -3.18 -13.35
C ARG A 34 15.82 -2.16 -12.25
N GLY A 35 14.94 -2.16 -11.24
CA GLY A 35 15.14 -1.47 -9.98
C GLY A 35 14.68 -0.03 -10.00
N TYR A 36 13.55 0.26 -9.35
CA TYR A 36 13.12 1.61 -8.98
C TYR A 36 14.15 2.24 -8.03
N ARG A 37 14.42 3.54 -8.16
CA ARG A 37 15.47 4.24 -7.40
C ARG A 37 15.01 5.48 -6.62
N ALA A 38 13.69 5.61 -6.44
CA ALA A 38 12.95 6.73 -5.86
C ALA A 38 13.19 8.10 -6.52
N SER A 39 14.43 8.51 -6.75
CA SER A 39 14.83 9.80 -7.35
C SER A 39 14.38 9.99 -8.80
N ASP A 40 14.01 8.91 -9.49
CA ASP A 40 13.44 8.90 -10.84
C ASP A 40 11.91 9.10 -10.84
N TRP A 41 11.28 9.14 -9.65
CA TRP A 41 9.86 9.42 -9.44
C TRP A 41 9.63 10.92 -9.18
N LYS A 42 8.36 11.34 -9.21
CA LYS A 42 7.91 12.73 -8.99
C LYS A 42 7.88 13.15 -7.50
N LEU A 43 8.97 12.91 -6.78
CA LEU A 43 9.07 13.09 -5.32
C LEU A 43 8.71 14.51 -4.83
N ASP A 44 9.08 15.55 -5.61
CA ASP A 44 8.84 16.96 -5.27
C ASP A 44 7.52 17.51 -5.85
N GLN A 45 6.79 16.69 -6.62
CA GLN A 45 5.49 17.01 -7.22
C GLN A 45 4.52 15.80 -7.19
N PRO A 46 4.01 15.39 -6.00
CA PRO A 46 3.04 14.31 -5.88
C PRO A 46 1.76 14.55 -6.70
N ASP A 47 1.17 13.45 -7.19
CA ASP A 47 -0.17 13.46 -7.81
C ASP A 47 -1.28 13.59 -6.74
N TRP A 48 -0.99 13.12 -5.52
CA TRP A 48 -1.86 13.18 -4.34
C TRP A 48 -1.05 13.06 -3.04
N THR A 49 -1.57 13.59 -1.92
CA THR A 49 -1.04 13.39 -0.57
C THR A 49 -2.14 13.12 0.46
N GLY A 50 -1.83 12.35 1.49
CA GLY A 50 -2.80 11.96 2.53
C GLY A 50 -2.20 11.12 3.65
N ARG A 51 -2.98 10.15 4.13
CA ARG A 51 -2.69 9.27 5.27
C ARG A 51 -2.64 7.78 4.84
N LEU A 52 -1.81 7.01 5.53
CA LEU A 52 -1.67 5.56 5.37
C LEU A 52 -2.65 4.83 6.30
N ARG A 53 -3.26 3.74 5.81
CA ARG A 53 -3.93 2.72 6.63
C ARG A 53 -3.66 1.32 6.08
N ILE A 54 -2.64 0.67 6.59
CA ILE A 54 -2.42 -0.77 6.38
C ILE A 54 -3.39 -1.54 7.27
N THR A 55 -4.12 -2.44 6.64
CA THR A 55 -5.16 -3.29 7.22
C THR A 55 -5.06 -4.70 6.67
N SER A 56 -5.81 -5.65 7.21
CA SER A 56 -5.92 -7.01 6.71
C SER A 56 -7.27 -7.65 7.07
N LYS A 57 -7.59 -8.77 6.42
CA LYS A 57 -8.51 -9.76 6.97
C LYS A 57 -8.14 -11.17 6.52
N GLY A 58 -7.87 -12.04 7.49
CA GLY A 58 -7.45 -13.43 7.29
C GLY A 58 -6.04 -13.46 6.71
N LYS A 59 -5.93 -14.03 5.51
CA LYS A 59 -4.70 -14.21 4.74
C LYS A 59 -4.52 -13.17 3.60
N THR A 60 -5.23 -12.04 3.69
CA THR A 60 -5.13 -10.92 2.74
C THR A 60 -4.87 -9.62 3.49
N ALA A 61 -3.85 -8.88 3.09
CA ALA A 61 -3.57 -7.51 3.56
C ALA A 61 -4.09 -6.47 2.55
N TYR A 62 -4.27 -5.24 3.02
CA TYR A 62 -4.85 -4.11 2.30
C TYR A 62 -4.07 -2.83 2.67
N ILE A 63 -3.25 -2.30 1.77
CA ILE A 63 -2.66 -0.96 1.94
C ILE A 63 -3.69 0.05 1.43
N LYS A 64 -4.51 0.59 2.35
CA LYS A 64 -5.48 1.65 2.04
C LYS A 64 -4.84 3.04 2.20
N LEU A 65 -5.10 3.94 1.26
CA LEU A 65 -4.68 5.35 1.27
C LEU A 65 -5.91 6.26 1.43
N GLU A 66 -5.85 7.23 2.35
CA GLU A 66 -7.01 8.04 2.76
C GLU A 66 -6.70 9.55 2.81
N ASP A 67 -7.69 10.39 2.50
CA ASP A 67 -7.56 11.84 2.52
C ASP A 67 -7.36 12.37 3.95
N LYS A 68 -6.42 13.30 4.10
CA LYS A 68 -6.01 13.86 5.39
C LYS A 68 -6.97 14.89 6.00
N VAL A 69 -8.02 15.27 5.29
CA VAL A 69 -9.06 16.21 5.74
C VAL A 69 -10.43 15.57 5.75
N SER A 70 -10.80 14.80 4.71
CA SER A 70 -12.12 14.19 4.59
C SER A 70 -12.20 12.77 5.14
N GLY A 71 -11.05 12.09 5.28
CA GLY A 71 -10.96 10.69 5.74
C GLY A 71 -11.42 9.67 4.70
N GLU A 72 -11.59 10.11 3.45
CA GLU A 72 -12.15 9.31 2.34
C GLU A 72 -11.07 8.54 1.56
N LEU A 73 -11.42 7.41 0.96
CA LEU A 73 -10.46 6.53 0.27
C LEU A 73 -9.98 7.15 -1.05
N PHE A 74 -8.66 7.23 -1.23
CA PHE A 74 -8.02 7.57 -2.51
C PHE A 74 -7.86 6.32 -3.40
N ALA A 75 -7.16 5.31 -2.88
CA ALA A 75 -6.90 4.02 -3.52
C ALA A 75 -6.60 2.95 -2.45
N GLN A 76 -6.63 1.66 -2.82
CA GLN A 76 -6.15 0.59 -1.95
C GLN A 76 -5.52 -0.57 -2.72
N ALA A 77 -4.49 -1.21 -2.14
CA ALA A 77 -3.76 -2.33 -2.73
C ALA A 77 -3.94 -3.62 -1.91
N PRO A 78 -4.71 -4.61 -2.40
CA PRO A 78 -4.78 -5.95 -1.83
C PRO A 78 -3.47 -6.72 -2.02
N VAL A 79 -3.10 -7.55 -1.03
CA VAL A 79 -1.87 -8.37 -1.01
C VAL A 79 -2.19 -9.75 -0.46
N GLU A 80 -1.85 -10.82 -1.17
CA GLU A 80 -2.12 -12.21 -0.72
C GLU A 80 -0.93 -12.87 0.02
N GLN A 81 0.28 -12.34 -0.19
CA GLN A 81 1.51 -12.67 0.52
C GLN A 81 2.54 -11.54 0.34
N TYR A 82 3.36 -11.28 1.37
CA TYR A 82 4.45 -10.30 1.33
C TYR A 82 5.78 -10.98 1.77
N PRO A 83 6.88 -10.88 0.98
CA PRO A 83 6.99 -10.23 -0.33
C PRO A 83 6.13 -10.90 -1.42
N GLY A 84 5.62 -10.10 -2.35
CA GLY A 84 4.75 -10.50 -3.45
C GLY A 84 4.69 -9.45 -4.57
N ILE A 85 3.61 -9.46 -5.38
CA ILE A 85 3.46 -8.55 -6.53
C ILE A 85 3.01 -7.14 -6.15
N ALA A 86 2.07 -7.01 -5.22
CA ALA A 86 1.34 -5.76 -4.96
C ALA A 86 2.07 -4.77 -4.04
N VAL A 87 3.32 -5.06 -3.69
CA VAL A 87 4.19 -4.25 -2.82
C VAL A 87 5.66 -4.49 -3.20
N GLU A 88 6.45 -3.43 -3.39
CA GLU A 88 7.86 -3.49 -3.78
C GLU A 88 8.69 -2.33 -3.23
N THR A 89 10.01 -2.49 -3.14
CA THR A 89 10.97 -1.49 -2.62
C THR A 89 11.78 -0.84 -3.76
N VAL A 90 12.38 0.32 -3.48
CA VAL A 90 13.38 0.97 -4.33
C VAL A 90 14.80 0.52 -3.94
N THR A 91 15.81 0.92 -4.73
CA THR A 91 17.22 0.55 -4.55
C THR A 91 18.03 1.59 -3.79
N ASP A 92 17.65 2.88 -3.89
CA ASP A 92 18.48 4.00 -3.40
C ASP A 92 18.17 4.40 -1.96
N SER A 93 16.89 4.47 -1.58
CA SER A 93 16.48 4.92 -0.23
C SER A 93 15.27 4.17 0.33
N SER A 94 15.39 3.57 1.52
CA SER A 94 14.38 2.63 2.06
C SER A 94 13.03 3.26 2.43
N ARG A 95 12.89 4.60 2.39
CA ARG A 95 11.65 5.32 2.71
C ARG A 95 10.63 5.46 1.57
N TYR A 96 10.72 4.59 0.55
CA TYR A 96 9.92 4.62 -0.67
C TYR A 96 9.55 3.20 -1.16
N PHE A 97 8.32 3.03 -1.64
CA PHE A 97 7.75 1.74 -2.08
C PHE A 97 6.85 1.88 -3.31
N VAL A 98 6.78 0.87 -4.16
CA VAL A 98 5.69 0.70 -5.14
C VAL A 98 4.59 -0.15 -4.53
N ILE A 99 3.30 0.14 -4.78
CA ILE A 99 2.20 -0.80 -4.53
C ILE A 99 1.26 -0.91 -5.74
N ARG A 100 0.63 -2.08 -5.91
CA ARG A 100 -0.39 -2.31 -6.95
C ARG A 100 -1.79 -2.07 -6.39
N ILE A 101 -2.33 -0.88 -6.59
CA ILE A 101 -3.70 -0.53 -6.17
C ILE A 101 -4.74 -1.11 -7.14
N GLN A 102 -5.94 -1.41 -6.64
CA GLN A 102 -7.11 -1.86 -7.42
C GLN A 102 -8.31 -0.94 -7.15
N ASP A 103 -9.20 -0.81 -8.15
CA ASP A 103 -10.47 -0.05 -8.05
C ASP A 103 -11.68 -0.94 -7.69
N GLY A 104 -11.44 -2.23 -7.43
CA GLY A 104 -12.46 -3.22 -7.02
C GLY A 104 -13.30 -3.79 -8.18
N THR A 105 -12.88 -3.56 -9.42
CA THR A 105 -13.62 -3.88 -10.66
C THR A 105 -12.73 -4.50 -11.77
N GLY A 106 -11.52 -4.96 -11.42
CA GLY A 106 -10.54 -5.55 -12.36
C GLY A 106 -9.56 -4.54 -12.97
N ARG A 107 -9.68 -3.25 -12.64
CA ARG A 107 -8.68 -2.20 -12.86
C ARG A 107 -7.58 -2.35 -11.82
N SER A 108 -6.35 -2.18 -12.26
CA SER A 108 -5.19 -1.99 -11.38
C SER A 108 -4.14 -1.02 -11.91
N ALA A 109 -3.34 -0.45 -11.00
CA ALA A 109 -2.20 0.40 -11.32
C ALA A 109 -1.07 0.22 -10.30
N PHE A 110 0.18 0.27 -10.76
CA PHE A 110 1.36 0.36 -9.90
C PHE A 110 1.68 1.84 -9.62
N ILE A 111 1.60 2.24 -8.34
CA ILE A 111 1.86 3.62 -7.87
C ILE A 111 3.04 3.65 -6.90
N GLY A 112 3.80 4.74 -6.91
CA GLY A 112 4.91 4.95 -5.98
C GLY A 112 4.45 5.76 -4.76
N ILE A 113 4.86 5.35 -3.56
CA ILE A 113 4.65 6.09 -2.31
C ILE A 113 5.96 6.28 -1.55
N GLY A 114 5.98 7.26 -0.65
CA GLY A 114 7.10 7.49 0.27
C GLY A 114 6.72 8.19 1.56
N PHE A 115 7.68 8.18 2.48
CA PHE A 115 7.55 8.62 3.87
C PHE A 115 8.54 9.73 4.21
N THR A 116 8.23 10.52 5.24
CA THR A 116 9.08 11.62 5.73
C THR A 116 10.37 11.12 6.40
N ASP A 117 10.40 9.85 6.82
CA ASP A 117 11.53 9.25 7.54
C ASP A 117 11.56 7.72 7.36
N ARG A 118 12.77 7.15 7.41
CA ARG A 118 13.03 5.71 7.27
C ARG A 118 12.35 4.88 8.37
N GLY A 119 12.18 5.40 9.57
CA GLY A 119 11.50 4.71 10.68
C GLY A 119 10.00 4.47 10.42
N ASP A 120 9.35 5.33 9.64
CA ASP A 120 7.92 5.19 9.31
C ASP A 120 7.71 4.22 8.14
N ALA A 121 8.65 4.20 7.19
CA ALA A 121 8.76 3.17 6.16
C ALA A 121 9.14 1.78 6.72
N PHE A 122 9.92 1.74 7.80
CA PHE A 122 10.15 0.52 8.58
C PHE A 122 8.83 -0.01 9.15
N ASP A 123 7.99 0.81 9.77
CA ASP A 123 6.67 0.38 10.24
C ASP A 123 5.75 -0.10 9.10
N PHE A 124 5.79 0.55 7.92
CA PHE A 124 5.05 0.11 6.73
C PHE A 124 5.38 -1.36 6.35
N ASN A 125 6.66 -1.67 6.14
CA ASN A 125 7.05 -3.01 5.66
C ASN A 125 7.12 -4.08 6.76
N VAL A 126 7.38 -3.69 8.01
CA VAL A 126 7.44 -4.63 9.14
C VAL A 126 6.05 -5.06 9.58
N SER A 127 5.06 -4.16 9.60
CA SER A 127 3.67 -4.52 9.92
C SER A 127 3.04 -5.45 8.89
N LEU A 128 3.44 -5.36 7.62
CA LEU A 128 3.07 -6.30 6.56
C LEU A 128 3.70 -7.69 6.78
N GLN A 129 5.04 -7.78 6.92
CA GLN A 129 5.70 -9.08 7.06
C GLN A 129 5.36 -9.81 8.39
N ASP A 130 5.01 -9.05 9.44
CA ASP A 130 4.53 -9.58 10.72
C ASP A 130 3.03 -9.94 10.70
N HIS A 131 2.32 -9.69 9.60
CA HIS A 131 1.00 -10.28 9.34
C HIS A 131 1.11 -11.59 8.54
N PHE A 132 2.16 -11.79 7.75
CA PHE A 132 2.33 -12.97 6.90
C PHE A 132 3.25 -14.08 7.45
N LYS A 133 3.96 -13.88 8.57
CA LYS A 133 4.96 -14.84 9.09
C LYS A 133 4.44 -16.27 9.34
N TRP A 134 3.13 -16.41 9.58
CA TRP A 134 2.45 -17.70 9.85
C TRP A 134 1.91 -18.39 8.58
N VAL A 135 1.78 -17.67 7.47
CA VAL A 135 1.14 -18.14 6.23
C VAL A 135 2.06 -19.04 5.39
N LYS A 136 3.39 -18.85 5.51
CA LYS A 136 4.43 -19.62 4.81
C LYS A 136 5.21 -20.48 5.81
N GLN A 137 4.50 -21.37 6.49
CA GLN A 137 5.04 -22.37 7.41
C GLN A 137 4.56 -23.76 6.99
N GLU A 138 5.51 -24.61 6.55
CA GLU A 138 5.28 -25.93 5.93
C GLU A 138 6.20 -27.03 6.51
N GLY A 1 -33.28 -8.08 3.58
CA GLY A 1 -33.44 -9.45 4.14
C GLY A 1 -32.11 -10.04 4.56
N SER A 2 -31.92 -10.28 5.86
CA SER A 2 -30.64 -10.64 6.50
C SER A 2 -29.78 -11.75 5.86
N PRO A 3 -30.32 -12.92 5.40
CA PRO A 3 -29.48 -14.01 4.89
C PRO A 3 -28.73 -13.68 3.59
N ASN A 4 -29.05 -12.59 2.90
CA ASN A 4 -28.32 -12.11 1.72
C ASN A 4 -26.91 -11.57 2.07
N SER A 5 -26.67 -11.14 3.32
CA SER A 5 -25.36 -10.64 3.77
C SER A 5 -24.28 -11.72 3.78
N MET A 6 -24.65 -12.99 3.99
CA MET A 6 -23.75 -14.15 4.05
C MET A 6 -23.18 -14.57 2.67
N ALA A 7 -23.50 -13.84 1.61
CA ALA A 7 -23.00 -14.08 0.25
C ALA A 7 -21.57 -13.58 0.02
N THR A 8 -21.16 -12.53 0.77
CA THR A 8 -19.81 -11.94 0.76
C THR A 8 -19.30 -11.66 2.16
N GLU A 9 -20.19 -11.15 3.02
CA GLU A 9 -20.06 -11.08 4.47
C GLU A 9 -18.87 -10.27 5.01
N LEU A 10 -18.34 -9.35 4.20
CA LEU A 10 -16.94 -8.89 4.26
C LEU A 10 -16.76 -7.50 4.90
N GLU A 11 -17.55 -7.20 5.93
CA GLU A 11 -17.56 -5.93 6.66
C GLU A 11 -16.42 -5.85 7.72
N TYR A 12 -15.18 -6.05 7.27
CA TYR A 12 -13.96 -6.01 8.08
C TYR A 12 -12.76 -5.65 7.21
N GLU A 13 -11.71 -5.14 7.87
CA GLU A 13 -10.47 -4.59 7.30
C GLU A 13 -9.51 -4.20 8.43
N SER A 14 -8.84 -5.19 8.99
CA SER A 14 -8.23 -5.08 10.31
C SER A 14 -6.89 -4.33 10.28
N VAL A 15 -6.74 -3.29 11.11
CA VAL A 15 -5.62 -2.32 11.02
C VAL A 15 -4.27 -2.93 11.43
N LEU A 16 -3.20 -2.55 10.70
CA LEU A 16 -1.82 -2.98 10.93
C LEU A 16 -0.86 -1.80 11.15
N CYS A 17 -1.01 -0.71 10.39
CA CYS A 17 -0.24 0.53 10.53
C CYS A 17 -1.05 1.72 10.02
N VAL A 18 -1.10 2.80 10.81
CA VAL A 18 -1.69 4.09 10.41
C VAL A 18 -0.69 5.21 10.67
N LYS A 19 -0.42 6.04 9.65
CA LYS A 19 0.40 7.25 9.75
C LYS A 19 -0.27 8.45 9.04
N PRO A 20 -0.16 9.67 9.58
CA PRO A 20 -0.85 10.85 9.04
C PRO A 20 -0.28 11.41 7.74
N ASP A 21 0.95 11.06 7.37
CA ASP A 21 1.71 11.69 6.28
C ASP A 21 2.38 10.64 5.37
N VAL A 22 1.87 10.55 4.14
CA VAL A 22 2.44 9.78 3.02
C VAL A 22 2.10 10.47 1.70
N SER A 23 3.00 10.37 0.72
CA SER A 23 2.93 11.12 -0.55
C SER A 23 3.00 10.18 -1.75
N VAL A 24 2.09 10.33 -2.71
CA VAL A 24 1.97 9.52 -3.94
C VAL A 24 2.61 10.19 -5.14
N TYR A 25 3.27 9.37 -5.94
CA TYR A 25 3.79 9.71 -7.25
C TYR A 25 3.31 8.65 -8.26
N ARG A 26 2.78 9.11 -9.39
CA ARG A 26 2.77 8.30 -10.63
C ARG A 26 4.20 8.17 -11.17
N ILE A 27 4.53 6.97 -11.65
CA ILE A 27 5.92 6.51 -11.90
C ILE A 27 6.14 6.01 -13.34
N PRO A 28 7.39 6.01 -13.86
CA PRO A 28 7.73 5.38 -15.14
C PRO A 28 7.53 3.85 -15.12
N PRO A 29 7.45 3.18 -16.30
CA PRO A 29 7.28 1.73 -16.39
C PRO A 29 8.52 0.99 -15.86
N ARG A 30 8.36 0.36 -14.69
CA ARG A 30 9.41 -0.37 -13.96
C ARG A 30 8.84 -1.56 -13.15
N ALA A 31 9.77 -2.30 -12.54
CA ALA A 31 9.57 -3.44 -11.64
C ALA A 31 10.72 -3.47 -10.62
N SER A 32 10.60 -4.18 -9.50
CA SER A 32 11.67 -4.38 -8.50
C SER A 32 12.91 -5.06 -9.12
N ASN A 33 12.71 -6.01 -10.03
CA ASN A 33 13.76 -6.69 -10.80
C ASN A 33 14.34 -5.84 -11.95
N ARG A 34 13.86 -4.59 -12.11
CA ARG A 34 14.33 -3.60 -13.11
C ARG A 34 14.77 -2.27 -12.47
N GLY A 35 14.34 -2.02 -11.24
CA GLY A 35 14.85 -0.98 -10.35
C GLY A 35 14.17 0.37 -10.49
N TYR A 36 13.14 0.58 -9.66
CA TYR A 36 12.83 1.89 -9.10
C TYR A 36 14.02 2.37 -8.24
N ARG A 37 14.36 3.65 -8.26
CA ARG A 37 15.49 4.25 -7.50
C ARG A 37 15.09 5.52 -6.75
N ALA A 38 13.79 5.65 -6.47
CA ALA A 38 13.10 6.81 -5.92
C ALA A 38 13.24 8.12 -6.74
N SER A 39 14.46 8.47 -7.16
CA SER A 39 14.79 9.66 -7.96
C SER A 39 14.19 9.66 -9.38
N ASP A 40 13.68 8.51 -9.84
CA ASP A 40 12.90 8.36 -11.08
C ASP A 40 11.43 8.82 -10.94
N TRP A 41 10.98 9.20 -9.74
CA TRP A 41 9.62 9.66 -9.44
C TRP A 41 9.58 11.17 -9.18
N LYS A 42 8.36 11.73 -9.16
CA LYS A 42 8.08 13.15 -8.91
C LYS A 42 8.16 13.56 -7.42
N LEU A 43 9.29 13.26 -6.77
CA LEU A 43 9.47 13.37 -5.32
C LEU A 43 9.17 14.77 -4.73
N ASP A 44 9.43 15.83 -5.49
CA ASP A 44 9.16 17.23 -5.08
C ASP A 44 7.73 17.69 -5.43
N GLN A 45 6.98 16.86 -6.14
CA GLN A 45 5.77 17.21 -6.91
C GLN A 45 4.70 16.11 -6.79
N PRO A 46 4.21 15.78 -5.57
CA PRO A 46 3.34 14.64 -5.40
C PRO A 46 2.00 14.81 -6.12
N ASP A 47 1.55 13.72 -6.74
CA ASP A 47 0.26 13.67 -7.46
C ASP A 47 -0.94 13.63 -6.51
N TRP A 48 -0.71 13.11 -5.29
CA TRP A 48 -1.62 13.16 -4.14
C TRP A 48 -0.85 13.08 -2.81
N THR A 49 -1.40 13.63 -1.73
CA THR A 49 -0.88 13.48 -0.36
C THR A 49 -1.98 13.19 0.65
N GLY A 50 -1.67 12.44 1.70
CA GLY A 50 -2.60 12.12 2.78
C GLY A 50 -2.08 11.11 3.78
N ARG A 51 -2.97 10.25 4.28
CA ARG A 51 -2.72 9.27 5.35
C ARG A 51 -2.44 7.88 4.79
N LEU A 52 -1.57 7.15 5.48
CA LEU A 52 -1.38 5.71 5.36
C LEU A 52 -2.37 4.98 6.27
N ARG A 53 -3.00 3.91 5.77
CA ARG A 53 -3.78 2.95 6.59
C ARG A 53 -3.65 1.53 6.01
N ILE A 54 -2.60 0.82 6.44
CA ILE A 54 -2.42 -0.60 6.15
C ILE A 54 -3.45 -1.39 6.96
N THR A 55 -4.22 -2.21 6.26
CA THR A 55 -5.25 -3.11 6.80
C THR A 55 -5.03 -4.53 6.27
N SER A 56 -5.66 -5.54 6.89
CA SER A 56 -5.55 -6.95 6.50
C SER A 56 -6.66 -7.76 7.14
N LYS A 57 -7.08 -8.81 6.44
CA LYS A 57 -8.23 -9.63 6.79
C LYS A 57 -7.81 -11.11 6.89
N GLY A 58 -8.49 -12.00 6.16
CA GLY A 58 -8.19 -13.43 6.06
C GLY A 58 -7.09 -13.72 5.03
N LYS A 59 -5.83 -13.80 5.49
CA LYS A 59 -4.62 -14.10 4.69
C LYS A 59 -4.43 -13.17 3.48
N THR A 60 -4.94 -11.94 3.58
CA THR A 60 -4.96 -10.94 2.50
C THR A 60 -4.84 -9.54 3.13
N ALA A 61 -3.78 -8.82 2.78
CA ALA A 61 -3.52 -7.45 3.23
C ALA A 61 -4.00 -6.41 2.21
N TYR A 62 -4.12 -5.15 2.64
CA TYR A 62 -4.66 -4.03 1.88
C TYR A 62 -3.93 -2.75 2.31
N ILE A 63 -3.06 -2.20 1.46
CA ILE A 63 -2.47 -0.87 1.70
C ILE A 63 -3.53 0.15 1.24
N LYS A 64 -4.33 0.67 2.17
CA LYS A 64 -5.28 1.75 1.90
C LYS A 64 -4.66 3.12 2.19
N LEU A 65 -4.93 4.08 1.31
CA LEU A 65 -4.54 5.48 1.40
C LEU A 65 -5.79 6.37 1.51
N GLU A 66 -5.78 7.33 2.44
CA GLU A 66 -6.97 8.10 2.83
C GLU A 66 -6.67 9.61 2.96
N ASP A 67 -7.64 10.47 2.67
CA ASP A 67 -7.47 11.91 2.83
C ASP A 67 -7.40 12.32 4.31
N LYS A 68 -6.52 13.27 4.57
CA LYS A 68 -6.15 13.80 5.89
C LYS A 68 -7.04 14.91 6.43
N VAL A 69 -8.09 15.29 5.69
CA VAL A 69 -9.15 16.22 6.13
C VAL A 69 -10.51 15.51 6.15
N SER A 70 -10.85 14.75 5.11
CA SER A 70 -12.18 14.14 4.95
C SER A 70 -12.24 12.68 5.43
N GLY A 71 -11.11 12.00 5.53
CA GLY A 71 -11.01 10.57 5.90
C GLY A 71 -11.43 9.61 4.78
N GLU A 72 -11.63 10.14 3.57
CA GLU A 72 -12.14 9.39 2.41
C GLU A 72 -11.03 8.62 1.69
N LEU A 73 -11.37 7.48 1.07
CA LEU A 73 -10.42 6.61 0.39
C LEU A 73 -9.91 7.25 -0.91
N PHE A 74 -8.59 7.36 -1.07
CA PHE A 74 -7.94 7.69 -2.34
C PHE A 74 -7.76 6.43 -3.19
N ALA A 75 -7.05 5.42 -2.65
CA ALA A 75 -6.78 4.17 -3.32
C ALA A 75 -6.55 3.02 -2.31
N GLN A 76 -6.64 1.78 -2.81
CA GLN A 76 -6.42 0.54 -2.05
C GLN A 76 -5.57 -0.44 -2.87
N ALA A 77 -4.61 -1.10 -2.25
CA ALA A 77 -3.77 -2.14 -2.87
C ALA A 77 -3.86 -3.48 -2.12
N PRO A 78 -4.79 -4.37 -2.53
CA PRO A 78 -4.85 -5.78 -2.09
C PRO A 78 -3.55 -6.55 -2.35
N VAL A 79 -3.16 -7.39 -1.39
CA VAL A 79 -1.95 -8.22 -1.39
C VAL A 79 -2.28 -9.61 -0.83
N GLU A 80 -2.00 -10.69 -1.57
CA GLU A 80 -2.33 -12.06 -1.11
C GLU A 80 -1.20 -12.71 -0.28
N GLN A 81 0.03 -12.23 -0.43
CA GLN A 81 1.20 -12.56 0.40
C GLN A 81 2.28 -11.48 0.26
N TYR A 82 3.01 -11.19 1.34
CA TYR A 82 4.15 -10.27 1.35
C TYR A 82 5.45 -11.00 1.74
N PRO A 83 6.55 -10.88 0.97
CA PRO A 83 6.67 -10.18 -0.31
C PRO A 83 5.85 -10.83 -1.43
N GLY A 84 5.35 -10.01 -2.36
CA GLY A 84 4.54 -10.42 -3.51
C GLY A 84 4.48 -9.34 -4.61
N ILE A 85 3.50 -9.45 -5.53
CA ILE A 85 3.39 -8.54 -6.69
C ILE A 85 2.98 -7.11 -6.30
N ALA A 86 2.09 -6.96 -5.32
CA ALA A 86 1.38 -5.70 -5.05
C ALA A 86 2.14 -4.73 -4.13
N VAL A 87 3.39 -5.03 -3.78
CA VAL A 87 4.26 -4.21 -2.94
C VAL A 87 5.73 -4.43 -3.34
N GLU A 88 6.45 -3.36 -3.66
CA GLU A 88 7.84 -3.36 -4.15
C GLU A 88 8.67 -2.24 -3.53
N THR A 89 10.00 -2.37 -3.55
CA THR A 89 10.97 -1.44 -2.95
C THR A 89 11.84 -0.76 -4.02
N VAL A 90 12.40 0.41 -3.68
CA VAL A 90 13.41 1.11 -4.50
C VAL A 90 14.83 0.61 -4.17
N THR A 91 15.82 1.03 -4.94
CA THR A 91 17.24 0.67 -4.75
C THR A 91 18.05 1.71 -3.96
N ASP A 92 17.66 2.99 -4.04
CA ASP A 92 18.49 4.10 -3.55
C ASP A 92 18.25 4.43 -2.07
N SER A 93 16.98 4.45 -1.64
CA SER A 93 16.62 4.79 -0.24
C SER A 93 15.40 4.02 0.28
N SER A 94 15.51 3.32 1.41
CA SER A 94 14.47 2.41 1.90
C SER A 94 13.17 3.08 2.38
N ARG A 95 13.04 4.42 2.30
CA ARG A 95 11.84 5.17 2.68
C ARG A 95 10.79 5.32 1.56
N TYR A 96 10.88 4.50 0.51
CA TYR A 96 10.06 4.60 -0.70
C TYR A 96 9.63 3.20 -1.19
N PHE A 97 8.37 3.05 -1.61
CA PHE A 97 7.78 1.79 -2.07
C PHE A 97 6.87 2.01 -3.29
N VAL A 98 6.68 0.98 -4.11
CA VAL A 98 5.60 0.94 -5.11
C VAL A 98 4.52 -0.03 -4.65
N ILE A 99 3.25 0.26 -4.87
CA ILE A 99 2.15 -0.68 -4.62
C ILE A 99 1.19 -0.80 -5.80
N ARG A 100 0.64 -2.01 -6.01
CA ARG A 100 -0.37 -2.28 -7.06
C ARG A 100 -1.77 -1.99 -6.51
N ILE A 101 -2.25 -0.76 -6.68
CA ILE A 101 -3.62 -0.41 -6.34
C ILE A 101 -4.62 -1.09 -7.30
N GLN A 102 -5.78 -1.50 -6.79
CA GLN A 102 -6.81 -2.24 -7.54
C GLN A 102 -8.21 -1.70 -7.26
N ASP A 103 -9.00 -1.59 -8.33
CA ASP A 103 -10.36 -1.02 -8.29
C ASP A 103 -11.46 -2.04 -7.91
N GLY A 104 -11.07 -3.24 -7.46
CA GLY A 104 -11.99 -4.30 -7.01
C GLY A 104 -12.73 -5.05 -8.12
N THR A 105 -12.40 -4.78 -9.39
CA THR A 105 -13.10 -5.28 -10.60
C THR A 105 -12.19 -6.03 -11.59
N GLY A 106 -10.90 -6.22 -11.25
CA GLY A 106 -9.92 -6.92 -12.08
C GLY A 106 -9.01 -5.98 -12.89
N ARG A 107 -8.88 -4.72 -12.46
CA ARG A 107 -8.04 -3.69 -13.08
C ARG A 107 -7.25 -2.92 -12.02
N SER A 108 -6.06 -2.47 -12.39
CA SER A 108 -5.03 -2.02 -11.45
C SER A 108 -4.07 -0.96 -12.01
N ALA A 109 -3.31 -0.31 -11.11
CA ALA A 109 -2.17 0.55 -11.43
C ALA A 109 -1.05 0.42 -10.38
N PHE A 110 0.21 0.53 -10.81
CA PHE A 110 1.37 0.60 -9.91
C PHE A 110 1.69 2.07 -9.59
N ILE A 111 1.59 2.46 -8.32
CA ILE A 111 1.88 3.82 -7.83
C ILE A 111 3.02 3.83 -6.81
N GLY A 112 3.83 4.89 -6.81
CA GLY A 112 4.92 5.08 -5.86
C GLY A 112 4.44 5.84 -4.62
N ILE A 113 4.92 5.48 -3.45
CA ILE A 113 4.73 6.20 -2.18
C ILE A 113 6.05 6.47 -1.47
N GLY A 114 6.18 7.66 -0.88
CA GLY A 114 7.34 8.10 -0.10
C GLY A 114 6.98 8.49 1.33
N PHE A 115 7.90 8.18 2.25
CA PHE A 115 7.82 8.49 3.69
C PHE A 115 8.78 9.63 4.05
N THR A 116 8.57 10.24 5.22
CA THR A 116 9.45 11.30 5.75
C THR A 116 10.79 10.76 6.25
N ASP A 117 10.82 9.52 6.76
CA ASP A 117 11.99 8.91 7.39
C ASP A 117 12.01 7.39 7.24
N ARG A 118 13.22 6.81 7.18
CA ARG A 118 13.44 5.37 7.05
C ARG A 118 12.85 4.55 8.19
N GLY A 119 12.83 5.08 9.42
CA GLY A 119 12.22 4.42 10.57
C GLY A 119 10.69 4.32 10.50
N ASP A 120 10.03 5.25 9.78
CA ASP A 120 8.58 5.22 9.55
C ASP A 120 8.22 4.30 8.36
N ALA A 121 9.06 4.26 7.33
CA ALA A 121 8.97 3.27 6.26
C ALA A 121 9.23 1.84 6.74
N PHE A 122 10.11 1.65 7.74
CA PHE A 122 10.30 0.35 8.38
C PHE A 122 9.02 -0.17 9.05
N ASP A 123 8.16 0.69 9.61
CA ASP A 123 6.86 0.25 10.14
C ASP A 123 5.94 -0.27 9.02
N PHE A 124 5.94 0.34 7.83
CA PHE A 124 5.20 -0.14 6.65
C PHE A 124 5.60 -1.57 6.27
N ASN A 125 6.90 -1.86 6.13
CA ASN A 125 7.35 -3.18 5.70
C ASN A 125 7.39 -4.25 6.81
N VAL A 126 7.51 -3.86 8.08
CA VAL A 126 7.45 -4.80 9.21
C VAL A 126 6.01 -5.16 9.58
N SER A 127 5.07 -4.20 9.59
CA SER A 127 3.66 -4.48 9.92
C SER A 127 2.99 -5.43 8.91
N LEU A 128 3.39 -5.36 7.62
CA LEU A 128 2.99 -6.32 6.60
C LEU A 128 3.55 -7.72 6.88
N GLN A 129 4.87 -7.89 7.00
CA GLN A 129 5.48 -9.21 7.15
C GLN A 129 5.13 -9.90 8.49
N ASP A 130 4.88 -9.12 9.55
CA ASP A 130 4.49 -9.62 10.87
C ASP A 130 2.98 -9.93 10.94
N HIS A 131 2.22 -9.67 9.88
CA HIS A 131 0.88 -10.25 9.70
C HIS A 131 0.87 -11.52 8.83
N PHE A 132 1.93 -11.76 8.03
CA PHE A 132 2.05 -12.94 7.15
C PHE A 132 2.97 -14.06 7.67
N LYS A 133 3.73 -13.88 8.76
CA LYS A 133 4.71 -14.88 9.23
C LYS A 133 4.16 -16.30 9.46
N TRP A 134 2.90 -16.41 9.86
CA TRP A 134 2.19 -17.68 10.07
C TRP A 134 1.68 -18.31 8.76
N VAL A 135 1.45 -17.50 7.72
CA VAL A 135 1.11 -17.93 6.35
C VAL A 135 2.37 -18.37 5.59
N LYS A 136 3.52 -17.77 5.91
CA LYS A 136 4.85 -17.98 5.30
C LYS A 136 5.69 -19.02 6.05
N GLN A 137 5.04 -19.98 6.70
CA GLN A 137 5.70 -21.14 7.31
C GLN A 137 6.03 -22.19 6.24
N GLU A 138 7.23 -22.06 5.69
CA GLU A 138 7.75 -22.82 4.53
C GLU A 138 9.21 -23.29 4.73
N GLY A 1 -29.64 -19.48 -8.15
CA GLY A 1 -29.33 -19.11 -6.75
C GLY A 1 -28.93 -20.31 -5.90
N SER A 2 -28.77 -20.10 -4.59
CA SER A 2 -28.43 -21.14 -3.60
C SER A 2 -29.03 -20.82 -2.21
N PRO A 3 -28.95 -21.74 -1.22
CA PRO A 3 -29.39 -21.48 0.15
C PRO A 3 -28.58 -20.41 0.92
N ASN A 4 -27.46 -19.94 0.38
CA ASN A 4 -26.58 -18.96 1.02
C ASN A 4 -27.20 -17.55 1.02
N SER A 5 -27.04 -16.81 2.13
CA SER A 5 -27.52 -15.43 2.30
C SER A 5 -26.49 -14.35 1.91
N MET A 6 -25.22 -14.74 1.73
CA MET A 6 -24.10 -13.84 1.42
C MET A 6 -24.14 -13.34 -0.03
N ALA A 7 -23.75 -12.08 -0.23
CA ALA A 7 -23.60 -11.44 -1.54
C ALA A 7 -22.52 -10.33 -1.53
N THR A 8 -22.60 -9.43 -0.54
CA THR A 8 -21.59 -8.39 -0.23
C THR A 8 -21.46 -8.29 1.30
N GLU A 9 -20.24 -8.50 1.81
CA GLU A 9 -19.95 -8.59 3.25
C GLU A 9 -18.69 -7.83 3.69
N LEU A 10 -18.18 -6.92 2.85
CA LEU A 10 -16.90 -6.22 3.03
C LEU A 10 -16.99 -5.04 4.02
N GLU A 11 -17.37 -5.34 5.26
CA GLU A 11 -17.47 -4.42 6.40
C GLU A 11 -16.56 -4.90 7.55
N TYR A 12 -15.28 -5.07 7.25
CA TYR A 12 -14.25 -5.66 8.11
C TYR A 12 -12.88 -5.07 7.75
N GLU A 13 -12.00 -4.96 8.73
CA GLU A 13 -10.58 -4.68 8.57
C GLU A 13 -9.90 -4.75 9.95
N SER A 14 -8.83 -5.52 10.04
CA SER A 14 -7.89 -5.48 11.17
C SER A 14 -6.78 -4.47 10.83
N VAL A 15 -6.72 -3.34 11.52
CA VAL A 15 -5.66 -2.31 11.36
C VAL A 15 -4.29 -2.87 11.79
N LEU A 16 -3.23 -2.50 11.06
CA LEU A 16 -1.85 -2.98 11.24
C LEU A 16 -0.83 -1.83 11.35
N CYS A 17 -0.99 -0.77 10.56
CA CYS A 17 -0.20 0.46 10.64
C CYS A 17 -0.99 1.66 10.11
N VAL A 18 -0.92 2.77 10.83
CA VAL A 18 -1.46 4.07 10.41
C VAL A 18 -0.38 5.15 10.56
N LYS A 19 -0.11 5.89 9.48
CA LYS A 19 0.82 7.03 9.44
C LYS A 19 0.13 8.27 8.84
N PRO A 20 0.26 9.47 9.43
CA PRO A 20 -0.51 10.66 9.04
C PRO A 20 0.00 11.37 7.76
N ASP A 21 1.21 11.06 7.29
CA ASP A 21 1.84 11.74 6.17
C ASP A 21 2.47 10.75 5.19
N VAL A 22 1.83 10.62 4.02
CA VAL A 22 2.32 9.83 2.87
C VAL A 22 1.95 10.52 1.56
N SER A 23 2.84 10.44 0.57
CA SER A 23 2.72 11.14 -0.72
C SER A 23 2.78 10.15 -1.89
N VAL A 24 1.84 10.27 -2.84
CA VAL A 24 1.76 9.43 -4.06
C VAL A 24 2.39 10.13 -5.25
N TYR A 25 3.19 9.36 -5.98
CA TYR A 25 3.70 9.71 -7.29
C TYR A 25 3.32 8.60 -8.28
N ARG A 26 2.79 8.99 -9.44
CA ARG A 26 2.71 8.12 -10.62
C ARG A 26 4.14 7.92 -11.18
N ILE A 27 4.51 6.68 -11.46
CA ILE A 27 5.91 6.27 -11.69
C ILE A 27 6.19 5.84 -13.15
N PRO A 28 7.43 6.00 -13.65
CA PRO A 28 7.88 5.36 -14.88
C PRO A 28 7.89 3.82 -14.75
N PRO A 29 7.96 3.06 -15.87
CA PRO A 29 8.04 1.60 -15.83
C PRO A 29 9.27 1.09 -15.06
N ARG A 30 9.12 -0.09 -14.45
CA ARG A 30 10.14 -0.77 -13.63
C ARG A 30 11.40 -1.10 -14.42
N ALA A 31 12.52 -1.22 -13.70
CA ALA A 31 13.71 -1.95 -14.15
C ALA A 31 13.42 -3.45 -14.44
N SER A 32 14.42 -4.16 -14.97
CA SER A 32 14.27 -5.52 -15.49
C SER A 32 14.34 -6.60 -14.39
N ASN A 33 15.28 -6.44 -13.45
CA ASN A 33 15.57 -7.39 -12.36
C ASN A 33 15.63 -6.72 -10.97
N ARG A 34 15.45 -5.39 -10.89
CA ARG A 34 15.68 -4.59 -9.67
C ARG A 34 14.41 -4.08 -8.99
N GLY A 35 13.55 -3.35 -9.71
CA GLY A 35 12.55 -2.49 -9.10
C GLY A 35 12.67 -1.06 -9.63
N TYR A 36 12.71 -0.13 -8.69
CA TYR A 36 12.74 1.33 -8.89
C TYR A 36 13.85 1.97 -8.05
N ARG A 37 14.16 3.26 -8.24
CA ARG A 37 15.28 3.95 -7.54
C ARG A 37 14.90 5.23 -6.82
N ALA A 38 13.61 5.44 -6.54
CA ALA A 38 12.98 6.63 -5.97
C ALA A 38 13.19 7.94 -6.77
N SER A 39 14.43 8.28 -7.11
CA SER A 39 14.83 9.50 -7.83
C SER A 39 14.31 9.57 -9.27
N ASP A 40 13.80 8.46 -9.82
CA ASP A 40 13.12 8.41 -11.12
C ASP A 40 11.65 8.89 -11.04
N TRP A 41 11.10 9.05 -9.85
CA TRP A 41 9.73 9.48 -9.58
C TRP A 41 9.66 11.00 -9.34
N LYS A 42 8.44 11.55 -9.39
CA LYS A 42 8.12 12.95 -9.09
C LYS A 42 8.07 13.25 -7.57
N LEU A 43 9.17 12.99 -6.86
CA LEU A 43 9.27 13.08 -5.40
C LEU A 43 8.89 14.45 -4.81
N ASP A 44 9.13 15.54 -5.55
CA ASP A 44 8.81 16.91 -5.12
C ASP A 44 7.38 17.34 -5.52
N GLN A 45 6.67 16.51 -6.29
CA GLN A 45 5.50 16.89 -7.09
C GLN A 45 4.39 15.82 -7.02
N PRO A 46 3.72 15.64 -5.86
CA PRO A 46 2.82 14.51 -5.70
C PRO A 46 1.57 14.62 -6.59
N ASP A 47 1.08 13.49 -7.07
CA ASP A 47 -0.25 13.37 -7.68
C ASP A 47 -1.35 13.48 -6.61
N TRP A 48 -1.05 13.02 -5.40
CA TRP A 48 -1.92 13.10 -4.22
C TRP A 48 -1.10 13.02 -2.91
N THR A 49 -1.63 13.57 -1.81
CA THR A 49 -1.09 13.39 -0.46
C THR A 49 -2.19 13.05 0.55
N GLY A 50 -1.84 12.28 1.57
CA GLY A 50 -2.79 11.87 2.62
C GLY A 50 -2.18 11.01 3.72
N ARG A 51 -2.99 10.09 4.24
CA ARG A 51 -2.67 9.18 5.34
C ARG A 51 -2.55 7.73 4.84
N LEU A 52 -1.64 6.98 5.44
CA LEU A 52 -1.48 5.53 5.27
C LEU A 52 -2.42 4.79 6.23
N ARG A 53 -3.06 3.71 5.77
CA ARG A 53 -3.83 2.78 6.59
C ARG A 53 -3.65 1.34 6.08
N ILE A 54 -2.62 0.69 6.60
CA ILE A 54 -2.41 -0.76 6.39
C ILE A 54 -3.39 -1.51 7.28
N THR A 55 -4.17 -2.37 6.63
CA THR A 55 -5.20 -3.21 7.22
C THR A 55 -5.08 -4.64 6.67
N SER A 56 -5.81 -5.60 7.24
CA SER A 56 -5.84 -6.99 6.75
C SER A 56 -7.11 -7.72 7.19
N LYS A 57 -7.45 -8.80 6.50
CA LYS A 57 -8.35 -9.83 7.03
C LYS A 57 -8.00 -11.23 6.49
N GLY A 58 -7.66 -12.12 7.41
CA GLY A 58 -7.27 -13.50 7.16
C GLY A 58 -5.93 -13.56 6.44
N LYS A 59 -5.95 -14.14 5.25
CA LYS A 59 -4.80 -14.29 4.35
C LYS A 59 -4.63 -13.15 3.34
N THR A 60 -5.38 -12.06 3.51
CA THR A 60 -5.39 -10.93 2.57
C THR A 60 -5.17 -9.61 3.29
N ALA A 61 -4.03 -8.95 3.05
CA ALA A 61 -3.75 -7.61 3.54
C ALA A 61 -4.22 -6.54 2.54
N TYR A 62 -4.37 -5.31 3.02
CA TYR A 62 -4.94 -4.16 2.30
C TYR A 62 -4.15 -2.89 2.69
N ILE A 63 -3.30 -2.38 1.79
CA ILE A 63 -2.70 -1.04 1.96
C ILE A 63 -3.72 -0.03 1.45
N LYS A 64 -4.53 0.54 2.35
CA LYS A 64 -5.48 1.60 2.05
C LYS A 64 -4.85 2.99 2.23
N LEU A 65 -5.13 3.90 1.29
CA LEU A 65 -4.73 5.31 1.33
C LEU A 65 -5.97 6.20 1.49
N GLU A 66 -5.94 7.14 2.43
CA GLU A 66 -7.10 7.97 2.80
C GLU A 66 -6.74 9.46 2.93
N ASP A 67 -7.68 10.36 2.63
CA ASP A 67 -7.44 11.80 2.79
C ASP A 67 -7.27 12.20 4.26
N LYS A 68 -6.44 13.22 4.49
CA LYS A 68 -6.06 13.66 5.83
C LYS A 68 -7.02 14.62 6.54
N VAL A 69 -8.14 14.99 5.89
CA VAL A 69 -9.20 15.84 6.46
C VAL A 69 -10.54 15.12 6.50
N SER A 70 -10.94 14.44 5.42
CA SER A 70 -12.23 13.73 5.35
C SER A 70 -12.15 12.25 5.74
N GLY A 71 -10.96 11.64 5.62
CA GLY A 71 -10.77 10.19 5.74
C GLY A 71 -11.27 9.41 4.51
N GLU A 72 -11.59 10.09 3.41
CA GLU A 72 -12.14 9.44 2.20
C GLU A 72 -11.06 8.61 1.48
N LEU A 73 -11.46 7.46 0.92
CA LEU A 73 -10.52 6.53 0.27
C LEU A 73 -10.02 7.10 -1.06
N PHE A 74 -8.69 7.17 -1.21
CA PHE A 74 -8.02 7.51 -2.47
C PHE A 74 -7.84 6.26 -3.35
N ALA A 75 -7.17 5.24 -2.80
CA ALA A 75 -6.89 3.97 -3.44
C ALA A 75 -6.62 2.88 -2.38
N GLN A 76 -6.66 1.60 -2.78
CA GLN A 76 -6.21 0.48 -1.95
C GLN A 76 -5.54 -0.64 -2.76
N ALA A 77 -4.51 -1.26 -2.19
CA ALA A 77 -3.77 -2.37 -2.78
C ALA A 77 -3.95 -3.66 -1.95
N PRO A 78 -4.64 -4.69 -2.48
CA PRO A 78 -4.79 -5.98 -1.81
C PRO A 78 -3.55 -6.87 -2.04
N VAL A 79 -3.17 -7.66 -1.04
CA VAL A 79 -1.94 -8.47 -1.01
C VAL A 79 -2.26 -9.87 -0.47
N GLU A 80 -1.86 -10.94 -1.16
CA GLU A 80 -2.14 -12.32 -0.74
C GLU A 80 -0.99 -12.97 0.07
N GLN A 81 0.23 -12.43 -0.08
CA GLN A 81 1.42 -12.74 0.71
C GLN A 81 2.48 -11.64 0.54
N TYR A 82 3.27 -11.37 1.57
CA TYR A 82 4.38 -10.41 1.54
C TYR A 82 5.73 -11.13 1.77
N PRO A 83 6.75 -10.92 0.91
CA PRO A 83 6.72 -10.16 -0.34
C PRO A 83 5.84 -10.83 -1.42
N GLY A 84 5.24 -10.00 -2.29
CA GLY A 84 4.38 -10.42 -3.41
C GLY A 84 4.32 -9.37 -4.52
N ILE A 85 3.37 -9.51 -5.46
CA ILE A 85 3.24 -8.60 -6.61
C ILE A 85 2.81 -7.18 -6.21
N ALA A 86 1.92 -7.06 -5.21
CA ALA A 86 1.23 -5.81 -4.91
C ALA A 86 2.00 -4.84 -4.02
N VAL A 87 3.26 -5.13 -3.67
CA VAL A 87 4.12 -4.33 -2.79
C VAL A 87 5.60 -4.54 -3.15
N GLU A 88 6.33 -3.45 -3.38
CA GLU A 88 7.75 -3.43 -3.78
C GLU A 88 8.53 -2.28 -3.13
N THR A 89 9.85 -2.43 -3.08
CA THR A 89 10.83 -1.44 -2.58
C THR A 89 11.53 -0.71 -3.73
N VAL A 90 12.16 0.43 -3.41
CA VAL A 90 13.18 1.06 -4.26
C VAL A 90 14.59 0.53 -3.90
N THR A 91 15.59 0.84 -4.70
CA THR A 91 16.99 0.44 -4.50
C THR A 91 17.83 1.50 -3.77
N ASP A 92 17.51 2.78 -3.96
CA ASP A 92 18.42 3.89 -3.60
C ASP A 92 18.16 4.48 -2.21
N SER A 93 16.89 4.61 -1.80
CA SER A 93 16.52 5.27 -0.53
C SER A 93 15.42 4.53 0.23
N SER A 94 15.71 4.07 1.44
CA SER A 94 14.91 3.06 2.18
C SER A 94 13.58 3.57 2.80
N ARG A 95 13.03 4.69 2.30
CA ARG A 95 11.79 5.34 2.75
C ARG A 95 10.70 5.46 1.66
N TYR A 96 10.79 4.63 0.61
CA TYR A 96 9.92 4.68 -0.58
C TYR A 96 9.52 3.27 -1.03
N PHE A 97 8.27 3.10 -1.46
CA PHE A 97 7.70 1.82 -1.90
C PHE A 97 6.79 2.00 -3.12
N VAL A 98 6.60 0.94 -3.90
CA VAL A 98 5.52 0.85 -4.91
C VAL A 98 4.45 -0.12 -4.43
N ILE A 99 3.17 0.16 -4.68
CA ILE A 99 2.08 -0.80 -4.46
C ILE A 99 1.15 -0.90 -5.67
N ARG A 100 0.58 -2.08 -5.90
CA ARG A 100 -0.41 -2.31 -6.98
C ARG A 100 -1.83 -2.10 -6.47
N ILE A 101 -2.34 -0.89 -6.59
CA ILE A 101 -3.72 -0.53 -6.18
C ILE A 101 -4.77 -1.07 -7.16
N GLN A 102 -5.99 -1.31 -6.68
CA GLN A 102 -7.17 -1.70 -7.48
C GLN A 102 -8.30 -0.68 -7.30
N ASP A 103 -9.14 -0.53 -8.33
CA ASP A 103 -10.36 0.30 -8.31
C ASP A 103 -11.63 -0.50 -7.93
N GLY A 104 -11.48 -1.80 -7.63
CA GLY A 104 -12.56 -2.70 -7.20
C GLY A 104 -13.41 -3.29 -8.35
N THR A 105 -12.94 -3.14 -9.60
CA THR A 105 -13.66 -3.49 -10.84
C THR A 105 -12.78 -4.18 -11.90
N GLY A 106 -11.60 -4.69 -11.49
CA GLY A 106 -10.64 -5.36 -12.38
C GLY A 106 -9.58 -4.43 -13.01
N ARG A 107 -9.64 -3.12 -12.71
CA ARG A 107 -8.59 -2.14 -12.99
C ARG A 107 -7.53 -2.24 -11.90
N SER A 108 -6.28 -2.18 -12.30
CA SER A 108 -5.15 -1.97 -11.38
C SER A 108 -4.03 -1.09 -11.93
N ALA A 109 -3.25 -0.49 -11.02
CA ALA A 109 -2.09 0.35 -11.34
C ALA A 109 -1.00 0.22 -10.28
N PHE A 110 0.27 0.25 -10.70
CA PHE A 110 1.42 0.39 -9.80
C PHE A 110 1.67 1.88 -9.51
N ILE A 111 1.56 2.28 -8.23
CA ILE A 111 1.80 3.66 -7.76
C ILE A 111 2.96 3.70 -6.76
N GLY A 112 3.75 4.77 -6.78
CA GLY A 112 4.84 5.00 -5.84
C GLY A 112 4.37 5.81 -4.64
N ILE A 113 4.81 5.44 -3.43
CA ILE A 113 4.59 6.19 -2.20
C ILE A 113 5.91 6.52 -1.50
N GLY A 114 5.98 7.72 -0.92
CA GLY A 114 7.12 8.22 -0.15
C GLY A 114 6.76 8.65 1.27
N PHE A 115 7.68 8.37 2.20
CA PHE A 115 7.59 8.72 3.61
C PHE A 115 8.52 9.88 3.97
N THR A 116 8.26 10.55 5.08
CA THR A 116 9.06 11.70 5.56
C THR A 116 10.42 11.26 6.13
N ASP A 117 10.54 10.01 6.57
CA ASP A 117 11.72 9.45 7.22
C ASP A 117 11.73 7.91 7.12
N ARG A 118 12.93 7.30 7.15
CA ARG A 118 13.10 5.85 7.14
C ARG A 118 12.39 5.16 8.31
N GLY A 119 12.33 5.77 9.50
CA GLY A 119 11.73 5.17 10.69
C GLY A 119 10.23 4.85 10.56
N ASP A 120 9.49 5.63 9.76
CA ASP A 120 8.06 5.40 9.50
C ASP A 120 7.84 4.42 8.33
N ALA A 121 8.69 4.47 7.30
CA ALA A 121 8.76 3.43 6.27
C ALA A 121 9.13 2.05 6.85
N PHE A 122 9.94 2.03 7.91
CA PHE A 122 10.27 0.81 8.67
C PHE A 122 9.17 0.35 9.66
N ASP A 123 7.97 0.92 9.59
CA ASP A 123 6.74 0.32 10.10
C ASP A 123 5.83 -0.23 8.97
N PHE A 124 5.83 0.39 7.78
CA PHE A 124 5.07 -0.09 6.60
C PHE A 124 5.43 -1.55 6.23
N ASN A 125 6.72 -1.86 6.19
CA ASN A 125 7.24 -3.19 5.84
C ASN A 125 7.14 -4.22 7.00
N VAL A 126 7.28 -3.77 8.25
CA VAL A 126 7.26 -4.64 9.45
C VAL A 126 5.84 -5.07 9.79
N SER A 127 4.86 -4.16 9.71
CA SER A 127 3.45 -4.48 9.96
C SER A 127 2.87 -5.47 8.93
N LEU A 128 3.37 -5.46 7.70
CA LEU A 128 3.05 -6.47 6.67
C LEU A 128 3.70 -7.82 6.98
N GLN A 129 5.03 -7.88 7.17
CA GLN A 129 5.73 -9.16 7.37
C GLN A 129 5.36 -9.86 8.69
N ASP A 130 4.98 -9.10 9.73
CA ASP A 130 4.50 -9.62 11.00
C ASP A 130 2.99 -9.95 10.99
N HIS A 131 2.28 -9.66 9.90
CA HIS A 131 1.00 -10.32 9.60
C HIS A 131 1.19 -11.60 8.80
N PHE A 132 2.11 -11.62 7.84
CA PHE A 132 2.27 -12.73 6.90
C PHE A 132 3.24 -13.83 7.33
N LYS A 133 3.91 -13.75 8.50
CA LYS A 133 4.93 -14.75 8.89
C LYS A 133 4.42 -16.19 8.91
N TRP A 134 3.13 -16.41 9.18
CA TRP A 134 2.48 -17.74 9.20
C TRP A 134 2.00 -18.20 7.80
N VAL A 135 1.81 -17.28 6.86
CA VAL A 135 1.45 -17.56 5.46
C VAL A 135 2.70 -17.85 4.63
N LYS A 136 3.81 -17.13 4.90
CA LYS A 136 5.09 -17.23 4.20
C LYS A 136 6.04 -18.25 4.88
N GLN A 137 5.49 -19.43 5.16
CA GLN A 137 6.21 -20.57 5.76
C GLN A 137 6.92 -21.49 4.73
N GLU A 138 7.01 -21.03 3.48
CA GLU A 138 7.63 -21.72 2.33
C GLU A 138 8.56 -20.82 1.52
N GLY A 1 -27.41 -23.44 5.98
CA GLY A 1 -26.19 -22.64 5.76
C GLY A 1 -26.52 -21.26 5.19
N SER A 2 -25.60 -20.69 4.40
CA SER A 2 -25.73 -19.40 3.70
C SER A 2 -26.23 -18.24 4.58
N PRO A 3 -25.49 -17.84 5.65
CA PRO A 3 -25.87 -16.76 6.57
C PRO A 3 -25.67 -15.34 6.00
N ASN A 4 -25.21 -15.22 4.75
CA ASN A 4 -24.88 -13.96 4.06
C ASN A 4 -26.10 -13.05 3.81
N SER A 5 -25.84 -11.76 3.61
CA SER A 5 -26.85 -10.71 3.37
C SER A 5 -26.84 -10.17 1.93
N MET A 6 -25.70 -10.28 1.22
CA MET A 6 -25.49 -9.80 -0.15
C MET A 6 -25.86 -8.31 -0.32
N ALA A 7 -25.37 -7.47 0.60
CA ALA A 7 -25.71 -6.05 0.74
C ALA A 7 -24.48 -5.20 1.12
N THR A 8 -23.31 -5.60 0.59
CA THR A 8 -21.97 -5.13 0.97
C THR A 8 -21.69 -5.36 2.46
N GLU A 9 -21.31 -6.60 2.78
CA GLU A 9 -21.17 -7.13 4.14
C GLU A 9 -19.71 -7.20 4.66
N LEU A 10 -18.80 -6.47 4.00
CA LEU A 10 -17.37 -6.35 4.31
C LEU A 10 -17.12 -5.45 5.55
N GLU A 11 -17.76 -5.77 6.67
CA GLU A 11 -17.73 -5.02 7.93
C GLU A 11 -16.55 -5.45 8.83
N TYR A 12 -15.34 -5.48 8.26
CA TYR A 12 -14.10 -5.90 8.92
C TYR A 12 -12.89 -5.16 8.34
N GLU A 13 -11.90 -4.88 9.19
CA GLU A 13 -10.63 -4.21 8.87
C GLU A 13 -9.74 -4.20 10.15
N SER A 14 -8.84 -5.18 10.28
CA SER A 14 -7.84 -5.19 11.36
C SER A 14 -6.68 -4.28 10.99
N VAL A 15 -6.50 -3.16 11.70
CA VAL A 15 -5.41 -2.20 11.45
C VAL A 15 -4.02 -2.77 11.76
N LEU A 16 -3.01 -2.37 10.97
CA LEU A 16 -1.62 -2.85 11.03
C LEU A 16 -0.61 -1.70 11.16
N CYS A 17 -0.79 -0.63 10.39
CA CYS A 17 0.01 0.60 10.46
C CYS A 17 -0.80 1.81 10.00
N VAL A 18 -0.73 2.90 10.73
CA VAL A 18 -1.28 4.20 10.33
C VAL A 18 -0.19 5.27 10.45
N LYS A 19 0.02 6.03 9.37
CA LYS A 19 0.94 7.18 9.30
C LYS A 19 0.20 8.41 8.74
N PRO A 20 0.31 9.60 9.37
CA PRO A 20 -0.48 10.79 9.00
C PRO A 20 0.00 11.51 7.73
N ASP A 21 1.23 11.24 7.27
CA ASP A 21 1.85 11.91 6.13
C ASP A 21 2.49 10.90 5.17
N VAL A 22 1.86 10.72 4.02
CA VAL A 22 2.34 9.91 2.90
C VAL A 22 1.97 10.57 1.57
N SER A 23 2.84 10.42 0.57
CA SER A 23 2.73 11.14 -0.72
C SER A 23 2.81 10.17 -1.90
N VAL A 24 1.88 10.30 -2.86
CA VAL A 24 1.79 9.47 -4.07
C VAL A 24 2.41 10.15 -5.28
N TYR A 25 3.27 9.41 -5.96
CA TYR A 25 3.83 9.76 -7.26
C TYR A 25 3.69 8.57 -8.22
N ARG A 26 3.19 8.86 -9.42
CA ARG A 26 3.27 7.92 -10.56
C ARG A 26 4.74 7.61 -10.90
N ILE A 27 4.99 6.35 -11.23
CA ILE A 27 6.33 5.78 -11.49
C ILE A 27 6.57 5.48 -12.99
N PRO A 28 7.84 5.47 -13.45
CA PRO A 28 8.21 4.89 -14.75
C PRO A 28 8.08 3.35 -14.74
N PRO A 29 8.01 2.69 -15.92
CA PRO A 29 7.98 1.24 -16.02
C PRO A 29 9.26 0.58 -15.46
N ARG A 30 9.11 -0.58 -14.82
CA ARG A 30 10.20 -1.33 -14.16
C ARG A 30 11.06 -2.10 -15.16
N ALA A 31 12.26 -2.45 -14.71
CA ALA A 31 13.03 -3.59 -15.21
C ALA A 31 13.81 -4.25 -14.06
N SER A 32 14.31 -5.46 -14.30
CA SER A 32 15.02 -6.32 -13.33
C SER A 32 16.50 -5.94 -13.20
N ASN A 33 17.11 -5.45 -14.30
CA ASN A 33 18.45 -4.87 -14.33
C ASN A 33 18.43 -3.34 -14.16
N ARG A 34 17.34 -2.80 -13.60
CA ARG A 34 17.17 -1.37 -13.26
C ARG A 34 16.61 -1.19 -11.87
N GLY A 35 15.38 -1.65 -11.63
CA GLY A 35 14.68 -1.38 -10.38
C GLY A 35 14.20 0.06 -10.26
N TYR A 36 13.25 0.26 -9.37
CA TYR A 36 12.82 1.57 -8.92
C TYR A 36 13.87 2.17 -7.98
N ARG A 37 14.17 3.47 -8.11
CA ARG A 37 15.27 4.14 -7.37
C ARG A 37 14.86 5.41 -6.64
N ALA A 38 13.56 5.56 -6.39
CA ALA A 38 12.89 6.72 -5.80
C ALA A 38 13.07 8.05 -6.57
N SER A 39 14.30 8.43 -6.92
CA SER A 39 14.66 9.70 -7.57
C SER A 39 14.16 9.85 -9.02
N ASP A 40 13.77 8.76 -9.67
CA ASP A 40 13.12 8.80 -10.99
C ASP A 40 11.60 9.05 -10.92
N TRP A 41 11.01 9.05 -9.72
CA TRP A 41 9.60 9.38 -9.48
C TRP A 41 9.41 10.89 -9.35
N LYS A 42 8.14 11.33 -9.38
CA LYS A 42 7.74 12.75 -9.27
C LYS A 42 7.77 13.29 -7.82
N LEU A 43 8.91 13.12 -7.13
CA LEU A 43 9.08 13.49 -5.72
C LEU A 43 8.80 14.97 -5.39
N ASP A 44 9.00 15.88 -6.36
CA ASP A 44 8.79 17.32 -6.16
C ASP A 44 7.35 17.77 -6.50
N GLN A 45 6.52 16.88 -7.04
CA GLN A 45 5.11 17.13 -7.38
C GLN A 45 4.23 15.86 -7.26
N PRO A 46 3.75 15.51 -6.04
CA PRO A 46 2.81 14.41 -5.85
C PRO A 46 1.52 14.57 -6.68
N ASP A 47 0.95 13.44 -7.11
CA ASP A 47 -0.42 13.39 -7.64
C ASP A 47 -1.46 13.59 -6.52
N TRP A 48 -1.14 13.12 -5.31
CA TRP A 48 -1.96 13.21 -4.10
C TRP A 48 -1.10 13.10 -2.84
N THR A 49 -1.55 13.70 -1.74
CA THR A 49 -1.00 13.49 -0.39
C THR A 49 -2.09 13.23 0.64
N GLY A 50 -1.77 12.44 1.66
CA GLY A 50 -2.72 12.07 2.72
C GLY A 50 -2.13 11.14 3.75
N ARG A 51 -2.94 10.17 4.21
CA ARG A 51 -2.64 9.21 5.27
C ARG A 51 -2.45 7.80 4.72
N LEU A 52 -1.54 7.06 5.33
CA LEU A 52 -1.44 5.60 5.23
C LEU A 52 -2.38 4.95 6.26
N ARG A 53 -3.09 3.90 5.85
CA ARG A 53 -3.77 2.97 6.76
C ARG A 53 -3.72 1.54 6.22
N ILE A 54 -2.66 0.83 6.59
CA ILE A 54 -2.54 -0.61 6.35
C ILE A 54 -3.51 -1.34 7.26
N THR A 55 -4.29 -2.24 6.67
CA THR A 55 -5.30 -3.08 7.30
C THR A 55 -5.16 -4.52 6.83
N SER A 56 -5.92 -5.46 7.40
CA SER A 56 -5.91 -6.88 7.02
C SER A 56 -7.16 -7.60 7.51
N LYS A 57 -7.38 -8.81 7.00
CA LYS A 57 -8.13 -9.90 7.64
C LYS A 57 -7.63 -11.27 7.13
N GLY A 58 -8.49 -12.05 6.48
CA GLY A 58 -8.33 -13.51 6.28
C GLY A 58 -7.22 -13.87 5.29
N LYS A 59 -6.00 -14.10 5.82
CA LYS A 59 -4.76 -14.37 5.07
C LYS A 59 -4.49 -13.34 3.98
N THR A 60 -4.98 -12.12 4.18
CA THR A 60 -4.96 -11.02 3.21
C THR A 60 -4.73 -9.70 3.94
N ALA A 61 -3.73 -8.93 3.50
CA ALA A 61 -3.49 -7.55 3.93
C ALA A 61 -4.02 -6.56 2.88
N TYR A 62 -4.23 -5.32 3.29
CA TYR A 62 -4.84 -4.24 2.51
C TYR A 62 -4.10 -2.93 2.78
N ILE A 63 -3.23 -2.48 1.88
CA ILE A 63 -2.64 -1.13 1.98
C ILE A 63 -3.69 -0.14 1.48
N LYS A 64 -4.43 0.49 2.40
CA LYS A 64 -5.38 1.57 2.06
C LYS A 64 -4.76 2.95 2.29
N LEU A 65 -5.01 3.86 1.35
CA LEU A 65 -4.63 5.28 1.38
C LEU A 65 -5.89 6.14 1.59
N GLU A 66 -5.85 7.09 2.51
CA GLU A 66 -7.02 7.83 2.98
C GLU A 66 -6.74 9.33 3.15
N ASP A 67 -7.77 10.17 3.00
CA ASP A 67 -7.63 11.62 3.06
C ASP A 67 -7.42 12.11 4.51
N LYS A 68 -6.61 13.15 4.64
CA LYS A 68 -6.22 13.80 5.91
C LYS A 68 -7.21 14.85 6.42
N VAL A 69 -8.23 15.18 5.64
CA VAL A 69 -9.28 16.15 5.98
C VAL A 69 -10.67 15.51 5.89
N SER A 70 -10.96 14.74 4.84
CA SER A 70 -12.29 14.17 4.60
C SER A 70 -12.46 12.76 5.18
N GLY A 71 -11.35 12.04 5.38
CA GLY A 71 -11.36 10.64 5.86
C GLY A 71 -11.74 9.62 4.79
N GLU A 72 -11.87 10.05 3.54
CA GLU A 72 -12.32 9.25 2.40
C GLU A 72 -11.18 8.42 1.79
N LEU A 73 -11.52 7.31 1.12
CA LEU A 73 -10.55 6.44 0.46
C LEU A 73 -9.99 7.07 -0.83
N PHE A 74 -8.67 7.12 -0.98
CA PHE A 74 -7.99 7.48 -2.23
C PHE A 74 -7.77 6.25 -3.11
N ALA A 75 -7.11 5.21 -2.56
CA ALA A 75 -6.78 3.97 -3.26
C ALA A 75 -6.58 2.81 -2.26
N GLN A 76 -6.66 1.56 -2.74
CA GLN A 76 -6.42 0.35 -1.92
C GLN A 76 -5.73 -0.76 -2.71
N ALA A 77 -4.79 -1.46 -2.07
CA ALA A 77 -4.01 -2.56 -2.63
C ALA A 77 -4.08 -3.82 -1.74
N PRO A 78 -4.89 -4.85 -2.09
CA PRO A 78 -4.88 -6.15 -1.42
C PRO A 78 -3.59 -6.94 -1.69
N VAL A 79 -3.17 -7.74 -0.71
CA VAL A 79 -1.93 -8.53 -0.73
C VAL A 79 -2.22 -9.92 -0.14
N GLU A 80 -1.92 -11.00 -0.86
CA GLU A 80 -2.17 -12.37 -0.37
C GLU A 80 -0.96 -12.99 0.37
N GLN A 81 0.24 -12.47 0.09
CA GLN A 81 1.48 -12.74 0.83
C GLN A 81 2.49 -11.60 0.55
N TYR A 82 3.33 -11.27 1.52
CA TYR A 82 4.37 -10.23 1.40
C TYR A 82 5.76 -10.80 1.73
N PRO A 83 6.79 -10.63 0.87
CA PRO A 83 6.75 -10.01 -0.46
C PRO A 83 5.82 -10.72 -1.47
N GLY A 84 5.21 -9.94 -2.37
CA GLY A 84 4.29 -10.41 -3.42
C GLY A 84 4.13 -9.41 -4.58
N ILE A 85 3.12 -9.62 -5.43
CA ILE A 85 2.89 -8.81 -6.64
C ILE A 85 2.41 -7.38 -6.36
N ALA A 86 1.67 -7.18 -5.27
CA ALA A 86 0.99 -5.92 -4.94
C ALA A 86 1.84 -4.92 -4.15
N VAL A 87 3.11 -5.23 -3.87
CA VAL A 87 4.02 -4.39 -3.06
C VAL A 87 5.48 -4.57 -3.51
N GLU A 88 6.22 -3.49 -3.69
CA GLU A 88 7.66 -3.47 -4.03
C GLU A 88 8.44 -2.35 -3.31
N THR A 89 9.77 -2.49 -3.25
CA THR A 89 10.74 -1.55 -2.66
C THR A 89 11.53 -0.83 -3.76
N VAL A 90 12.15 0.30 -3.43
CA VAL A 90 13.18 0.95 -4.25
C VAL A 90 14.59 0.40 -3.91
N THR A 91 15.59 0.80 -4.70
CA THR A 91 17.00 0.40 -4.54
C THR A 91 17.84 1.42 -3.74
N ASP A 92 17.49 2.71 -3.84
CA ASP A 92 18.36 3.80 -3.40
C ASP A 92 18.08 4.31 -1.99
N SER A 93 16.80 4.43 -1.60
CA SER A 93 16.39 5.02 -0.32
C SER A 93 15.27 4.23 0.38
N SER A 94 15.53 3.70 1.57
CA SER A 94 14.65 2.78 2.33
C SER A 94 13.42 3.44 2.99
N ARG A 95 12.91 4.54 2.41
CA ARG A 95 11.69 5.26 2.79
C ARG A 95 10.67 5.43 1.65
N TYR A 96 10.71 4.55 0.65
CA TYR A 96 9.85 4.56 -0.53
C TYR A 96 9.41 3.15 -0.93
N PHE A 97 8.15 2.99 -1.33
CA PHE A 97 7.57 1.71 -1.79
C PHE A 97 6.68 1.94 -3.01
N VAL A 98 6.43 0.88 -3.77
CA VAL A 98 5.37 0.83 -4.79
C VAL A 98 4.31 -0.15 -4.33
N ILE A 99 3.03 0.14 -4.63
CA ILE A 99 1.96 -0.84 -4.48
C ILE A 99 1.06 -0.91 -5.71
N ARG A 100 0.51 -2.09 -5.99
CA ARG A 100 -0.50 -2.29 -7.05
C ARG A 100 -1.89 -2.10 -6.44
N ILE A 101 -2.48 -0.92 -6.65
CA ILE A 101 -3.85 -0.58 -6.23
C ILE A 101 -4.89 -1.04 -7.26
N GLN A 102 -6.13 -1.27 -6.80
CA GLN A 102 -7.25 -1.68 -7.65
C GLN A 102 -8.49 -0.81 -7.40
N ASP A 103 -9.27 -0.56 -8.46
CA ASP A 103 -10.47 0.30 -8.46
C ASP A 103 -11.78 -0.50 -8.25
N GLY A 104 -11.68 -1.76 -7.82
CA GLY A 104 -12.81 -2.65 -7.49
C GLY A 104 -13.55 -3.27 -8.69
N THR A 105 -13.05 -3.05 -9.92
CA THR A 105 -13.67 -3.48 -11.20
C THR A 105 -12.73 -4.28 -12.11
N GLY A 106 -11.53 -4.63 -11.62
CA GLY A 106 -10.47 -5.32 -12.37
C GLY A 106 -9.44 -4.39 -13.02
N ARG A 107 -9.67 -3.07 -12.92
CA ARG A 107 -8.76 -1.97 -13.19
C ARG A 107 -7.74 -1.87 -12.06
N SER A 108 -6.47 -1.75 -12.42
CA SER A 108 -5.34 -1.62 -11.50
C SER A 108 -4.27 -0.62 -11.97
N ALA A 109 -3.45 -0.15 -11.03
CA ALA A 109 -2.28 0.69 -11.29
C ALA A 109 -1.15 0.41 -10.27
N PHE A 110 0.10 0.48 -10.70
CA PHE A 110 1.25 0.54 -9.79
C PHE A 110 1.55 2.00 -9.45
N ILE A 111 1.49 2.35 -8.17
CA ILE A 111 1.75 3.72 -7.65
C ILE A 111 2.90 3.72 -6.65
N GLY A 112 3.72 4.77 -6.67
CA GLY A 112 4.83 4.97 -5.74
C GLY A 112 4.39 5.82 -4.56
N ILE A 113 4.80 5.43 -3.35
CA ILE A 113 4.57 6.17 -2.10
C ILE A 113 5.88 6.47 -1.37
N GLY A 114 5.99 7.67 -0.82
CA GLY A 114 7.14 8.13 -0.04
C GLY A 114 6.77 8.54 1.38
N PHE A 115 7.64 8.18 2.32
CA PHE A 115 7.49 8.39 3.77
C PHE A 115 8.32 9.59 4.24
N THR A 116 7.98 10.15 5.41
CA THR A 116 8.70 11.28 6.01
C THR A 116 10.08 10.89 6.54
N ASP A 117 10.27 9.62 6.93
CA ASP A 117 11.52 9.09 7.45
C ASP A 117 11.62 7.56 7.30
N ARG A 118 12.85 7.04 7.27
CA ARG A 118 13.14 5.59 7.26
C ARG A 118 12.53 4.87 8.46
N GLY A 119 12.52 5.48 9.64
CA GLY A 119 11.90 4.93 10.86
C GLY A 119 10.37 4.78 10.79
N ASP A 120 9.71 5.34 9.77
CA ASP A 120 8.27 5.21 9.54
C ASP A 120 7.95 4.24 8.39
N ALA A 121 8.79 4.21 7.35
CA ALA A 121 8.83 3.13 6.36
C ALA A 121 9.17 1.76 6.98
N PHE A 122 9.92 1.77 8.09
CA PHE A 122 10.18 0.60 8.93
C PHE A 122 8.97 0.13 9.76
N ASP A 123 7.83 0.84 9.76
CA ASP A 123 6.55 0.29 10.22
C ASP A 123 5.71 -0.28 9.07
N PHE A 124 5.76 0.30 7.86
CA PHE A 124 5.05 -0.19 6.67
C PHE A 124 5.39 -1.65 6.36
N ASN A 125 6.68 -1.97 6.18
CA ASN A 125 7.10 -3.29 5.74
C ASN A 125 7.10 -4.34 6.88
N VAL A 126 7.29 -3.91 8.13
CA VAL A 126 7.33 -4.81 9.29
C VAL A 126 5.91 -5.20 9.73
N SER A 127 4.96 -4.28 9.71
CA SER A 127 3.55 -4.59 10.00
C SER A 127 2.92 -5.52 8.95
N LEU A 128 3.33 -5.40 7.68
CA LEU A 128 2.95 -6.33 6.61
C LEU A 128 3.53 -7.72 6.82
N GLN A 129 4.86 -7.87 6.97
CA GLN A 129 5.48 -9.20 7.09
C GLN A 129 5.04 -9.95 8.36
N ASP A 130 4.68 -9.22 9.44
CA ASP A 130 4.18 -9.79 10.68
C ASP A 130 2.70 -10.20 10.60
N HIS A 131 1.99 -9.88 9.51
CA HIS A 131 0.69 -10.48 9.19
C HIS A 131 0.82 -11.82 8.45
N PHE A 132 2.00 -12.12 7.90
CA PHE A 132 2.23 -13.29 7.03
C PHE A 132 3.19 -14.36 7.59
N LYS A 133 3.88 -14.11 8.71
CA LYS A 133 4.84 -15.07 9.30
C LYS A 133 4.26 -16.45 9.64
N TRP A 134 2.94 -16.53 9.86
CA TRP A 134 2.19 -17.76 10.14
C TRP A 134 1.55 -18.40 8.88
N VAL A 135 1.35 -17.61 7.81
CA VAL A 135 0.67 -18.03 6.56
C VAL A 135 1.59 -18.86 5.66
N LYS A 136 2.90 -18.58 5.69
CA LYS A 136 3.94 -19.23 4.86
C LYS A 136 4.69 -20.34 5.60
N GLN A 137 4.08 -20.89 6.65
CA GLN A 137 4.56 -22.08 7.36
C GLN A 137 4.06 -23.34 6.63
N GLU A 138 4.87 -23.82 5.69
CA GLU A 138 4.55 -24.88 4.70
C GLU A 138 5.71 -25.88 4.51
N GLY A 1 -32.15 -13.47 -4.74
CA GLY A 1 -31.46 -13.26 -3.45
C GLY A 1 -31.10 -14.57 -2.76
N SER A 2 -30.17 -14.52 -1.80
CA SER A 2 -29.69 -15.70 -1.05
C SER A 2 -30.78 -16.31 -0.13
N PRO A 3 -30.77 -17.64 0.12
CA PRO A 3 -31.68 -18.28 1.08
C PRO A 3 -31.44 -17.87 2.55
N ASN A 4 -30.21 -17.47 2.88
CA ASN A 4 -29.79 -17.04 4.21
C ASN A 4 -30.14 -15.57 4.51
N SER A 5 -30.12 -15.18 5.79
CA SER A 5 -30.48 -13.83 6.29
C SER A 5 -29.42 -12.74 6.02
N MET A 6 -28.28 -13.09 5.45
CA MET A 6 -27.20 -12.17 5.06
C MET A 6 -27.65 -11.13 4.01
N ALA A 7 -27.05 -9.94 4.08
CA ALA A 7 -27.27 -8.84 3.13
C ALA A 7 -26.04 -7.91 3.04
N THR A 8 -25.61 -7.35 4.18
CA THR A 8 -24.34 -6.63 4.35
C THR A 8 -23.92 -6.71 5.83
N GLU A 9 -22.78 -7.34 6.09
CA GLU A 9 -22.27 -7.63 7.45
C GLU A 9 -20.73 -7.69 7.52
N LEU A 10 -20.05 -7.14 6.49
CA LEU A 10 -18.59 -7.13 6.32
C LEU A 10 -17.93 -6.00 7.13
N GLU A 11 -18.26 -5.92 8.42
CA GLU A 11 -17.90 -4.82 9.32
C GLU A 11 -16.50 -5.00 9.95
N TYR A 12 -15.51 -5.36 9.13
CA TYR A 12 -14.13 -5.63 9.53
C TYR A 12 -13.11 -5.26 8.46
N GLU A 13 -11.92 -4.88 8.93
CA GLU A 13 -10.75 -4.32 8.22
C GLU A 13 -9.64 -4.15 9.29
N SER A 14 -8.99 -5.25 9.65
CA SER A 14 -8.14 -5.34 10.84
C SER A 14 -6.85 -4.54 10.66
N VAL A 15 -6.67 -3.47 11.43
CA VAL A 15 -5.60 -2.46 11.25
C VAL A 15 -4.23 -3.00 11.67
N LEU A 16 -3.18 -2.60 10.94
CA LEU A 16 -1.80 -3.10 11.09
C LEU A 16 -0.77 -1.95 11.22
N CYS A 17 -0.96 -0.86 10.47
CA CYS A 17 -0.15 0.37 10.58
C CYS A 17 -0.96 1.58 10.09
N VAL A 18 -0.87 2.69 10.83
CA VAL A 18 -1.42 3.99 10.44
C VAL A 18 -0.33 5.07 10.61
N LYS A 19 -0.08 5.84 9.56
CA LYS A 19 0.87 6.98 9.53
C LYS A 19 0.20 8.25 8.96
N PRO A 20 0.46 9.44 9.52
CA PRO A 20 -0.31 10.66 9.23
C PRO A 20 0.00 11.35 7.90
N ASP A 21 1.22 11.20 7.36
CA ASP A 21 1.65 11.88 6.14
C ASP A 21 2.49 10.97 5.24
N VAL A 22 1.94 10.70 4.07
CA VAL A 22 2.51 9.89 2.98
C VAL A 22 2.12 10.48 1.63
N SER A 23 3.02 10.38 0.64
CA SER A 23 2.91 11.10 -0.64
C SER A 23 2.96 10.17 -1.83
N VAL A 24 2.01 10.29 -2.77
CA VAL A 24 1.90 9.46 -3.98
C VAL A 24 2.58 10.11 -5.18
N TYR A 25 3.29 9.28 -5.93
CA TYR A 25 3.84 9.62 -7.24
C TYR A 25 3.53 8.50 -8.25
N ARG A 26 2.98 8.89 -9.39
CA ARG A 26 2.97 8.07 -10.61
C ARG A 26 4.39 7.73 -11.07
N ILE A 27 4.59 6.47 -11.45
CA ILE A 27 5.87 5.89 -11.88
C ILE A 27 5.81 5.32 -13.31
N PRO A 28 6.94 5.27 -14.05
CA PRO A 28 7.06 4.42 -15.23
C PRO A 28 7.08 2.93 -14.84
N PRO A 29 6.75 2.00 -15.75
CA PRO A 29 6.84 0.56 -15.50
C PRO A 29 8.31 0.13 -15.27
N ARG A 30 8.52 -0.85 -14.38
CA ARG A 30 9.85 -1.36 -14.01
C ARG A 30 10.56 -2.08 -15.16
N ALA A 31 11.88 -2.16 -15.04
CA ALA A 31 12.67 -3.29 -15.52
C ALA A 31 13.49 -3.85 -14.35
N SER A 32 13.55 -5.16 -14.21
CA SER A 32 14.16 -5.87 -13.06
C SER A 32 15.69 -5.79 -13.03
N ASN A 33 16.31 -5.54 -14.19
CA ASN A 33 17.74 -5.20 -14.32
C ASN A 33 18.01 -3.70 -14.12
N ARG A 34 17.02 -2.93 -13.66
CA ARG A 34 17.08 -1.48 -13.40
C ARG A 34 16.55 -1.12 -12.03
N GLY A 35 15.29 -1.46 -11.74
CA GLY A 35 14.68 -1.18 -10.45
C GLY A 35 14.24 0.27 -10.31
N TYR A 36 13.27 0.48 -9.43
CA TYR A 36 12.86 1.81 -8.97
C TYR A 36 13.88 2.36 -7.99
N ARG A 37 14.22 3.65 -8.08
CA ARG A 37 15.33 4.27 -7.32
C ARG A 37 14.94 5.52 -6.54
N ALA A 38 13.64 5.69 -6.30
CA ALA A 38 12.99 6.84 -5.67
C ALA A 38 13.21 8.21 -6.36
N SER A 39 14.45 8.58 -6.67
CA SER A 39 14.86 9.85 -7.29
C SER A 39 14.38 10.01 -8.74
N ASP A 40 13.93 8.93 -9.37
CA ASP A 40 13.30 8.94 -10.70
C ASP A 40 11.84 9.43 -10.66
N TRP A 41 11.19 9.36 -9.48
CA TRP A 41 9.80 9.73 -9.25
C TRP A 41 9.66 11.25 -8.99
N LYS A 42 8.41 11.72 -8.93
CA LYS A 42 8.04 13.14 -8.75
C LYS A 42 8.13 13.62 -7.30
N LEU A 43 9.28 13.45 -6.66
CA LEU A 43 9.49 13.75 -5.23
C LEU A 43 9.26 15.23 -4.85
N ASP A 44 9.25 16.15 -5.81
CA ASP A 44 9.00 17.58 -5.61
C ASP A 44 7.57 18.00 -6.00
N GLN A 45 6.79 17.10 -6.62
CA GLN A 45 5.41 17.33 -7.06
C GLN A 45 4.56 16.04 -7.02
N PRO A 46 4.19 15.54 -5.81
CA PRO A 46 3.29 14.39 -5.68
C PRO A 46 1.93 14.62 -6.36
N ASP A 47 1.36 13.54 -6.90
CA ASP A 47 0.04 13.53 -7.51
C ASP A 47 -1.07 13.67 -6.46
N TRP A 48 -0.80 13.20 -5.23
CA TRP A 48 -1.68 13.29 -4.06
C TRP A 48 -0.86 13.13 -2.77
N THR A 49 -1.31 13.69 -1.64
CA THR A 49 -0.79 13.38 -0.31
C THR A 49 -1.90 13.15 0.72
N GLY A 50 -1.61 12.34 1.74
CA GLY A 50 -2.58 11.95 2.76
C GLY A 50 -2.02 11.00 3.81
N ARG A 51 -2.88 10.10 4.31
CA ARG A 51 -2.62 9.13 5.39
C ARG A 51 -2.44 7.72 4.85
N LEU A 52 -1.60 6.94 5.53
CA LEU A 52 -1.46 5.49 5.36
C LEU A 52 -2.44 4.75 6.29
N ARG A 53 -3.06 3.68 5.80
CA ARG A 53 -3.82 2.70 6.57
C ARG A 53 -3.57 1.29 6.01
N ILE A 54 -2.65 0.57 6.63
CA ILE A 54 -2.45 -0.86 6.38
C ILE A 54 -3.46 -1.64 7.23
N THR A 55 -4.15 -2.56 6.56
CA THR A 55 -5.33 -3.29 7.02
C THR A 55 -5.26 -4.74 6.51
N SER A 56 -6.04 -5.68 7.08
CA SER A 56 -6.13 -7.07 6.61
C SER A 56 -7.36 -7.74 7.20
N LYS A 57 -7.93 -8.76 6.54
CA LYS A 57 -9.15 -9.40 7.01
C LYS A 57 -9.13 -10.93 7.13
N GLY A 58 -8.54 -11.64 6.16
CA GLY A 58 -8.54 -13.11 6.12
C GLY A 58 -7.56 -13.65 5.09
N LYS A 59 -6.28 -13.74 5.49
CA LYS A 59 -5.13 -14.06 4.63
C LYS A 59 -5.00 -13.13 3.41
N THR A 60 -5.55 -11.92 3.56
CA THR A 60 -5.56 -10.87 2.53
C THR A 60 -5.34 -9.54 3.23
N ALA A 61 -4.25 -8.85 2.92
CA ALA A 61 -3.97 -7.51 3.41
C ALA A 61 -4.41 -6.45 2.39
N TYR A 62 -4.58 -5.23 2.86
CA TYR A 62 -5.01 -4.06 2.10
C TYR A 62 -4.18 -2.85 2.54
N ILE A 63 -3.34 -2.30 1.65
CA ILE A 63 -2.72 -0.98 1.86
C ILE A 63 -3.71 0.05 1.33
N LYS A 64 -4.43 0.71 2.24
CA LYS A 64 -5.37 1.79 1.92
C LYS A 64 -4.76 3.16 2.19
N LEU A 65 -5.04 4.10 1.29
CA LEU A 65 -4.65 5.50 1.34
C LEU A 65 -5.89 6.38 1.52
N GLU A 66 -5.85 7.30 2.47
CA GLU A 66 -7.01 8.15 2.84
C GLU A 66 -6.61 9.61 3.04
N ASP A 67 -7.54 10.54 2.84
CA ASP A 67 -7.27 11.96 2.95
C ASP A 67 -7.11 12.40 4.42
N LYS A 68 -6.18 13.34 4.65
CA LYS A 68 -5.83 13.91 5.97
C LYS A 68 -6.73 15.07 6.43
N VAL A 69 -7.65 15.51 5.58
CA VAL A 69 -8.60 16.60 5.83
C VAL A 69 -10.04 16.13 5.63
N SER A 70 -10.33 15.39 4.55
CA SER A 70 -11.69 14.93 4.22
C SER A 70 -12.02 13.56 4.82
N GLY A 71 -11.00 12.74 5.10
CA GLY A 71 -11.18 11.37 5.62
C GLY A 71 -11.58 10.35 4.56
N GLU A 72 -11.61 10.75 3.28
CA GLU A 72 -12.09 9.96 2.16
C GLU A 72 -11.02 9.00 1.61
N LEU A 73 -11.43 7.87 1.03
CA LEU A 73 -10.53 6.89 0.42
C LEU A 73 -9.97 7.41 -0.92
N PHE A 74 -8.65 7.43 -1.07
CA PHE A 74 -7.95 7.73 -2.32
C PHE A 74 -7.76 6.46 -3.17
N ALA A 75 -7.16 5.43 -2.60
CA ALA A 75 -6.86 4.16 -3.27
C ALA A 75 -6.68 3.00 -2.26
N GLN A 76 -6.74 1.77 -2.77
CA GLN A 76 -6.55 0.55 -1.98
C GLN A 76 -5.78 -0.52 -2.77
N ALA A 77 -4.79 -1.17 -2.16
CA ALA A 77 -4.01 -2.26 -2.76
C ALA A 77 -4.16 -3.58 -1.97
N PRO A 78 -5.06 -4.49 -2.41
CA PRO A 78 -5.13 -5.88 -1.95
C PRO A 78 -3.83 -6.66 -2.19
N VAL A 79 -3.44 -7.49 -1.21
CA VAL A 79 -2.23 -8.32 -1.19
C VAL A 79 -2.57 -9.70 -0.62
N GLU A 80 -2.20 -10.79 -1.30
CA GLU A 80 -2.50 -12.16 -0.82
C GLU A 80 -1.39 -12.76 0.06
N GLN A 81 -0.15 -12.28 -0.09
CA GLN A 81 1.01 -12.64 0.74
C GLN A 81 2.12 -11.57 0.59
N TYR A 82 2.93 -11.37 1.63
CA TYR A 82 4.08 -10.47 1.62
C TYR A 82 5.39 -11.24 1.90
N PRO A 83 6.47 -11.07 1.09
CA PRO A 83 6.51 -10.33 -0.17
C PRO A 83 5.60 -10.92 -1.26
N GLY A 84 5.06 -10.05 -2.14
CA GLY A 84 4.20 -10.40 -3.27
C GLY A 84 4.30 -9.38 -4.41
N ILE A 85 3.34 -9.40 -5.34
CA ILE A 85 3.31 -8.48 -6.50
C ILE A 85 2.80 -7.07 -6.13
N ALA A 86 1.83 -6.98 -5.22
CA ALA A 86 1.09 -5.75 -4.94
C ALA A 86 1.82 -4.79 -3.98
N VAL A 87 3.08 -5.08 -3.65
CA VAL A 87 3.96 -4.28 -2.79
C VAL A 87 5.42 -4.46 -3.23
N GLU A 88 6.18 -3.37 -3.36
CA GLU A 88 7.58 -3.35 -3.82
C GLU A 88 8.42 -2.26 -3.13
N THR A 89 9.74 -2.42 -3.14
CA THR A 89 10.74 -1.46 -2.60
C THR A 89 11.54 -0.80 -3.73
N VAL A 90 12.09 0.39 -3.46
CA VAL A 90 13.12 1.02 -4.29
C VAL A 90 14.52 0.44 -3.97
N THR A 91 15.53 0.83 -4.74
CA THR A 91 16.93 0.38 -4.59
C THR A 91 17.79 1.35 -3.77
N ASP A 92 17.47 2.65 -3.83
CA ASP A 92 18.32 3.72 -3.33
C ASP A 92 18.05 4.09 -1.86
N SER A 93 16.77 4.32 -1.52
CA SER A 93 16.38 4.93 -0.23
C SER A 93 15.23 4.19 0.45
N SER A 94 15.46 3.64 1.64
CA SER A 94 14.54 2.73 2.39
C SER A 94 13.31 3.42 3.03
N ARG A 95 12.85 4.54 2.46
CA ARG A 95 11.63 5.29 2.83
C ARG A 95 10.64 5.49 1.68
N TYR A 96 10.70 4.62 0.67
CA TYR A 96 9.87 4.67 -0.54
C TYR A 96 9.45 3.25 -0.96
N PHE A 97 8.18 3.09 -1.35
CA PHE A 97 7.60 1.81 -1.79
C PHE A 97 6.72 2.01 -3.02
N VAL A 98 6.37 0.92 -3.69
CA VAL A 98 5.34 0.87 -4.74
C VAL A 98 4.27 -0.12 -4.31
N ILE A 99 2.99 0.16 -4.61
CA ILE A 99 1.90 -0.80 -4.39
C ILE A 99 0.96 -0.87 -5.60
N ARG A 100 0.37 -2.05 -5.81
CA ARG A 100 -0.61 -2.27 -6.90
C ARG A 100 -2.03 -2.03 -6.42
N ILE A 101 -2.51 -0.80 -6.53
CA ILE A 101 -3.89 -0.44 -6.17
C ILE A 101 -4.90 -1.03 -7.16
N GLN A 102 -6.05 -1.50 -6.66
CA GLN A 102 -7.08 -2.24 -7.40
C GLN A 102 -8.49 -1.77 -7.02
N ASP A 103 -9.40 -1.79 -7.99
CA ASP A 103 -10.82 -1.43 -7.81
C ASP A 103 -11.70 -2.65 -7.42
N GLY A 104 -11.11 -3.84 -7.31
CA GLY A 104 -11.77 -5.10 -6.94
C GLY A 104 -12.48 -5.83 -8.09
N THR A 105 -12.20 -5.42 -9.34
CA THR A 105 -12.87 -5.92 -10.56
C THR A 105 -11.89 -6.17 -11.74
N GLY A 106 -10.60 -6.30 -11.45
CA GLY A 106 -9.54 -6.51 -12.46
C GLY A 106 -8.91 -5.21 -13.01
N ARG A 107 -9.44 -4.04 -12.63
CA ARG A 107 -8.79 -2.73 -12.78
C ARG A 107 -7.68 -2.62 -11.75
N SER A 108 -6.50 -2.24 -12.21
CA SER A 108 -5.37 -1.95 -11.33
C SER A 108 -4.36 -0.94 -11.88
N ALA A 109 -3.55 -0.36 -10.99
CA ALA A 109 -2.40 0.48 -11.29
C ALA A 109 -1.28 0.29 -10.26
N PHE A 110 -0.02 0.39 -10.69
CA PHE A 110 1.13 0.52 -9.78
C PHE A 110 1.34 2.00 -9.45
N ILE A 111 1.36 2.35 -8.16
CA ILE A 111 1.65 3.71 -7.66
C ILE A 111 2.82 3.70 -6.69
N GLY A 112 3.66 4.74 -6.73
CA GLY A 112 4.75 4.94 -5.78
C GLY A 112 4.29 5.75 -4.56
N ILE A 113 4.80 5.43 -3.38
CA ILE A 113 4.58 6.18 -2.13
C ILE A 113 5.90 6.50 -1.42
N GLY A 114 5.98 7.71 -0.85
CA GLY A 114 7.12 8.21 -0.08
C GLY A 114 6.75 8.63 1.34
N PHE A 115 7.61 8.25 2.28
CA PHE A 115 7.48 8.51 3.73
C PHE A 115 8.37 9.68 4.17
N THR A 116 8.08 10.23 5.35
CA THR A 116 8.86 11.34 5.94
C THR A 116 10.22 10.90 6.49
N ASP A 117 10.35 9.63 6.91
CA ASP A 117 11.57 9.06 7.50
C ASP A 117 11.63 7.54 7.36
N ARG A 118 12.84 6.98 7.35
CA ARG A 118 13.09 5.52 7.30
C ARG A 118 12.51 4.77 8.50
N GLY A 119 12.48 5.36 9.69
CA GLY A 119 11.89 4.76 10.88
C GLY A 119 10.37 4.57 10.77
N ASP A 120 9.68 5.45 10.05
CA ASP A 120 8.24 5.34 9.77
C ASP A 120 7.95 4.42 8.57
N ALA A 121 8.82 4.40 7.56
CA ALA A 121 8.76 3.43 6.47
C ALA A 121 9.03 1.99 6.93
N PHE A 122 9.89 1.79 7.93
CA PHE A 122 10.12 0.45 8.49
C PHE A 122 8.86 -0.15 9.12
N ASP A 123 7.96 0.67 9.70
CA ASP A 123 6.66 0.18 10.19
C ASP A 123 5.74 -0.31 9.06
N PHE A 124 5.84 0.24 7.84
CA PHE A 124 5.10 -0.25 6.66
C PHE A 124 5.51 -1.69 6.28
N ASN A 125 6.82 -1.97 6.18
CA ASN A 125 7.30 -3.29 5.76
C ASN A 125 7.37 -4.33 6.90
N VAL A 126 7.49 -3.91 8.16
CA VAL A 126 7.48 -4.82 9.32
C VAL A 126 6.05 -5.25 9.68
N SER A 127 5.07 -4.33 9.65
CA SER A 127 3.68 -4.68 9.98
C SER A 127 3.04 -5.66 8.98
N LEU A 128 3.48 -5.64 7.72
CA LEU A 128 3.12 -6.63 6.71
C LEU A 128 3.78 -8.00 6.99
N GLN A 129 5.10 -8.06 7.14
CA GLN A 129 5.80 -9.35 7.28
C GLN A 129 5.50 -10.06 8.62
N ASP A 130 5.26 -9.30 9.70
CA ASP A 130 4.87 -9.83 11.01
C ASP A 130 3.36 -10.09 11.11
N HIS A 131 2.60 -9.79 10.06
CA HIS A 131 1.23 -10.28 9.89
C HIS A 131 1.15 -11.53 9.01
N PHE A 132 2.02 -11.65 8.00
CA PHE A 132 2.05 -12.78 7.07
C PHE A 132 2.99 -13.93 7.45
N LYS A 133 3.78 -13.87 8.53
CA LYS A 133 4.77 -14.93 8.85
C LYS A 133 4.19 -16.35 8.94
N TRP A 134 2.93 -16.48 9.37
CA TRP A 134 2.20 -17.75 9.47
C TRP A 134 1.61 -18.25 8.14
N VAL A 135 1.45 -17.35 7.16
CA VAL A 135 1.09 -17.66 5.77
C VAL A 135 2.34 -18.01 4.96
N LYS A 136 3.47 -17.34 5.24
CA LYS A 136 4.78 -17.45 4.59
C LYS A 136 5.68 -18.46 5.32
N GLN A 137 5.13 -19.62 5.66
CA GLN A 137 5.82 -20.73 6.32
C GLN A 137 6.56 -21.60 5.29
N GLU A 138 7.84 -21.31 5.10
CA GLU A 138 8.80 -22.02 4.23
C GLU A 138 10.18 -22.19 4.91
N GLY A 1 -20.76 -0.18 -10.38
CA GLY A 1 -20.73 -0.62 -8.97
C GLY A 1 -22.06 -0.38 -8.28
N SER A 2 -22.40 -1.22 -7.29
CA SER A 2 -23.67 -1.12 -6.54
C SER A 2 -23.67 0.04 -5.53
N PRO A 3 -24.76 0.84 -5.43
CA PRO A 3 -24.91 1.89 -4.43
C PRO A 3 -25.30 1.36 -3.03
N ASN A 4 -25.54 0.06 -2.89
CA ASN A 4 -26.09 -0.60 -1.69
C ASN A 4 -25.05 -0.90 -0.60
N SER A 5 -23.95 -0.13 -0.52
CA SER A 5 -22.86 -0.33 0.45
C SER A 5 -23.32 -0.28 1.92
N MET A 6 -24.34 0.53 2.22
CA MET A 6 -24.97 0.65 3.56
C MET A 6 -26.06 -0.40 3.83
N ALA A 7 -26.13 -1.46 3.00
CA ALA A 7 -27.08 -2.58 3.12
C ALA A 7 -26.37 -3.95 2.95
N THR A 8 -25.45 -4.07 2.00
CA THR A 8 -24.48 -5.20 1.92
C THR A 8 -23.52 -5.17 3.12
N GLU A 9 -23.10 -3.96 3.49
CA GLU A 9 -22.59 -3.55 4.80
C GLU A 9 -21.54 -4.50 5.44
N LEU A 10 -20.32 -4.51 4.90
CA LEU A 10 -19.16 -5.11 5.57
C LEU A 10 -18.73 -4.27 6.79
N GLU A 11 -18.37 -4.95 7.87
CA GLU A 11 -17.95 -4.37 9.16
C GLU A 11 -16.70 -5.09 9.69
N TYR A 12 -15.68 -5.21 8.84
CA TYR A 12 -14.39 -5.82 9.16
C TYR A 12 -13.24 -4.97 8.61
N GLU A 13 -12.16 -4.83 9.39
CA GLU A 13 -10.83 -4.36 8.96
C GLU A 13 -9.90 -4.37 10.17
N SER A 14 -8.78 -5.11 10.09
CA SER A 14 -7.77 -5.12 11.16
C SER A 14 -6.62 -4.18 10.81
N VAL A 15 -6.51 -3.07 11.53
CA VAL A 15 -5.48 -2.04 11.33
C VAL A 15 -4.10 -2.55 11.78
N LEU A 16 -3.06 -2.21 11.02
CA LEU A 16 -1.68 -2.72 11.16
C LEU A 16 -0.63 -1.60 11.27
N CYS A 17 -0.79 -0.54 10.47
CA CYS A 17 0.00 0.69 10.51
C CYS A 17 -0.88 1.88 10.13
N VAL A 18 -0.76 2.98 10.85
CA VAL A 18 -1.33 4.29 10.50
C VAL A 18 -0.21 5.33 10.51
N LYS A 19 -0.10 6.12 9.44
CA LYS A 19 0.90 7.19 9.27
C LYS A 19 0.26 8.49 8.76
N PRO A 20 0.46 9.64 9.41
CA PRO A 20 -0.26 10.88 9.09
C PRO A 20 0.28 11.65 7.87
N ASP A 21 1.47 11.31 7.39
CA ASP A 21 2.14 12.00 6.28
C ASP A 21 2.71 10.99 5.28
N VAL A 22 2.02 10.87 4.13
CA VAL A 22 2.45 10.05 2.99
C VAL A 22 2.09 10.74 1.66
N SER A 23 2.95 10.58 0.66
CA SER A 23 2.84 11.22 -0.64
C SER A 23 2.86 10.18 -1.76
N VAL A 24 1.91 10.27 -2.70
CA VAL A 24 1.82 9.38 -3.87
C VAL A 24 2.45 10.02 -5.10
N TYR A 25 3.25 9.22 -5.81
CA TYR A 25 3.78 9.53 -7.13
C TYR A 25 3.51 8.35 -8.07
N ARG A 26 2.77 8.59 -9.15
CA ARG A 26 2.72 7.66 -10.30
C ARG A 26 4.12 7.54 -10.92
N ILE A 27 4.57 6.31 -11.13
CA ILE A 27 5.96 5.97 -11.45
C ILE A 27 6.22 5.87 -12.96
N PRO A 28 7.46 6.11 -13.44
CA PRO A 28 7.88 5.76 -14.79
C PRO A 28 7.88 4.22 -15.01
N PRO A 29 7.84 3.73 -16.26
CA PRO A 29 7.86 2.30 -16.56
C PRO A 29 9.17 1.63 -16.11
N ARG A 30 9.07 0.41 -15.58
CA ARG A 30 10.19 -0.38 -15.04
C ARG A 30 11.07 -0.96 -16.16
N ALA A 31 12.32 -1.24 -15.80
CA ALA A 31 13.03 -2.43 -16.27
C ALA A 31 13.71 -3.12 -15.08
N SER A 32 13.65 -4.45 -15.02
CA SER A 32 14.03 -5.28 -13.86
C SER A 32 15.53 -5.29 -13.56
N ASN A 33 16.37 -5.13 -14.60
CA ASN A 33 17.81 -4.93 -14.47
C ASN A 33 18.19 -3.50 -14.02
N ARG A 34 17.20 -2.58 -13.96
CA ARG A 34 17.35 -1.20 -13.46
C ARG A 34 16.73 -1.04 -12.07
N GLY A 35 15.47 -1.44 -11.90
CA GLY A 35 14.77 -1.29 -10.64
C GLY A 35 14.25 0.14 -10.43
N TYR A 36 13.29 0.26 -9.51
CA TYR A 36 12.83 1.55 -9.00
C TYR A 36 13.85 2.12 -8.04
N ARG A 37 14.19 3.41 -8.15
CA ARG A 37 15.30 4.05 -7.40
C ARG A 37 14.90 5.29 -6.62
N ALA A 38 13.60 5.46 -6.37
CA ALA A 38 12.93 6.62 -5.76
C ALA A 38 13.15 7.96 -6.49
N SER A 39 14.40 8.33 -6.79
CA SER A 39 14.80 9.61 -7.41
C SER A 39 14.33 9.78 -8.87
N ASP A 40 13.91 8.71 -9.54
CA ASP A 40 13.27 8.77 -10.86
C ASP A 40 11.76 9.10 -10.79
N TRP A 41 11.15 9.06 -9.60
CA TRP A 41 9.75 9.41 -9.37
C TRP A 41 9.59 10.92 -9.16
N LYS A 42 8.34 11.37 -9.13
CA LYS A 42 7.94 12.79 -8.98
C LYS A 42 7.98 13.28 -7.54
N LEU A 43 9.11 13.10 -6.86
CA LEU A 43 9.30 13.38 -5.43
C LEU A 43 9.03 14.85 -5.03
N ASP A 44 9.13 15.79 -5.96
CA ASP A 44 8.92 17.22 -5.73
C ASP A 44 7.50 17.68 -6.08
N GLN A 45 6.69 16.78 -6.67
CA GLN A 45 5.39 17.07 -7.27
C GLN A 45 4.44 15.85 -7.22
N PRO A 46 3.90 15.50 -6.02
CA PRO A 46 2.99 14.37 -5.85
C PRO A 46 1.72 14.46 -6.70
N ASP A 47 1.18 13.31 -7.09
CA ASP A 47 -0.16 13.18 -7.67
C ASP A 47 -1.26 13.38 -6.62
N TRP A 48 -0.97 12.99 -5.37
CA TRP A 48 -1.84 13.10 -4.20
C TRP A 48 -1.00 13.07 -2.90
N THR A 49 -1.50 13.70 -1.83
CA THR A 49 -0.93 13.61 -0.47
C THR A 49 -2.03 13.36 0.57
N GLY A 50 -1.69 12.62 1.63
CA GLY A 50 -2.62 12.32 2.71
C GLY A 50 -2.06 11.37 3.76
N ARG A 51 -2.90 10.43 4.21
CA ARG A 51 -2.65 9.51 5.32
C ARG A 51 -2.60 8.05 4.84
N LEU A 52 -1.74 7.26 5.47
CA LEU A 52 -1.62 5.82 5.29
C LEU A 52 -2.49 5.10 6.33
N ARG A 53 -3.21 4.05 5.89
CA ARG A 53 -3.78 3.04 6.79
C ARG A 53 -3.59 1.65 6.18
N ILE A 54 -2.62 0.91 6.69
CA ILE A 54 -2.44 -0.51 6.38
C ILE A 54 -3.44 -1.31 7.22
N THR A 55 -4.12 -2.22 6.56
CA THR A 55 -5.19 -3.05 7.10
C THR A 55 -5.04 -4.50 6.62
N SER A 56 -5.84 -5.44 7.15
CA SER A 56 -5.91 -6.83 6.68
C SER A 56 -7.19 -7.50 7.15
N LYS A 57 -7.61 -8.58 6.49
CA LYS A 57 -8.52 -9.55 7.09
C LYS A 57 -8.31 -11.01 6.63
N GLY A 58 -8.92 -11.40 5.51
CA GLY A 58 -9.06 -12.81 5.08
C GLY A 58 -7.80 -13.38 4.41
N LYS A 59 -6.72 -13.56 5.18
CA LYS A 59 -5.37 -13.94 4.71
C LYS A 59 -4.86 -13.04 3.57
N THR A 60 -5.32 -11.78 3.59
CA THR A 60 -5.10 -10.77 2.56
C THR A 60 -5.00 -9.40 3.25
N ALA A 61 -3.87 -8.72 3.06
CA ALA A 61 -3.64 -7.37 3.56
C ALA A 61 -4.14 -6.32 2.56
N TYR A 62 -4.43 -5.13 3.05
CA TYR A 62 -5.03 -4.02 2.32
C TYR A 62 -4.27 -2.73 2.66
N ILE A 63 -3.36 -2.28 1.78
CA ILE A 63 -2.71 -0.97 1.92
C ILE A 63 -3.70 0.08 1.41
N LYS A 64 -4.33 0.83 2.32
CA LYS A 64 -5.29 1.89 1.97
C LYS A 64 -4.68 3.28 2.18
N LEU A 65 -4.89 4.16 1.21
CA LEU A 65 -4.61 5.59 1.28
C LEU A 65 -5.89 6.38 1.54
N GLU A 66 -5.85 7.31 2.49
CA GLU A 66 -7.03 8.04 2.98
C GLU A 66 -6.76 9.54 3.18
N ASP A 67 -7.77 10.38 2.99
CA ASP A 67 -7.62 11.83 2.97
C ASP A 67 -7.27 12.43 4.35
N LYS A 68 -6.53 13.54 4.31
CA LYS A 68 -6.06 14.30 5.48
C LYS A 68 -7.10 15.20 6.17
N VAL A 69 -8.32 15.32 5.63
CA VAL A 69 -9.43 16.10 6.23
C VAL A 69 -10.66 15.23 6.45
N SER A 70 -11.09 14.44 5.46
CA SER A 70 -12.32 13.62 5.55
C SER A 70 -12.05 12.18 5.98
N GLY A 71 -10.84 11.67 5.74
CA GLY A 71 -10.51 10.24 5.84
C GLY A 71 -11.12 9.39 4.73
N GLU A 72 -11.61 10.01 3.64
CA GLU A 72 -12.19 9.29 2.50
C GLU A 72 -11.10 8.52 1.72
N LEU A 73 -11.47 7.39 1.11
CA LEU A 73 -10.53 6.51 0.41
C LEU A 73 -10.02 7.13 -0.89
N PHE A 74 -8.71 7.24 -1.03
CA PHE A 74 -8.04 7.60 -2.30
C PHE A 74 -7.84 6.35 -3.18
N ALA A 75 -7.20 5.31 -2.62
CA ALA A 75 -6.87 4.07 -3.32
C ALA A 75 -6.63 2.91 -2.32
N GLN A 76 -6.76 1.67 -2.77
CA GLN A 76 -6.44 0.47 -1.97
C GLN A 76 -5.73 -0.62 -2.78
N ALA A 77 -4.71 -1.26 -2.20
CA ALA A 77 -3.93 -2.33 -2.80
C ALA A 77 -4.04 -3.65 -1.99
N PRO A 78 -4.71 -4.70 -2.51
CA PRO A 78 -4.83 -6.00 -1.86
C PRO A 78 -3.58 -6.88 -2.10
N VAL A 79 -2.96 -7.34 -1.02
CA VAL A 79 -1.74 -8.18 -1.00
C VAL A 79 -2.08 -9.55 -0.42
N GLU A 80 -1.89 -10.63 -1.18
CA GLU A 80 -2.27 -12.00 -0.75
C GLU A 80 -1.23 -12.68 0.16
N GLN A 81 0.02 -12.21 0.13
CA GLN A 81 1.11 -12.59 1.05
C GLN A 81 2.28 -11.60 0.88
N TYR A 82 3.21 -11.54 1.83
CA TYR A 82 4.27 -10.53 1.85
C TYR A 82 5.70 -11.12 1.81
N PRO A 83 6.58 -10.66 0.90
CA PRO A 83 6.30 -9.78 -0.24
C PRO A 83 5.40 -10.45 -1.30
N GLY A 84 4.63 -9.65 -2.04
CA GLY A 84 3.73 -10.11 -3.11
C GLY A 84 3.58 -9.13 -4.27
N ILE A 85 2.84 -9.53 -5.32
CA ILE A 85 2.66 -8.75 -6.57
C ILE A 85 2.17 -7.30 -6.33
N ALA A 86 1.40 -7.08 -5.27
CA ALA A 86 0.78 -5.80 -4.95
C ALA A 86 1.64 -4.89 -4.05
N VAL A 87 2.92 -5.21 -3.81
CA VAL A 87 3.84 -4.43 -2.98
C VAL A 87 5.32 -4.66 -3.31
N GLU A 88 6.09 -3.57 -3.33
CA GLU A 88 7.50 -3.51 -3.77
C GLU A 88 8.30 -2.40 -3.09
N THR A 89 9.63 -2.53 -3.13
CA THR A 89 10.64 -1.59 -2.60
C THR A 89 11.45 -0.96 -3.74
N VAL A 90 12.10 0.18 -3.46
CA VAL A 90 13.12 0.78 -4.33
C VAL A 90 14.53 0.23 -4.02
N THR A 91 15.53 0.63 -4.79
CA THR A 91 16.94 0.21 -4.66
C THR A 91 17.79 1.20 -3.86
N ASP A 92 17.46 2.50 -3.92
CA ASP A 92 18.36 3.57 -3.45
C ASP A 92 18.10 4.00 -2.00
N SER A 93 16.82 4.14 -1.61
CA SER A 93 16.45 4.61 -0.25
C SER A 93 15.22 3.90 0.32
N SER A 94 15.35 3.24 1.48
CA SER A 94 14.32 2.34 2.01
C SER A 94 13.04 3.04 2.52
N ARG A 95 12.92 4.37 2.43
CA ARG A 95 11.72 5.14 2.80
C ARG A 95 10.66 5.27 1.68
N TYR A 96 10.76 4.45 0.63
CA TYR A 96 9.93 4.52 -0.57
C TYR A 96 9.49 3.12 -1.01
N PHE A 97 8.22 2.98 -1.39
CA PHE A 97 7.59 1.71 -1.80
C PHE A 97 6.70 1.91 -3.03
N VAL A 98 6.40 0.83 -3.73
CA VAL A 98 5.33 0.78 -4.76
C VAL A 98 4.26 -0.20 -4.32
N ILE A 99 2.99 0.10 -4.58
CA ILE A 99 1.87 -0.84 -4.39
C ILE A 99 0.95 -0.87 -5.61
N ARG A 100 0.33 -2.03 -5.85
CA ARG A 100 -0.63 -2.22 -6.98
C ARG A 100 -2.05 -1.97 -6.52
N ILE A 101 -2.49 -0.71 -6.58
CA ILE A 101 -3.86 -0.34 -6.21
C ILE A 101 -4.86 -0.87 -7.25
N GLN A 102 -5.99 -1.40 -6.77
CA GLN A 102 -6.96 -2.18 -7.55
C GLN A 102 -8.40 -1.81 -7.16
N ASP A 103 -9.32 -1.93 -8.12
CA ASP A 103 -10.74 -1.61 -7.96
C ASP A 103 -11.62 -2.84 -7.63
N GLY A 104 -11.00 -4.01 -7.47
CA GLY A 104 -11.66 -5.28 -7.12
C GLY A 104 -12.31 -6.01 -8.31
N THR A 105 -12.01 -5.60 -9.54
CA THR A 105 -12.65 -6.05 -10.79
C THR A 105 -11.65 -6.37 -11.92
N GLY A 106 -10.34 -6.41 -11.60
CA GLY A 106 -9.24 -6.63 -12.57
C GLY A 106 -8.60 -5.35 -13.11
N ARG A 107 -9.14 -4.17 -12.76
CA ARG A 107 -8.48 -2.86 -12.89
C ARG A 107 -7.32 -2.81 -11.91
N SER A 108 -6.17 -2.39 -12.41
CA SER A 108 -4.98 -2.16 -11.58
C SER A 108 -4.08 -1.01 -12.04
N ALA A 109 -3.36 -0.40 -11.09
CA ALA A 109 -2.28 0.54 -11.34
C ALA A 109 -1.17 0.40 -10.29
N PHE A 110 0.09 0.51 -10.70
CA PHE A 110 1.23 0.60 -9.78
C PHE A 110 1.49 2.06 -9.40
N ILE A 111 1.40 2.39 -8.11
CA ILE A 111 1.67 3.72 -7.56
C ILE A 111 2.84 3.68 -6.57
N GLY A 112 3.68 4.70 -6.57
CA GLY A 112 4.77 4.88 -5.61
C GLY A 112 4.29 5.69 -4.41
N ILE A 113 4.78 5.38 -3.21
CA ILE A 113 4.60 6.17 -1.99
C ILE A 113 5.94 6.44 -1.30
N GLY A 114 6.09 7.65 -0.76
CA GLY A 114 7.26 8.10 0.00
C GLY A 114 6.93 8.53 1.43
N PHE A 115 7.83 8.22 2.36
CA PHE A 115 7.69 8.48 3.80
C PHE A 115 8.62 9.62 4.25
N THR A 116 8.38 10.15 5.44
CA THR A 116 9.21 11.21 6.05
C THR A 116 10.55 10.66 6.57
N ASP A 117 10.59 9.41 7.03
CA ASP A 117 11.75 8.82 7.71
C ASP A 117 11.82 7.31 7.51
N ARG A 118 13.05 6.76 7.43
CA ARG A 118 13.30 5.32 7.22
C ARG A 118 12.76 4.44 8.35
N GLY A 119 12.76 4.92 9.60
CA GLY A 119 12.20 4.20 10.75
C GLY A 119 10.67 4.07 10.71
N ASP A 120 9.98 4.98 10.03
CA ASP A 120 8.51 4.94 9.84
C ASP A 120 8.11 4.24 8.53
N ALA A 121 8.97 4.23 7.51
CA ALA A 121 8.87 3.29 6.40
C ALA A 121 9.10 1.84 6.84
N PHE A 122 9.99 1.60 7.81
CA PHE A 122 10.09 0.29 8.45
C PHE A 122 8.78 -0.13 9.12
N ASP A 123 7.97 0.81 9.64
CA ASP A 123 6.65 0.50 10.19
C ASP A 123 5.65 0.04 9.11
N PHE A 124 5.83 0.42 7.85
CA PHE A 124 5.10 -0.15 6.69
C PHE A 124 5.51 -1.60 6.40
N ASN A 125 6.81 -1.89 6.27
CA ASN A 125 7.25 -3.24 5.88
C ASN A 125 7.27 -4.27 7.02
N VAL A 126 7.40 -3.86 8.28
CA VAL A 126 7.35 -4.75 9.45
C VAL A 126 5.91 -5.13 9.78
N SER A 127 4.97 -4.17 9.74
CA SER A 127 3.55 -4.45 10.06
C SER A 127 2.88 -5.39 9.05
N LEU A 128 3.30 -5.36 7.78
CA LEU A 128 2.89 -6.32 6.76
C LEU A 128 3.48 -7.70 7.02
N GLN A 129 4.81 -7.83 7.13
CA GLN A 129 5.46 -9.15 7.26
C GLN A 129 5.07 -9.91 8.54
N ASP A 130 4.83 -9.19 9.64
CA ASP A 130 4.43 -9.76 10.94
C ASP A 130 2.91 -10.02 11.04
N HIS A 131 2.14 -9.70 9.99
CA HIS A 131 0.77 -10.20 9.83
C HIS A 131 0.68 -11.49 8.99
N PHE A 132 1.75 -11.85 8.26
CA PHE A 132 1.80 -13.03 7.39
C PHE A 132 2.65 -14.21 7.89
N LYS A 133 3.38 -14.09 9.01
CA LYS A 133 4.28 -15.18 9.49
C LYS A 133 3.60 -16.54 9.76
N TRP A 134 2.30 -16.55 10.01
CA TRP A 134 1.46 -17.74 10.19
C TRP A 134 0.84 -18.28 8.88
N VAL A 135 0.87 -17.50 7.80
CA VAL A 135 0.50 -17.92 6.44
C VAL A 135 1.74 -18.43 5.70
N LYS A 136 2.85 -17.68 5.78
CA LYS A 136 4.19 -18.04 5.28
C LYS A 136 5.03 -18.68 6.40
N GLN A 137 4.60 -19.86 6.86
CA GLN A 137 5.22 -20.64 7.93
C GLN A 137 6.62 -21.16 7.52
N GLU A 138 7.64 -20.40 7.94
CA GLU A 138 9.08 -20.68 7.77
C GLU A 138 9.85 -20.62 9.10
N GLY A 1 -23.37 -15.45 14.09
CA GLY A 1 -24.58 -15.12 13.32
C GLY A 1 -24.71 -15.98 12.07
N SER A 2 -25.94 -16.35 11.71
CA SER A 2 -26.24 -17.22 10.55
C SER A 2 -25.95 -16.54 9.20
N PRO A 3 -25.54 -17.27 8.14
CA PRO A 3 -25.28 -16.70 6.81
C PRO A 3 -26.50 -15.99 6.17
N ASN A 4 -27.72 -16.42 6.53
CA ASN A 4 -28.98 -15.83 6.05
C ASN A 4 -29.19 -14.37 6.51
N SER A 5 -28.45 -13.90 7.53
CA SER A 5 -28.48 -12.50 8.00
C SER A 5 -27.63 -11.55 7.15
N MET A 6 -26.85 -12.06 6.19
CA MET A 6 -25.93 -11.30 5.33
C MET A 6 -26.40 -11.26 3.87
N ALA A 7 -26.01 -10.19 3.15
CA ALA A 7 -26.26 -10.00 1.71
C ALA A 7 -25.18 -9.12 1.06
N THR A 8 -24.81 -8.01 1.71
CA THR A 8 -23.65 -7.18 1.40
C THR A 8 -23.00 -6.78 2.72
N GLU A 9 -21.79 -7.27 2.98
CA GLU A 9 -21.21 -7.38 4.32
C GLU A 9 -19.73 -6.97 4.43
N LEU A 10 -19.21 -6.23 3.44
CA LEU A 10 -17.84 -5.72 3.38
C LEU A 10 -17.62 -4.48 4.29
N GLU A 11 -17.89 -4.66 5.58
CA GLU A 11 -17.68 -3.69 6.65
C GLU A 11 -16.74 -4.30 7.71
N TYR A 12 -15.51 -4.61 7.29
CA TYR A 12 -14.51 -5.32 8.07
C TYR A 12 -13.11 -4.82 7.68
N GLU A 13 -12.21 -4.74 8.66
CA GLU A 13 -10.77 -4.49 8.48
C GLU A 13 -10.09 -4.54 9.85
N SER A 14 -9.06 -5.37 9.99
CA SER A 14 -8.15 -5.37 11.14
C SER A 14 -6.97 -4.43 10.86
N VAL A 15 -6.90 -3.28 11.52
CA VAL A 15 -5.81 -2.28 11.34
C VAL A 15 -4.46 -2.78 11.87
N LEU A 16 -3.37 -2.36 11.21
CA LEU A 16 -1.98 -2.81 11.47
C LEU A 16 -1.01 -1.64 11.61
N CYS A 17 -1.12 -0.62 10.75
CA CYS A 17 -0.30 0.59 10.78
C CYS A 17 -1.06 1.78 10.21
N VAL A 18 -1.00 2.91 10.88
CA VAL A 18 -1.53 4.21 10.42
C VAL A 18 -0.46 5.29 10.55
N LYS A 19 -0.20 6.00 9.45
CA LYS A 19 0.70 7.18 9.40
C LYS A 19 -0.04 8.38 8.78
N PRO A 20 -0.01 9.58 9.39
CA PRO A 20 -0.84 10.72 8.95
C PRO A 20 -0.31 11.46 7.72
N ASP A 21 0.94 11.23 7.31
CA ASP A 21 1.58 11.92 6.19
C ASP A 21 2.32 10.94 5.26
N VAL A 22 1.75 10.74 4.08
CA VAL A 22 2.31 9.95 2.97
C VAL A 22 1.95 10.60 1.63
N SER A 23 2.84 10.48 0.66
CA SER A 23 2.75 11.20 -0.63
C SER A 23 2.88 10.26 -1.82
N VAL A 24 1.96 10.36 -2.79
CA VAL A 24 1.89 9.52 -3.99
C VAL A 24 2.54 10.18 -5.20
N TYR A 25 3.40 9.44 -5.89
CA TYR A 25 3.91 9.78 -7.21
C TYR A 25 3.74 8.56 -8.13
N ARG A 26 3.01 8.73 -9.23
CA ARG A 26 2.80 7.67 -10.23
C ARG A 26 4.09 7.44 -11.02
N ILE A 27 4.49 6.17 -11.12
CA ILE A 27 5.84 5.76 -11.51
C ILE A 27 5.99 5.50 -13.03
N PRO A 28 7.21 5.66 -13.59
CA PRO A 28 7.55 5.06 -14.89
C PRO A 28 7.56 3.51 -14.80
N PRO A 29 7.43 2.79 -15.93
CA PRO A 29 7.50 1.32 -15.95
C PRO A 29 8.87 0.81 -15.47
N ARG A 30 8.89 -0.36 -14.83
CA ARG A 30 10.11 -0.97 -14.25
C ARG A 30 11.11 -1.37 -15.32
N ALA A 31 12.39 -1.28 -14.96
CA ALA A 31 13.50 -1.94 -15.63
C ALA A 31 13.41 -3.48 -15.56
N SER A 32 14.39 -4.14 -16.17
CA SER A 32 14.56 -5.61 -16.22
C SER A 32 15.63 -6.10 -15.24
N ASN A 33 16.71 -5.30 -15.09
CA ASN A 33 17.90 -5.61 -14.30
C ASN A 33 18.32 -4.42 -13.39
N ARG A 34 17.37 -3.55 -13.01
CA ARG A 34 17.60 -2.40 -12.10
C ARG A 34 16.59 -2.34 -10.96
N GLY A 35 15.30 -2.20 -11.25
CA GLY A 35 14.31 -1.84 -10.25
C GLY A 35 14.15 -0.33 -10.13
N TYR A 36 13.24 0.04 -9.25
CA TYR A 36 12.94 1.42 -8.90
C TYR A 36 14.02 2.00 -7.98
N ARG A 37 14.31 3.30 -8.10
CA ARG A 37 15.43 3.97 -7.39
C ARG A 37 15.04 5.28 -6.70
N ALA A 38 13.74 5.45 -6.47
CA ALA A 38 13.07 6.65 -5.92
C ALA A 38 13.26 7.95 -6.74
N SER A 39 14.49 8.27 -7.12
CA SER A 39 14.89 9.47 -7.87
C SER A 39 14.35 9.54 -9.30
N ASP A 40 13.91 8.40 -9.85
CA ASP A 40 13.24 8.34 -11.17
C ASP A 40 11.76 8.79 -11.11
N TRP A 41 11.17 8.87 -9.91
CA TRP A 41 9.81 9.34 -9.68
C TRP A 41 9.81 10.86 -9.44
N LYS A 42 8.63 11.47 -9.52
CA LYS A 42 8.44 12.92 -9.33
C LYS A 42 8.24 13.31 -7.87
N LEU A 43 9.27 13.08 -7.06
CA LEU A 43 9.26 13.21 -5.60
C LEU A 43 8.85 14.61 -5.07
N ASP A 44 9.09 15.66 -5.85
CA ASP A 44 8.73 17.04 -5.51
C ASP A 44 7.28 17.41 -5.88
N GLN A 45 6.59 16.53 -6.62
CA GLN A 45 5.36 16.83 -7.39
C GLN A 45 4.29 15.76 -7.18
N PRO A 46 3.81 15.51 -5.95
CA PRO A 46 2.91 14.40 -5.71
C PRO A 46 1.56 14.60 -6.41
N ASP A 47 1.03 13.52 -6.99
CA ASP A 47 -0.31 13.49 -7.60
C ASP A 47 -1.41 13.59 -6.52
N TRP A 48 -1.10 13.12 -5.31
CA TRP A 48 -1.96 13.17 -4.13
C TRP A 48 -1.12 13.05 -2.84
N THR A 49 -1.60 13.63 -1.74
CA THR A 49 -1.06 13.39 -0.39
C THR A 49 -2.16 13.13 0.63
N GLY A 50 -1.84 12.36 1.66
CA GLY A 50 -2.80 11.94 2.68
C GLY A 50 -2.21 11.03 3.74
N ARG A 51 -3.00 10.05 4.19
CA ARG A 51 -2.69 9.09 5.26
C ARG A 51 -2.48 7.68 4.72
N LEU A 52 -1.58 6.94 5.36
CA LEU A 52 -1.44 5.49 5.25
C LEU A 52 -2.40 4.80 6.23
N ARG A 53 -3.05 3.71 5.80
CA ARG A 53 -3.80 2.78 6.65
C ARG A 53 -3.64 1.34 6.16
N ILE A 54 -2.65 0.65 6.72
CA ILE A 54 -2.47 -0.80 6.50
C ILE A 54 -3.50 -1.54 7.36
N THR A 55 -4.27 -2.41 6.71
CA THR A 55 -5.34 -3.23 7.28
C THR A 55 -5.29 -4.64 6.70
N SER A 56 -5.99 -5.61 7.30
CA SER A 56 -6.10 -6.99 6.80
C SER A 56 -7.44 -7.62 7.14
N LYS A 57 -7.82 -8.68 6.42
CA LYS A 57 -8.76 -9.69 6.90
C LYS A 57 -8.47 -11.08 6.34
N GLY A 58 -8.29 -12.06 7.22
CA GLY A 58 -7.97 -13.44 6.91
C GLY A 58 -6.52 -13.55 6.46
N LYS A 59 -6.33 -14.10 5.26
CA LYS A 59 -5.04 -14.27 4.59
C LYS A 59 -4.78 -13.19 3.51
N THR A 60 -5.52 -12.09 3.57
CA THR A 60 -5.40 -10.96 2.64
C THR A 60 -5.16 -9.67 3.42
N ALA A 61 -4.08 -8.96 3.07
CA ALA A 61 -3.79 -7.62 3.56
C ALA A 61 -4.22 -6.54 2.55
N TYR A 62 -4.38 -5.31 3.04
CA TYR A 62 -4.94 -4.17 2.32
C TYR A 62 -4.16 -2.91 2.72
N ILE A 63 -3.26 -2.42 1.85
CA ILE A 63 -2.64 -1.10 2.03
C ILE A 63 -3.63 -0.06 1.51
N LYS A 64 -4.45 0.50 2.40
CA LYS A 64 -5.40 1.58 2.08
C LYS A 64 -4.75 2.96 2.27
N LEU A 65 -5.08 3.88 1.37
CA LEU A 65 -4.69 5.30 1.41
C LEU A 65 -5.94 6.18 1.62
N GLU A 66 -5.88 7.14 2.54
CA GLU A 66 -7.03 7.96 2.96
C GLU A 66 -6.73 9.45 2.97
N ASP A 67 -7.73 10.29 2.69
CA ASP A 67 -7.59 11.75 2.77
C ASP A 67 -7.43 12.21 4.21
N LYS A 68 -6.47 13.11 4.44
CA LYS A 68 -6.09 13.63 5.76
C LYS A 68 -7.03 14.69 6.34
N VAL A 69 -8.03 15.12 5.58
CA VAL A 69 -9.04 16.12 5.98
C VAL A 69 -10.46 15.54 5.92
N SER A 70 -10.78 14.77 4.87
CA SER A 70 -12.13 14.20 4.70
C SER A 70 -12.26 12.78 5.27
N GLY A 71 -11.14 12.06 5.44
CA GLY A 71 -11.10 10.67 5.92
C GLY A 71 -11.55 9.65 4.86
N GLU A 72 -11.69 10.08 3.61
CA GLU A 72 -12.23 9.30 2.50
C GLU A 72 -11.15 8.47 1.79
N LEU A 73 -11.53 7.34 1.19
CA LEU A 73 -10.58 6.44 0.51
C LEU A 73 -10.07 7.06 -0.81
N PHE A 74 -8.75 7.12 -0.99
CA PHE A 74 -8.09 7.48 -2.25
C PHE A 74 -7.89 6.24 -3.13
N ALA A 75 -7.21 5.23 -2.59
CA ALA A 75 -6.89 3.96 -3.26
C ALA A 75 -6.64 2.85 -2.23
N GLN A 76 -6.67 1.58 -2.65
CA GLN A 76 -6.29 0.45 -1.81
C GLN A 76 -5.61 -0.68 -2.61
N ALA A 77 -4.59 -1.31 -2.02
CA ALA A 77 -3.81 -2.39 -2.62
C ALA A 77 -3.97 -3.71 -1.83
N PRO A 78 -4.76 -4.67 -2.34
CA PRO A 78 -4.82 -6.04 -1.83
C PRO A 78 -3.50 -6.79 -1.99
N VAL A 79 -3.14 -7.62 -1.01
CA VAL A 79 -1.92 -8.44 -0.97
C VAL A 79 -2.28 -9.83 -0.41
N GLU A 80 -1.84 -10.90 -1.07
CA GLU A 80 -2.10 -12.29 -0.59
C GLU A 80 -0.89 -12.95 0.08
N GLN A 81 0.31 -12.41 -0.16
CA GLN A 81 1.58 -12.78 0.47
C GLN A 81 2.60 -11.64 0.28
N TYR A 82 3.50 -11.45 1.26
CA TYR A 82 4.51 -10.39 1.26
C TYR A 82 5.90 -10.92 1.65
N PRO A 83 6.96 -10.72 0.84
CA PRO A 83 6.97 -10.11 -0.50
C PRO A 83 6.08 -10.82 -1.53
N GLY A 84 5.52 -10.04 -2.46
CA GLY A 84 4.62 -10.47 -3.54
C GLY A 84 4.53 -9.43 -4.67
N ILE A 85 3.47 -9.48 -5.49
CA ILE A 85 3.31 -8.57 -6.64
C ILE A 85 2.87 -7.14 -6.22
N ALA A 86 1.95 -7.03 -5.25
CA ALA A 86 1.23 -5.79 -4.95
C ALA A 86 2.00 -4.83 -4.05
N VAL A 87 3.26 -5.11 -3.73
CA VAL A 87 4.14 -4.31 -2.86
C VAL A 87 5.60 -4.49 -3.28
N GLU A 88 6.32 -3.38 -3.46
CA GLU A 88 7.72 -3.32 -3.89
C GLU A 88 8.53 -2.22 -3.18
N THR A 89 9.85 -2.37 -3.15
CA THR A 89 10.83 -1.43 -2.60
C THR A 89 11.63 -0.74 -3.71
N VAL A 90 12.25 0.39 -3.39
CA VAL A 90 13.29 1.02 -4.20
C VAL A 90 14.69 0.49 -3.83
N THR A 91 15.71 0.80 -4.64
CA THR A 91 17.11 0.39 -4.41
C THR A 91 17.93 1.44 -3.67
N ASP A 92 17.60 2.73 -3.83
CA ASP A 92 18.46 3.84 -3.41
C ASP A 92 18.18 4.34 -2.00
N SER A 93 16.89 4.44 -1.62
CA SER A 93 16.49 4.95 -0.29
C SER A 93 15.29 4.22 0.32
N SER A 94 15.50 3.49 1.41
CA SER A 94 14.51 2.62 2.08
C SER A 94 13.40 3.35 2.87
N ARG A 95 13.02 4.56 2.43
CA ARG A 95 11.83 5.32 2.84
C ARG A 95 10.82 5.55 1.69
N TYR A 96 10.85 4.70 0.66
CA TYR A 96 9.99 4.76 -0.53
C TYR A 96 9.56 3.34 -0.96
N PHE A 97 8.29 3.18 -1.34
CA PHE A 97 7.71 1.90 -1.78
C PHE A 97 6.81 2.08 -3.01
N VAL A 98 6.50 0.99 -3.69
CA VAL A 98 5.45 0.91 -4.71
C VAL A 98 4.40 -0.08 -4.25
N ILE A 99 3.12 0.17 -4.56
CA ILE A 99 2.04 -0.80 -4.35
C ILE A 99 1.12 -0.89 -5.57
N ARG A 100 0.55 -2.07 -5.81
CA ARG A 100 -0.47 -2.27 -6.86
C ARG A 100 -1.87 -2.07 -6.28
N ILE A 101 -2.44 -0.89 -6.49
CA ILE A 101 -3.82 -0.56 -6.05
C ILE A 101 -4.86 -1.13 -7.02
N GLN A 102 -6.06 -1.46 -6.52
CA GLN A 102 -7.20 -1.95 -7.29
C GLN A 102 -8.45 -1.11 -7.02
N ASP A 103 -9.30 -0.93 -8.04
CA ASP A 103 -10.60 -0.24 -7.95
C ASP A 103 -11.77 -1.16 -7.54
N GLY A 104 -11.48 -2.45 -7.30
CA GLY A 104 -12.45 -3.47 -6.88
C GLY A 104 -13.26 -4.10 -8.02
N THR A 105 -12.85 -3.88 -9.27
CA THR A 105 -13.59 -4.27 -10.50
C THR A 105 -12.67 -4.84 -11.60
N GLY A 106 -11.45 -5.27 -11.25
CA GLY A 106 -10.44 -5.82 -12.17
C GLY A 106 -9.50 -4.78 -12.80
N ARG A 107 -9.69 -3.49 -12.49
CA ARG A 107 -8.75 -2.40 -12.75
C ARG A 107 -7.64 -2.46 -11.72
N SER A 108 -6.41 -2.24 -12.16
CA SER A 108 -5.27 -2.02 -11.27
C SER A 108 -4.25 -0.99 -11.79
N ALA A 109 -3.47 -0.42 -10.88
CA ALA A 109 -2.34 0.48 -11.18
C ALA A 109 -1.21 0.31 -10.15
N PHE A 110 0.04 0.42 -10.59
CA PHE A 110 1.21 0.52 -9.71
C PHE A 110 1.49 1.99 -9.39
N ILE A 111 1.46 2.35 -8.11
CA ILE A 111 1.72 3.72 -7.61
C ILE A 111 2.89 3.72 -6.63
N GLY A 112 3.71 4.78 -6.65
CA GLY A 112 4.81 4.98 -5.71
C GLY A 112 4.39 5.85 -4.54
N ILE A 113 4.89 5.54 -3.34
CA ILE A 113 4.70 6.32 -2.11
C ILE A 113 6.01 6.61 -1.40
N GLY A 114 6.12 7.80 -0.82
CA GLY A 114 7.26 8.24 -0.01
C GLY A 114 6.88 8.61 1.43
N PHE A 115 7.78 8.29 2.36
CA PHE A 115 7.65 8.50 3.81
C PHE A 115 8.53 9.66 4.29
N THR A 116 8.19 10.23 5.44
CA THR A 116 8.96 11.34 6.05
C THR A 116 10.31 10.90 6.63
N ASP A 117 10.42 9.62 7.03
CA ASP A 117 11.61 9.05 7.66
C ASP A 117 11.67 7.52 7.50
N ARG A 118 12.88 6.97 7.48
CA ARG A 118 13.13 5.52 7.38
C ARG A 118 12.54 4.73 8.55
N GLY A 119 12.49 5.28 9.75
CA GLY A 119 11.87 4.63 10.91
C GLY A 119 10.35 4.40 10.76
N ASP A 120 9.66 5.28 10.03
CA ASP A 120 8.23 5.13 9.71
C ASP A 120 8.00 4.28 8.46
N ALA A 121 8.92 4.29 7.50
CA ALA A 121 8.92 3.34 6.38
C ALA A 121 9.18 1.89 6.84
N PHE A 122 10.06 1.68 7.82
CA PHE A 122 10.24 0.37 8.45
C PHE A 122 8.93 -0.08 9.13
N ASP A 123 8.16 0.83 9.72
CA ASP A 123 6.85 0.53 10.32
C ASP A 123 5.75 0.21 9.28
N PHE A 124 5.98 0.49 7.99
CA PHE A 124 5.17 -0.01 6.87
C PHE A 124 5.53 -1.48 6.53
N ASN A 125 6.81 -1.80 6.35
CA ASN A 125 7.21 -3.14 5.90
C ASN A 125 7.25 -4.20 7.03
N VAL A 126 7.47 -3.81 8.29
CA VAL A 126 7.46 -4.73 9.44
C VAL A 126 6.04 -5.09 9.85
N SER A 127 5.12 -4.12 9.90
CA SER A 127 3.71 -4.36 10.30
C SER A 127 2.98 -5.25 9.29
N LEU A 128 3.29 -5.15 8.00
CA LEU A 128 2.74 -5.97 6.93
C LEU A 128 3.30 -7.41 6.98
N GLN A 129 4.62 -7.59 7.13
CA GLN A 129 5.23 -8.93 7.16
C GLN A 129 4.89 -9.72 8.44
N ASP A 130 4.67 -9.03 9.56
CA ASP A 130 4.28 -9.63 10.84
C ASP A 130 2.79 -9.98 10.88
N HIS A 131 2.01 -9.63 9.84
CA HIS A 131 0.70 -10.23 9.60
C HIS A 131 0.76 -11.50 8.73
N PHE A 132 1.82 -11.69 7.95
CA PHE A 132 1.97 -12.83 7.03
C PHE A 132 2.84 -13.99 7.53
N LYS A 133 3.62 -13.84 8.62
CA LYS A 133 4.59 -14.87 9.05
C LYS A 133 4.04 -16.28 9.27
N TRP A 134 2.75 -16.40 9.63
CA TRP A 134 2.06 -17.69 9.79
C TRP A 134 1.52 -18.27 8.47
N VAL A 135 1.27 -17.42 7.46
CA VAL A 135 0.82 -17.80 6.11
C VAL A 135 1.98 -18.37 5.29
N LYS A 136 3.15 -17.72 5.36
CA LYS A 136 4.42 -18.19 4.74
C LYS A 136 5.31 -19.06 5.65
N GLN A 137 4.77 -19.42 6.80
CA GLN A 137 5.33 -20.29 7.85
C GLN A 137 6.82 -20.05 8.18
N GLU A 138 7.06 -19.05 9.03
CA GLU A 138 8.36 -18.69 9.63
C GLU A 138 8.32 -18.65 11.17
N GLY A 1 -22.07 -15.62 3.36
CA GLY A 1 -22.25 -14.19 3.01
C GLY A 1 -20.91 -13.47 2.90
N SER A 2 -20.82 -12.50 1.99
CA SER A 2 -19.63 -11.66 1.73
C SER A 2 -20.04 -10.25 1.31
N PRO A 3 -19.11 -9.31 1.03
CA PRO A 3 -19.45 -8.01 0.45
C PRO A 3 -20.19 -8.10 -0.90
N ASN A 4 -20.03 -9.21 -1.64
CA ASN A 4 -20.75 -9.51 -2.88
C ASN A 4 -22.25 -9.81 -2.64
N SER A 5 -22.61 -10.26 -1.44
CA SER A 5 -23.99 -10.42 -0.97
C SER A 5 -24.67 -9.07 -0.68
N MET A 6 -23.87 -8.00 -0.55
CA MET A 6 -24.30 -6.62 -0.30
C MET A 6 -24.20 -5.80 -1.62
N ALA A 7 -23.40 -4.72 -1.65
CA ALA A 7 -23.12 -3.90 -2.83
C ALA A 7 -21.59 -3.64 -2.99
N THR A 8 -20.78 -4.60 -2.57
CA THR A 8 -19.36 -4.42 -2.18
C THR A 8 -19.27 -3.42 -1.03
N GLU A 9 -19.93 -3.82 0.06
CA GLU A 9 -20.04 -3.12 1.33
C GLU A 9 -19.60 -4.09 2.43
N LEU A 10 -18.60 -3.69 3.19
CA LEU A 10 -18.01 -4.47 4.29
C LEU A 10 -18.21 -3.82 5.67
N GLU A 11 -18.07 -4.64 6.71
CA GLU A 11 -18.13 -4.28 8.13
C GLU A 11 -16.96 -4.93 8.90
N TYR A 12 -15.77 -4.95 8.29
CA TYR A 12 -14.54 -5.55 8.80
C TYR A 12 -13.33 -4.79 8.26
N GLU A 13 -12.25 -4.71 9.06
CA GLU A 13 -10.86 -4.47 8.62
C GLU A 13 -9.97 -4.35 9.88
N SER A 14 -9.03 -5.28 10.07
CA SER A 14 -8.10 -5.25 11.22
C SER A 14 -6.87 -4.41 10.90
N VAL A 15 -6.72 -3.27 11.59
CA VAL A 15 -5.61 -2.31 11.37
C VAL A 15 -4.23 -2.87 11.84
N LEU A 16 -3.16 -2.44 11.16
CA LEU A 16 -1.79 -2.97 11.30
C LEU A 16 -0.75 -1.84 11.36
N CYS A 17 -0.92 -0.78 10.57
CA CYS A 17 -0.11 0.43 10.58
C CYS A 17 -0.98 1.64 10.23
N VAL A 18 -0.74 2.76 10.91
CA VAL A 18 -1.27 4.07 10.54
C VAL A 18 -0.13 5.09 10.57
N LYS A 19 -0.01 5.90 9.52
CA LYS A 19 1.00 6.97 9.38
C LYS A 19 0.37 8.26 8.81
N PRO A 20 0.63 9.44 9.42
CA PRO A 20 -0.09 10.68 9.06
C PRO A 20 0.43 11.40 7.81
N ASP A 21 1.64 11.08 7.33
CA ASP A 21 2.29 11.74 6.20
C ASP A 21 2.81 10.72 5.18
N VAL A 22 2.11 10.63 4.05
CA VAL A 22 2.51 9.82 2.88
C VAL A 22 2.14 10.54 1.59
N SER A 23 2.99 10.42 0.58
CA SER A 23 2.89 11.14 -0.71
C SER A 23 2.92 10.17 -1.89
N VAL A 24 1.99 10.32 -2.83
CA VAL A 24 1.88 9.47 -4.03
C VAL A 24 2.55 10.12 -5.23
N TYR A 25 3.39 9.35 -5.93
CA TYR A 25 3.95 9.68 -7.23
C TYR A 25 3.78 8.47 -8.14
N ARG A 26 3.01 8.63 -9.23
CA ARG A 26 2.75 7.54 -10.19
C ARG A 26 4.01 7.26 -11.01
N ILE A 27 4.41 5.99 -11.07
CA ILE A 27 5.76 5.59 -11.49
C ILE A 27 5.90 5.42 -13.01
N PRO A 28 7.10 5.65 -13.58
CA PRO A 28 7.44 5.23 -14.95
C PRO A 28 7.50 3.69 -15.05
N PRO A 29 7.46 3.10 -16.27
CA PRO A 29 7.72 1.68 -16.47
C PRO A 29 9.15 1.31 -16.02
N ARG A 30 9.32 0.09 -15.48
CA ARG A 30 10.58 -0.37 -14.89
C ARG A 30 11.71 -0.50 -15.93
N ALA A 31 12.93 -0.26 -15.46
CA ALA A 31 14.18 -0.66 -16.10
C ALA A 31 14.33 -2.20 -16.20
N SER A 32 15.44 -2.64 -16.81
CA SER A 32 15.76 -4.05 -17.06
C SER A 32 16.66 -4.67 -15.98
N ASN A 33 17.66 -3.92 -15.52
CA ASN A 33 18.69 -4.35 -14.57
C ASN A 33 18.81 -3.44 -13.32
N ARG A 34 18.09 -2.31 -13.28
CA ARG A 34 18.09 -1.36 -12.14
C ARG A 34 16.96 -1.65 -11.15
N GLY A 35 15.71 -1.56 -11.61
CA GLY A 35 14.55 -1.44 -10.75
C GLY A 35 14.28 0.02 -10.41
N TYR A 36 13.37 0.21 -9.46
CA TYR A 36 12.94 1.50 -8.95
C TYR A 36 13.96 2.02 -7.93
N ARG A 37 14.34 3.29 -8.00
CA ARG A 37 15.40 3.91 -7.16
C ARG A 37 14.96 5.16 -6.41
N ALA A 38 13.65 5.31 -6.22
CA ALA A 38 12.93 6.49 -5.71
C ALA A 38 13.18 7.80 -6.49
N SER A 39 14.43 8.17 -6.75
CA SER A 39 14.85 9.40 -7.44
C SER A 39 14.40 9.49 -8.91
N ASP A 40 13.96 8.38 -9.50
CA ASP A 40 13.39 8.31 -10.85
C ASP A 40 11.88 8.65 -10.88
N TRP A 41 11.23 8.79 -9.72
CA TRP A 41 9.83 9.17 -9.57
C TRP A 41 9.69 10.69 -9.38
N LYS A 42 8.44 11.18 -9.44
CA LYS A 42 8.06 12.60 -9.26
C LYS A 42 8.04 13.05 -7.79
N LEU A 43 9.14 12.82 -7.07
CA LEU A 43 9.31 13.14 -5.64
C LEU A 43 9.05 14.60 -5.28
N ASP A 44 9.28 15.52 -6.22
CA ASP A 44 9.13 16.97 -5.99
C ASP A 44 7.70 17.48 -6.26
N GLN A 45 6.84 16.61 -6.80
CA GLN A 45 5.53 16.96 -7.35
C GLN A 45 4.54 15.77 -7.27
N PRO A 46 4.13 15.35 -6.05
CA PRO A 46 3.15 14.28 -5.85
C PRO A 46 1.81 14.55 -6.53
N ASP A 47 1.17 13.49 -7.02
CA ASP A 47 -0.17 13.51 -7.60
C ASP A 47 -1.26 13.68 -6.51
N TRP A 48 -0.97 13.22 -5.30
CA TRP A 48 -1.81 13.32 -4.10
C TRP A 48 -0.94 13.16 -2.84
N THR A 49 -1.36 13.76 -1.72
CA THR A 49 -0.78 13.52 -0.39
C THR A 49 -1.87 13.32 0.68
N GLY A 50 -1.54 12.53 1.71
CA GLY A 50 -2.46 12.20 2.78
C GLY A 50 -1.87 11.24 3.82
N ARG A 51 -2.70 10.28 4.25
CA ARG A 51 -2.43 9.33 5.34
C ARG A 51 -2.39 7.88 4.83
N LEU A 52 -1.60 7.06 5.52
CA LEU A 52 -1.51 5.61 5.35
C LEU A 52 -2.44 4.91 6.36
N ARG A 53 -3.14 3.86 5.91
CA ARG A 53 -3.74 2.83 6.76
C ARG A 53 -3.48 1.45 6.17
N ILE A 54 -2.65 0.65 6.83
CA ILE A 54 -2.49 -0.78 6.52
C ILE A 54 -3.47 -1.55 7.39
N THR A 55 -4.20 -2.45 6.75
CA THR A 55 -5.32 -3.24 7.29
C THR A 55 -5.24 -4.68 6.76
N SER A 56 -6.05 -5.61 7.28
CA SER A 56 -6.10 -7.00 6.80
C SER A 56 -7.40 -7.68 7.18
N LYS A 57 -7.84 -8.61 6.33
CA LYS A 57 -8.78 -9.67 6.70
C LYS A 57 -8.60 -10.94 5.88
N GLY A 58 -8.50 -12.08 6.57
CA GLY A 58 -8.65 -13.43 5.99
C GLY A 58 -7.52 -13.87 5.06
N LYS A 59 -6.27 -13.64 5.48
CA LYS A 59 -5.03 -13.86 4.70
C LYS A 59 -4.93 -12.97 3.44
N THR A 60 -5.60 -11.82 3.48
CA THR A 60 -5.45 -10.73 2.51
C THR A 60 -5.26 -9.43 3.27
N ALA A 61 -4.07 -8.83 3.12
CA ALA A 61 -3.77 -7.50 3.63
C ALA A 61 -4.24 -6.43 2.64
N TYR A 62 -4.42 -5.21 3.13
CA TYR A 62 -4.95 -4.06 2.41
C TYR A 62 -4.10 -2.83 2.75
N ILE A 63 -3.40 -2.26 1.77
CA ILE A 63 -2.74 -0.94 1.92
C ILE A 63 -3.74 0.09 1.42
N LYS A 64 -4.46 0.75 2.35
CA LYS A 64 -5.38 1.84 2.03
C LYS A 64 -4.77 3.22 2.29
N LEU A 65 -5.03 4.15 1.39
CA LEU A 65 -4.63 5.56 1.44
C LEU A 65 -5.85 6.45 1.68
N GLU A 66 -5.75 7.39 2.62
CA GLU A 66 -6.88 8.22 3.08
C GLU A 66 -6.53 9.70 3.20
N ASP A 67 -7.53 10.57 3.02
CA ASP A 67 -7.35 12.01 3.08
C ASP A 67 -7.11 12.52 4.51
N LYS A 68 -6.26 13.54 4.64
CA LYS A 68 -5.86 14.19 5.89
C LYS A 68 -6.81 15.28 6.40
N VAL A 69 -7.83 15.63 5.61
CA VAL A 69 -8.84 16.63 5.94
C VAL A 69 -10.25 16.04 5.88
N SER A 70 -10.56 15.26 4.84
CA SER A 70 -11.92 14.72 4.62
C SER A 70 -12.11 13.32 5.21
N GLY A 71 -11.02 12.58 5.43
CA GLY A 71 -11.05 11.20 5.94
C GLY A 71 -11.45 10.16 4.88
N GLU A 72 -11.58 10.58 3.62
CA GLU A 72 -12.09 9.77 2.51
C GLU A 72 -10.99 8.88 1.89
N LEU A 73 -11.40 7.77 1.27
CA LEU A 73 -10.49 6.82 0.61
C LEU A 73 -9.96 7.40 -0.72
N PHE A 74 -8.64 7.43 -0.89
CA PHE A 74 -7.97 7.76 -2.16
C PHE A 74 -7.82 6.50 -3.03
N ALA A 75 -7.17 5.46 -2.49
CA ALA A 75 -6.93 4.19 -3.18
C ALA A 75 -6.70 3.04 -2.18
N GLN A 76 -6.80 1.79 -2.66
CA GLN A 76 -6.57 0.58 -1.88
C GLN A 76 -5.82 -0.49 -2.70
N ALA A 77 -4.83 -1.16 -2.10
CA ALA A 77 -4.07 -2.25 -2.71
C ALA A 77 -4.18 -3.55 -1.89
N PRO A 78 -4.92 -4.58 -2.37
CA PRO A 78 -4.98 -5.90 -1.74
C PRO A 78 -3.72 -6.73 -2.02
N VAL A 79 -3.21 -7.40 -0.99
CA VAL A 79 -1.99 -8.24 -0.99
C VAL A 79 -2.33 -9.61 -0.42
N GLU A 80 -2.15 -10.69 -1.18
CA GLU A 80 -2.55 -12.05 -0.78
C GLU A 80 -1.46 -12.82 0.00
N GLN A 81 -0.21 -12.36 -0.09
CA GLN A 81 0.95 -12.83 0.69
C GLN A 81 2.07 -11.78 0.65
N TYR A 82 2.91 -11.72 1.69
CA TYR A 82 4.02 -10.76 1.78
C TYR A 82 5.41 -11.44 1.81
N PRO A 83 6.36 -10.98 0.97
CA PRO A 83 6.20 -10.07 -0.17
C PRO A 83 5.33 -10.69 -1.29
N GLY A 84 4.64 -9.84 -2.05
CA GLY A 84 3.83 -10.22 -3.22
C GLY A 84 4.08 -9.34 -4.46
N ILE A 85 3.16 -9.38 -5.42
CA ILE A 85 3.17 -8.47 -6.59
C ILE A 85 2.60 -7.08 -6.25
N ALA A 86 1.60 -7.02 -5.36
CA ALA A 86 0.84 -5.80 -5.06
C ALA A 86 1.56 -4.87 -4.07
N VAL A 87 2.85 -5.14 -3.79
CA VAL A 87 3.71 -4.39 -2.89
C VAL A 87 5.18 -4.60 -3.26
N GLU A 88 5.99 -3.54 -3.14
CA GLU A 88 7.41 -3.53 -3.54
C GLU A 88 8.23 -2.41 -2.86
N THR A 89 9.55 -2.56 -2.85
CA THR A 89 10.55 -1.58 -2.38
C THR A 89 11.38 -1.00 -3.53
N VAL A 90 12.00 0.16 -3.29
CA VAL A 90 13.05 0.74 -4.15
C VAL A 90 14.43 0.18 -3.80
N THR A 91 15.47 0.57 -4.54
CA THR A 91 16.87 0.17 -4.31
C THR A 91 17.65 1.16 -3.43
N ASP A 92 17.34 2.45 -3.52
CA ASP A 92 18.22 3.52 -3.04
C ASP A 92 17.91 3.96 -1.60
N SER A 93 16.63 4.08 -1.23
CA SER A 93 16.23 4.57 0.10
C SER A 93 15.01 3.86 0.71
N SER A 94 15.11 3.45 1.98
CA SER A 94 14.11 2.62 2.67
C SER A 94 12.73 3.26 2.85
N ARG A 95 12.58 4.58 2.61
CA ARG A 95 11.34 5.33 2.85
C ARG A 95 10.36 5.37 1.67
N TYR A 96 10.53 4.50 0.66
CA TYR A 96 9.76 4.51 -0.58
C TYR A 96 9.33 3.09 -0.98
N PHE A 97 8.07 2.96 -1.41
CA PHE A 97 7.45 1.69 -1.81
C PHE A 97 6.59 1.86 -3.07
N VAL A 98 6.30 0.75 -3.75
CA VAL A 98 5.27 0.66 -4.79
C VAL A 98 4.15 -0.26 -4.32
N ILE A 99 2.90 0.04 -4.64
CA ILE A 99 1.78 -0.88 -4.44
C ILE A 99 0.84 -0.92 -5.65
N ARG A 100 0.19 -2.07 -5.87
CA ARG A 100 -0.79 -2.26 -6.96
C ARG A 100 -2.21 -1.98 -6.46
N ILE A 101 -2.65 -0.73 -6.57
CA ILE A 101 -4.00 -0.33 -6.18
C ILE A 101 -5.04 -0.89 -7.16
N GLN A 102 -6.16 -1.39 -6.63
CA GLN A 102 -7.17 -2.18 -7.34
C GLN A 102 -8.57 -1.89 -6.81
N ASP A 103 -9.56 -1.88 -7.70
CA ASP A 103 -10.98 -1.71 -7.35
C ASP A 103 -11.69 -3.04 -7.01
N GLY A 104 -11.00 -4.17 -7.16
CA GLY A 104 -11.54 -5.53 -6.93
C GLY A 104 -12.35 -6.10 -8.10
N THR A 105 -12.43 -5.36 -9.22
CA THR A 105 -13.21 -5.68 -10.43
C THR A 105 -12.33 -6.11 -11.64
N GLY A 106 -11.00 -6.17 -11.45
CA GLY A 106 -10.01 -6.45 -12.50
C GLY A 106 -9.25 -5.21 -13.00
N ARG A 107 -9.61 -4.02 -12.52
CA ARG A 107 -8.82 -2.79 -12.62
C ARG A 107 -7.60 -2.89 -11.70
N SER A 108 -6.47 -2.45 -12.22
CA SER A 108 -5.24 -2.27 -11.44
C SER A 108 -4.36 -1.11 -11.94
N ALA A 109 -3.60 -0.51 -11.02
CA ALA A 109 -2.52 0.44 -11.31
C ALA A 109 -1.38 0.32 -10.28
N PHE A 110 -0.13 0.43 -10.72
CA PHE A 110 1.03 0.50 -9.83
C PHE A 110 1.33 1.97 -9.50
N ILE A 111 1.27 2.32 -8.21
CA ILE A 111 1.59 3.67 -7.69
C ILE A 111 2.78 3.62 -6.74
N GLY A 112 3.60 4.67 -6.74
CA GLY A 112 4.71 4.85 -5.81
C GLY A 112 4.27 5.70 -4.62
N ILE A 113 4.71 5.34 -3.42
CA ILE A 113 4.52 6.11 -2.19
C ILE A 113 5.83 6.41 -1.48
N GLY A 114 5.95 7.61 -0.92
CA GLY A 114 7.09 8.06 -0.11
C GLY A 114 6.65 8.57 1.27
N PHE A 115 7.47 8.25 2.27
CA PHE A 115 7.27 8.59 3.69
C PHE A 115 8.13 9.79 4.11
N THR A 116 7.88 10.30 5.32
CA THR A 116 8.69 11.38 5.92
C THR A 116 10.10 10.90 6.31
N ASP A 117 10.25 9.67 6.80
CA ASP A 117 11.53 9.11 7.25
C ASP A 117 11.58 7.58 7.14
N ARG A 118 12.81 7.03 7.01
CA ARG A 118 13.09 5.57 6.96
C ARG A 118 12.58 4.85 8.20
N GLY A 119 12.74 5.48 9.36
CA GLY A 119 12.30 4.94 10.64
C GLY A 119 10.77 4.92 10.82
N ASP A 120 10.03 5.64 9.96
CA ASP A 120 8.56 5.59 9.91
C ASP A 120 8.06 4.63 8.82
N ALA A 121 8.76 4.59 7.67
CA ALA A 121 8.53 3.59 6.61
C ALA A 121 8.84 2.15 7.04
N PHE A 122 9.79 1.94 7.95
CA PHE A 122 10.07 0.58 8.46
C PHE A 122 8.84 -0.10 9.07
N ASP A 123 7.89 0.67 9.61
CA ASP A 123 6.62 0.16 10.15
C ASP A 123 5.67 -0.37 9.05
N PHE A 124 5.75 0.15 7.81
CA PHE A 124 5.00 -0.34 6.65
C PHE A 124 5.40 -1.79 6.31
N ASN A 125 6.69 -2.07 6.15
CA ASN A 125 7.17 -3.39 5.74
C ASN A 125 7.24 -4.41 6.88
N VAL A 126 7.36 -3.97 8.14
CA VAL A 126 7.31 -4.87 9.32
C VAL A 126 5.87 -5.26 9.67
N SER A 127 4.92 -4.33 9.64
CA SER A 127 3.51 -4.64 9.99
C SER A 127 2.85 -5.60 8.99
N LEU A 128 3.24 -5.56 7.71
CA LEU A 128 2.80 -6.52 6.69
C LEU A 128 3.40 -7.92 6.95
N GLN A 129 4.73 -8.04 7.07
CA GLN A 129 5.38 -9.34 7.25
C GLN A 129 5.00 -10.02 8.57
N ASP A 130 4.75 -9.24 9.63
CA ASP A 130 4.35 -9.74 10.95
C ASP A 130 2.83 -10.07 11.03
N HIS A 131 2.06 -9.80 9.96
CA HIS A 131 0.72 -10.36 9.79
C HIS A 131 0.69 -11.62 8.92
N PHE A 132 1.75 -11.90 8.16
CA PHE A 132 1.88 -13.09 7.29
C PHE A 132 2.83 -14.19 7.79
N LYS A 133 3.59 -14.01 8.88
CA LYS A 133 4.59 -15.01 9.34
C LYS A 133 4.04 -16.43 9.57
N TRP A 134 2.77 -16.56 9.94
CA TRP A 134 2.07 -17.83 10.12
C TRP A 134 1.59 -18.47 8.79
N VAL A 135 1.41 -17.65 7.75
CA VAL A 135 1.10 -18.08 6.37
C VAL A 135 2.39 -18.44 5.61
N LYS A 136 3.50 -17.78 5.95
CA LYS A 136 4.84 -17.92 5.34
C LYS A 136 5.72 -18.96 6.07
N GLN A 137 5.08 -19.99 6.62
CA GLN A 137 5.76 -21.13 7.23
C GLN A 137 6.23 -22.10 6.11
N GLU A 138 7.46 -21.89 5.67
CA GLU A 138 8.10 -22.54 4.51
C GLU A 138 9.54 -23.01 4.81
N GLY A 1 -33.19 -4.91 -2.50
CA GLY A 1 -31.71 -4.98 -2.59
C GLY A 1 -31.22 -4.87 -4.03
N SER A 2 -29.96 -5.26 -4.26
CA SER A 2 -29.31 -5.28 -5.59
C SER A 2 -28.26 -6.40 -5.69
N PRO A 3 -27.86 -6.83 -6.91
CA PRO A 3 -26.84 -7.89 -7.09
C PRO A 3 -25.40 -7.47 -6.72
N ASN A 4 -25.17 -6.20 -6.37
CA ASN A 4 -23.84 -5.67 -6.02
C ASN A 4 -23.20 -6.36 -4.80
N SER A 5 -24.00 -7.00 -3.93
CA SER A 5 -23.54 -7.80 -2.80
C SER A 5 -22.69 -9.02 -3.20
N MET A 6 -22.77 -9.46 -4.46
CA MET A 6 -21.95 -10.54 -5.04
C MET A 6 -20.59 -10.07 -5.60
N ALA A 7 -20.29 -8.76 -5.49
CA ALA A 7 -19.07 -8.13 -6.03
C ALA A 7 -18.39 -7.18 -5.03
N THR A 8 -19.16 -6.47 -4.20
CA THR A 8 -18.68 -5.55 -3.15
C THR A 8 -19.26 -5.97 -1.80
N GLU A 9 -18.41 -6.61 -0.99
CA GLU A 9 -18.75 -7.19 0.33
C GLU A 9 -17.64 -6.97 1.38
N LEU A 10 -16.74 -6.01 1.12
CA LEU A 10 -15.54 -5.69 1.91
C LEU A 10 -15.86 -4.80 3.13
N GLU A 11 -16.87 -5.20 3.90
CA GLU A 11 -17.43 -4.45 5.05
C GLU A 11 -16.64 -4.71 6.35
N TYR A 12 -15.30 -4.77 6.25
CA TYR A 12 -14.38 -5.21 7.27
C TYR A 12 -12.98 -4.62 7.01
N GLU A 13 -12.21 -4.42 8.08
CA GLU A 13 -10.79 -4.11 8.06
C GLU A 13 -10.26 -4.22 9.51
N SER A 14 -9.21 -5.00 9.71
CA SER A 14 -8.44 -5.01 10.97
C SER A 14 -7.13 -4.25 10.75
N VAL A 15 -7.03 -3.05 11.32
CA VAL A 15 -5.89 -2.12 11.19
C VAL A 15 -4.61 -2.69 11.82
N LEU A 16 -3.46 -2.37 11.20
CA LEU A 16 -2.13 -2.90 11.54
C LEU A 16 -1.08 -1.79 11.69
N CYS A 17 -1.10 -0.78 10.80
CA CYS A 17 -0.25 0.41 10.86
C CYS A 17 -0.98 1.62 10.27
N VAL A 18 -0.85 2.77 10.94
CA VAL A 18 -1.33 4.07 10.46
C VAL A 18 -0.20 5.10 10.58
N LYS A 19 0.09 5.81 9.48
CA LYS A 19 1.03 6.95 9.42
C LYS A 19 0.33 8.18 8.81
N PRO A 20 0.46 9.38 9.40
CA PRO A 20 -0.33 10.56 9.00
C PRO A 20 0.18 11.30 7.77
N ASP A 21 1.37 10.98 7.27
CA ASP A 21 1.95 11.62 6.09
C ASP A 21 2.60 10.62 5.14
N VAL A 22 1.98 10.47 3.97
CA VAL A 22 2.46 9.66 2.85
C VAL A 22 2.09 10.33 1.52
N SER A 23 2.98 10.22 0.54
CA SER A 23 2.91 10.95 -0.74
C SER A 23 2.97 10.00 -1.93
N VAL A 24 2.02 10.12 -2.85
CA VAL A 24 1.90 9.29 -4.07
C VAL A 24 2.59 9.93 -5.25
N TYR A 25 3.33 9.10 -5.99
CA TYR A 25 3.91 9.42 -7.29
C TYR A 25 3.56 8.31 -8.29
N ARG A 26 3.02 8.72 -9.44
CA ARG A 26 2.76 7.83 -10.58
C ARG A 26 4.09 7.54 -11.29
N ILE A 27 4.55 6.28 -11.22
CA ILE A 27 5.95 5.89 -11.50
C ILE A 27 6.27 5.71 -13.00
N PRO A 28 7.53 5.90 -13.43
CA PRO A 28 8.01 5.55 -14.76
C PRO A 28 8.01 4.02 -15.00
N PRO A 29 8.08 3.54 -16.26
CA PRO A 29 8.14 2.12 -16.59
C PRO A 29 9.41 1.43 -16.07
N ARG A 30 9.30 0.12 -15.78
CA ARG A 30 10.34 -0.69 -15.11
C ARG A 30 11.14 -1.55 -16.09
N ALA A 31 12.38 -1.82 -15.69
CA ALA A 31 13.06 -3.08 -15.94
C ALA A 31 13.97 -3.40 -14.74
N SER A 32 14.04 -4.66 -14.29
CA SER A 32 14.75 -5.07 -13.05
C SER A 32 16.27 -4.96 -13.11
N ASN A 33 16.86 -4.88 -14.31
CA ASN A 33 18.28 -4.51 -14.49
C ASN A 33 18.55 -3.00 -14.20
N ARG A 34 17.48 -2.21 -14.05
CA ARG A 34 17.48 -0.80 -13.63
C ARG A 34 16.92 -0.65 -12.22
N GLY A 35 15.69 -1.12 -12.00
CA GLY A 35 14.93 -0.97 -10.77
C GLY A 35 14.42 0.45 -10.55
N TYR A 36 13.40 0.57 -9.71
CA TYR A 36 12.94 1.85 -9.19
C TYR A 36 13.95 2.40 -8.17
N ARG A 37 14.26 3.69 -8.22
CA ARG A 37 15.34 4.31 -7.42
C ARG A 37 14.93 5.54 -6.64
N ALA A 38 13.61 5.70 -6.42
CA ALA A 38 12.92 6.85 -5.83
C ALA A 38 13.17 8.21 -6.51
N SER A 39 14.42 8.58 -6.82
CA SER A 39 14.83 9.86 -7.42
C SER A 39 14.29 10.09 -8.84
N ASP A 40 13.85 9.04 -9.54
CA ASP A 40 13.19 9.16 -10.85
C ASP A 40 11.67 9.41 -10.74
N TRP A 41 11.10 9.38 -9.52
CA TRP A 41 9.71 9.71 -9.24
C TRP A 41 9.55 11.21 -8.95
N LYS A 42 8.31 11.68 -8.83
CA LYS A 42 7.94 13.09 -8.62
C LYS A 42 8.08 13.57 -7.17
N LEU A 43 9.25 13.37 -6.57
CA LEU A 43 9.50 13.62 -5.13
C LEU A 43 9.26 15.08 -4.66
N ASP A 44 9.24 16.04 -5.59
CA ASP A 44 8.98 17.47 -5.32
C ASP A 44 7.58 17.93 -5.75
N GLN A 45 6.81 17.05 -6.43
CA GLN A 45 5.45 17.33 -6.92
C GLN A 45 4.57 16.06 -6.94
N PRO A 46 4.21 15.48 -5.78
CA PRO A 46 3.33 14.30 -5.68
C PRO A 46 1.99 14.50 -6.39
N ASP A 47 1.49 13.41 -6.98
CA ASP A 47 0.18 13.35 -7.64
C ASP A 47 -0.98 13.44 -6.62
N TRP A 48 -0.73 12.95 -5.40
CA TRP A 48 -1.64 13.04 -4.24
C TRP A 48 -0.85 12.92 -2.93
N THR A 49 -1.36 13.48 -1.83
CA THR A 49 -0.82 13.29 -0.46
C THR A 49 -1.92 13.04 0.57
N GLY A 50 -1.60 12.29 1.63
CA GLY A 50 -2.55 11.91 2.66
C GLY A 50 -1.96 11.02 3.77
N ARG A 51 -2.75 10.05 4.24
CA ARG A 51 -2.42 9.08 5.29
C ARG A 51 -2.29 7.66 4.75
N LEU A 52 -1.47 6.86 5.42
CA LEU A 52 -1.38 5.41 5.30
C LEU A 52 -2.35 4.73 6.28
N ARG A 53 -3.01 3.66 5.84
CA ARG A 53 -3.70 2.69 6.70
C ARG A 53 -3.50 1.27 6.17
N ILE A 54 -2.56 0.54 6.76
CA ILE A 54 -2.38 -0.90 6.51
C ILE A 54 -3.41 -1.66 7.35
N THR A 55 -4.13 -2.58 6.70
CA THR A 55 -5.21 -3.40 7.26
C THR A 55 -5.08 -4.85 6.76
N SER A 56 -5.66 -5.84 7.43
CA SER A 56 -5.71 -7.23 6.94
C SER A 56 -6.86 -8.05 7.52
N LYS A 57 -7.55 -8.77 6.64
CA LYS A 57 -8.67 -9.67 6.96
C LYS A 57 -8.68 -10.88 6.02
N GLY A 58 -8.73 -12.08 6.60
CA GLY A 58 -8.97 -13.34 5.89
C GLY A 58 -7.79 -13.86 5.06
N LYS A 59 -6.55 -13.66 5.56
CA LYS A 59 -5.27 -13.90 4.86
C LYS A 59 -5.09 -13.00 3.62
N THR A 60 -5.70 -11.83 3.63
CA THR A 60 -5.54 -10.77 2.63
C THR A 60 -5.31 -9.44 3.33
N ALA A 61 -4.14 -8.83 3.10
CA ALA A 61 -3.82 -7.49 3.55
C ALA A 61 -4.30 -6.45 2.54
N TYR A 62 -4.50 -5.22 3.01
CA TYR A 62 -4.91 -4.07 2.21
C TYR A 62 -4.10 -2.84 2.65
N ILE A 63 -3.29 -2.29 1.74
CA ILE A 63 -2.67 -0.97 1.96
C ILE A 63 -3.67 0.07 1.47
N LYS A 64 -4.50 0.59 2.39
CA LYS A 64 -5.45 1.68 2.11
C LYS A 64 -4.80 3.06 2.31
N LEU A 65 -5.09 3.99 1.41
CA LEU A 65 -4.63 5.39 1.44
C LEU A 65 -5.83 6.34 1.65
N GLU A 66 -5.68 7.30 2.57
CA GLU A 66 -6.79 8.17 3.02
C GLU A 66 -6.46 9.67 2.97
N ASP A 67 -7.44 10.52 2.71
CA ASP A 67 -7.27 11.97 2.83
C ASP A 67 -7.21 12.36 4.31
N LYS A 68 -6.18 13.11 4.71
CA LYS A 68 -5.94 13.42 6.13
C LYS A 68 -6.87 14.46 6.73
N VAL A 69 -7.67 15.13 5.92
CA VAL A 69 -8.50 16.27 6.32
C VAL A 69 -9.98 15.92 6.27
N SER A 70 -10.39 15.12 5.27
CA SER A 70 -11.79 14.73 5.06
C SER A 70 -12.07 13.25 5.36
N GLY A 71 -11.03 12.40 5.46
CA GLY A 71 -11.18 10.96 5.74
C GLY A 71 -11.68 10.16 4.53
N GLU A 72 -11.54 10.70 3.33
CA GLU A 72 -11.84 10.02 2.06
C GLU A 72 -10.93 8.81 1.84
N LEU A 73 -11.36 7.87 1.00
CA LEU A 73 -10.51 6.79 0.47
C LEU A 73 -9.94 7.22 -0.89
N PHE A 74 -8.62 7.29 -1.01
CA PHE A 74 -7.93 7.58 -2.27
C PHE A 74 -7.75 6.31 -3.11
N ALA A 75 -7.11 5.29 -2.53
CA ALA A 75 -6.82 4.01 -3.17
C ALA A 75 -6.65 2.88 -2.13
N GLN A 76 -6.68 1.64 -2.60
CA GLN A 76 -6.44 0.43 -1.79
C GLN A 76 -5.69 -0.63 -2.59
N ALA A 77 -4.68 -1.27 -2.00
CA ALA A 77 -3.94 -2.38 -2.61
C ALA A 77 -4.12 -3.70 -1.82
N PRO A 78 -5.05 -4.58 -2.24
CA PRO A 78 -5.12 -5.97 -1.80
C PRO A 78 -3.84 -6.76 -2.06
N VAL A 79 -3.42 -7.57 -1.09
CA VAL A 79 -2.21 -8.41 -1.09
C VAL A 79 -2.53 -9.78 -0.47
N GLU A 80 -2.20 -10.88 -1.13
CA GLU A 80 -2.46 -12.24 -0.60
C GLU A 80 -1.32 -12.82 0.25
N GLN A 81 -0.09 -12.32 0.05
CA GLN A 81 1.12 -12.66 0.83
C GLN A 81 2.23 -11.62 0.62
N TYR A 82 3.10 -11.44 1.62
CA TYR A 82 4.21 -10.48 1.60
C TYR A 82 5.55 -11.13 2.02
N PRO A 83 6.67 -10.88 1.32
CA PRO A 83 6.77 -10.16 0.04
C PRO A 83 6.02 -10.86 -1.11
N GLY A 84 5.45 -10.07 -2.01
CA GLY A 84 4.58 -10.54 -3.11
C GLY A 84 4.50 -9.57 -4.30
N ILE A 85 3.40 -9.65 -5.07
CA ILE A 85 3.20 -8.89 -6.32
C ILE A 85 2.67 -7.47 -6.10
N ALA A 86 1.74 -7.28 -5.15
CA ALA A 86 1.04 -6.02 -4.93
C ALA A 86 1.80 -5.02 -4.03
N VAL A 87 3.07 -5.32 -3.70
CA VAL A 87 3.95 -4.47 -2.88
C VAL A 87 5.42 -4.68 -3.31
N GLU A 88 6.15 -3.59 -3.49
CA GLU A 88 7.53 -3.54 -4.02
C GLU A 88 8.37 -2.42 -3.38
N THR A 89 9.70 -2.48 -3.52
CA THR A 89 10.68 -1.53 -2.96
C THR A 89 11.46 -0.80 -4.07
N VAL A 90 12.10 0.31 -3.72
CA VAL A 90 13.14 0.97 -4.54
C VAL A 90 14.54 0.42 -4.18
N THR A 91 15.56 0.87 -4.91
CA THR A 91 16.98 0.48 -4.72
C THR A 91 17.78 1.46 -3.86
N ASP A 92 17.42 2.75 -3.91
CA ASP A 92 18.25 3.84 -3.36
C ASP A 92 17.95 4.16 -1.89
N SER A 93 16.67 4.24 -1.52
CA SER A 93 16.26 4.61 -0.14
C SER A 93 15.03 3.86 0.37
N SER A 94 15.13 3.25 1.55
CA SER A 94 14.08 2.38 2.13
C SER A 94 12.78 3.10 2.52
N ARG A 95 12.70 4.43 2.39
CA ARG A 95 11.50 5.23 2.68
C ARG A 95 10.49 5.31 1.52
N TYR A 96 10.61 4.44 0.51
CA TYR A 96 9.82 4.46 -0.71
C TYR A 96 9.42 3.05 -1.15
N PHE A 97 8.15 2.88 -1.50
CA PHE A 97 7.56 1.60 -1.93
C PHE A 97 6.66 1.79 -3.16
N VAL A 98 6.37 0.71 -3.88
CA VAL A 98 5.33 0.66 -4.92
C VAL A 98 4.26 -0.33 -4.49
N ILE A 99 2.98 -0.07 -4.79
CA ILE A 99 1.89 -1.02 -4.54
C ILE A 99 0.94 -1.15 -5.73
N ARG A 100 0.36 -2.33 -5.92
CA ARG A 100 -0.68 -2.57 -6.94
C ARG A 100 -2.07 -2.27 -6.35
N ILE A 101 -2.51 -1.02 -6.46
CA ILE A 101 -3.88 -0.64 -6.05
C ILE A 101 -4.92 -1.24 -7.01
N GLN A 102 -6.06 -1.68 -6.47
CA GLN A 102 -7.13 -2.37 -7.20
C GLN A 102 -8.52 -1.83 -6.80
N ASP A 103 -9.40 -1.75 -7.79
CA ASP A 103 -10.76 -1.18 -7.66
C ASP A 103 -11.85 -2.24 -7.39
N GLY A 104 -11.44 -3.46 -7.02
CA GLY A 104 -12.32 -4.58 -6.64
C GLY A 104 -13.02 -5.31 -7.80
N THR A 105 -12.66 -4.96 -9.05
CA THR A 105 -13.31 -5.44 -10.30
C THR A 105 -12.32 -5.99 -11.35
N GLY A 106 -11.04 -6.07 -11.01
CA GLY A 106 -9.94 -6.48 -11.91
C GLY A 106 -9.21 -5.31 -12.58
N ARG A 107 -9.71 -4.09 -12.36
CA ARG A 107 -9.07 -2.80 -12.64
C ARG A 107 -8.02 -2.54 -11.56
N SER A 108 -6.82 -2.20 -12.00
CA SER A 108 -5.64 -2.00 -11.13
C SER A 108 -4.59 -1.05 -11.72
N ALA A 109 -3.72 -0.52 -10.86
CA ALA A 109 -2.55 0.29 -11.22
C ALA A 109 -1.39 0.08 -10.23
N PHE A 110 -0.15 0.23 -10.70
CA PHE A 110 1.03 0.32 -9.84
C PHE A 110 1.35 1.79 -9.53
N ILE A 111 1.30 2.16 -8.25
CA ILE A 111 1.62 3.52 -7.76
C ILE A 111 2.79 3.49 -6.78
N GLY A 112 3.61 4.54 -6.78
CA GLY A 112 4.70 4.73 -5.82
C GLY A 112 4.22 5.54 -4.62
N ILE A 113 4.72 5.23 -3.43
CA ILE A 113 4.51 5.97 -2.19
C ILE A 113 5.84 6.29 -1.51
N GLY A 114 5.94 7.50 -0.94
CA GLY A 114 7.09 7.99 -0.18
C GLY A 114 6.71 8.47 1.22
N PHE A 115 7.60 8.21 2.18
CA PHE A 115 7.40 8.46 3.61
C PHE A 115 8.18 9.68 4.10
N THR A 116 7.77 10.21 5.26
CA THR A 116 8.41 11.36 5.93
C THR A 116 9.79 11.01 6.49
N ASP A 117 10.03 9.74 6.86
CA ASP A 117 11.29 9.26 7.42
C ASP A 117 11.47 7.75 7.21
N ARG A 118 12.74 7.30 7.11
CA ARG A 118 13.09 5.88 6.95
C ARG A 118 12.65 5.00 8.13
N GLY A 119 12.67 5.53 9.35
CA GLY A 119 12.20 4.82 10.55
C GLY A 119 10.67 4.64 10.60
N ASP A 120 9.92 5.51 9.92
CA ASP A 120 8.46 5.40 9.77
C ASP A 120 8.08 4.49 8.59
N ALA A 121 8.89 4.48 7.52
CA ALA A 121 8.77 3.50 6.46
C ALA A 121 9.14 2.07 6.90
N PHE A 122 10.08 1.90 7.84
CA PHE A 122 10.38 0.59 8.41
C PHE A 122 9.14 -0.08 9.06
N ASP A 123 8.21 0.71 9.61
CA ASP A 123 6.95 0.19 10.14
C ASP A 123 6.01 -0.35 9.04
N PHE A 124 6.08 0.16 7.80
CA PHE A 124 5.28 -0.34 6.67
C PHE A 124 5.63 -1.79 6.33
N ASN A 125 6.90 -2.09 6.06
CA ASN A 125 7.32 -3.44 5.66
C ASN A 125 7.35 -4.44 6.83
N VAL A 126 7.50 -3.97 8.08
CA VAL A 126 7.39 -4.83 9.28
C VAL A 126 5.92 -5.16 9.59
N SER A 127 5.01 -4.20 9.47
CA SER A 127 3.57 -4.41 9.71
C SER A 127 2.97 -5.49 8.79
N LEU A 128 3.39 -5.53 7.52
CA LEU A 128 2.98 -6.57 6.57
C LEU A 128 3.56 -7.94 6.92
N GLN A 129 4.88 -8.05 7.08
CA GLN A 129 5.53 -9.36 7.32
C GLN A 129 5.16 -9.98 8.68
N ASP A 130 4.92 -9.14 9.71
CA ASP A 130 4.53 -9.58 11.04
C ASP A 130 3.01 -9.81 11.17
N HIS A 131 2.24 -9.58 10.10
CA HIS A 131 0.90 -10.14 9.97
C HIS A 131 0.91 -11.48 9.22
N PHE A 132 1.74 -11.64 8.18
CA PHE A 132 1.77 -12.84 7.33
C PHE A 132 2.64 -14.00 7.86
N LYS A 133 3.42 -13.83 8.93
CA LYS A 133 4.38 -14.86 9.38
C LYS A 133 3.80 -16.26 9.63
N TRP A 134 2.54 -16.36 10.06
CA TRP A 134 1.82 -17.62 10.27
C TRP A 134 1.23 -18.21 8.97
N VAL A 135 0.92 -17.36 7.98
CA VAL A 135 0.47 -17.76 6.63
C VAL A 135 1.65 -18.28 5.80
N LYS A 136 2.85 -17.75 6.04
CA LYS A 136 4.10 -18.07 5.34
C LYS A 136 5.01 -18.99 6.17
N GLN A 137 4.41 -19.99 6.82
CA GLN A 137 5.12 -21.15 7.37
C GLN A 137 5.45 -22.24 6.33
N GLU A 138 5.11 -21.96 5.07
CA GLU A 138 5.35 -22.76 3.85
C GLU A 138 5.46 -21.87 2.60
N GLY A 1 -27.44 -13.46 -6.37
CA GLY A 1 -27.56 -13.50 -4.90
C GLY A 1 -29.01 -13.37 -4.44
N SER A 2 -29.22 -13.28 -3.12
CA SER A 2 -30.55 -13.10 -2.51
C SER A 2 -31.07 -11.65 -2.64
N PRO A 3 -32.39 -11.39 -2.45
CA PRO A 3 -32.96 -10.04 -2.51
C PRO A 3 -32.69 -9.17 -1.26
N ASN A 4 -31.96 -9.69 -0.27
CA ASN A 4 -31.63 -8.97 0.98
C ASN A 4 -30.58 -7.85 0.76
N SER A 5 -30.47 -6.93 1.73
CA SER A 5 -29.51 -5.82 1.74
C SER A 5 -28.05 -6.26 1.98
N MET A 6 -27.84 -7.49 2.45
CA MET A 6 -26.53 -8.14 2.66
C MET A 6 -26.49 -9.55 2.05
N ALA A 7 -25.29 -9.99 1.64
CA ALA A 7 -25.05 -11.30 1.04
C ALA A 7 -23.66 -11.88 1.37
N THR A 8 -22.59 -11.07 1.21
CA THR A 8 -21.22 -11.43 1.64
C THR A 8 -21.03 -11.19 3.15
N GLU A 9 -21.65 -10.11 3.64
CA GLU A 9 -21.83 -9.74 5.05
C GLU A 9 -20.56 -9.83 5.92
N LEU A 10 -19.66 -8.85 5.76
CA LEU A 10 -18.57 -8.58 6.70
C LEU A 10 -18.53 -7.11 7.12
N GLU A 11 -18.14 -6.89 8.37
CA GLU A 11 -17.94 -5.57 9.00
C GLU A 11 -16.57 -5.50 9.68
N TYR A 12 -15.52 -5.90 8.96
CA TYR A 12 -14.14 -5.95 9.43
C TYR A 12 -13.12 -5.57 8.35
N GLU A 13 -11.98 -5.06 8.82
CA GLU A 13 -10.83 -4.51 8.10
C GLU A 13 -9.78 -4.22 9.19
N SER A 14 -9.11 -5.28 9.64
CA SER A 14 -8.34 -5.30 10.88
C SER A 14 -7.05 -4.48 10.74
N VAL A 15 -6.94 -3.38 11.48
CA VAL A 15 -5.87 -2.37 11.30
C VAL A 15 -4.52 -2.88 11.86
N LEU A 16 -3.43 -2.48 11.20
CA LEU A 16 -2.07 -2.98 11.44
C LEU A 16 -1.06 -1.82 11.57
N CYS A 17 -1.20 -0.79 10.74
CA CYS A 17 -0.39 0.44 10.77
C CYS A 17 -1.22 1.63 10.32
N VAL A 18 -1.01 2.78 10.95
CA VAL A 18 -1.54 4.09 10.54
C VAL A 18 -0.44 5.14 10.67
N LYS A 19 -0.16 5.90 9.60
CA LYS A 19 0.83 6.99 9.56
C LYS A 19 0.23 8.26 8.92
N PRO A 20 0.50 9.46 9.46
CA PRO A 20 -0.19 10.70 9.07
C PRO A 20 0.33 11.37 7.79
N ASP A 21 1.53 11.02 7.32
CA ASP A 21 2.20 11.69 6.19
C ASP A 21 2.76 10.67 5.19
N VAL A 22 2.11 10.57 4.04
CA VAL A 22 2.54 9.77 2.89
C VAL A 22 2.18 10.49 1.57
N SER A 23 3.06 10.37 0.57
CA SER A 23 3.00 11.13 -0.68
C SER A 23 3.03 10.20 -1.90
N VAL A 24 2.08 10.33 -2.83
CA VAL A 24 1.95 9.51 -4.04
C VAL A 24 2.63 10.15 -5.24
N TYR A 25 3.34 9.32 -5.99
CA TYR A 25 3.88 9.64 -7.31
C TYR A 25 3.48 8.53 -8.29
N ARG A 26 2.84 8.88 -9.40
CA ARG A 26 2.59 7.96 -10.52
C ARG A 26 3.92 7.67 -11.24
N ILE A 27 4.42 6.44 -11.09
CA ILE A 27 5.74 6.00 -11.54
C ILE A 27 5.81 5.73 -13.06
N PRO A 28 7.01 5.80 -13.68
CA PRO A 28 7.28 5.13 -14.95
C PRO A 28 7.27 3.60 -14.78
N PRO A 29 7.09 2.81 -15.86
CA PRO A 29 7.18 1.35 -15.80
C PRO A 29 8.59 0.87 -15.40
N ARG A 30 8.67 -0.28 -14.73
CA ARG A 30 9.94 -0.84 -14.21
C ARG A 30 10.90 -1.24 -15.34
N ALA A 31 12.19 -1.10 -15.05
CA ALA A 31 13.27 -1.77 -15.76
C ALA A 31 13.23 -3.31 -15.56
N SER A 32 14.17 -4.00 -16.21
CA SER A 32 14.34 -5.47 -16.15
C SER A 32 15.36 -5.90 -15.10
N ASN A 33 16.46 -5.14 -14.99
CA ASN A 33 17.61 -5.41 -14.13
C ASN A 33 17.98 -4.25 -13.19
N ARG A 34 17.30 -3.09 -13.28
CA ARG A 34 17.59 -1.88 -12.47
C ARG A 34 16.65 -1.71 -11.29
N GLY A 35 15.34 -1.74 -11.50
CA GLY A 35 14.38 -1.50 -10.45
C GLY A 35 14.13 -0.01 -10.24
N TYR A 36 13.17 0.28 -9.38
CA TYR A 36 12.82 1.62 -8.93
C TYR A 36 13.88 2.16 -7.98
N ARG A 37 14.21 3.45 -8.07
CA ARG A 37 15.33 4.09 -7.33
C ARG A 37 14.94 5.36 -6.59
N ALA A 38 13.65 5.55 -6.34
CA ALA A 38 13.00 6.73 -5.75
C ALA A 38 13.23 8.06 -6.51
N SER A 39 14.48 8.40 -6.84
CA SER A 39 14.88 9.63 -7.52
C SER A 39 14.37 9.76 -8.97
N ASP A 40 13.90 8.66 -9.57
CA ASP A 40 13.24 8.67 -10.88
C ASP A 40 11.78 9.14 -10.81
N TRP A 41 11.18 9.20 -9.62
CA TRP A 41 9.80 9.61 -9.38
C TRP A 41 9.69 11.13 -9.13
N LYS A 42 8.46 11.63 -9.06
CA LYS A 42 8.13 13.06 -8.89
C LYS A 42 8.24 13.57 -7.45
N LEU A 43 9.39 13.38 -6.81
CA LEU A 43 9.62 13.65 -5.38
C LEU A 43 9.39 15.11 -4.95
N ASP A 44 9.38 16.06 -5.90
CA ASP A 44 9.12 17.49 -5.63
C ASP A 44 7.72 17.96 -6.09
N GLN A 45 6.94 17.06 -6.71
CA GLN A 45 5.56 17.31 -7.16
C GLN A 45 4.69 16.02 -7.09
N PRO A 46 4.32 15.54 -5.88
CA PRO A 46 3.39 14.42 -5.72
C PRO A 46 2.05 14.66 -6.41
N ASP A 47 1.48 13.60 -6.96
CA ASP A 47 0.15 13.59 -7.59
C ASP A 47 -0.97 13.72 -6.54
N TRP A 48 -0.70 13.22 -5.32
CA TRP A 48 -1.59 13.33 -4.15
C TRP A 48 -0.77 13.18 -2.86
N THR A 49 -1.24 13.76 -1.74
CA THR A 49 -0.68 13.52 -0.40
C THR A 49 -1.78 13.30 0.64
N GLY A 50 -1.48 12.50 1.67
CA GLY A 50 -2.43 12.16 2.72
C GLY A 50 -1.86 11.20 3.76
N ARG A 51 -2.69 10.25 4.21
CA ARG A 51 -2.42 9.29 5.30
C ARG A 51 -2.34 7.86 4.79
N LEU A 52 -1.54 7.05 5.48
CA LEU A 52 -1.46 5.60 5.34
C LEU A 52 -2.45 4.90 6.28
N ARG A 53 -3.05 3.81 5.80
CA ARG A 53 -3.62 2.73 6.60
C ARG A 53 -3.18 1.38 6.03
N ILE A 54 -2.69 0.49 6.89
CA ILE A 54 -2.51 -0.94 6.59
C ILE A 54 -3.56 -1.71 7.40
N THR A 55 -4.24 -2.62 6.70
CA THR A 55 -5.47 -3.30 7.10
C THR A 55 -5.41 -4.75 6.61
N SER A 56 -6.13 -5.70 7.20
CA SER A 56 -6.16 -7.11 6.78
C SER A 56 -7.35 -7.84 7.39
N LYS A 57 -7.86 -8.89 6.73
CA LYS A 57 -9.07 -9.57 7.19
C LYS A 57 -8.98 -11.09 7.36
N GLY A 58 -8.41 -11.80 6.38
CA GLY A 58 -8.35 -13.27 6.37
C GLY A 58 -7.39 -13.80 5.31
N LYS A 59 -6.11 -13.89 5.68
CA LYS A 59 -4.96 -14.19 4.80
C LYS A 59 -4.86 -13.23 3.59
N THR A 60 -5.43 -12.03 3.74
CA THR A 60 -5.45 -10.99 2.73
C THR A 60 -5.27 -9.65 3.43
N ALA A 61 -4.23 -8.92 3.06
CA ALA A 61 -3.96 -7.56 3.53
C ALA A 61 -4.39 -6.52 2.49
N TYR A 62 -4.57 -5.28 2.96
CA TYR A 62 -5.05 -4.13 2.21
C TYR A 62 -4.24 -2.90 2.64
N ILE A 63 -3.43 -2.34 1.75
CA ILE A 63 -2.81 -1.01 1.94
C ILE A 63 -3.79 0.02 1.39
N LYS A 64 -4.42 0.79 2.28
CA LYS A 64 -5.37 1.86 1.94
C LYS A 64 -4.78 3.24 2.20
N LEU A 65 -4.96 4.14 1.24
CA LEU A 65 -4.55 5.54 1.31
C LEU A 65 -5.77 6.43 1.53
N GLU A 66 -5.68 7.37 2.48
CA GLU A 66 -6.82 8.17 2.95
C GLU A 66 -6.49 9.65 3.08
N ASP A 67 -7.49 10.52 2.93
CA ASP A 67 -7.32 11.96 3.00
C ASP A 67 -7.11 12.46 4.44
N LYS A 68 -6.25 13.47 4.58
CA LYS A 68 -5.86 14.11 5.85
C LYS A 68 -6.81 15.19 6.36
N VAL A 69 -7.82 15.57 5.56
CA VAL A 69 -8.83 16.56 5.89
C VAL A 69 -10.24 15.97 5.80
N SER A 70 -10.55 15.20 4.75
CA SER A 70 -11.90 14.67 4.51
C SER A 70 -12.11 13.26 5.09
N GLY A 71 -11.02 12.52 5.31
CA GLY A 71 -11.07 11.13 5.80
C GLY A 71 -11.45 10.10 4.73
N GLU A 72 -11.59 10.53 3.48
CA GLU A 72 -12.06 9.74 2.35
C GLU A 72 -10.95 8.86 1.75
N LEU A 73 -11.33 7.75 1.10
CA LEU A 73 -10.42 6.82 0.45
C LEU A 73 -9.88 7.39 -0.88
N PHE A 74 -8.55 7.46 -1.02
CA PHE A 74 -7.88 7.79 -2.29
C PHE A 74 -7.70 6.54 -3.16
N ALA A 75 -7.09 5.48 -2.60
CA ALA A 75 -6.82 4.22 -3.30
C ALA A 75 -6.63 3.05 -2.31
N GLN A 76 -6.73 1.81 -2.82
CA GLN A 76 -6.57 0.58 -2.05
C GLN A 76 -5.80 -0.50 -2.84
N ALA A 77 -4.83 -1.16 -2.22
CA ALA A 77 -4.02 -2.24 -2.80
C ALA A 77 -4.18 -3.55 -1.99
N PRO A 78 -4.94 -4.54 -2.48
CA PRO A 78 -5.06 -5.86 -1.87
C PRO A 78 -3.81 -6.72 -2.12
N VAL A 79 -3.44 -7.54 -1.12
CA VAL A 79 -2.21 -8.34 -1.07
C VAL A 79 -2.52 -9.73 -0.48
N GLU A 80 -2.17 -10.81 -1.18
CA GLU A 80 -2.47 -12.19 -0.71
C GLU A 80 -1.33 -12.80 0.14
N GLN A 81 -0.10 -12.31 -0.04
CA GLN A 81 1.09 -12.63 0.76
C GLN A 81 2.16 -11.55 0.57
N TYR A 82 2.99 -11.32 1.60
CA TYR A 82 4.12 -10.39 1.56
C TYR A 82 5.46 -11.14 1.80
N PRO A 83 6.49 -10.94 0.95
CA PRO A 83 6.47 -10.18 -0.31
C PRO A 83 5.59 -10.85 -1.39
N GLY A 84 5.00 -10.02 -2.25
CA GLY A 84 4.15 -10.41 -3.38
C GLY A 84 4.19 -9.41 -4.54
N ILE A 85 3.22 -9.46 -5.44
CA ILE A 85 3.16 -8.53 -6.60
C ILE A 85 2.68 -7.12 -6.22
N ALA A 86 1.76 -7.01 -5.26
CA ALA A 86 1.04 -5.77 -4.96
C ALA A 86 1.80 -4.81 -4.03
N VAL A 87 3.07 -5.11 -3.72
CA VAL A 87 3.95 -4.29 -2.87
C VAL A 87 5.41 -4.51 -3.29
N GLU A 88 6.16 -3.43 -3.50
CA GLU A 88 7.56 -3.40 -3.92
C GLU A 88 8.37 -2.30 -3.20
N THR A 89 9.69 -2.44 -3.18
CA THR A 89 10.68 -1.49 -2.63
C THR A 89 11.46 -0.79 -3.75
N VAL A 90 12.08 0.35 -3.44
CA VAL A 90 13.13 0.98 -4.25
C VAL A 90 14.52 0.40 -3.90
N THR A 91 15.54 0.77 -4.67
CA THR A 91 16.94 0.33 -4.47
C THR A 91 17.78 1.32 -3.67
N ASP A 92 17.47 2.62 -3.77
CA ASP A 92 18.32 3.70 -3.27
C ASP A 92 18.03 4.09 -1.81
N SER A 93 16.75 4.32 -1.49
CA SER A 93 16.33 4.91 -0.21
C SER A 93 15.13 4.21 0.41
N SER A 94 15.28 3.60 1.60
CA SER A 94 14.28 2.68 2.17
C SER A 94 12.93 3.31 2.54
N ARG A 95 12.79 4.64 2.49
CA ARG A 95 11.54 5.37 2.80
C ARG A 95 10.55 5.48 1.62
N TYR A 96 10.65 4.60 0.63
CA TYR A 96 9.84 4.62 -0.59
C TYR A 96 9.43 3.20 -1.02
N PHE A 97 8.17 3.04 -1.43
CA PHE A 97 7.58 1.77 -1.87
C PHE A 97 6.69 1.98 -3.10
N VAL A 98 6.37 0.90 -3.80
CA VAL A 98 5.33 0.85 -4.83
C VAL A 98 4.25 -0.13 -4.41
N ILE A 99 2.97 0.16 -4.68
CA ILE A 99 1.87 -0.78 -4.45
C ILE A 99 0.92 -0.86 -5.64
N ARG A 100 0.32 -2.04 -5.86
CA ARG A 100 -0.65 -2.27 -6.93
C ARG A 100 -2.08 -1.98 -6.47
N ILE A 101 -2.52 -0.73 -6.59
CA ILE A 101 -3.88 -0.33 -6.24
C ILE A 101 -4.89 -0.89 -7.27
N GLN A 102 -6.05 -1.35 -6.79
CA GLN A 102 -7.05 -2.12 -7.55
C GLN A 102 -8.47 -1.73 -7.11
N ASP A 103 -9.39 -1.71 -8.07
CA ASP A 103 -10.82 -1.41 -7.84
C ASP A 103 -11.68 -2.66 -7.54
N GLY A 104 -11.04 -3.83 -7.42
CA GLY A 104 -11.68 -5.11 -7.06
C GLY A 104 -12.40 -5.84 -8.21
N THR A 105 -12.15 -5.40 -9.45
CA THR A 105 -12.84 -5.85 -10.67
C THR A 105 -11.88 -6.18 -11.83
N GLY A 106 -10.57 -6.32 -11.55
CA GLY A 106 -9.52 -6.57 -12.55
C GLY A 106 -8.86 -5.30 -13.10
N ARG A 107 -9.34 -4.12 -12.71
CA ARG A 107 -8.64 -2.84 -12.83
C ARG A 107 -7.47 -2.81 -11.87
N SER A 108 -6.37 -2.25 -12.34
CA SER A 108 -5.19 -1.97 -11.50
C SER A 108 -4.29 -0.85 -12.00
N ALA A 109 -3.51 -0.27 -11.09
CA ALA A 109 -2.37 0.60 -11.35
C ALA A 109 -1.26 0.38 -10.32
N PHE A 110 0.00 0.48 -10.73
CA PHE A 110 1.15 0.54 -9.82
C PHE A 110 1.45 2.01 -9.49
N ILE A 111 1.38 2.38 -8.21
CA ILE A 111 1.67 3.74 -7.73
C ILE A 111 2.84 3.72 -6.75
N GLY A 112 3.67 4.77 -6.76
CA GLY A 112 4.77 4.96 -5.81
C GLY A 112 4.31 5.78 -4.61
N ILE A 113 4.81 5.44 -3.42
CA ILE A 113 4.58 6.18 -2.18
C ILE A 113 5.91 6.49 -1.46
N GLY A 114 6.01 7.70 -0.91
CA GLY A 114 7.14 8.18 -0.12
C GLY A 114 6.74 8.56 1.30
N PHE A 115 7.59 8.22 2.27
CA PHE A 115 7.37 8.41 3.71
C PHE A 115 8.15 9.61 4.25
N THR A 116 7.65 10.16 5.36
CA THR A 116 8.27 11.29 6.07
C THR A 116 9.57 10.90 6.80
N ASP A 117 9.75 9.62 7.12
CA ASP A 117 10.91 9.11 7.85
C ASP A 117 11.17 7.63 7.56
N ARG A 118 12.46 7.23 7.54
CA ARG A 118 12.89 5.84 7.28
C ARG A 118 12.42 4.85 8.35
N GLY A 119 12.34 5.25 9.62
CA GLY A 119 11.82 4.41 10.70
C GLY A 119 10.33 4.09 10.56
N ASP A 120 9.56 5.00 9.96
CA ASP A 120 8.12 4.80 9.71
C ASP A 120 7.87 3.99 8.43
N ALA A 121 8.73 4.11 7.43
CA ALA A 121 8.76 3.19 6.30
C ALA A 121 9.16 1.75 6.69
N PHE A 122 10.11 1.59 7.63
CA PHE A 122 10.38 0.28 8.24
C PHE A 122 9.15 -0.25 8.99
N ASP A 123 8.37 0.61 9.66
CA ASP A 123 7.15 0.20 10.37
C ASP A 123 6.02 -0.24 9.41
N PHE A 124 5.89 0.40 8.24
CA PHE A 124 5.05 -0.07 7.12
C PHE A 124 5.40 -1.51 6.71
N ASN A 125 6.69 -1.78 6.46
CA ASN A 125 7.16 -3.08 6.01
C ASN A 125 7.04 -4.16 7.10
N VAL A 126 7.37 -3.84 8.35
CA VAL A 126 7.28 -4.77 9.48
C VAL A 126 5.82 -5.14 9.76
N SER A 127 4.89 -4.20 9.64
CA SER A 127 3.45 -4.42 9.81
C SER A 127 2.83 -5.35 8.74
N LEU A 128 3.54 -5.60 7.62
CA LEU A 128 3.18 -6.63 6.65
C LEU A 128 3.89 -7.96 6.97
N GLN A 129 5.22 -7.99 7.11
CA GLN A 129 5.95 -9.25 7.26
C GLN A 129 5.70 -9.96 8.60
N ASP A 130 5.47 -9.20 9.69
CA ASP A 130 5.10 -9.73 11.00
C ASP A 130 3.57 -9.91 11.16
N HIS A 131 2.81 -9.73 10.07
CA HIS A 131 1.43 -10.16 9.96
C HIS A 131 1.26 -11.43 9.12
N PHE A 132 2.09 -11.64 8.08
CA PHE A 132 2.05 -12.83 7.21
C PHE A 132 2.92 -14.00 7.67
N LYS A 133 3.72 -13.89 8.75
CA LYS A 133 4.65 -14.95 9.19
C LYS A 133 4.02 -16.34 9.42
N TRP A 134 2.76 -16.39 9.86
CA TRP A 134 1.99 -17.63 10.08
C TRP A 134 1.38 -18.19 8.78
N VAL A 135 1.23 -17.36 7.74
CA VAL A 135 0.79 -17.76 6.39
C VAL A 135 1.96 -18.33 5.58
N LYS A 136 3.18 -17.81 5.82
CA LYS A 136 4.44 -18.21 5.17
C LYS A 136 5.20 -19.26 6.01
N GLN A 137 4.47 -20.30 6.43
CA GLN A 137 4.99 -21.45 7.16
C GLN A 137 5.27 -22.60 6.20
N GLU A 138 6.55 -22.82 5.91
CA GLU A 138 7.09 -23.92 5.07
C GLU A 138 6.83 -25.32 5.67
N GLY A 1 -33.06 -12.14 6.85
CA GLY A 1 -31.89 -11.26 6.65
C GLY A 1 -32.20 -10.12 5.69
N SER A 2 -31.48 -9.00 5.81
CA SER A 2 -31.65 -7.81 4.96
C SER A 2 -31.16 -8.06 3.52
N PRO A 3 -31.89 -7.60 2.48
CA PRO A 3 -31.43 -7.71 1.09
C PRO A 3 -30.18 -6.86 0.82
N ASN A 4 -29.90 -5.85 1.66
CA ASN A 4 -28.71 -5.00 1.57
C ASN A 4 -27.41 -5.76 1.90
N SER A 5 -27.50 -6.85 2.68
CA SER A 5 -26.36 -7.70 3.05
C SER A 5 -25.91 -8.65 1.92
N MET A 6 -26.73 -8.85 0.88
CA MET A 6 -26.57 -9.87 -0.17
C MET A 6 -25.55 -9.48 -1.27
N ALA A 7 -24.48 -8.77 -0.89
CA ALA A 7 -23.39 -8.33 -1.78
C ALA A 7 -22.08 -8.16 -1.01
N THR A 8 -22.12 -7.48 0.15
CA THR A 8 -21.03 -7.36 1.14
C THR A 8 -21.65 -7.11 2.52
N GLU A 9 -21.23 -7.89 3.51
CA GLU A 9 -21.68 -7.79 4.92
C GLU A 9 -20.55 -7.90 5.95
N LEU A 10 -19.29 -7.78 5.50
CA LEU A 10 -18.09 -7.91 6.35
C LEU A 10 -17.88 -6.65 7.20
N GLU A 11 -18.13 -6.76 8.50
CA GLU A 11 -17.81 -5.74 9.52
C GLU A 11 -16.32 -5.83 9.94
N TYR A 12 -15.43 -5.70 8.95
CA TYR A 12 -14.05 -6.17 8.95
C TYR A 12 -13.13 -5.17 8.25
N GLU A 13 -12.04 -4.81 8.92
CA GLU A 13 -10.87 -4.11 8.37
C GLU A 13 -9.82 -4.03 9.49
N SER A 14 -9.09 -5.11 9.65
CA SER A 14 -8.11 -5.36 10.71
C SER A 14 -6.85 -4.49 10.50
N VAL A 15 -6.73 -3.38 11.24
CA VAL A 15 -5.64 -2.38 11.09
C VAL A 15 -4.27 -2.96 11.47
N LEU A 16 -3.22 -2.55 10.75
CA LEU A 16 -1.83 -3.04 10.89
C LEU A 16 -0.83 -1.89 11.11
N CYS A 17 -0.96 -0.80 10.36
CA CYS A 17 -0.14 0.42 10.51
C CYS A 17 -0.90 1.65 10.02
N VAL A 18 -0.83 2.74 10.78
CA VAL A 18 -1.36 4.06 10.40
C VAL A 18 -0.26 5.12 10.57
N LYS A 19 0.03 5.88 9.49
CA LYS A 19 0.99 6.99 9.48
C LYS A 19 0.34 8.26 8.88
N PRO A 20 0.48 9.45 9.49
CA PRO A 20 -0.24 10.66 9.09
C PRO A 20 0.32 11.38 7.86
N ASP A 21 1.53 11.03 7.39
CA ASP A 21 2.21 11.67 6.26
C ASP A 21 2.69 10.63 5.25
N VAL A 22 2.00 10.54 4.11
CA VAL A 22 2.42 9.76 2.93
C VAL A 22 2.07 10.52 1.64
N SER A 23 2.96 10.42 0.66
CA SER A 23 2.86 11.15 -0.62
C SER A 23 2.90 10.18 -1.80
N VAL A 24 1.96 10.29 -2.74
CA VAL A 24 1.87 9.46 -3.94
C VAL A 24 2.56 10.11 -5.12
N TYR A 25 3.32 9.30 -5.86
CA TYR A 25 3.87 9.64 -7.15
C TYR A 25 3.58 8.51 -8.14
N ARG A 26 2.97 8.85 -9.27
CA ARG A 26 2.91 7.99 -10.46
C ARG A 26 4.35 7.76 -10.98
N ILE A 27 4.68 6.50 -11.24
CA ILE A 27 6.05 6.06 -11.56
C ILE A 27 6.30 5.95 -13.08
N PRO A 28 7.54 6.16 -13.56
CA PRO A 28 7.94 5.79 -14.92
C PRO A 28 7.94 4.26 -15.10
N PRO A 29 7.89 3.74 -16.35
CA PRO A 29 7.93 2.30 -16.62
C PRO A 29 9.25 1.67 -16.15
N ARG A 30 9.16 0.46 -15.58
CA ARG A 30 10.30 -0.28 -15.03
C ARG A 30 11.22 -0.84 -16.13
N ALA A 31 12.45 -1.15 -15.72
CA ALA A 31 13.26 -2.21 -16.31
C ALA A 31 13.92 -3.05 -15.20
N SER A 32 14.27 -4.29 -15.51
CA SER A 32 14.66 -5.37 -14.58
C SER A 32 16.11 -5.26 -14.10
N ASN A 33 17.00 -4.82 -15.01
CA ASN A 33 18.40 -4.52 -14.76
C ASN A 33 18.59 -3.04 -14.36
N ARG A 34 17.52 -2.39 -13.88
CA ARG A 34 17.47 -0.98 -13.48
C ARG A 34 16.75 -0.79 -12.14
N GLY A 35 15.49 -1.20 -12.05
CA GLY A 35 14.72 -1.09 -10.83
C GLY A 35 14.22 0.34 -10.58
N TYR A 36 13.27 0.44 -9.66
CA TYR A 36 12.80 1.71 -9.11
C TYR A 36 13.83 2.28 -8.13
N ARG A 37 14.17 3.56 -8.24
CA ARG A 37 15.26 4.19 -7.46
C ARG A 37 14.85 5.43 -6.66
N ALA A 38 13.55 5.60 -6.44
CA ALA A 38 12.87 6.75 -5.83
C ALA A 38 13.11 8.10 -6.53
N SER A 39 14.36 8.47 -6.83
CA SER A 39 14.76 9.75 -7.44
C SER A 39 14.28 9.95 -8.88
N ASP A 40 13.85 8.88 -9.57
CA ASP A 40 13.21 8.97 -10.89
C ASP A 40 11.70 9.26 -10.82
N TRP A 41 11.09 9.25 -9.62
CA TRP A 41 9.70 9.59 -9.38
C TRP A 41 9.54 11.11 -9.14
N LYS A 42 8.28 11.56 -9.08
CA LYS A 42 7.92 12.99 -8.92
C LYS A 42 8.01 13.50 -7.47
N LEU A 43 9.16 13.34 -6.84
CA LEU A 43 9.39 13.63 -5.42
C LEU A 43 9.16 15.11 -5.02
N ASP A 44 9.12 16.03 -6.00
CA ASP A 44 8.88 17.46 -5.79
C ASP A 44 7.46 17.91 -6.21
N GLN A 45 6.67 16.99 -6.79
CA GLN A 45 5.27 17.23 -7.18
C GLN A 45 4.42 15.94 -7.07
N PRO A 46 3.94 15.58 -5.86
CA PRO A 46 3.02 14.46 -5.66
C PRO A 46 1.75 14.56 -6.52
N ASP A 47 1.25 13.42 -6.97
CA ASP A 47 -0.08 13.29 -7.58
C ASP A 47 -1.19 13.43 -6.53
N TRP A 48 -0.91 13.04 -5.28
CA TRP A 48 -1.78 13.17 -4.11
C TRP A 48 -0.97 13.09 -2.81
N THR A 49 -1.48 13.67 -1.71
CA THR A 49 -0.93 13.55 -0.35
C THR A 49 -2.02 13.26 0.68
N GLY A 50 -1.71 12.42 1.66
CA GLY A 50 -2.64 12.00 2.70
C GLY A 50 -2.01 11.14 3.79
N ARG A 51 -2.83 10.23 4.34
CA ARG A 51 -2.47 9.30 5.43
C ARG A 51 -2.41 7.87 4.91
N LEU A 52 -1.47 7.09 5.46
CA LEU A 52 -1.36 5.65 5.30
C LEU A 52 -2.32 4.97 6.28
N ARG A 53 -3.04 3.94 5.84
CA ARG A 53 -3.78 3.00 6.68
C ARG A 53 -3.69 1.59 6.11
N ILE A 54 -2.64 0.88 6.50
CA ILE A 54 -2.51 -0.55 6.23
C ILE A 54 -3.53 -1.28 7.09
N THR A 55 -4.39 -2.03 6.42
CA THR A 55 -5.45 -2.88 6.95
C THR A 55 -5.25 -4.31 6.47
N SER A 56 -6.14 -5.22 6.87
CA SER A 56 -6.18 -6.63 6.53
C SER A 56 -7.57 -7.16 6.81
N LYS A 57 -7.86 -8.38 6.39
CA LYS A 57 -9.05 -9.11 6.84
C LYS A 57 -8.69 -10.59 7.07
N GLY A 58 -9.15 -11.50 6.19
CA GLY A 58 -8.86 -12.94 6.26
C GLY A 58 -7.73 -13.36 5.31
N LYS A 59 -6.54 -13.65 5.86
CA LYS A 59 -5.31 -14.08 5.15
C LYS A 59 -4.91 -13.16 3.99
N THR A 60 -5.27 -11.88 4.10
CA THR A 60 -5.15 -10.85 3.06
C THR A 60 -4.90 -9.51 3.75
N ALA A 61 -3.90 -8.76 3.29
CA ALA A 61 -3.63 -7.39 3.70
C ALA A 61 -4.14 -6.39 2.66
N TYR A 62 -4.35 -5.13 3.06
CA TYR A 62 -4.80 -4.03 2.21
C TYR A 62 -4.03 -2.76 2.54
N ILE A 63 -3.18 -2.26 1.63
CA ILE A 63 -2.56 -0.94 1.78
C ILE A 63 -3.57 0.09 1.30
N LYS A 64 -4.31 0.71 2.23
CA LYS A 64 -5.26 1.78 1.93
C LYS A 64 -4.68 3.16 2.22
N LEU A 65 -4.97 4.11 1.33
CA LEU A 65 -4.58 5.52 1.39
C LEU A 65 -5.82 6.39 1.57
N GLU A 66 -5.80 7.28 2.57
CA GLU A 66 -6.97 8.05 3.01
C GLU A 66 -6.65 9.54 3.21
N ASP A 67 -7.60 10.45 2.94
CA ASP A 67 -7.35 11.88 3.05
C ASP A 67 -7.10 12.33 4.49
N LYS A 68 -6.19 13.29 4.66
CA LYS A 68 -5.71 13.77 5.96
C LYS A 68 -6.60 14.78 6.67
N VAL A 69 -7.70 15.22 6.04
CA VAL A 69 -8.71 16.09 6.65
C VAL A 69 -10.08 15.38 6.74
N SER A 70 -10.47 14.65 5.69
CA SER A 70 -11.83 14.09 5.56
C SER A 70 -11.88 12.54 5.55
N GLY A 71 -10.73 11.87 5.54
CA GLY A 71 -10.65 10.40 5.61
C GLY A 71 -11.08 9.68 4.33
N GLU A 72 -11.13 10.41 3.21
CA GLU A 72 -11.61 9.95 1.91
C GLU A 72 -10.67 8.88 1.32
N LEU A 73 -11.20 7.71 0.95
CA LEU A 73 -10.40 6.63 0.35
C LEU A 73 -9.89 7.04 -1.05
N PHE A 74 -8.58 7.28 -1.17
CA PHE A 74 -7.90 7.61 -2.42
C PHE A 74 -7.66 6.35 -3.26
N ALA A 75 -7.05 5.32 -2.65
CA ALA A 75 -6.72 4.06 -3.30
C ALA A 75 -6.53 2.92 -2.29
N GLN A 76 -6.59 1.68 -2.77
CA GLN A 76 -6.42 0.45 -1.97
C GLN A 76 -5.66 -0.63 -2.77
N ALA A 77 -4.66 -1.27 -2.17
CA ALA A 77 -3.90 -2.38 -2.77
C ALA A 77 -4.03 -3.68 -1.93
N PRO A 78 -4.87 -4.64 -2.36
CA PRO A 78 -4.96 -5.98 -1.76
C PRO A 78 -3.70 -6.81 -1.97
N VAL A 79 -3.30 -7.57 -0.95
CA VAL A 79 -2.09 -8.41 -0.92
C VAL A 79 -2.41 -9.77 -0.29
N GLU A 80 -2.15 -10.88 -0.99
CA GLU A 80 -2.45 -12.23 -0.47
C GLU A 80 -1.29 -12.84 0.34
N GLN A 81 -0.06 -12.35 0.13
CA GLN A 81 1.14 -12.64 0.93
C GLN A 81 2.19 -11.54 0.70
N TYR A 82 2.97 -11.20 1.73
CA TYR A 82 4.07 -10.23 1.66
C TYR A 82 5.42 -10.91 1.98
N PRO A 83 6.47 -10.74 1.16
CA PRO A 83 6.48 -10.03 -0.13
C PRO A 83 5.64 -10.73 -1.21
N GLY A 84 5.06 -9.95 -2.12
CA GLY A 84 4.20 -10.42 -3.22
C GLY A 84 4.00 -9.38 -4.34
N ILE A 85 3.04 -9.64 -5.24
CA ILE A 85 2.81 -8.85 -6.46
C ILE A 85 2.39 -7.40 -6.19
N ALA A 86 1.64 -7.16 -5.12
CA ALA A 86 0.99 -5.88 -4.85
C ALA A 86 1.83 -4.90 -4.02
N VAL A 87 3.09 -5.21 -3.71
CA VAL A 87 4.00 -4.36 -2.91
C VAL A 87 5.46 -4.58 -3.34
N GLU A 88 6.19 -3.48 -3.58
CA GLU A 88 7.61 -3.47 -3.98
C GLU A 88 8.40 -2.34 -3.30
N THR A 89 9.72 -2.51 -3.24
CA THR A 89 10.71 -1.54 -2.72
C THR A 89 11.48 -0.88 -3.86
N VAL A 90 12.07 0.29 -3.58
CA VAL A 90 13.09 0.91 -4.44
C VAL A 90 14.49 0.34 -4.14
N THR A 91 15.50 0.75 -4.91
CA THR A 91 16.91 0.34 -4.76
C THR A 91 17.73 1.31 -3.92
N ASP A 92 17.40 2.61 -3.96
CA ASP A 92 18.27 3.67 -3.43
C ASP A 92 17.95 4.05 -1.97
N SER A 93 16.67 4.18 -1.61
CA SER A 93 16.26 4.65 -0.27
C SER A 93 15.02 3.96 0.30
N SER A 94 15.15 3.30 1.47
CA SER A 94 14.11 2.41 2.02
C SER A 94 12.82 3.10 2.49
N ARG A 95 12.73 4.44 2.42
CA ARG A 95 11.53 5.25 2.72
C ARG A 95 10.60 5.44 1.51
N TYR A 96 10.67 4.56 0.52
CA TYR A 96 9.86 4.58 -0.69
C TYR A 96 9.44 3.17 -1.11
N PHE A 97 8.16 3.01 -1.47
CA PHE A 97 7.57 1.74 -1.93
C PHE A 97 6.68 1.96 -3.16
N VAL A 98 6.38 0.88 -3.90
CA VAL A 98 5.34 0.84 -4.93
C VAL A 98 4.27 -0.16 -4.51
N ILE A 99 2.98 0.13 -4.75
CA ILE A 99 1.90 -0.82 -4.51
C ILE A 99 0.95 -0.93 -5.69
N ARG A 100 0.38 -2.12 -5.90
CA ARG A 100 -0.60 -2.40 -6.98
C ARG A 100 -2.02 -2.14 -6.51
N ILE A 101 -2.46 -0.89 -6.59
CA ILE A 101 -3.83 -0.51 -6.21
C ILE A 101 -4.86 -1.07 -7.20
N GLN A 102 -5.99 -1.56 -6.68
CA GLN A 102 -7.01 -2.31 -7.40
C GLN A 102 -8.43 -1.89 -6.98
N ASP A 103 -9.34 -1.90 -7.95
CA ASP A 103 -10.75 -1.52 -7.77
C ASP A 103 -11.66 -2.71 -7.40
N GLY A 104 -11.08 -3.91 -7.24
CA GLY A 104 -11.78 -5.15 -6.85
C GLY A 104 -12.48 -5.89 -8.00
N THR A 105 -12.17 -5.52 -9.25
CA THR A 105 -12.86 -5.97 -10.48
C THR A 105 -11.89 -6.26 -11.65
N GLY A 106 -10.59 -6.41 -11.38
CA GLY A 106 -9.55 -6.65 -12.40
C GLY A 106 -8.90 -5.39 -12.99
N ARG A 107 -9.37 -4.19 -12.58
CA ARG A 107 -8.69 -2.91 -12.77
C ARG A 107 -7.52 -2.83 -11.79
N SER A 108 -6.37 -2.41 -12.29
CA SER A 108 -5.21 -2.12 -11.44
C SER A 108 -4.25 -1.05 -11.98
N ALA A 109 -3.47 -0.46 -11.07
CA ALA A 109 -2.34 0.41 -11.37
C ALA A 109 -1.22 0.24 -10.33
N PHE A 110 0.04 0.41 -10.75
CA PHE A 110 1.19 0.51 -9.83
C PHE A 110 1.47 1.98 -9.52
N ILE A 111 1.37 2.36 -8.24
CA ILE A 111 1.66 3.71 -7.74
C ILE A 111 2.82 3.70 -6.74
N GLY A 112 3.65 4.74 -6.75
CA GLY A 112 4.74 4.93 -5.79
C GLY A 112 4.27 5.74 -4.59
N ILE A 113 4.77 5.42 -3.39
CA ILE A 113 4.56 6.16 -2.16
C ILE A 113 5.89 6.46 -1.45
N GLY A 114 6.00 7.66 -0.87
CA GLY A 114 7.14 8.14 -0.10
C GLY A 114 6.77 8.52 1.34
N PHE A 115 7.67 8.22 2.27
CA PHE A 115 7.51 8.43 3.71
C PHE A 115 8.36 9.60 4.21
N THR A 116 8.02 10.13 5.40
CA THR A 116 8.75 11.25 6.03
C THR A 116 10.11 10.82 6.60
N ASP A 117 10.26 9.55 7.00
CA ASP A 117 11.49 9.00 7.60
C ASP A 117 11.60 7.48 7.39
N ARG A 118 12.84 6.95 7.35
CA ARG A 118 13.13 5.52 7.20
C ARG A 118 12.61 4.66 8.35
N GLY A 119 12.59 5.18 9.58
CA GLY A 119 12.02 4.51 10.75
C GLY A 119 10.49 4.36 10.69
N ASP A 120 9.80 5.27 10.01
CA ASP A 120 8.35 5.21 9.79
C ASP A 120 8.00 4.33 8.58
N ALA A 121 8.84 4.33 7.55
CA ALA A 121 8.77 3.36 6.46
C ALA A 121 9.06 1.92 6.91
N PHE A 122 9.91 1.73 7.91
CA PHE A 122 10.14 0.40 8.51
C PHE A 122 8.85 -0.21 9.08
N ASP A 123 7.96 0.59 9.66
CA ASP A 123 6.67 0.10 10.17
C ASP A 123 5.73 -0.38 9.04
N PHE A 124 5.81 0.19 7.84
CA PHE A 124 5.08 -0.30 6.66
C PHE A 124 5.45 -1.75 6.32
N ASN A 125 6.75 -2.07 6.21
CA ASN A 125 7.20 -3.41 5.83
C ASN A 125 7.22 -4.42 6.99
N VAL A 126 7.36 -3.97 8.24
CA VAL A 126 7.31 -4.86 9.42
C VAL A 126 5.86 -5.24 9.76
N SER A 127 4.90 -4.30 9.70
CA SER A 127 3.49 -4.61 9.99
C SER A 127 2.87 -5.56 8.98
N LEU A 128 3.30 -5.52 7.70
CA LEU A 128 2.92 -6.48 6.67
C LEU A 128 3.50 -7.87 6.93
N GLN A 129 4.82 -8.01 7.15
CA GLN A 129 5.43 -9.33 7.35
C GLN A 129 4.99 -9.99 8.67
N ASP A 130 4.67 -9.20 9.69
CA ASP A 130 4.12 -9.65 10.98
C ASP A 130 2.60 -9.92 10.92
N HIS A 131 1.95 -9.70 9.78
CA HIS A 131 0.59 -10.20 9.53
C HIS A 131 0.58 -11.58 8.86
N PHE A 132 1.65 -11.96 8.15
CA PHE A 132 1.72 -13.21 7.39
C PHE A 132 2.56 -14.32 8.05
N LYS A 133 3.24 -14.09 9.19
CA LYS A 133 4.12 -15.10 9.82
C LYS A 133 3.43 -16.44 10.13
N TRP A 134 2.14 -16.41 10.45
CA TRP A 134 1.31 -17.59 10.74
C TRP A 134 0.80 -18.31 9.47
N VAL A 135 0.72 -17.59 8.34
CA VAL A 135 0.38 -18.14 7.01
C VAL A 135 1.62 -18.77 6.35
N LYS A 136 2.82 -18.25 6.65
CA LYS A 136 4.13 -18.69 6.14
C LYS A 136 4.83 -19.66 7.10
N GLN A 137 4.05 -20.51 7.76
CA GLN A 137 4.56 -21.63 8.56
C GLN A 137 4.87 -22.80 7.63
N GLU A 138 6.15 -22.89 7.27
CA GLU A 138 6.66 -23.65 6.12
C GLU A 138 8.03 -24.31 6.38
N GLY A 1 -32.93 -6.88 11.18
CA GLY A 1 -31.60 -6.58 10.59
C GLY A 1 -31.67 -5.46 9.57
N SER A 2 -30.53 -4.81 9.31
CA SER A 2 -30.40 -3.73 8.31
C SER A 2 -30.43 -4.25 6.86
N PRO A 3 -30.93 -3.47 5.88
CA PRO A 3 -31.09 -3.94 4.50
C PRO A 3 -29.77 -4.23 3.78
N ASN A 4 -28.70 -3.49 4.13
CA ASN A 4 -27.34 -3.75 3.64
C ASN A 4 -26.79 -5.10 4.11
N SER A 5 -27.19 -5.60 5.29
CA SER A 5 -26.69 -6.88 5.86
C SER A 5 -27.18 -8.12 5.12
N MET A 6 -28.06 -7.96 4.12
CA MET A 6 -28.46 -9.03 3.18
C MET A 6 -27.38 -9.33 2.11
N ALA A 7 -26.29 -8.54 2.05
CA ALA A 7 -25.20 -8.66 1.07
C ALA A 7 -23.83 -8.23 1.60
N THR A 8 -23.78 -7.17 2.44
CA THR A 8 -22.57 -6.59 3.03
C THR A 8 -22.76 -6.46 4.56
N GLU A 9 -22.26 -7.44 5.28
CA GLU A 9 -22.38 -7.58 6.75
C GLU A 9 -21.02 -7.75 7.47
N LEU A 10 -19.92 -7.51 6.76
CA LEU A 10 -18.56 -7.68 7.26
C LEU A 10 -18.14 -6.50 8.15
N GLU A 11 -18.13 -6.73 9.47
CA GLU A 11 -17.53 -5.84 10.47
C GLU A 11 -16.01 -6.10 10.56
N TYR A 12 -15.31 -5.91 9.43
CA TYR A 12 -13.98 -6.42 9.16
C TYR A 12 -13.10 -5.36 8.52
N GLU A 13 -11.98 -5.08 9.16
CA GLU A 13 -10.80 -4.39 8.62
C GLU A 13 -9.73 -4.40 9.72
N SER A 14 -8.87 -5.41 9.66
CA SER A 14 -7.80 -5.68 10.61
C SER A 14 -6.62 -4.71 10.40
N VAL A 15 -6.64 -3.56 11.07
CA VAL A 15 -5.62 -2.49 10.96
C VAL A 15 -4.26 -2.97 11.47
N LEU A 16 -3.18 -2.54 10.81
CA LEU A 16 -1.80 -3.01 11.04
C LEU A 16 -0.84 -1.84 11.27
N CYS A 17 -0.94 -0.77 10.46
CA CYS A 17 -0.13 0.44 10.57
C CYS A 17 -0.88 1.66 10.03
N VAL A 18 -0.81 2.78 10.74
CA VAL A 18 -1.36 4.08 10.33
C VAL A 18 -0.31 5.18 10.49
N LYS A 19 0.02 5.88 9.39
CA LYS A 19 0.89 7.08 9.37
C LYS A 19 0.10 8.30 8.88
N PRO A 20 0.26 9.49 9.50
CA PRO A 20 -0.43 10.71 9.11
C PRO A 20 0.06 11.33 7.79
N ASP A 21 1.27 10.99 7.35
CA ASP A 21 1.95 11.65 6.24
C ASP A 21 2.60 10.64 5.28
N VAL A 22 2.07 10.58 4.06
CA VAL A 22 2.59 9.77 2.94
C VAL A 22 2.27 10.45 1.61
N SER A 23 3.17 10.30 0.63
CA SER A 23 3.11 11.00 -0.66
C SER A 23 3.14 10.02 -1.83
N VAL A 24 2.19 10.14 -2.77
CA VAL A 24 2.06 9.29 -3.96
C VAL A 24 2.73 9.91 -5.18
N TYR A 25 3.40 9.07 -5.95
CA TYR A 25 3.97 9.39 -7.25
C TYR A 25 3.50 8.35 -8.29
N ARG A 26 2.88 8.82 -9.36
CA ARG A 26 2.63 8.02 -10.57
C ARG A 26 3.96 7.75 -11.28
N ILE A 27 4.50 6.54 -11.11
CA ILE A 27 5.85 6.17 -11.57
C ILE A 27 5.94 5.99 -13.11
N PRO A 28 7.14 6.14 -13.72
CA PRO A 28 7.39 5.71 -15.10
C PRO A 28 7.15 4.19 -15.30
N PRO A 29 6.95 3.71 -16.55
CA PRO A 29 6.78 2.28 -16.85
C PRO A 29 8.08 1.50 -16.59
N ARG A 30 8.17 0.86 -15.42
CA ARG A 30 9.38 0.31 -14.81
C ARG A 30 9.12 -0.98 -14.01
N ALA A 31 10.21 -1.56 -13.49
CA ALA A 31 10.23 -2.59 -12.46
C ALA A 31 11.29 -2.25 -11.38
N SER A 32 11.17 -2.85 -10.21
CA SER A 32 12.01 -2.63 -9.03
C SER A 32 13.48 -2.97 -9.25
N ASN A 33 13.73 -4.16 -9.79
CA ASN A 33 15.06 -4.70 -10.12
C ASN A 33 15.56 -4.20 -11.49
N ARG A 34 14.95 -3.12 -12.01
CA ARG A 34 15.28 -2.46 -13.28
C ARG A 34 15.43 -0.94 -13.14
N GLY A 35 14.62 -0.30 -12.28
CA GLY A 35 14.76 1.14 -12.05
C GLY A 35 13.70 1.84 -11.22
N TYR A 36 13.26 1.27 -10.10
CA TYR A 36 12.71 2.06 -9.00
C TYR A 36 13.87 2.59 -8.13
N ARG A 37 14.35 3.82 -8.32
CA ARG A 37 15.44 4.41 -7.49
C ARG A 37 15.01 5.61 -6.67
N ALA A 38 13.71 5.74 -6.43
CA ALA A 38 13.01 6.89 -5.87
C ALA A 38 13.20 8.22 -6.66
N SER A 39 14.44 8.59 -7.01
CA SER A 39 14.82 9.82 -7.69
C SER A 39 14.27 9.97 -9.12
N ASP A 40 13.81 8.88 -9.74
CA ASP A 40 13.13 8.91 -11.05
C ASP A 40 11.64 9.32 -10.95
N TRP A 41 11.09 9.38 -9.73
CA TRP A 41 9.71 9.74 -9.44
C TRP A 41 9.56 11.24 -9.17
N LYS A 42 8.31 11.71 -9.04
CA LYS A 42 7.95 13.13 -8.85
C LYS A 42 8.13 13.65 -7.41
N LEU A 43 9.32 13.47 -6.84
CA LEU A 43 9.63 13.74 -5.43
C LEU A 43 9.44 15.22 -4.99
N ASP A 44 9.36 16.15 -5.93
CA ASP A 44 9.14 17.59 -5.67
C ASP A 44 7.72 18.06 -6.08
N GLN A 45 6.92 17.16 -6.68
CA GLN A 45 5.53 17.39 -7.09
C GLN A 45 4.69 16.09 -7.02
N PRO A 46 4.44 15.52 -5.82
CA PRO A 46 3.61 14.33 -5.65
C PRO A 46 2.24 14.51 -6.30
N ASP A 47 1.76 13.42 -6.92
CA ASP A 47 0.48 13.41 -7.65
C ASP A 47 -0.73 13.45 -6.69
N TRP A 48 -0.53 12.93 -5.47
CA TRP A 48 -1.43 13.03 -4.32
C TRP A 48 -0.64 12.96 -3.01
N THR A 49 -1.15 13.57 -1.93
CA THR A 49 -0.62 13.40 -0.57
C THR A 49 -1.73 13.19 0.46
N GLY A 50 -1.44 12.42 1.51
CA GLY A 50 -2.42 12.12 2.55
C GLY A 50 -1.89 11.18 3.63
N ARG A 51 -2.77 10.27 4.08
CA ARG A 51 -2.58 9.33 5.19
C ARG A 51 -2.39 7.90 4.67
N LEU A 52 -1.56 7.14 5.36
CA LEU A 52 -1.41 5.69 5.18
C LEU A 52 -2.34 4.95 6.15
N ARG A 53 -3.03 3.92 5.68
CA ARG A 53 -3.61 2.87 6.53
C ARG A 53 -3.38 1.49 5.92
N ILE A 54 -2.43 0.76 6.47
CA ILE A 54 -2.26 -0.67 6.21
C ILE A 54 -3.32 -1.41 7.02
N THR A 55 -4.19 -2.11 6.32
CA THR A 55 -5.27 -2.97 6.80
C THR A 55 -5.05 -4.41 6.34
N SER A 56 -5.95 -5.28 6.76
CA SER A 56 -6.01 -6.70 6.41
C SER A 56 -7.42 -7.19 6.69
N LYS A 57 -7.76 -8.40 6.30
CA LYS A 57 -8.96 -9.11 6.72
C LYS A 57 -8.64 -10.61 6.89
N GLY A 58 -9.10 -11.48 5.98
CA GLY A 58 -8.86 -12.93 5.99
C GLY A 58 -7.70 -13.33 5.07
N LYS A 59 -6.50 -13.51 5.64
CA LYS A 59 -5.24 -13.93 4.96
C LYS A 59 -4.89 -13.06 3.74
N THR A 60 -5.31 -11.80 3.78
CA THR A 60 -5.21 -10.83 2.69
C THR A 60 -5.02 -9.44 3.30
N ALA A 61 -3.88 -8.81 3.05
CA ALA A 61 -3.57 -7.46 3.49
C ALA A 61 -4.06 -6.42 2.46
N TYR A 62 -4.24 -5.17 2.90
CA TYR A 62 -4.65 -4.05 2.07
C TYR A 62 -3.80 -2.81 2.41
N ILE A 63 -3.02 -2.29 1.47
CA ILE A 63 -2.37 -0.97 1.64
C ILE A 63 -3.37 0.07 1.13
N LYS A 64 -4.09 0.73 2.06
CA LYS A 64 -5.01 1.82 1.73
C LYS A 64 -4.38 3.19 1.94
N LEU A 65 -4.62 4.08 0.98
CA LEU A 65 -4.34 5.52 1.06
C LEU A 65 -5.64 6.27 1.33
N GLU A 66 -5.62 7.19 2.30
CA GLU A 66 -6.80 7.90 2.78
C GLU A 66 -6.54 9.40 2.97
N ASP A 67 -7.57 10.24 2.85
CA ASP A 67 -7.42 11.69 2.82
C ASP A 67 -7.08 12.27 4.20
N LYS A 68 -6.21 13.28 4.20
CA LYS A 68 -5.69 14.00 5.38
C LYS A 68 -6.64 15.03 6.00
N VAL A 69 -7.78 15.29 5.36
CA VAL A 69 -8.82 16.21 5.84
C VAL A 69 -10.16 15.50 5.99
N SER A 70 -10.56 14.67 5.01
CA SER A 70 -11.88 14.03 4.98
C SER A 70 -11.88 12.57 5.48
N GLY A 71 -10.71 11.93 5.49
CA GLY A 71 -10.55 10.51 5.88
C GLY A 71 -11.05 9.51 4.81
N GLU A 72 -11.38 10.01 3.62
CA GLU A 72 -11.96 9.23 2.52
C GLU A 72 -10.91 8.46 1.71
N LEU A 73 -11.30 7.36 1.07
CA LEU A 73 -10.38 6.47 0.35
C LEU A 73 -9.88 7.09 -0.97
N PHE A 74 -8.56 7.18 -1.14
CA PHE A 74 -7.91 7.52 -2.41
C PHE A 74 -7.70 6.27 -3.27
N ALA A 75 -7.01 5.26 -2.72
CA ALA A 75 -6.67 4.01 -3.42
C ALA A 75 -6.42 2.85 -2.43
N GLN A 76 -6.49 1.61 -2.93
CA GLN A 76 -6.31 0.38 -2.15
C GLN A 76 -5.52 -0.68 -2.93
N ALA A 77 -4.49 -1.30 -2.33
CA ALA A 77 -3.72 -2.39 -2.93
C ALA A 77 -3.86 -3.69 -2.11
N PRO A 78 -4.66 -4.67 -2.57
CA PRO A 78 -4.81 -5.98 -1.92
C PRO A 78 -3.59 -6.88 -2.18
N VAL A 79 -3.17 -7.62 -1.15
CA VAL A 79 -1.96 -8.46 -1.13
C VAL A 79 -2.31 -9.83 -0.51
N GLU A 80 -2.07 -10.93 -1.22
CA GLU A 80 -2.38 -12.29 -0.71
C GLU A 80 -1.23 -12.89 0.12
N GLN A 81 0.00 -12.42 -0.09
CA GLN A 81 1.19 -12.70 0.73
C GLN A 81 2.25 -11.61 0.51
N TYR A 82 2.99 -11.24 1.54
CA TYR A 82 4.10 -10.29 1.48
C TYR A 82 5.45 -10.97 1.80
N PRO A 83 6.51 -10.79 0.97
CA PRO A 83 6.52 -10.07 -0.31
C PRO A 83 5.68 -10.79 -1.40
N GLY A 84 5.10 -10.00 -2.30
CA GLY A 84 4.25 -10.46 -3.41
C GLY A 84 4.00 -9.41 -4.49
N ILE A 85 3.09 -9.70 -5.42
CA ILE A 85 2.86 -8.90 -6.65
C ILE A 85 2.44 -7.44 -6.38
N ALA A 86 1.73 -7.19 -5.27
CA ALA A 86 1.11 -5.91 -4.98
C ALA A 86 1.98 -4.94 -4.16
N VAL A 87 3.24 -5.29 -3.85
CA VAL A 87 4.15 -4.46 -3.04
C VAL A 87 5.62 -4.67 -3.45
N GLU A 88 6.36 -3.59 -3.70
CA GLU A 88 7.77 -3.55 -4.13
C GLU A 88 8.55 -2.39 -3.48
N THR A 89 9.88 -2.44 -3.56
CA THR A 89 10.84 -1.50 -2.95
C THR A 89 11.66 -0.77 -4.04
N VAL A 90 12.26 0.38 -3.67
CA VAL A 90 13.28 1.06 -4.48
C VAL A 90 14.68 0.48 -4.25
N THR A 91 15.66 0.93 -5.04
CA THR A 91 17.07 0.53 -4.94
C THR A 91 17.89 1.45 -4.05
N ASP A 92 17.55 2.75 -4.03
CA ASP A 92 18.45 3.80 -3.51
C ASP A 92 18.18 4.22 -2.06
N SER A 93 16.90 4.34 -1.66
CA SER A 93 16.54 4.83 -0.31
C SER A 93 15.38 4.08 0.35
N SER A 94 15.62 3.52 1.53
CA SER A 94 14.69 2.63 2.26
C SER A 94 13.49 3.32 2.93
N ARG A 95 13.01 4.43 2.34
CA ARG A 95 11.78 5.14 2.70
C ARG A 95 10.78 5.31 1.54
N TYR A 96 10.86 4.44 0.52
CA TYR A 96 10.03 4.48 -0.68
C TYR A 96 9.62 3.07 -1.11
N PHE A 97 8.37 2.91 -1.52
CA PHE A 97 7.76 1.65 -1.99
C PHE A 97 6.90 1.88 -3.23
N VAL A 98 6.57 0.81 -3.95
CA VAL A 98 5.55 0.80 -5.01
C VAL A 98 4.48 -0.23 -4.65
N ILE A 99 3.21 0.07 -4.88
CA ILE A 99 2.10 -0.87 -4.64
C ILE A 99 1.15 -0.96 -5.82
N ARG A 100 0.56 -2.16 -6.02
CA ARG A 100 -0.43 -2.40 -7.09
C ARG A 100 -1.85 -2.11 -6.59
N ILE A 101 -2.28 -0.85 -6.68
CA ILE A 101 -3.65 -0.47 -6.31
C ILE A 101 -4.66 -1.03 -7.33
N GLN A 102 -5.78 -1.56 -6.85
CA GLN A 102 -6.75 -2.34 -7.61
C GLN A 102 -8.19 -1.97 -7.24
N ASP A 103 -9.08 -2.02 -8.24
CA ASP A 103 -10.48 -1.60 -8.12
C ASP A 103 -11.45 -2.77 -7.83
N GLY A 104 -10.91 -3.93 -7.42
CA GLY A 104 -11.67 -5.14 -7.05
C GLY A 104 -12.26 -5.93 -8.23
N THR A 105 -11.91 -5.57 -9.47
CA THR A 105 -12.48 -6.12 -10.72
C THR A 105 -11.43 -6.56 -11.76
N GLY A 106 -10.14 -6.54 -11.39
CA GLY A 106 -9.00 -6.85 -12.29
C GLY A 106 -8.36 -5.62 -12.94
N ARG A 107 -8.99 -4.44 -12.77
CA ARG A 107 -8.47 -3.11 -13.04
C ARG A 107 -7.43 -2.77 -11.98
N SER A 108 -6.25 -2.38 -12.43
CA SER A 108 -5.06 -2.15 -11.60
C SER A 108 -4.14 -1.04 -12.10
N ALA A 109 -3.33 -0.49 -11.19
CA ALA A 109 -2.21 0.42 -11.47
C ALA A 109 -1.09 0.23 -10.44
N PHE A 110 0.17 0.40 -10.86
CA PHE A 110 1.31 0.51 -9.95
C PHE A 110 1.57 1.98 -9.62
N ILE A 111 1.53 2.33 -8.33
CA ILE A 111 1.82 3.66 -7.80
C ILE A 111 2.98 3.63 -6.81
N GLY A 112 3.81 4.66 -6.79
CA GLY A 112 4.88 4.83 -5.80
C GLY A 112 4.36 5.57 -4.58
N ILE A 113 4.87 5.24 -3.38
CA ILE A 113 4.69 6.00 -2.15
C ILE A 113 6.03 6.29 -1.47
N GLY A 114 6.15 7.49 -0.90
CA GLY A 114 7.30 7.96 -0.12
C GLY A 114 6.93 8.38 1.30
N PHE A 115 7.84 8.08 2.24
CA PHE A 115 7.73 8.35 3.67
C PHE A 115 8.68 9.48 4.09
N THR A 116 8.37 10.13 5.21
CA THR A 116 9.17 11.25 5.75
C THR A 116 10.53 10.80 6.29
N ASP A 117 10.64 9.53 6.74
CA ASP A 117 11.86 8.98 7.32
C ASP A 117 11.90 7.44 7.18
N ARG A 118 13.11 6.87 7.15
CA ARG A 118 13.35 5.41 7.10
C ARG A 118 12.80 4.71 8.34
N GLY A 119 12.84 5.37 9.49
CA GLY A 119 12.29 4.86 10.73
C GLY A 119 10.75 4.80 10.75
N ASP A 120 10.07 5.47 9.81
CA ASP A 120 8.61 5.37 9.60
C ASP A 120 8.28 4.38 8.46
N ALA A 121 9.14 4.25 7.47
CA ALA A 121 9.02 3.25 6.40
C ALA A 121 9.33 1.81 6.87
N PHE A 122 10.21 1.63 7.84
CA PHE A 122 10.45 0.31 8.45
C PHE A 122 9.18 -0.28 9.08
N ASP A 123 8.29 0.57 9.62
CA ASP A 123 6.99 0.13 10.14
C ASP A 123 6.08 -0.45 9.04
N PHE A 124 6.15 0.04 7.80
CA PHE A 124 5.37 -0.46 6.65
C PHE A 124 5.71 -1.93 6.34
N ASN A 125 6.99 -2.23 6.07
CA ASN A 125 7.39 -3.58 5.69
C ASN A 125 7.39 -4.59 6.86
N VAL A 126 7.52 -4.13 8.10
CA VAL A 126 7.41 -5.01 9.29
C VAL A 126 5.94 -5.31 9.62
N SER A 127 5.04 -4.32 9.55
CA SER A 127 3.61 -4.54 9.85
C SER A 127 2.93 -5.46 8.82
N LEU A 128 3.39 -5.45 7.57
CA LEU A 128 2.96 -6.41 6.54
C LEU A 128 3.46 -7.83 6.86
N GLN A 129 4.77 -8.04 7.01
CA GLN A 129 5.32 -9.39 7.18
C GLN A 129 4.87 -10.07 8.49
N ASP A 130 4.64 -9.29 9.54
CA ASP A 130 4.19 -9.79 10.85
C ASP A 130 2.67 -10.04 10.90
N HIS A 131 1.94 -9.81 9.80
CA HIS A 131 0.58 -10.33 9.60
C HIS A 131 0.51 -11.56 8.68
N PHE A 132 1.63 -11.98 8.08
CA PHE A 132 1.71 -13.19 7.25
C PHE A 132 2.54 -14.35 7.85
N LYS A 133 3.30 -14.14 8.94
CA LYS A 133 4.17 -15.18 9.52
C LYS A 133 3.46 -16.50 9.86
N TRP A 134 2.19 -16.42 10.26
CA TRP A 134 1.35 -17.57 10.60
C TRP A 134 0.73 -18.26 9.37
N VAL A 135 0.59 -17.55 8.26
CA VAL A 135 0.13 -18.07 6.96
C VAL A 135 1.27 -18.81 6.23
N LYS A 136 2.52 -18.33 6.40
CA LYS A 136 3.74 -18.85 5.76
C LYS A 136 4.55 -19.72 6.73
N GLN A 137 3.85 -20.70 7.32
CA GLN A 137 4.44 -21.79 8.11
C GLN A 137 4.79 -23.03 7.27
N GLU A 138 4.79 -22.88 5.95
CA GLU A 138 5.10 -23.92 4.96
C GLU A 138 6.59 -24.02 4.58
N GLY A 1 -36.80 -11.30 11.25
CA GLY A 1 -35.70 -10.93 10.33
C GLY A 1 -34.42 -10.58 11.10
N SER A 2 -33.26 -10.86 10.50
CA SER A 2 -31.93 -10.65 11.09
C SER A 2 -30.95 -10.00 10.10
N PRO A 3 -29.96 -9.20 10.57
CA PRO A 3 -29.00 -8.51 9.70
C PRO A 3 -27.87 -9.43 9.18
N ASN A 4 -27.65 -10.58 9.81
CA ASN A 4 -26.58 -11.53 9.46
C ASN A 4 -26.94 -12.38 8.23
N SER A 5 -25.95 -12.68 7.38
CA SER A 5 -26.11 -13.53 6.20
C SER A 5 -26.10 -15.03 6.53
N MET A 6 -25.41 -15.44 7.60
CA MET A 6 -25.33 -16.81 8.13
C MET A 6 -24.87 -17.86 7.10
N ALA A 7 -23.97 -17.47 6.19
CA ALA A 7 -23.46 -18.26 5.07
C ALA A 7 -21.94 -18.05 4.84
N THR A 8 -21.21 -17.78 5.94
CA THR A 8 -19.89 -17.12 5.99
C THR A 8 -19.94 -15.66 5.53
N GLU A 9 -19.46 -14.76 6.39
CA GLU A 9 -19.52 -13.32 6.27
C GLU A 9 -18.44 -12.70 7.16
N LEU A 10 -18.10 -11.44 6.90
CA LEU A 10 -17.17 -10.65 7.70
C LEU A 10 -17.66 -9.22 7.97
N GLU A 11 -17.16 -8.63 9.07
CA GLU A 11 -17.35 -7.24 9.47
C GLU A 11 -16.07 -6.72 10.14
N TYR A 12 -14.93 -6.95 9.46
CA TYR A 12 -13.59 -6.65 9.95
C TYR A 12 -12.65 -6.21 8.83
N GLU A 13 -11.60 -5.52 9.26
CA GLU A 13 -10.56 -4.84 8.48
C GLU A 13 -9.52 -4.36 9.52
N SER A 14 -8.76 -5.33 10.01
CA SER A 14 -7.95 -5.26 11.22
C SER A 14 -6.70 -4.41 10.99
N VAL A 15 -6.59 -3.28 11.70
CA VAL A 15 -5.56 -2.25 11.47
C VAL A 15 -4.17 -2.77 11.89
N LEU A 16 -3.13 -2.37 11.14
CA LEU A 16 -1.74 -2.81 11.28
C LEU A 16 -0.77 -1.63 11.42
N CYS A 17 -0.94 -0.60 10.61
CA CYS A 17 -0.15 0.63 10.64
C CYS A 17 -1.00 1.83 10.20
N VAL A 18 -0.84 2.95 10.88
CA VAL A 18 -1.43 4.25 10.50
C VAL A 18 -0.36 5.34 10.61
N LYS A 19 -0.16 6.10 9.53
CA LYS A 19 0.75 7.26 9.48
C LYS A 19 0.03 8.49 8.88
N PRO A 20 0.14 9.68 9.46
CA PRO A 20 -0.64 10.86 9.04
C PRO A 20 -0.16 11.52 7.74
N ASP A 21 1.08 11.26 7.33
CA ASP A 21 1.74 11.93 6.20
C ASP A 21 2.41 10.91 5.27
N VAL A 22 1.85 10.78 4.06
CA VAL A 22 2.37 9.97 2.96
C VAL A 22 2.05 10.63 1.61
N SER A 23 2.96 10.52 0.65
CA SER A 23 2.88 11.21 -0.65
C SER A 23 2.93 10.22 -1.82
N VAL A 24 2.01 10.35 -2.77
CA VAL A 24 1.91 9.51 -3.98
C VAL A 24 2.58 10.17 -5.18
N TYR A 25 3.41 9.40 -5.87
CA TYR A 25 4.00 9.75 -7.15
C TYR A 25 3.76 8.59 -8.13
N ARG A 26 3.19 8.92 -9.29
CA ARG A 26 3.06 7.98 -10.43
C ARG A 26 4.46 7.64 -10.96
N ILE A 27 4.75 6.35 -11.13
CA ILE A 27 6.09 5.84 -11.45
C ILE A 27 6.27 5.52 -12.96
N PRO A 28 7.50 5.58 -13.49
CA PRO A 28 7.83 4.99 -14.80
C PRO A 28 7.80 3.44 -14.72
N PRO A 29 7.54 2.73 -15.83
CA PRO A 29 7.63 1.27 -15.88
C PRO A 29 9.09 0.78 -15.73
N ARG A 30 9.27 -0.43 -15.17
CA ARG A 30 10.60 -1.01 -14.94
C ARG A 30 11.28 -1.47 -16.24
N ALA A 31 12.61 -1.46 -16.24
CA ALA A 31 13.48 -2.14 -17.19
C ALA A 31 13.25 -3.68 -17.16
N SER A 32 13.88 -4.37 -16.20
CA SER A 32 13.59 -5.77 -15.82
C SER A 32 14.15 -6.09 -14.43
N ASN A 33 15.46 -5.85 -14.23
CA ASN A 33 16.23 -6.20 -13.03
C ASN A 33 16.95 -5.00 -12.37
N ARG A 34 16.80 -3.78 -12.92
CA ARG A 34 17.49 -2.56 -12.46
C ARG A 34 16.88 -1.96 -11.21
N GLY A 35 15.55 -2.05 -11.08
CA GLY A 35 14.83 -1.62 -9.90
C GLY A 35 14.53 -0.12 -9.89
N TYR A 36 13.46 0.25 -9.18
CA TYR A 36 13.10 1.63 -8.90
C TYR A 36 14.06 2.21 -7.87
N ARG A 37 14.39 3.50 -7.96
CA ARG A 37 15.44 4.14 -7.14
C ARG A 37 14.99 5.38 -6.39
N ALA A 38 13.67 5.51 -6.22
CA ALA A 38 12.96 6.67 -5.66
C ALA A 38 13.17 8.00 -6.43
N SER A 39 14.41 8.37 -6.73
CA SER A 39 14.81 9.62 -7.40
C SER A 39 14.32 9.76 -8.86
N ASP A 40 13.92 8.66 -9.50
CA ASP A 40 13.29 8.66 -10.83
C ASP A 40 11.76 8.89 -10.79
N TRP A 41 11.16 9.01 -9.60
CA TRP A 41 9.77 9.36 -9.40
C TRP A 41 9.60 10.88 -9.21
N LYS A 42 8.36 11.35 -9.23
CA LYS A 42 7.98 12.78 -9.09
C LYS A 42 8.00 13.29 -7.64
N LEU A 43 9.12 13.08 -6.94
CA LEU A 43 9.29 13.41 -5.51
C LEU A 43 9.03 14.89 -5.17
N ASP A 44 9.27 15.82 -6.10
CA ASP A 44 9.09 17.26 -5.89
C ASP A 44 7.68 17.76 -6.26
N GLN A 45 6.84 16.88 -6.84
CA GLN A 45 5.45 17.17 -7.22
C GLN A 45 4.55 15.92 -7.15
N PRO A 46 4.16 15.46 -5.94
CA PRO A 46 3.23 14.35 -5.78
C PRO A 46 1.88 14.60 -6.48
N ASP A 47 1.31 13.54 -7.03
CA ASP A 47 -0.01 13.54 -7.67
C ASP A 47 -1.14 13.65 -6.62
N TRP A 48 -0.89 13.16 -5.41
CA TRP A 48 -1.76 13.25 -4.24
C TRP A 48 -0.94 13.13 -2.94
N THR A 49 -1.42 13.74 -1.85
CA THR A 49 -0.87 13.55 -0.50
C THR A 49 -1.97 13.34 0.54
N GLY A 50 -1.67 12.58 1.59
CA GLY A 50 -2.63 12.27 2.65
C GLY A 50 -2.10 11.30 3.71
N ARG A 51 -2.98 10.41 4.17
CA ARG A 51 -2.78 9.45 5.26
C ARG A 51 -2.58 8.02 4.74
N LEU A 52 -1.73 7.27 5.43
CA LEU A 52 -1.57 5.82 5.30
C LEU A 52 -2.51 5.09 6.26
N ARG A 53 -3.16 4.03 5.77
CA ARG A 53 -3.70 2.94 6.59
C ARG A 53 -3.24 1.59 6.01
N ILE A 54 -2.74 0.71 6.86
CA ILE A 54 -2.58 -0.71 6.57
C ILE A 54 -3.60 -1.46 7.43
N THR A 55 -4.32 -2.36 6.79
CA THR A 55 -5.52 -3.06 7.26
C THR A 55 -5.46 -4.50 6.75
N SER A 56 -6.05 -5.47 7.46
CA SER A 56 -5.84 -6.89 7.16
C SER A 56 -6.93 -7.76 7.76
N LYS A 57 -7.19 -8.94 7.20
CA LYS A 57 -8.32 -9.77 7.62
C LYS A 57 -7.90 -11.23 7.83
N GLY A 58 -8.26 -12.14 6.92
CA GLY A 58 -7.73 -13.51 6.87
C GLY A 58 -6.32 -13.55 6.27
N LYS A 59 -6.12 -14.35 5.23
CA LYS A 59 -4.87 -14.41 4.44
C LYS A 59 -4.74 -13.23 3.46
N THR A 60 -5.24 -12.05 3.83
CA THR A 60 -5.30 -10.87 2.95
C THR A 60 -5.04 -9.60 3.74
N ALA A 61 -4.19 -8.73 3.20
CA ALA A 61 -3.95 -7.38 3.67
C ALA A 61 -4.39 -6.34 2.62
N TYR A 62 -4.55 -5.11 3.08
CA TYR A 62 -5.14 -3.99 2.35
C TYR A 62 -4.39 -2.70 2.75
N ILE A 63 -3.58 -2.15 1.84
CA ILE A 63 -2.99 -0.81 2.00
C ILE A 63 -4.01 0.19 1.46
N LYS A 64 -4.66 0.95 2.34
CA LYS A 64 -5.65 1.98 1.99
C LYS A 64 -5.10 3.39 2.24
N LEU A 65 -5.21 4.25 1.23
CA LEU A 65 -4.79 5.66 1.29
C LEU A 65 -6.01 6.57 1.48
N GLU A 66 -5.93 7.49 2.44
CA GLU A 66 -7.07 8.28 2.90
C GLU A 66 -6.74 9.78 3.01
N ASP A 67 -7.74 10.65 2.80
CA ASP A 67 -7.56 12.09 2.85
C ASP A 67 -7.29 12.60 4.28
N LYS A 68 -6.39 13.58 4.38
CA LYS A 68 -5.93 14.18 5.64
C LYS A 68 -6.87 15.22 6.26
N VAL A 69 -7.96 15.57 5.57
CA VAL A 69 -8.98 16.51 6.04
C VAL A 69 -10.36 15.86 6.07
N SER A 70 -10.74 15.08 5.05
CA SER A 70 -12.07 14.48 4.93
C SER A 70 -12.14 13.02 5.40
N GLY A 71 -10.98 12.33 5.47
CA GLY A 71 -10.89 10.91 5.84
C GLY A 71 -11.38 9.94 4.74
N GLU A 72 -11.62 10.45 3.53
CA GLU A 72 -12.18 9.72 2.41
C GLU A 72 -11.12 8.91 1.63
N LEU A 73 -11.51 7.80 1.01
CA LEU A 73 -10.58 6.90 0.33
C LEU A 73 -10.07 7.49 -0.99
N PHE A 74 -8.74 7.52 -1.16
CA PHE A 74 -8.07 7.85 -2.43
C PHE A 74 -7.90 6.60 -3.30
N ALA A 75 -7.26 5.56 -2.75
CA ALA A 75 -6.98 4.30 -3.43
C ALA A 75 -6.77 3.15 -2.43
N GLN A 76 -6.91 1.90 -2.89
CA GLN A 76 -6.61 0.71 -2.06
C GLN A 76 -5.90 -0.39 -2.85
N ALA A 77 -4.89 -1.02 -2.24
CA ALA A 77 -4.12 -2.13 -2.79
C ALA A 77 -4.31 -3.40 -1.94
N PRO A 78 -5.07 -4.41 -2.44
CA PRO A 78 -5.22 -5.71 -1.79
C PRO A 78 -3.99 -6.60 -2.05
N VAL A 79 -3.59 -7.36 -1.03
CA VAL A 79 -2.34 -8.14 -0.97
C VAL A 79 -2.64 -9.53 -0.41
N GLU A 80 -2.18 -10.60 -1.08
CA GLU A 80 -2.43 -12.00 -0.67
C GLU A 80 -1.25 -12.61 0.12
N GLN A 81 -0.07 -12.02 -0.01
CA GLN A 81 1.20 -12.42 0.59
C GLN A 81 2.21 -11.26 0.55
N TYR A 82 3.10 -11.16 1.54
CA TYR A 82 4.18 -10.18 1.58
C TYR A 82 5.52 -10.83 2.01
N PRO A 83 6.61 -10.71 1.22
CA PRO A 83 6.70 -10.04 -0.09
C PRO A 83 5.87 -10.74 -1.18
N GLY A 84 5.38 -9.96 -2.15
CA GLY A 84 4.49 -10.41 -3.22
C GLY A 84 4.28 -9.37 -4.33
N ILE A 85 3.19 -9.50 -5.10
CA ILE A 85 2.92 -8.68 -6.30
C ILE A 85 2.44 -7.25 -5.98
N ALA A 86 1.59 -7.06 -4.98
CA ALA A 86 0.87 -5.81 -4.73
C ALA A 86 1.62 -4.80 -3.84
N VAL A 87 2.87 -5.10 -3.48
CA VAL A 87 3.74 -4.26 -2.64
C VAL A 87 5.21 -4.50 -3.03
N GLU A 88 5.98 -3.43 -3.26
CA GLU A 88 7.36 -3.44 -3.75
C GLU A 88 8.23 -2.33 -3.14
N THR A 89 9.55 -2.47 -3.23
CA THR A 89 10.55 -1.55 -2.67
C THR A 89 11.39 -0.87 -3.77
N VAL A 90 12.07 0.22 -3.43
CA VAL A 90 13.13 0.83 -4.25
C VAL A 90 14.51 0.26 -3.88
N THR A 91 15.55 0.69 -4.59
CA THR A 91 16.95 0.27 -4.40
C THR A 91 17.77 1.28 -3.59
N ASP A 92 17.45 2.57 -3.69
CA ASP A 92 18.31 3.66 -3.17
C ASP A 92 18.03 4.03 -1.71
N SER A 93 16.74 4.14 -1.33
CA SER A 93 16.35 4.57 0.03
C SER A 93 15.10 3.85 0.56
N SER A 94 15.20 3.20 1.72
CA SER A 94 14.14 2.31 2.25
C SER A 94 12.85 3.02 2.68
N ARG A 95 12.75 4.36 2.59
CA ARG A 95 11.55 5.14 2.92
C ARG A 95 10.53 5.27 1.77
N TYR A 96 10.65 4.44 0.72
CA TYR A 96 9.85 4.52 -0.50
C TYR A 96 9.40 3.12 -0.94
N PHE A 97 8.12 2.98 -1.29
CA PHE A 97 7.49 1.73 -1.73
C PHE A 97 6.64 1.94 -2.97
N VAL A 98 6.36 0.86 -3.70
CA VAL A 98 5.31 0.81 -4.73
C VAL A 98 4.19 -0.11 -4.26
N ILE A 99 2.93 0.20 -4.56
CA ILE A 99 1.81 -0.74 -4.34
C ILE A 99 0.89 -0.83 -5.56
N ARG A 100 0.27 -2.00 -5.75
CA ARG A 100 -0.67 -2.26 -6.86
C ARG A 100 -2.12 -1.97 -6.44
N ILE A 101 -2.51 -0.70 -6.49
CA ILE A 101 -3.89 -0.28 -6.20
C ILE A 101 -4.87 -0.83 -7.25
N GLN A 102 -6.04 -1.28 -6.80
CA GLN A 102 -7.03 -2.04 -7.57
C GLN A 102 -8.46 -1.58 -7.25
N ASP A 103 -9.36 -1.76 -8.22
CA ASP A 103 -10.79 -1.43 -8.09
C ASP A 103 -11.66 -2.65 -7.73
N GLY A 104 -11.03 -3.83 -7.53
CA GLY A 104 -11.68 -5.09 -7.15
C GLY A 104 -12.32 -5.86 -8.32
N THR A 105 -12.02 -5.47 -9.57
CA THR A 105 -12.65 -5.98 -10.80
C THR A 105 -11.62 -6.30 -11.92
N GLY A 106 -10.32 -6.34 -11.59
CA GLY A 106 -9.22 -6.57 -12.55
C GLY A 106 -8.58 -5.30 -13.12
N ARG A 107 -9.14 -4.12 -12.81
CA ARG A 107 -8.49 -2.81 -12.96
C ARG A 107 -7.39 -2.69 -11.95
N SER A 108 -6.21 -2.28 -12.40
CA SER A 108 -5.09 -1.97 -11.51
C SER A 108 -4.13 -0.88 -12.01
N ALA A 109 -3.39 -0.30 -11.08
CA ALA A 109 -2.24 0.57 -11.34
C ALA A 109 -1.15 0.37 -10.27
N PHE A 110 0.12 0.50 -10.66
CA PHE A 110 1.24 0.59 -9.72
C PHE A 110 1.52 2.07 -9.40
N ILE A 111 1.41 2.43 -8.12
CA ILE A 111 1.71 3.78 -7.62
C ILE A 111 2.87 3.76 -6.62
N GLY A 112 3.72 4.79 -6.64
CA GLY A 112 4.81 4.96 -5.69
C GLY A 112 4.37 5.80 -4.51
N ILE A 113 4.81 5.44 -3.29
CA ILE A 113 4.61 6.21 -2.07
C ILE A 113 5.93 6.47 -1.34
N GLY A 114 6.06 7.67 -0.78
CA GLY A 114 7.21 8.12 0.01
C GLY A 114 6.84 8.57 1.43
N PHE A 115 7.71 8.24 2.39
CA PHE A 115 7.54 8.51 3.82
C PHE A 115 8.42 9.68 4.27
N THR A 116 8.11 10.24 5.44
CA THR A 116 8.90 11.32 6.06
C THR A 116 10.22 10.82 6.64
N ASP A 117 10.27 9.55 7.08
CA ASP A 117 11.43 8.96 7.75
C ASP A 117 11.51 7.44 7.55
N ARG A 118 12.74 6.90 7.51
CA ARG A 118 13.02 5.48 7.31
C ARG A 118 12.45 4.59 8.43
N GLY A 119 12.40 5.08 9.68
CA GLY A 119 11.81 4.35 10.81
C GLY A 119 10.29 4.17 10.71
N ASP A 120 9.60 5.10 10.03
CA ASP A 120 8.15 5.02 9.79
C ASP A 120 7.82 4.16 8.56
N ALA A 121 8.69 4.17 7.55
CA ALA A 121 8.64 3.21 6.44
C ALA A 121 8.97 1.77 6.90
N PHE A 122 9.87 1.60 7.87
CA PHE A 122 10.08 0.31 8.52
C PHE A 122 8.80 -0.19 9.20
N ASP A 123 7.99 0.70 9.80
CA ASP A 123 6.70 0.32 10.39
C ASP A 123 5.71 -0.24 9.33
N PHE A 124 5.72 0.32 8.11
CA PHE A 124 4.99 -0.21 6.95
C PHE A 124 5.42 -1.66 6.61
N ASN A 125 6.71 -1.92 6.36
CA ASN A 125 7.16 -3.24 5.92
C ASN A 125 7.23 -4.30 7.04
N VAL A 126 7.43 -3.90 8.30
CA VAL A 126 7.45 -4.81 9.44
C VAL A 126 6.03 -5.24 9.84
N SER A 127 5.06 -4.32 9.88
CA SER A 127 3.70 -4.66 10.28
C SER A 127 2.98 -5.53 9.22
N LEU A 128 3.32 -5.38 7.93
CA LEU A 128 2.92 -6.30 6.87
C LEU A 128 3.52 -7.71 7.07
N GLN A 129 4.85 -7.82 7.19
CA GLN A 129 5.51 -9.15 7.25
C GLN A 129 5.19 -9.92 8.54
N ASP A 130 4.93 -9.23 9.65
CA ASP A 130 4.54 -9.85 10.92
C ASP A 130 3.03 -10.17 10.99
N HIS A 131 2.26 -9.80 9.96
CA HIS A 131 0.93 -10.37 9.73
C HIS A 131 0.97 -11.55 8.75
N PHE A 132 1.87 -11.54 7.76
CA PHE A 132 1.97 -12.58 6.74
C PHE A 132 2.92 -13.75 7.06
N LYS A 133 3.70 -13.73 8.16
CA LYS A 133 4.72 -14.78 8.42
C LYS A 133 4.21 -16.23 8.42
N TRP A 134 2.94 -16.45 8.73
CA TRP A 134 2.27 -17.76 8.70
C TRP A 134 1.71 -18.14 7.32
N VAL A 135 1.46 -17.15 6.45
CA VAL A 135 1.00 -17.34 5.06
C VAL A 135 2.21 -17.54 4.12
N LYS A 136 3.28 -16.77 4.34
CA LYS A 136 4.51 -16.71 3.55
C LYS A 136 5.63 -17.54 4.19
N GLN A 137 5.31 -18.80 4.53
CA GLN A 137 6.27 -19.77 5.07
C GLN A 137 7.13 -20.37 3.94
N GLU A 138 8.25 -19.71 3.68
CA GLU A 138 9.31 -20.09 2.70
C GLU A 138 10.72 -19.80 3.24
N GLY A 1 -17.93 -17.54 -3.27
CA GLY A 1 -18.42 -16.36 -2.52
C GLY A 1 -19.94 -16.27 -2.54
N SER A 2 -20.48 -15.04 -2.61
CA SER A 2 -21.91 -14.72 -2.60
C SER A 2 -22.26 -13.70 -3.69
N PRO A 3 -23.52 -13.59 -4.16
CA PRO A 3 -24.00 -12.42 -4.89
C PRO A 3 -23.78 -11.09 -4.14
N ASN A 4 -23.69 -11.15 -2.80
CA ASN A 4 -23.37 -10.01 -1.93
C ASN A 4 -21.88 -9.59 -1.98
N SER A 5 -20.98 -10.43 -2.52
CA SER A 5 -19.54 -10.16 -2.64
C SER A 5 -19.18 -9.20 -3.79
N MET A 6 -20.16 -8.84 -4.64
CA MET A 6 -20.04 -7.90 -5.77
C MET A 6 -18.90 -8.25 -6.75
N ALA A 7 -17.75 -7.57 -6.62
CA ALA A 7 -16.54 -7.81 -7.44
C ALA A 7 -15.26 -7.39 -6.68
N THR A 8 -15.28 -6.19 -6.09
CA THR A 8 -14.34 -5.72 -5.05
C THR A 8 -15.20 -5.14 -3.93
N GLU A 9 -15.08 -5.70 -2.74
CA GLU A 9 -15.95 -5.44 -1.59
C GLU A 9 -15.11 -5.52 -0.31
N LEU A 10 -15.01 -4.39 0.41
CA LEU A 10 -14.07 -4.17 1.52
C LEU A 10 -14.71 -3.45 2.73
N GLU A 11 -15.95 -3.80 3.08
CA GLU A 11 -16.65 -3.33 4.29
C GLU A 11 -16.16 -4.05 5.58
N TYR A 12 -14.86 -4.37 5.63
CA TYR A 12 -14.15 -5.12 6.65
C TYR A 12 -12.67 -4.78 6.62
N GLU A 13 -12.01 -4.85 7.77
CA GLU A 13 -10.58 -4.70 7.93
C GLU A 13 -10.25 -5.03 9.39
N SER A 14 -9.15 -5.75 9.56
CA SER A 14 -8.34 -5.66 10.77
C SER A 14 -7.18 -4.69 10.52
N VAL A 15 -7.15 -3.55 11.21
CA VAL A 15 -6.07 -2.55 11.08
C VAL A 15 -4.74 -3.01 11.69
N LEU A 16 -3.63 -2.60 11.06
CA LEU A 16 -2.26 -3.04 11.36
C LEU A 16 -1.30 -1.84 11.54
N CYS A 17 -1.44 -0.80 10.70
CA CYS A 17 -0.68 0.43 10.79
C CYS A 17 -1.46 1.62 10.21
N VAL A 18 -1.49 2.75 10.94
CA VAL A 18 -2.02 4.03 10.46
C VAL A 18 -0.99 5.12 10.74
N LYS A 19 -0.63 5.90 9.70
CA LYS A 19 0.34 7.00 9.78
C LYS A 19 -0.16 8.28 9.08
N PRO A 20 0.16 9.48 9.61
CA PRO A 20 -0.29 10.76 9.06
C PRO A 20 0.49 11.23 7.82
N ASP A 21 1.61 10.59 7.49
CA ASP A 21 2.52 10.98 6.39
C ASP A 21 2.62 9.89 5.32
N VAL A 22 2.05 10.16 4.13
CA VAL A 22 2.33 9.42 2.89
C VAL A 22 2.01 10.28 1.66
N SER A 23 2.85 10.16 0.64
CA SER A 23 2.73 10.87 -0.65
C SER A 23 2.68 9.86 -1.79
N VAL A 24 1.90 10.13 -2.85
CA VAL A 24 1.78 9.28 -4.06
C VAL A 24 2.34 9.99 -5.28
N TYR A 25 3.22 9.30 -6.00
CA TYR A 25 3.79 9.71 -7.28
C TYR A 25 3.83 8.51 -8.23
N ARG A 26 3.08 8.61 -9.33
CA ARG A 26 2.94 7.53 -10.32
C ARG A 26 4.24 7.35 -11.12
N ILE A 27 4.66 6.11 -11.29
CA ILE A 27 6.01 5.73 -11.74
C ILE A 27 6.13 5.60 -13.27
N PRO A 28 7.32 5.87 -13.86
CA PRO A 28 7.57 5.65 -15.29
C PRO A 28 7.73 4.15 -15.63
N PRO A 29 7.60 3.76 -16.92
CA PRO A 29 7.84 2.39 -17.36
C PRO A 29 9.32 1.99 -17.17
N ARG A 30 9.56 1.06 -16.24
CA ARG A 30 10.89 0.63 -15.76
C ARG A 30 10.82 -0.77 -15.14
N ALA A 31 11.97 -1.45 -15.10
CA ALA A 31 12.16 -2.74 -14.45
C ALA A 31 11.78 -2.73 -12.95
N SER A 32 11.04 -3.74 -12.54
CA SER A 32 10.38 -3.88 -11.24
C SER A 32 11.34 -4.28 -10.11
N ASN A 33 12.11 -5.34 -10.34
CA ASN A 33 13.00 -5.95 -9.34
C ASN A 33 14.37 -5.25 -9.19
N ARG A 34 14.72 -4.34 -10.12
CA ARG A 34 16.07 -3.73 -10.22
C ARG A 34 16.13 -2.27 -10.65
N GLY A 35 15.03 -1.63 -11.06
CA GLY A 35 15.12 -0.40 -11.85
C GLY A 35 14.62 0.89 -11.22
N TYR A 36 13.80 0.85 -10.16
CA TYR A 36 13.32 2.05 -9.47
C TYR A 36 14.34 2.54 -8.43
N ARG A 37 14.78 3.79 -8.48
CA ARG A 37 15.74 4.37 -7.50
C ARG A 37 15.17 5.55 -6.72
N ALA A 38 13.85 5.57 -6.59
CA ALA A 38 13.02 6.65 -6.06
C ALA A 38 13.11 7.99 -6.84
N SER A 39 14.31 8.41 -7.25
CA SER A 39 14.59 9.65 -7.99
C SER A 39 14.00 9.68 -9.42
N ASP A 40 13.60 8.53 -9.96
CA ASP A 40 12.80 8.46 -11.20
C ASP A 40 11.41 9.10 -11.06
N TRP A 41 10.87 9.15 -9.84
CA TRP A 41 9.48 9.50 -9.54
C TRP A 41 9.35 11.00 -9.23
N LYS A 42 8.10 11.48 -9.25
CA LYS A 42 7.73 12.88 -8.96
C LYS A 42 7.72 13.24 -7.47
N LEU A 43 8.85 13.02 -6.80
CA LEU A 43 9.04 13.28 -5.37
C LEU A 43 8.82 14.75 -4.97
N ASP A 44 9.02 15.70 -5.90
CA ASP A 44 8.87 17.14 -5.66
C ASP A 44 7.47 17.67 -6.03
N GLN A 45 6.64 16.85 -6.67
CA GLN A 45 5.24 17.17 -7.02
C GLN A 45 4.34 15.91 -7.04
N PRO A 46 3.90 15.40 -5.87
CA PRO A 46 2.98 14.26 -5.77
C PRO A 46 1.68 14.46 -6.57
N ASP A 47 1.14 13.37 -7.10
CA ASP A 47 -0.20 13.33 -7.69
C ASP A 47 -1.30 13.44 -6.60
N TRP A 48 -0.98 12.97 -5.39
CA TRP A 48 -1.84 13.03 -4.20
C TRP A 48 -1.00 12.94 -2.91
N THR A 49 -1.50 13.49 -1.81
CA THR A 49 -0.93 13.32 -0.45
C THR A 49 -2.04 13.05 0.58
N GLY A 50 -1.72 12.29 1.62
CA GLY A 50 -2.68 11.93 2.67
C GLY A 50 -2.08 11.05 3.75
N ARG A 51 -2.88 10.07 4.20
CA ARG A 51 -2.61 9.17 5.33
C ARG A 51 -2.57 7.71 4.91
N LEU A 52 -1.73 6.94 5.59
CA LEU A 52 -1.57 5.49 5.41
C LEU A 52 -2.60 4.72 6.23
N ARG A 53 -3.14 3.62 5.68
CA ARG A 53 -3.90 2.61 6.44
C ARG A 53 -3.59 1.19 5.93
N ILE A 54 -2.66 0.52 6.60
CA ILE A 54 -2.40 -0.91 6.39
C ILE A 54 -3.40 -1.71 7.22
N THR A 55 -4.07 -2.65 6.56
CA THR A 55 -5.13 -3.50 7.08
C THR A 55 -5.00 -4.93 6.54
N SER A 56 -5.79 -5.88 7.05
CA SER A 56 -5.83 -7.27 6.57
C SER A 56 -7.16 -7.94 6.87
N LYS A 57 -7.54 -8.94 6.06
CA LYS A 57 -8.59 -9.91 6.38
C LYS A 57 -8.38 -11.21 5.59
N GLY A 58 -8.30 -12.32 6.32
CA GLY A 58 -8.37 -13.68 5.76
C GLY A 58 -7.14 -14.10 4.92
N LYS A 59 -5.93 -13.84 5.44
CA LYS A 59 -4.63 -14.08 4.77
C LYS A 59 -4.41 -13.24 3.51
N THR A 60 -5.05 -12.07 3.45
CA THR A 60 -4.86 -11.04 2.44
C THR A 60 -4.78 -9.68 3.14
N ALA A 61 -3.66 -8.98 2.96
CA ALA A 61 -3.46 -7.63 3.47
C ALA A 61 -3.98 -6.58 2.46
N TYR A 62 -4.25 -5.37 2.93
CA TYR A 62 -4.72 -4.23 2.13
C TYR A 62 -3.99 -2.96 2.57
N ILE A 63 -3.16 -2.37 1.71
CA ILE A 63 -2.62 -1.02 1.92
C ILE A 63 -3.65 -0.05 1.36
N LYS A 64 -4.56 0.42 2.22
CA LYS A 64 -5.52 1.48 1.90
C LYS A 64 -4.88 2.86 2.11
N LEU A 65 -5.26 3.83 1.29
CA LEU A 65 -4.90 5.25 1.41
C LEU A 65 -6.11 6.11 1.80
N GLU A 66 -5.93 7.05 2.73
CA GLU A 66 -6.98 7.93 3.24
C GLU A 66 -6.67 9.42 3.07
N ASP A 67 -7.69 10.25 2.87
CA ASP A 67 -7.55 11.71 2.90
C ASP A 67 -7.28 12.23 4.33
N LYS A 68 -6.46 13.27 4.41
CA LYS A 68 -6.01 13.90 5.67
C LYS A 68 -6.97 14.90 6.31
N VAL A 69 -8.08 15.23 5.63
CA VAL A 69 -9.10 16.16 6.10
C VAL A 69 -10.49 15.51 6.18
N SER A 70 -10.85 14.67 5.20
CA SER A 70 -12.20 14.09 5.08
C SER A 70 -12.26 12.57 5.23
N GLY A 71 -11.09 11.89 5.26
CA GLY A 71 -11.01 10.43 5.46
C GLY A 71 -11.47 9.60 4.26
N GLU A 72 -11.49 10.21 3.07
CA GLU A 72 -11.90 9.60 1.82
C GLU A 72 -10.92 8.49 1.40
N LEU A 73 -11.43 7.36 0.87
CA LEU A 73 -10.59 6.31 0.30
C LEU A 73 -10.03 6.77 -1.05
N PHE A 74 -8.71 6.98 -1.13
CA PHE A 74 -8.02 7.35 -2.38
C PHE A 74 -7.83 6.15 -3.30
N ALA A 75 -7.16 5.11 -2.79
CA ALA A 75 -6.86 3.85 -3.46
C ALA A 75 -6.59 2.75 -2.41
N GLN A 76 -6.60 1.48 -2.82
CA GLN A 76 -6.17 0.38 -1.96
C GLN A 76 -5.49 -0.76 -2.75
N ALA A 77 -4.45 -1.36 -2.17
CA ALA A 77 -3.66 -2.44 -2.76
C ALA A 77 -3.78 -3.76 -1.97
N PRO A 78 -4.53 -4.76 -2.48
CA PRO A 78 -4.57 -6.11 -1.93
C PRO A 78 -3.24 -6.86 -2.09
N VAL A 79 -2.86 -7.66 -1.10
CA VAL A 79 -1.58 -8.42 -1.06
C VAL A 79 -1.85 -9.82 -0.49
N GLU A 80 -1.60 -10.87 -1.28
CA GLU A 80 -1.87 -12.26 -0.84
C GLU A 80 -0.75 -12.85 0.04
N GLN A 81 0.47 -12.33 -0.11
CA GLN A 81 1.63 -12.57 0.75
C GLN A 81 2.67 -11.46 0.57
N TYR A 82 3.38 -11.09 1.63
CA TYR A 82 4.46 -10.10 1.60
C TYR A 82 5.79 -10.74 2.06
N PRO A 83 6.89 -10.63 1.28
CA PRO A 83 7.00 -9.97 -0.02
C PRO A 83 6.22 -10.69 -1.14
N GLY A 84 5.69 -9.91 -2.09
CA GLY A 84 4.90 -10.37 -3.24
C GLY A 84 4.87 -9.36 -4.39
N ILE A 85 3.85 -9.44 -5.26
CA ILE A 85 3.72 -8.55 -6.44
C ILE A 85 3.23 -7.13 -6.08
N ALA A 86 2.27 -7.03 -5.16
CA ALA A 86 1.52 -5.80 -4.92
C ALA A 86 2.20 -4.80 -3.97
N VAL A 87 3.46 -5.06 -3.60
CA VAL A 87 4.31 -4.22 -2.75
C VAL A 87 5.77 -4.49 -3.10
N GLU A 88 6.53 -3.44 -3.41
CA GLU A 88 7.91 -3.53 -3.90
C GLU A 88 8.77 -2.35 -3.41
N THR A 89 10.09 -2.55 -3.31
CA THR A 89 11.07 -1.54 -2.87
C THR A 89 11.86 -0.93 -4.03
N VAL A 90 12.36 0.28 -3.83
CA VAL A 90 13.38 0.94 -4.68
C VAL A 90 14.78 0.35 -4.40
N THR A 91 15.78 0.77 -5.17
CA THR A 91 17.18 0.33 -5.05
C THR A 91 18.02 1.22 -4.14
N ASP A 92 17.69 2.51 -4.06
CA ASP A 92 18.58 3.55 -3.51
C ASP A 92 18.26 3.98 -2.08
N SER A 93 16.97 4.10 -1.71
CA SER A 93 16.57 4.58 -0.37
C SER A 93 15.37 3.85 0.23
N SER A 94 15.50 3.31 1.44
CA SER A 94 14.49 2.44 2.09
C SER A 94 13.15 3.12 2.37
N ARG A 95 13.07 4.45 2.26
CA ARG A 95 11.86 5.25 2.57
C ARG A 95 10.82 5.32 1.44
N TYR A 96 10.95 4.50 0.38
CA TYR A 96 10.12 4.54 -0.82
C TYR A 96 9.70 3.13 -1.28
N PHE A 97 8.46 2.99 -1.75
CA PHE A 97 7.86 1.72 -2.19
C PHE A 97 6.98 1.92 -3.43
N VAL A 98 6.74 0.86 -4.19
CA VAL A 98 5.65 0.77 -5.17
C VAL A 98 4.60 -0.18 -4.64
N ILE A 99 3.31 0.12 -4.82
CA ILE A 99 2.21 -0.82 -4.53
C ILE A 99 1.23 -0.95 -5.70
N ARG A 100 0.63 -2.15 -5.87
CA ARG A 100 -0.36 -2.43 -6.92
C ARG A 100 -1.78 -2.22 -6.39
N ILE A 101 -2.30 -1.00 -6.56
CA ILE A 101 -3.68 -0.66 -6.17
C ILE A 101 -4.71 -1.24 -7.16
N GLN A 102 -5.93 -1.50 -6.68
CA GLN A 102 -7.10 -1.88 -7.47
C GLN A 102 -8.19 -0.81 -7.36
N ASP A 103 -8.89 -0.53 -8.47
CA ASP A 103 -9.82 0.60 -8.60
C ASP A 103 -11.30 0.21 -8.34
N GLY A 104 -11.53 -0.78 -7.48
CA GLY A 104 -12.86 -1.19 -7.01
C GLY A 104 -13.74 -1.94 -8.03
N THR A 105 -13.19 -2.31 -9.18
CA THR A 105 -13.94 -2.94 -10.30
C THR A 105 -13.24 -4.17 -10.92
N GLY A 106 -11.90 -4.26 -10.83
CA GLY A 106 -11.11 -5.40 -11.32
C GLY A 106 -9.84 -4.99 -12.07
N ARG A 107 -9.69 -3.70 -12.41
CA ARG A 107 -8.50 -3.10 -13.02
C ARG A 107 -7.61 -2.48 -11.95
N SER A 108 -6.33 -2.33 -12.29
CA SER A 108 -5.24 -2.05 -11.36
C SER A 108 -4.17 -1.10 -11.91
N ALA A 109 -3.37 -0.53 -11.00
CA ALA A 109 -2.22 0.31 -11.32
C ALA A 109 -1.08 0.13 -10.30
N PHE A 110 0.17 0.24 -10.75
CA PHE A 110 1.34 0.34 -9.87
C PHE A 110 1.63 1.83 -9.57
N ILE A 111 1.53 2.22 -8.30
CA ILE A 111 1.77 3.59 -7.82
C ILE A 111 2.96 3.64 -6.87
N GLY A 112 3.75 4.72 -6.91
CA GLY A 112 4.88 4.93 -6.01
C GLY A 112 4.45 5.72 -4.77
N ILE A 113 4.95 5.33 -3.61
CA ILE A 113 4.80 6.07 -2.34
C ILE A 113 6.13 6.25 -1.61
N GLY A 114 6.19 7.21 -0.70
CA GLY A 114 7.29 7.33 0.25
C GLY A 114 6.95 8.05 1.55
N PHE A 115 7.93 8.04 2.44
CA PHE A 115 7.87 8.53 3.81
C PHE A 115 8.95 9.58 4.07
N THR A 116 8.68 10.53 4.96
CA THR A 116 9.65 11.58 5.34
C THR A 116 10.78 11.10 6.25
N ASP A 117 10.67 9.89 6.81
CA ASP A 117 11.36 9.52 8.07
C ASP A 117 12.36 8.36 7.96
N ARG A 118 12.19 7.47 6.96
CA ARG A 118 12.84 6.15 6.82
C ARG A 118 12.53 5.15 7.95
N GLY A 119 12.51 5.58 9.22
CA GLY A 119 12.05 4.77 10.35
C GLY A 119 10.56 4.40 10.28
N ASP A 120 9.73 5.22 9.62
CA ASP A 120 8.31 4.93 9.36
C ASP A 120 8.14 3.98 8.16
N ALA A 121 8.99 4.09 7.14
CA ALA A 121 9.06 3.07 6.09
C ALA A 121 9.53 1.70 6.62
N PHE A 122 10.46 1.70 7.58
CA PHE A 122 10.85 0.53 8.39
C PHE A 122 9.77 0.07 9.41
N ASP A 123 8.55 0.61 9.34
CA ASP A 123 7.37 0.14 10.08
C ASP A 123 6.21 -0.23 9.15
N PHE A 124 6.06 0.44 7.99
CA PHE A 124 5.23 -0.01 6.86
C PHE A 124 5.52 -1.46 6.46
N ASN A 125 6.81 -1.80 6.30
CA ASN A 125 7.25 -3.14 5.88
C ASN A 125 7.20 -4.18 7.02
N VAL A 126 7.38 -3.78 8.28
CA VAL A 126 7.35 -4.68 9.45
C VAL A 126 5.92 -5.04 9.82
N SER A 127 5.00 -4.07 9.83
CA SER A 127 3.57 -4.31 10.10
C SER A 127 2.89 -5.21 9.06
N LEU A 128 3.40 -5.23 7.82
CA LEU A 128 3.03 -6.21 6.78
C LEU A 128 3.60 -7.61 7.09
N GLN A 129 4.92 -7.76 7.20
CA GLN A 129 5.55 -9.08 7.32
C GLN A 129 5.18 -9.81 8.64
N ASP A 130 4.93 -9.07 9.71
CA ASP A 130 4.50 -9.60 11.01
C ASP A 130 3.01 -9.96 11.04
N HIS A 131 2.26 -9.74 9.95
CA HIS A 131 0.94 -10.33 9.73
C HIS A 131 0.94 -11.56 8.81
N PHE A 132 2.10 -11.93 8.23
CA PHE A 132 2.27 -13.13 7.40
C PHE A 132 3.18 -14.22 7.98
N LYS A 133 3.92 -13.97 9.08
CA LYS A 133 4.87 -14.96 9.66
C LYS A 133 4.26 -16.33 9.99
N TRP A 134 2.98 -16.34 10.37
CA TRP A 134 2.22 -17.55 10.71
C TRP A 134 1.72 -18.32 9.47
N VAL A 135 1.60 -17.65 8.32
CA VAL A 135 1.24 -18.24 7.02
C VAL A 135 2.45 -18.93 6.37
N LYS A 136 3.67 -18.49 6.71
CA LYS A 136 4.96 -18.99 6.21
C LYS A 136 5.59 -20.04 7.14
N GLN A 137 4.76 -20.77 7.90
CA GLN A 137 5.18 -21.88 8.75
C GLN A 137 5.28 -23.18 7.92
N GLU A 138 6.49 -23.47 7.45
CA GLU A 138 6.88 -24.66 6.67
C GLU A 138 8.31 -25.15 6.96
N GLY A 1 -29.80 -5.21 -10.34
CA GLY A 1 -28.67 -4.40 -9.81
C GLY A 1 -28.20 -4.90 -8.46
N SER A 2 -27.52 -4.04 -7.69
CA SER A 2 -27.00 -4.34 -6.34
C SER A 2 -26.98 -3.08 -5.45
N PRO A 3 -27.26 -3.18 -4.14
CA PRO A 3 -27.11 -2.06 -3.20
C PRO A 3 -25.65 -1.67 -2.94
N ASN A 4 -24.67 -2.51 -3.34
CA ASN A 4 -23.23 -2.31 -3.12
C ASN A 4 -22.87 -2.03 -1.64
N SER A 5 -23.59 -2.66 -0.71
CA SER A 5 -23.56 -2.39 0.74
C SER A 5 -22.44 -3.10 1.51
N MET A 6 -21.67 -3.99 0.86
CA MET A 6 -20.57 -4.77 1.46
C MET A 6 -19.31 -4.76 0.56
N ALA A 7 -18.16 -5.07 1.17
CA ALA A 7 -16.84 -5.13 0.52
C ALA A 7 -16.05 -6.35 1.05
N THR A 8 -16.73 -7.51 1.11
CA THR A 8 -16.36 -8.68 1.94
C THR A 8 -16.31 -8.26 3.41
N GLU A 9 -17.51 -8.02 3.94
CA GLU A 9 -17.74 -7.37 5.24
C GLU A 9 -17.93 -8.42 6.35
N LEU A 10 -16.83 -8.79 6.99
CA LEU A 10 -16.76 -9.85 8.01
C LEU A 10 -17.11 -9.38 9.44
N GLU A 11 -17.46 -8.09 9.58
CA GLU A 11 -17.33 -7.32 10.81
C GLU A 11 -15.89 -7.29 11.37
N TYR A 12 -14.89 -7.52 10.50
CA TYR A 12 -13.48 -7.29 10.78
C TYR A 12 -12.67 -6.92 9.53
N GLU A 13 -11.71 -6.03 9.76
CA GLU A 13 -10.60 -5.61 8.90
C GLU A 13 -9.58 -4.95 9.83
N SER A 14 -8.69 -5.76 10.40
CA SER A 14 -7.85 -5.37 11.53
C SER A 14 -6.72 -4.44 11.09
N VAL A 15 -6.62 -3.27 11.73
CA VAL A 15 -5.60 -2.26 11.40
C VAL A 15 -4.21 -2.70 11.88
N LEU A 16 -3.16 -2.33 11.12
CA LEU A 16 -1.78 -2.80 11.29
C LEU A 16 -0.76 -1.66 11.35
N CYS A 17 -0.99 -0.60 10.56
CA CYS A 17 -0.21 0.64 10.58
C CYS A 17 -1.10 1.81 10.18
N VAL A 18 -0.95 2.94 10.86
CA VAL A 18 -1.53 4.24 10.47
C VAL A 18 -0.46 5.32 10.62
N LYS A 19 -0.25 6.12 9.56
CA LYS A 19 0.69 7.26 9.54
C LYS A 19 0.00 8.52 8.96
N PRO A 20 0.18 9.71 9.55
CA PRO A 20 -0.52 10.93 9.14
C PRO A 20 0.04 11.59 7.86
N ASP A 21 1.23 11.19 7.40
CA ASP A 21 1.94 11.83 6.29
C ASP A 21 2.51 10.78 5.32
N VAL A 22 1.90 10.70 4.14
CA VAL A 22 2.37 9.90 3.00
C VAL A 22 2.04 10.62 1.68
N SER A 23 2.94 10.50 0.70
CA SER A 23 2.83 11.16 -0.60
C SER A 23 2.85 10.15 -1.75
N VAL A 24 2.01 10.33 -2.76
CA VAL A 24 1.91 9.47 -3.97
C VAL A 24 2.58 10.13 -5.16
N TYR A 25 3.40 9.35 -5.86
CA TYR A 25 3.99 9.70 -7.14
C TYR A 25 3.83 8.52 -8.11
N ARG A 26 3.16 8.76 -9.24
CA ARG A 26 3.03 7.78 -10.33
C ARG A 26 4.40 7.50 -10.96
N ILE A 27 4.75 6.23 -11.11
CA ILE A 27 6.10 5.76 -11.45
C ILE A 27 6.34 5.65 -12.98
N PRO A 28 7.58 5.81 -13.46
CA PRO A 28 7.97 5.42 -14.82
C PRO A 28 7.95 3.89 -14.99
N PRO A 29 7.96 3.37 -16.23
CA PRO A 29 8.01 1.92 -16.49
C PRO A 29 9.30 1.28 -15.95
N ARG A 30 9.17 0.06 -15.43
CA ARG A 30 10.26 -0.72 -14.81
C ARG A 30 11.23 -1.31 -15.83
N ALA A 31 12.41 -1.68 -15.35
CA ALA A 31 13.32 -2.61 -16.01
C ALA A 31 14.04 -3.51 -14.98
N SER A 32 14.61 -4.60 -15.46
CA SER A 32 15.04 -5.78 -14.68
C SER A 32 16.45 -5.66 -14.08
N ASN A 33 17.37 -5.10 -14.86
CA ASN A 33 18.74 -4.76 -14.46
C ASN A 33 18.81 -3.31 -13.94
N ARG A 34 17.67 -2.78 -13.47
CA ARG A 34 17.45 -1.42 -12.99
C ARG A 34 16.69 -1.42 -11.67
N GLY A 35 15.42 -1.80 -11.68
CA GLY A 35 14.54 -1.62 -10.54
C GLY A 35 14.13 -0.17 -10.36
N TYR A 36 13.20 0.02 -9.44
CA TYR A 36 12.79 1.33 -8.95
C TYR A 36 13.84 1.90 -8.00
N ARG A 37 14.19 3.18 -8.14
CA ARG A 37 15.31 3.82 -7.40
C ARG A 37 14.93 5.10 -6.66
N ALA A 38 13.64 5.30 -6.43
CA ALA A 38 12.98 6.48 -5.86
C ALA A 38 13.24 7.81 -6.62
N SER A 39 14.49 8.14 -6.93
CA SER A 39 14.92 9.39 -7.56
C SER A 39 14.42 9.58 -9.00
N ASP A 40 13.98 8.50 -9.67
CA ASP A 40 13.33 8.57 -10.99
C ASP A 40 11.82 8.89 -10.91
N TRP A 41 11.23 8.89 -9.71
CA TRP A 41 9.83 9.27 -9.48
C TRP A 41 9.72 10.78 -9.20
N LYS A 42 8.50 11.30 -9.20
CA LYS A 42 8.18 12.72 -8.96
C LYS A 42 8.16 13.10 -7.47
N LEU A 43 9.26 12.83 -6.76
CA LEU A 43 9.37 12.96 -5.29
C LEU A 43 9.00 14.36 -4.74
N ASP A 44 9.25 15.41 -5.52
CA ASP A 44 8.97 16.81 -5.15
C ASP A 44 7.56 17.28 -5.57
N GLN A 45 6.85 16.46 -6.36
CA GLN A 45 5.66 16.84 -7.14
C GLN A 45 4.56 15.75 -7.04
N PRO A 46 3.90 15.59 -5.88
CA PRO A 46 2.99 14.47 -5.71
C PRO A 46 1.74 14.58 -6.57
N ASP A 47 1.21 13.43 -6.99
CA ASP A 47 -0.13 13.34 -7.60
C ASP A 47 -1.23 13.52 -6.54
N TRP A 48 -0.94 13.12 -5.30
CA TRP A 48 -1.79 13.25 -4.11
C TRP A 48 -0.94 13.16 -2.82
N THR A 49 -1.42 13.77 -1.73
CA THR A 49 -0.88 13.58 -0.37
C THR A 49 -1.99 13.34 0.65
N GLY A 50 -1.68 12.57 1.69
CA GLY A 50 -2.63 12.23 2.74
C GLY A 50 -2.06 11.29 3.80
N ARG A 51 -2.88 10.34 4.24
CA ARG A 51 -2.62 9.40 5.35
C ARG A 51 -2.50 7.97 4.86
N LEU A 52 -1.60 7.20 5.49
CA LEU A 52 -1.50 5.75 5.36
C LEU A 52 -2.49 5.07 6.30
N ARG A 53 -3.10 4.00 5.81
CA ARG A 53 -3.69 2.91 6.61
C ARG A 53 -3.27 1.57 6.02
N ILE A 54 -2.92 0.63 6.89
CA ILE A 54 -2.75 -0.79 6.56
C ILE A 54 -3.74 -1.57 7.42
N THR A 55 -4.46 -2.49 6.78
CA THR A 55 -5.64 -3.20 7.29
C THR A 55 -5.56 -4.67 6.84
N SER A 56 -6.33 -5.60 7.44
CA SER A 56 -6.14 -7.03 7.21
C SER A 56 -7.35 -7.89 7.57
N LYS A 57 -7.71 -8.78 6.65
CA LYS A 57 -8.72 -9.82 6.84
C LYS A 57 -8.65 -10.97 5.84
N GLY A 58 -8.81 -12.17 6.37
CA GLY A 58 -8.95 -13.44 5.62
C GLY A 58 -7.70 -13.84 4.82
N LYS A 59 -6.53 -13.81 5.48
CA LYS A 59 -5.20 -14.05 4.89
C LYS A 59 -4.87 -13.11 3.71
N THR A 60 -5.44 -11.90 3.79
CA THR A 60 -5.29 -10.81 2.82
C THR A 60 -5.03 -9.53 3.61
N ALA A 61 -4.04 -8.75 3.19
CA ALA A 61 -3.77 -7.40 3.72
C ALA A 61 -4.28 -6.34 2.74
N TYR A 62 -4.51 -5.15 3.25
CA TYR A 62 -5.28 -4.08 2.62
C TYR A 62 -4.61 -2.74 2.94
N ILE A 63 -3.70 -2.26 2.07
CA ILE A 63 -3.14 -0.90 2.20
C ILE A 63 -4.18 0.07 1.64
N LYS A 64 -4.80 0.89 2.49
CA LYS A 64 -5.78 1.91 2.09
C LYS A 64 -5.23 3.32 2.34
N LEU A 65 -5.26 4.18 1.32
CA LEU A 65 -4.83 5.57 1.40
C LEU A 65 -6.03 6.49 1.63
N GLU A 66 -5.94 7.38 2.61
CA GLU A 66 -7.07 8.20 3.08
C GLU A 66 -6.72 9.69 3.17
N ASP A 67 -7.71 10.56 2.97
CA ASP A 67 -7.53 12.01 2.99
C ASP A 67 -7.33 12.54 4.42
N LYS A 68 -6.49 13.57 4.54
CA LYS A 68 -6.11 14.25 5.79
C LYS A 68 -7.08 15.33 6.26
N VAL A 69 -8.07 15.68 5.45
CA VAL A 69 -9.11 16.68 5.74
C VAL A 69 -10.51 16.09 5.67
N SER A 70 -10.80 15.27 4.64
CA SER A 70 -12.15 14.74 4.40
C SER A 70 -12.36 13.35 4.99
N GLY A 71 -11.28 12.60 5.24
CA GLY A 71 -11.32 11.22 5.74
C GLY A 71 -11.70 10.18 4.67
N GLU A 72 -11.81 10.60 3.41
CA GLU A 72 -12.27 9.80 2.28
C GLU A 72 -11.16 8.92 1.69
N LEU A 73 -11.53 7.82 1.02
CA LEU A 73 -10.59 6.90 0.37
C LEU A 73 -10.03 7.51 -0.93
N PHE A 74 -8.69 7.54 -1.07
CA PHE A 74 -8.01 7.86 -2.32
C PHE A 74 -7.85 6.62 -3.20
N ALA A 75 -7.23 5.56 -2.67
CA ALA A 75 -6.96 4.31 -3.36
C ALA A 75 -6.76 3.15 -2.36
N GLN A 76 -6.91 1.90 -2.82
CA GLN A 76 -6.68 0.71 -1.99
C GLN A 76 -5.96 -0.42 -2.75
N ALA A 77 -4.97 -1.04 -2.12
CA ALA A 77 -4.17 -2.14 -2.64
C ALA A 77 -4.33 -3.41 -1.77
N PRO A 78 -5.16 -4.39 -2.20
CA PRO A 78 -5.24 -5.71 -1.59
C PRO A 78 -4.01 -6.56 -1.96
N VAL A 79 -3.53 -7.34 -0.98
CA VAL A 79 -2.29 -8.14 -1.02
C VAL A 79 -2.57 -9.53 -0.46
N GLU A 80 -2.26 -10.60 -1.20
CA GLU A 80 -2.55 -11.98 -0.74
C GLU A 80 -1.40 -12.63 0.06
N GLN A 81 -0.17 -12.12 -0.12
CA GLN A 81 1.03 -12.50 0.62
C GLN A 81 2.12 -11.42 0.47
N TYR A 82 2.99 -11.26 1.47
CA TYR A 82 4.12 -10.34 1.44
C TYR A 82 5.43 -11.04 1.87
N PRO A 83 6.54 -10.89 1.12
CA PRO A 83 6.67 -10.23 -0.18
C PRO A 83 5.82 -10.90 -1.30
N GLY A 84 5.31 -10.09 -2.22
CA GLY A 84 4.44 -10.51 -3.33
C GLY A 84 4.37 -9.45 -4.44
N ILE A 85 3.29 -9.46 -5.24
CA ILE A 85 3.15 -8.53 -6.39
C ILE A 85 2.65 -7.13 -6.00
N ALA A 86 1.71 -7.03 -5.06
CA ALA A 86 0.96 -5.80 -4.78
C ALA A 86 1.71 -4.80 -3.87
N VAL A 87 2.98 -5.10 -3.54
CA VAL A 87 3.86 -4.27 -2.71
C VAL A 87 5.33 -4.54 -3.12
N GLU A 88 6.10 -3.49 -3.40
CA GLU A 88 7.53 -3.55 -3.72
C GLU A 88 8.35 -2.42 -3.08
N THR A 89 9.66 -2.63 -2.95
CA THR A 89 10.66 -1.66 -2.46
C THR A 89 11.44 -1.02 -3.62
N VAL A 90 12.04 0.15 -3.37
CA VAL A 90 13.08 0.73 -4.24
C VAL A 90 14.46 0.14 -3.90
N THR A 91 15.48 0.50 -4.70
CA THR A 91 16.87 0.04 -4.54
C THR A 91 17.75 1.03 -3.76
N ASP A 92 17.45 2.33 -3.86
CA ASP A 92 18.36 3.40 -3.45
C ASP A 92 18.10 3.92 -2.02
N SER A 93 16.83 4.09 -1.64
CA SER A 93 16.46 4.71 -0.35
C SER A 93 15.32 3.98 0.37
N SER A 94 15.56 3.50 1.58
CA SER A 94 14.69 2.56 2.34
C SER A 94 13.41 3.17 2.94
N ARG A 95 12.90 4.27 2.36
CA ARG A 95 11.71 5.04 2.78
C ARG A 95 10.71 5.29 1.64
N TYR A 96 10.74 4.44 0.61
CA TYR A 96 9.89 4.52 -0.59
C TYR A 96 9.45 3.12 -1.06
N PHE A 97 8.19 3.00 -1.48
CA PHE A 97 7.58 1.73 -1.92
C PHE A 97 6.67 1.92 -3.14
N VAL A 98 6.38 0.84 -3.85
CA VAL A 98 5.31 0.77 -4.86
C VAL A 98 4.22 -0.16 -4.36
N ILE A 99 2.95 0.15 -4.61
CA ILE A 99 1.84 -0.79 -4.36
C ILE A 99 0.88 -0.87 -5.55
N ARG A 100 0.26 -2.04 -5.72
CA ARG A 100 -0.75 -2.30 -6.77
C ARG A 100 -2.14 -1.95 -6.27
N ILE A 101 -2.55 -0.71 -6.41
CA ILE A 101 -3.93 -0.30 -6.10
C ILE A 101 -4.90 -0.87 -7.14
N GLN A 102 -6.08 -1.32 -6.68
CA GLN A 102 -7.05 -2.07 -7.47
C GLN A 102 -8.47 -1.53 -7.27
N ASP A 103 -9.30 -1.64 -8.31
CA ASP A 103 -10.67 -1.08 -8.35
C ASP A 103 -11.76 -2.14 -8.03
N GLY A 104 -11.35 -3.29 -7.49
CA GLY A 104 -12.24 -4.39 -7.05
C GLY A 104 -12.84 -5.26 -8.17
N THR A 105 -12.38 -5.06 -9.42
CA THR A 105 -12.92 -5.69 -10.65
C THR A 105 -11.84 -6.34 -11.55
N GLY A 106 -10.58 -6.33 -11.10
CA GLY A 106 -9.41 -6.82 -11.86
C GLY A 106 -8.64 -5.71 -12.61
N ARG A 107 -9.18 -4.48 -12.59
CA ARG A 107 -8.55 -3.23 -12.97
C ARG A 107 -7.58 -2.81 -11.85
N SER A 108 -6.37 -2.45 -12.24
CA SER A 108 -5.27 -2.12 -11.34
C SER A 108 -4.30 -1.07 -11.89
N ALA A 109 -3.53 -0.45 -10.98
CA ALA A 109 -2.40 0.43 -11.28
C ALA A 109 -1.29 0.28 -10.23
N PHE A 110 -0.02 0.41 -10.64
CA PHE A 110 1.13 0.47 -9.74
C PHE A 110 1.46 1.93 -9.43
N ILE A 111 1.34 2.33 -8.15
CA ILE A 111 1.63 3.69 -7.67
C ILE A 111 2.81 3.68 -6.69
N GLY A 112 3.64 4.72 -6.73
CA GLY A 112 4.75 4.92 -5.79
C GLY A 112 4.30 5.74 -4.59
N ILE A 113 4.79 5.41 -3.39
CA ILE A 113 4.61 6.18 -2.16
C ILE A 113 5.94 6.44 -1.45
N GLY A 114 6.04 7.58 -0.77
CA GLY A 114 7.20 7.98 0.01
C GLY A 114 6.87 8.45 1.42
N PHE A 115 7.79 8.17 2.34
CA PHE A 115 7.76 8.52 3.76
C PHE A 115 8.78 9.61 4.09
N THR A 116 8.61 10.29 5.22
CA THR A 116 9.52 11.36 5.69
C THR A 116 10.84 10.80 6.25
N ASP A 117 10.84 9.55 6.70
CA ASP A 117 12.00 8.89 7.32
C ASP A 117 11.89 7.35 7.23
N ARG A 118 13.02 6.64 7.30
CA ARG A 118 13.05 5.17 7.33
C ARG A 118 12.26 4.58 8.50
N GLY A 119 12.21 5.26 9.66
CA GLY A 119 11.50 4.78 10.85
C GLY A 119 9.98 4.57 10.64
N ASP A 120 9.36 5.35 9.75
CA ASP A 120 7.94 5.20 9.41
C ASP A 120 7.72 4.18 8.27
N ALA A 121 8.62 4.14 7.30
CA ALA A 121 8.67 3.07 6.28
C ALA A 121 8.92 1.67 6.89
N PHE A 122 9.63 1.62 8.01
CA PHE A 122 9.83 0.42 8.85
C PHE A 122 8.79 0.26 9.97
N ASP A 123 7.65 0.97 9.86
CA ASP A 123 6.35 0.42 10.31
C ASP A 123 5.55 -0.12 9.11
N PHE A 124 5.55 0.55 7.94
CA PHE A 124 4.84 0.10 6.74
C PHE A 124 5.20 -1.34 6.33
N ASN A 125 6.48 -1.63 6.09
CA ASN A 125 6.90 -2.95 5.59
C ASN A 125 6.99 -4.03 6.69
N VAL A 126 7.18 -3.60 7.94
CA VAL A 126 7.34 -4.52 9.08
C VAL A 126 5.99 -5.00 9.59
N SER A 127 4.98 -4.12 9.64
CA SER A 127 3.61 -4.50 10.01
C SER A 127 2.97 -5.48 9.02
N LEU A 128 3.32 -5.39 7.73
CA LEU A 128 2.94 -6.37 6.70
C LEU A 128 3.63 -7.72 6.93
N GLN A 129 4.96 -7.78 6.99
CA GLN A 129 5.69 -9.05 7.06
C GLN A 129 5.46 -9.80 8.38
N ASP A 130 5.25 -9.10 9.50
CA ASP A 130 4.97 -9.69 10.81
C ASP A 130 3.46 -10.00 11.00
N HIS A 131 2.61 -9.65 10.03
CA HIS A 131 1.25 -10.19 9.92
C HIS A 131 1.18 -11.41 8.99
N PHE A 132 2.02 -11.47 7.96
CA PHE A 132 2.04 -12.57 6.97
C PHE A 132 2.97 -13.75 7.29
N LYS A 133 3.86 -13.68 8.30
CA LYS A 133 4.89 -14.72 8.54
C LYS A 133 4.37 -16.17 8.68
N TRP A 134 3.12 -16.35 9.11
CA TRP A 134 2.45 -17.66 9.21
C TRP A 134 1.73 -18.10 7.92
N VAL A 135 1.30 -17.13 7.08
CA VAL A 135 0.69 -17.38 5.76
C VAL A 135 1.76 -17.72 4.73
N LYS A 136 2.88 -16.97 4.74
CA LYS A 136 4.06 -17.16 3.89
C LYS A 136 5.27 -17.50 4.75
N GLN A 137 5.34 -18.75 5.20
CA GLN A 137 6.48 -19.32 5.93
C GLN A 137 7.64 -19.59 4.97
N GLU A 138 8.49 -18.58 4.79
CA GLU A 138 9.69 -18.57 3.93
C GLU A 138 10.88 -19.34 4.53
N GLY A 1 -28.05 4.71 -6.89
CA GLY A 1 -27.14 3.55 -7.04
C GLY A 1 -27.64 2.34 -6.28
N SER A 2 -27.22 1.14 -6.69
CA SER A 2 -27.62 -0.15 -6.08
C SER A 2 -27.11 -0.29 -4.63
N PRO A 3 -27.94 -0.77 -3.67
CA PRO A 3 -27.63 -0.78 -2.24
C PRO A 3 -26.80 -2.01 -1.80
N ASN A 4 -25.81 -2.44 -2.60
CA ASN A 4 -25.09 -3.69 -2.40
C ASN A 4 -24.32 -3.74 -1.06
N SER A 5 -23.85 -2.58 -0.58
CA SER A 5 -23.20 -2.42 0.74
C SER A 5 -24.12 -2.73 1.94
N MET A 6 -25.43 -2.79 1.72
CA MET A 6 -26.46 -3.19 2.71
C MET A 6 -27.03 -4.60 2.44
N ALA A 7 -26.44 -5.34 1.49
CA ALA A 7 -26.87 -6.67 1.04
C ALA A 7 -25.77 -7.74 1.23
N THR A 8 -24.53 -7.46 0.81
CA THR A 8 -23.35 -8.25 1.22
C THR A 8 -22.89 -7.88 2.63
N GLU A 9 -23.07 -6.60 2.99
CA GLU A 9 -22.95 -6.01 4.33
C GLU A 9 -21.69 -6.43 5.12
N LEU A 10 -20.52 -6.30 4.48
CA LEU A 10 -19.22 -6.45 5.13
C LEU A 10 -18.73 -5.11 5.71
N GLU A 11 -18.31 -5.14 6.97
CA GLU A 11 -17.74 -4.01 7.71
C GLU A 11 -16.54 -4.50 8.55
N TYR A 12 -15.53 -5.05 7.86
CA TYR A 12 -14.31 -5.61 8.43
C TYR A 12 -13.07 -4.95 7.82
N GLU A 13 -12.05 -4.70 8.64
CA GLU A 13 -10.78 -4.06 8.29
C GLU A 13 -9.89 -4.04 9.55
N SER A 14 -9.01 -5.05 9.73
CA SER A 14 -8.13 -5.11 10.91
C SER A 14 -6.88 -4.26 10.68
N VAL A 15 -6.72 -3.18 11.42
CA VAL A 15 -5.63 -2.20 11.23
C VAL A 15 -4.27 -2.75 11.69
N LEU A 16 -3.20 -2.37 10.97
CA LEU A 16 -1.84 -2.88 11.16
C LEU A 16 -0.80 -1.75 11.31
N CYS A 17 -0.90 -0.71 10.47
CA CYS A 17 -0.06 0.50 10.55
C CYS A 17 -0.82 1.73 10.05
N VAL A 18 -0.73 2.83 10.78
CA VAL A 18 -1.24 4.15 10.37
C VAL A 18 -0.14 5.18 10.50
N LYS A 19 0.10 5.95 9.43
CA LYS A 19 1.04 7.08 9.37
C LYS A 19 0.34 8.33 8.80
N PRO A 20 0.47 9.51 9.42
CA PRO A 20 -0.31 10.70 9.05
C PRO A 20 0.17 11.44 7.79
N ASP A 21 1.39 11.16 7.33
CA ASP A 21 2.02 11.86 6.21
C ASP A 21 2.65 10.87 5.23
N VAL A 22 2.02 10.75 4.05
CA VAL A 22 2.51 9.95 2.92
C VAL A 22 2.14 10.63 1.60
N SER A 23 3.03 10.51 0.60
CA SER A 23 2.94 11.21 -0.67
C SER A 23 3.00 10.23 -1.85
N VAL A 24 2.06 10.36 -2.79
CA VAL A 24 1.95 9.52 -3.99
C VAL A 24 2.61 10.18 -5.19
N TYR A 25 3.38 9.38 -5.92
CA TYR A 25 3.96 9.72 -7.21
C TYR A 25 3.75 8.56 -8.17
N ARG A 26 3.13 8.83 -9.32
CA ARG A 26 3.10 7.86 -10.44
C ARG A 26 4.51 7.60 -10.96
N ILE A 27 4.80 6.32 -11.22
CA ILE A 27 6.13 5.82 -11.62
C ILE A 27 6.23 5.59 -13.14
N PRO A 28 7.43 5.70 -13.74
CA PRO A 28 7.67 5.27 -15.13
C PRO A 28 7.63 3.74 -15.28
N PRO A 29 7.47 3.20 -16.51
CA PRO A 29 7.62 1.77 -16.77
C PRO A 29 9.07 1.31 -16.50
N ARG A 30 9.26 0.50 -15.46
CA ARG A 30 10.57 0.17 -14.87
C ARG A 30 10.60 -1.22 -14.23
N ALA A 31 11.81 -1.73 -13.97
CA ALA A 31 12.04 -3.00 -13.29
C ALA A 31 11.76 -2.91 -11.78
N SER A 32 10.87 -3.77 -11.31
CA SER A 32 10.10 -3.69 -10.05
C SER A 32 10.91 -3.69 -8.74
N ASN A 33 12.11 -4.24 -8.75
CA ASN A 33 13.06 -4.23 -7.62
C ASN A 33 14.52 -4.01 -8.06
N ARG A 34 14.72 -3.53 -9.29
CA ARG A 34 16.04 -3.29 -9.93
C ARG A 34 16.17 -1.92 -10.58
N GLY A 35 15.04 -1.33 -11.00
CA GLY A 35 14.98 -0.05 -11.71
C GLY A 35 14.11 1.02 -11.05
N TYR A 36 13.34 0.68 -10.02
CA TYR A 36 12.79 1.67 -9.09
C TYR A 36 13.91 2.18 -8.15
N ARG A 37 14.40 3.40 -8.32
CA ARG A 37 15.47 4.00 -7.47
C ARG A 37 15.01 5.23 -6.69
N ALA A 38 13.70 5.34 -6.48
CA ALA A 38 12.98 6.51 -5.98
C ALA A 38 13.13 7.79 -6.85
N SER A 39 14.35 8.17 -7.23
CA SER A 39 14.69 9.39 -7.98
C SER A 39 14.17 9.42 -9.43
N ASP A 40 13.72 8.28 -9.96
CA ASP A 40 13.04 8.19 -11.27
C ASP A 40 11.57 8.69 -11.21
N TRP A 41 11.01 8.88 -10.02
CA TRP A 41 9.60 9.23 -9.78
C TRP A 41 9.42 10.75 -9.62
N LYS A 42 8.15 11.18 -9.57
CA LYS A 42 7.72 12.58 -9.36
C LYS A 42 7.85 13.06 -7.89
N LEU A 43 9.00 12.84 -7.26
CA LEU A 43 9.22 13.06 -5.82
C LEU A 43 8.89 14.48 -5.32
N ASP A 44 9.11 15.50 -6.15
CA ASP A 44 8.80 16.91 -5.84
C ASP A 44 7.42 17.36 -6.36
N GLN A 45 6.72 16.48 -7.08
CA GLN A 45 5.45 16.71 -7.78
C GLN A 45 4.39 15.67 -7.40
N PRO A 46 3.98 15.52 -6.14
CA PRO A 46 3.09 14.44 -5.79
C PRO A 46 1.71 14.60 -6.43
N ASP A 47 1.24 13.49 -7.01
CA ASP A 47 -0.07 13.39 -7.67
C ASP A 47 -1.21 13.44 -6.64
N TRP A 48 -0.92 13.06 -5.40
CA TRP A 48 -1.78 13.18 -4.20
C TRP A 48 -0.93 13.11 -2.92
N THR A 49 -1.40 13.71 -1.82
CA THR A 49 -0.85 13.51 -0.46
C THR A 49 -1.94 13.26 0.58
N GLY A 50 -1.61 12.50 1.62
CA GLY A 50 -2.55 12.16 2.69
C GLY A 50 -1.97 11.21 3.74
N ARG A 51 -2.78 10.26 4.19
CA ARG A 51 -2.49 9.29 5.26
C ARG A 51 -2.34 7.86 4.73
N LEU A 52 -1.48 7.09 5.38
CA LEU A 52 -1.37 5.63 5.25
C LEU A 52 -2.31 4.96 6.26
N ARG A 53 -3.01 3.90 5.84
CA ARG A 53 -3.70 2.95 6.73
C ARG A 53 -3.62 1.53 6.16
N ILE A 54 -2.61 0.78 6.61
CA ILE A 54 -2.47 -0.65 6.33
C ILE A 54 -3.50 -1.41 7.16
N THR A 55 -4.28 -2.27 6.49
CA THR A 55 -5.35 -3.10 7.05
C THR A 55 -5.22 -4.54 6.54
N SER A 56 -5.94 -5.51 7.12
CA SER A 56 -5.95 -6.91 6.69
C SER A 56 -7.18 -7.66 7.20
N LYS A 57 -7.67 -8.62 6.41
CA LYS A 57 -8.56 -9.70 6.84
C LYS A 57 -8.42 -10.93 5.94
N GLY A 58 -8.27 -12.10 6.58
CA GLY A 58 -8.46 -13.41 5.96
C GLY A 58 -7.37 -13.83 4.95
N LYS A 59 -6.10 -13.63 5.33
CA LYS A 59 -4.90 -13.82 4.49
C LYS A 59 -4.83 -12.88 3.27
N THR A 60 -5.55 -11.77 3.35
CA THR A 60 -5.48 -10.65 2.40
C THR A 60 -5.26 -9.36 3.16
N ALA A 61 -4.08 -8.76 2.99
CA ALA A 61 -3.78 -7.42 3.48
C ALA A 61 -4.22 -6.37 2.46
N TYR A 62 -4.35 -5.12 2.91
CA TYR A 62 -4.85 -3.99 2.15
C TYR A 62 -4.03 -2.75 2.52
N ILE A 63 -3.17 -2.26 1.63
CA ILE A 63 -2.53 -0.94 1.80
C ILE A 63 -3.56 0.09 1.34
N LYS A 64 -4.33 0.65 2.27
CA LYS A 64 -5.29 1.74 1.98
C LYS A 64 -4.68 3.11 2.24
N LEU A 65 -4.93 4.04 1.32
CA LEU A 65 -4.54 5.44 1.37
C LEU A 65 -5.78 6.32 1.56
N GLU A 66 -5.71 7.29 2.48
CA GLU A 66 -6.88 8.05 2.95
C GLU A 66 -6.58 9.54 3.12
N ASP A 67 -7.60 10.38 2.98
CA ASP A 67 -7.47 11.83 3.05
C ASP A 67 -7.23 12.32 4.48
N LYS A 68 -6.40 13.34 4.61
CA LYS A 68 -5.99 13.98 5.87
C LYS A 68 -6.94 15.04 6.40
N VAL A 69 -7.98 15.39 5.63
CA VAL A 69 -9.02 16.36 5.99
C VAL A 69 -10.41 15.75 5.92
N SER A 70 -10.71 14.99 4.86
CA SER A 70 -12.06 14.42 4.64
C SER A 70 -12.24 13.03 5.23
N GLY A 71 -11.14 12.29 5.44
CA GLY A 71 -11.16 10.90 5.94
C GLY A 71 -11.55 9.87 4.88
N GLU A 72 -11.70 10.30 3.62
CA GLU A 72 -12.17 9.48 2.50
C GLU A 72 -11.05 8.62 1.89
N LEU A 73 -11.42 7.51 1.25
CA LEU A 73 -10.48 6.60 0.58
C LEU A 73 -9.96 7.22 -0.74
N PHE A 74 -8.64 7.31 -0.89
CA PHE A 74 -7.99 7.67 -2.16
C PHE A 74 -7.81 6.43 -3.05
N ALA A 75 -7.13 5.40 -2.53
CA ALA A 75 -6.85 4.15 -3.23
C ALA A 75 -6.60 3.00 -2.25
N GLN A 76 -6.67 1.75 -2.74
CA GLN A 76 -6.41 0.54 -1.98
C GLN A 76 -5.62 -0.49 -2.81
N ALA A 77 -4.60 -1.12 -2.22
CA ALA A 77 -3.83 -2.21 -2.85
C ALA A 77 -3.95 -3.51 -2.03
N PRO A 78 -4.77 -4.48 -2.48
CA PRO A 78 -4.86 -5.82 -1.89
C PRO A 78 -3.59 -6.65 -2.13
N VAL A 79 -3.13 -7.37 -1.11
CA VAL A 79 -1.93 -8.22 -1.12
C VAL A 79 -2.27 -9.59 -0.52
N GLU A 80 -1.90 -10.69 -1.17
CA GLU A 80 -2.19 -12.06 -0.67
C GLU A 80 -0.99 -12.74 0.01
N GLN A 81 0.22 -12.22 -0.18
CA GLN A 81 1.47 -12.67 0.46
C GLN A 81 2.55 -11.58 0.33
N TYR A 82 3.49 -11.53 1.29
CA TYR A 82 4.49 -10.46 1.39
C TYR A 82 5.95 -10.98 1.40
N PRO A 83 6.88 -10.37 0.63
CA PRO A 83 6.63 -9.42 -0.45
C PRO A 83 5.92 -10.11 -1.64
N GLY A 84 5.08 -9.35 -2.38
CA GLY A 84 4.25 -9.90 -3.46
C GLY A 84 3.98 -8.93 -4.62
N ILE A 85 3.11 -9.32 -5.55
CA ILE A 85 2.82 -8.56 -6.80
C ILE A 85 2.31 -7.14 -6.56
N ALA A 86 1.63 -6.91 -5.43
CA ALA A 86 0.95 -5.66 -5.11
C ALA A 86 1.73 -4.75 -4.16
N VAL A 87 3.00 -5.09 -3.84
CA VAL A 87 3.86 -4.29 -2.96
C VAL A 87 5.35 -4.59 -3.15
N GLU A 88 6.13 -3.52 -3.33
CA GLU A 88 7.54 -3.54 -3.78
C GLU A 88 8.38 -2.39 -3.21
N THR A 89 9.69 -2.50 -3.33
CA THR A 89 10.72 -1.62 -2.74
C THR A 89 11.63 -1.01 -3.82
N VAL A 90 12.24 0.14 -3.52
CA VAL A 90 13.26 0.77 -4.38
C VAL A 90 14.66 0.19 -4.13
N THR A 91 15.63 0.58 -4.96
CA THR A 91 17.04 0.18 -4.86
C THR A 91 17.86 1.11 -3.97
N ASP A 92 17.53 2.41 -3.98
CA ASP A 92 18.40 3.47 -3.46
C ASP A 92 18.13 3.83 -1.99
N SER A 93 16.86 3.95 -1.59
CA SER A 93 16.49 4.42 -0.23
C SER A 93 15.23 3.76 0.34
N SER A 94 15.33 3.09 1.49
CA SER A 94 14.26 2.23 2.04
C SER A 94 12.98 2.97 2.50
N ARG A 95 12.94 4.31 2.42
CA ARG A 95 11.77 5.16 2.69
C ARG A 95 10.84 5.38 1.49
N TYR A 96 10.90 4.51 0.49
CA TYR A 96 10.08 4.56 -0.72
C TYR A 96 9.62 3.15 -1.14
N PHE A 97 8.34 3.01 -1.48
CA PHE A 97 7.69 1.76 -1.89
C PHE A 97 6.83 1.96 -3.14
N VAL A 98 6.50 0.87 -3.83
CA VAL A 98 5.45 0.83 -4.86
C VAL A 98 4.36 -0.13 -4.43
N ILE A 99 3.10 0.19 -4.72
CA ILE A 99 1.97 -0.73 -4.53
C ILE A 99 1.05 -0.75 -5.75
N ARG A 100 0.39 -1.90 -5.98
CA ARG A 100 -0.57 -2.09 -7.08
C ARG A 100 -1.99 -1.84 -6.59
N ILE A 101 -2.45 -0.59 -6.67
CA ILE A 101 -3.82 -0.24 -6.27
C ILE A 101 -4.84 -0.80 -7.26
N GLN A 102 -5.93 -1.35 -6.74
CA GLN A 102 -6.91 -2.18 -7.47
C GLN A 102 -8.34 -1.91 -6.99
N ASP A 103 -9.28 -1.96 -7.93
CA ASP A 103 -10.71 -1.68 -7.71
C ASP A 103 -11.52 -2.95 -7.35
N GLY A 104 -10.86 -4.10 -7.23
CA GLY A 104 -11.45 -5.39 -6.85
C GLY A 104 -12.11 -6.16 -8.02
N THR A 105 -11.85 -5.73 -9.25
CA THR A 105 -12.50 -6.23 -10.49
C THR A 105 -11.53 -6.47 -11.66
N GLY A 106 -10.22 -6.51 -11.39
CA GLY A 106 -9.17 -6.68 -12.41
C GLY A 106 -8.61 -5.38 -12.99
N ARG A 107 -9.15 -4.22 -12.56
CA ARG A 107 -8.55 -2.89 -12.74
C ARG A 107 -7.36 -2.78 -11.81
N SER A 108 -6.24 -2.31 -12.36
CA SER A 108 -5.02 -2.07 -11.59
C SER A 108 -4.18 -0.88 -12.07
N ALA A 109 -3.42 -0.29 -11.13
CA ALA A 109 -2.36 0.68 -11.40
C ALA A 109 -1.23 0.57 -10.37
N PHE A 110 0.03 0.70 -10.81
CA PHE A 110 1.17 0.82 -9.92
C PHE A 110 1.40 2.30 -9.55
N ILE A 111 1.43 2.58 -8.24
CA ILE A 111 1.73 3.89 -7.66
C ILE A 111 2.94 3.80 -6.72
N GLY A 112 3.79 4.83 -6.72
CA GLY A 112 4.89 4.97 -5.77
C GLY A 112 4.47 5.81 -4.57
N ILE A 113 4.96 5.46 -3.38
CA ILE A 113 4.79 6.25 -2.15
C ILE A 113 6.13 6.49 -1.44
N GLY A 114 6.28 7.69 -0.88
CA GLY A 114 7.44 8.09 -0.07
C GLY A 114 7.06 8.48 1.36
N PHE A 115 7.97 8.16 2.29
CA PHE A 115 7.82 8.36 3.73
C PHE A 115 8.70 9.50 4.25
N THR A 116 8.39 10.03 5.45
CA THR A 116 9.14 11.12 6.07
C THR A 116 10.51 10.69 6.61
N ASP A 117 10.65 9.42 7.00
CA ASP A 117 11.88 8.86 7.57
C ASP A 117 11.96 7.33 7.38
N ARG A 118 13.17 6.78 7.32
CA ARG A 118 13.42 5.33 7.19
C ARG A 118 12.85 4.51 8.35
N GLY A 119 12.85 5.04 9.56
CA GLY A 119 12.25 4.38 10.74
C GLY A 119 10.72 4.29 10.67
N ASP A 120 10.07 5.24 9.99
CA ASP A 120 8.61 5.21 9.75
C ASP A 120 8.24 4.33 8.55
N ALA A 121 9.11 4.27 7.53
CA ALA A 121 8.99 3.33 6.42
C ALA A 121 9.22 1.87 6.86
N PHE A 122 10.08 1.64 7.84
CA PHE A 122 10.26 0.30 8.43
C PHE A 122 8.96 -0.22 9.07
N ASP A 123 8.12 0.64 9.66
CA ASP A 123 6.82 0.22 10.19
C ASP A 123 5.86 -0.27 9.09
N PHE A 124 5.92 0.30 7.87
CA PHE A 124 5.16 -0.19 6.72
C PHE A 124 5.53 -1.64 6.36
N ASN A 125 6.82 -1.93 6.12
CA ASN A 125 7.24 -3.27 5.69
C ASN A 125 7.25 -4.31 6.81
N VAL A 126 7.43 -3.91 8.07
CA VAL A 126 7.35 -4.83 9.23
C VAL A 126 5.91 -5.21 9.53
N SER A 127 4.98 -4.25 9.52
CA SER A 127 3.56 -4.53 9.82
C SER A 127 2.89 -5.42 8.78
N LEU A 128 3.37 -5.40 7.53
CA LEU A 128 2.98 -6.36 6.49
C LEU A 128 3.59 -7.74 6.73
N GLN A 129 4.93 -7.85 6.81
CA GLN A 129 5.60 -9.16 6.89
C GLN A 129 5.26 -9.94 8.18
N ASP A 130 5.02 -9.24 9.29
CA ASP A 130 4.65 -9.84 10.58
C ASP A 130 3.16 -10.22 10.66
N HIS A 131 2.36 -9.86 9.64
CA HIS A 131 1.01 -10.41 9.45
C HIS A 131 0.99 -11.60 8.48
N PHE A 132 2.06 -11.82 7.71
CA PHE A 132 2.19 -12.93 6.75
C PHE A 132 3.17 -14.05 7.12
N LYS A 133 3.97 -13.93 8.20
CA LYS A 133 5.01 -14.95 8.55
C LYS A 133 4.48 -16.39 8.73
N TRP A 134 3.19 -16.55 9.04
CA TRP A 134 2.51 -17.85 9.16
C TRP A 134 1.92 -18.37 7.84
N VAL A 135 1.72 -17.49 6.86
CA VAL A 135 1.28 -17.81 5.49
C VAL A 135 2.51 -18.15 4.61
N LYS A 136 3.56 -17.32 4.72
CA LYS A 136 4.89 -17.52 4.12
C LYS A 136 5.91 -17.89 5.21
N GLN A 137 5.88 -19.15 5.64
CA GLN A 137 6.78 -19.75 6.64
C GLN A 137 8.22 -20.01 6.15
N GLU A 138 8.63 -19.32 5.08
CA GLU A 138 9.95 -19.43 4.41
C GLU A 138 10.78 -18.13 4.53
N GLY A 1 -30.26 4.00 18.73
CA GLY A 1 -31.01 3.48 17.55
C GLY A 1 -30.10 2.72 16.60
N SER A 2 -30.42 2.73 15.30
CA SER A 2 -29.65 2.12 14.20
C SER A 2 -29.21 0.65 14.45
N PRO A 3 -30.16 -0.29 14.66
CA PRO A 3 -29.86 -1.70 14.97
C PRO A 3 -29.31 -2.51 13.77
N ASN A 4 -29.17 -1.89 12.59
CA ASN A 4 -28.73 -2.52 11.34
C ASN A 4 -27.33 -3.16 11.44
N SER A 5 -26.48 -2.74 12.39
CA SER A 5 -25.19 -3.34 12.71
C SER A 5 -25.28 -4.80 13.22
N MET A 6 -26.47 -5.26 13.60
CA MET A 6 -26.75 -6.65 14.01
C MET A 6 -27.13 -7.57 12.84
N ALA A 7 -27.04 -7.08 11.59
CA ALA A 7 -27.34 -7.83 10.36
C ALA A 7 -26.34 -7.49 9.23
N THR A 8 -26.05 -6.19 9.03
CA THR A 8 -24.87 -5.70 8.30
C THR A 8 -23.71 -5.59 9.30
N GLU A 9 -23.16 -6.76 9.64
CA GLU A 9 -22.36 -6.98 10.86
C GLU A 9 -20.86 -7.12 10.62
N LEU A 10 -20.35 -6.61 9.49
CA LEU A 10 -18.93 -6.64 9.13
C LEU A 10 -18.06 -5.95 10.19
N GLU A 11 -17.09 -6.68 10.75
CA GLU A 11 -16.01 -6.16 11.59
C GLU A 11 -14.67 -6.27 10.87
N TYR A 12 -14.63 -5.72 9.66
CA TYR A 12 -13.85 -6.23 8.55
C TYR A 12 -12.93 -5.15 7.98
N GLU A 13 -12.02 -4.79 8.84
CA GLU A 13 -10.81 -3.99 8.60
C GLU A 13 -9.97 -4.00 9.90
N SER A 14 -9.29 -5.13 10.15
CA SER A 14 -8.33 -5.22 11.27
C SER A 14 -7.08 -4.39 10.99
N VAL A 15 -6.90 -3.28 11.69
CA VAL A 15 -5.83 -2.28 11.46
C VAL A 15 -4.47 -2.82 11.96
N LEU A 16 -3.38 -2.42 11.27
CA LEU A 16 -2.02 -2.92 11.47
C LEU A 16 -1.00 -1.77 11.58
N CYS A 17 -1.15 -0.74 10.75
CA CYS A 17 -0.36 0.50 10.79
C CYS A 17 -1.20 1.70 10.35
N VAL A 18 -1.00 2.84 10.99
CA VAL A 18 -1.55 4.15 10.59
C VAL A 18 -0.44 5.21 10.72
N LYS A 19 -0.24 5.99 9.66
CA LYS A 19 0.67 7.15 9.62
C LYS A 19 -0.05 8.37 9.02
N PRO A 20 0.10 9.58 9.57
CA PRO A 20 -0.63 10.77 9.12
C PRO A 20 -0.12 11.40 7.82
N ASP A 21 1.11 11.08 7.40
CA ASP A 21 1.80 11.73 6.28
C ASP A 21 2.44 10.71 5.34
N VAL A 22 1.88 10.61 4.13
CA VAL A 22 2.40 9.83 3.00
C VAL A 22 2.03 10.51 1.67
N SER A 23 2.93 10.44 0.70
CA SER A 23 2.82 11.13 -0.60
C SER A 23 2.87 10.14 -1.76
N VAL A 24 2.00 10.32 -2.76
CA VAL A 24 1.90 9.47 -3.97
C VAL A 24 2.57 10.13 -5.17
N TYR A 25 3.38 9.35 -5.88
CA TYR A 25 3.98 9.70 -7.16
C TYR A 25 3.81 8.52 -8.12
N ARG A 26 3.11 8.74 -9.24
CA ARG A 26 2.97 7.74 -10.32
C ARG A 26 4.33 7.49 -10.97
N ILE A 27 4.71 6.23 -11.11
CA ILE A 27 6.08 5.81 -11.44
C ILE A 27 6.33 5.71 -12.97
N PRO A 28 7.57 5.93 -13.44
CA PRO A 28 8.01 5.54 -14.78
C PRO A 28 8.04 4.00 -14.93
N PRO A 29 8.21 3.47 -16.16
CA PRO A 29 8.54 2.05 -16.35
C PRO A 29 9.84 1.65 -15.62
N ARG A 30 9.93 0.38 -15.24
CA ARG A 30 11.04 -0.20 -14.43
C ARG A 30 12.40 -0.07 -15.12
N ALA A 31 13.47 -0.10 -14.32
CA ALA A 31 14.84 -0.33 -14.76
C ALA A 31 15.01 -1.71 -15.46
N SER A 32 16.25 -2.04 -15.81
CA SER A 32 16.64 -3.18 -16.65
C SER A 32 16.59 -4.52 -15.91
N ASN A 33 15.37 -4.98 -15.61
CA ASN A 33 15.03 -6.12 -14.74
C ASN A 33 15.48 -5.92 -13.27
N ARG A 34 15.84 -4.69 -12.88
CA ARG A 34 16.36 -4.36 -11.54
C ARG A 34 15.27 -4.00 -10.56
N GLY A 35 14.42 -3.02 -10.91
CA GLY A 35 13.46 -2.43 -9.99
C GLY A 35 13.33 -0.92 -10.18
N TYR A 36 13.05 -0.25 -9.08
CA TYR A 36 12.85 1.18 -8.93
C TYR A 36 13.91 1.80 -8.00
N ARG A 37 14.14 3.10 -8.07
CA ARG A 37 15.25 3.79 -7.37
C ARG A 37 14.87 5.08 -6.65
N ALA A 38 13.58 5.27 -6.41
CA ALA A 38 12.94 6.46 -5.82
C ALA A 38 13.21 7.80 -6.54
N SER A 39 14.47 8.14 -6.80
CA SER A 39 14.90 9.40 -7.42
C SER A 39 14.47 9.56 -8.89
N ASP A 40 14.03 8.47 -9.52
CA ASP A 40 13.45 8.46 -10.88
C ASP A 40 11.93 8.80 -10.88
N TRP A 41 11.30 8.89 -9.70
CA TRP A 41 9.90 9.25 -9.50
C TRP A 41 9.75 10.77 -9.25
N LYS A 42 8.50 11.25 -9.29
CA LYS A 42 8.10 12.65 -9.05
C LYS A 42 8.05 13.00 -7.55
N LEU A 43 9.13 12.71 -6.82
CA LEU A 43 9.23 12.85 -5.35
C LEU A 43 8.89 14.24 -4.83
N ASP A 44 9.19 15.28 -5.61
CA ASP A 44 8.97 16.68 -5.23
C ASP A 44 7.55 17.18 -5.58
N GLN A 45 6.80 16.38 -6.35
CA GLN A 45 5.63 16.80 -7.13
C GLN A 45 4.50 15.76 -7.04
N PRO A 46 3.85 15.59 -5.87
CA PRO A 46 2.95 14.46 -5.70
C PRO A 46 1.67 14.57 -6.54
N ASP A 47 1.16 13.42 -6.99
CA ASP A 47 -0.18 13.32 -7.60
C ASP A 47 -1.29 13.47 -6.55
N TRP A 48 -1.01 13.06 -5.30
CA TRP A 48 -1.87 13.16 -4.13
C TRP A 48 -1.03 13.07 -2.84
N THR A 49 -1.54 13.63 -1.73
CA THR A 49 -0.97 13.48 -0.37
C THR A 49 -2.05 13.19 0.66
N GLY A 50 -1.71 12.42 1.68
CA GLY A 50 -2.63 12.11 2.78
C GLY A 50 -2.08 11.11 3.79
N ARG A 51 -2.97 10.22 4.26
CA ARG A 51 -2.77 9.30 5.38
C ARG A 51 -2.60 7.86 4.89
N LEU A 52 -1.72 7.12 5.55
CA LEU A 52 -1.57 5.67 5.41
C LEU A 52 -2.57 4.95 6.34
N ARG A 53 -3.16 3.87 5.84
CA ARG A 53 -3.70 2.78 6.65
C ARG A 53 -3.23 1.44 6.06
N ILE A 54 -2.72 0.57 6.93
CA ILE A 54 -2.55 -0.85 6.65
C ILE A 54 -3.56 -1.62 7.48
N THR A 55 -4.25 -2.55 6.83
CA THR A 55 -5.45 -3.24 7.31
C THR A 55 -5.43 -4.70 6.83
N SER A 56 -6.23 -5.59 7.40
CA SER A 56 -6.34 -6.99 6.98
C SER A 56 -7.68 -7.60 7.39
N LYS A 57 -8.09 -8.64 6.67
CA LYS A 57 -8.97 -9.71 7.16
C LYS A 57 -8.83 -10.96 6.26
N GLY A 58 -8.68 -12.12 6.89
CA GLY A 58 -8.81 -13.44 6.26
C GLY A 58 -7.66 -13.83 5.31
N LYS A 59 -6.41 -13.68 5.79
CA LYS A 59 -5.16 -13.90 5.03
C LYS A 59 -5.01 -12.98 3.80
N THR A 60 -5.71 -11.86 3.83
CA THR A 60 -5.62 -10.77 2.85
C THR A 60 -5.36 -9.47 3.61
N ALA A 61 -4.32 -8.73 3.25
CA ALA A 61 -4.06 -7.38 3.74
C ALA A 61 -4.51 -6.33 2.72
N TYR A 62 -4.69 -5.11 3.18
CA TYR A 62 -5.20 -3.97 2.44
C TYR A 62 -4.40 -2.72 2.84
N ILE A 63 -3.58 -2.19 1.92
CA ILE A 63 -2.99 -0.85 2.09
C ILE A 63 -4.01 0.15 1.54
N LYS A 64 -4.70 0.90 2.41
CA LYS A 64 -5.67 1.93 2.05
C LYS A 64 -5.12 3.33 2.29
N LEU A 65 -5.24 4.22 1.31
CA LEU A 65 -4.80 5.62 1.37
C LEU A 65 -6.00 6.55 1.57
N GLU A 66 -5.91 7.46 2.55
CA GLU A 66 -7.06 8.25 3.04
C GLU A 66 -6.77 9.75 3.14
N ASP A 67 -7.76 10.61 2.92
CA ASP A 67 -7.60 12.06 2.94
C ASP A 67 -7.21 12.60 4.33
N LYS A 68 -6.34 13.62 4.31
CA LYS A 68 -5.77 14.29 5.49
C LYS A 68 -6.69 15.29 6.20
N VAL A 69 -7.90 15.52 5.69
CA VAL A 69 -8.95 16.30 6.37
C VAL A 69 -10.18 15.43 6.67
N SER A 70 -10.68 14.68 5.69
CA SER A 70 -11.98 14.00 5.77
C SER A 70 -11.91 12.47 5.79
N GLY A 71 -10.71 11.89 5.63
CA GLY A 71 -10.49 10.43 5.68
C GLY A 71 -11.01 9.67 4.43
N GLU A 72 -11.29 10.40 3.35
CA GLU A 72 -11.84 9.89 2.09
C GLU A 72 -10.88 8.90 1.42
N LEU A 73 -11.38 7.75 0.96
CA LEU A 73 -10.54 6.73 0.31
C LEU A 73 -10.04 7.22 -1.06
N PHE A 74 -8.73 7.38 -1.19
CA PHE A 74 -8.05 7.70 -2.45
C PHE A 74 -7.85 6.45 -3.31
N ALA A 75 -7.24 5.41 -2.73
CA ALA A 75 -6.92 4.15 -3.39
C ALA A 75 -6.74 3.01 -2.37
N GLN A 76 -6.87 1.75 -2.80
CA GLN A 76 -6.58 0.58 -1.98
C GLN A 76 -5.84 -0.52 -2.77
N ALA A 77 -4.83 -1.12 -2.15
CA ALA A 77 -4.04 -2.23 -2.70
C ALA A 77 -4.22 -3.51 -1.85
N PRO A 78 -4.95 -4.53 -2.35
CA PRO A 78 -5.11 -5.82 -1.68
C PRO A 78 -3.88 -6.72 -1.90
N VAL A 79 -3.47 -7.45 -0.87
CA VAL A 79 -2.23 -8.25 -0.80
C VAL A 79 -2.56 -9.64 -0.22
N GLU A 80 -2.13 -10.72 -0.87
CA GLU A 80 -2.38 -12.10 -0.38
C GLU A 80 -1.19 -12.68 0.41
N GLN A 81 0.01 -12.14 0.21
CA GLN A 81 1.25 -12.47 0.90
C GLN A 81 2.29 -11.36 0.71
N TYR A 82 3.18 -11.14 1.69
CA TYR A 82 4.25 -10.16 1.62
C TYR A 82 5.63 -10.78 1.99
N PRO A 83 6.68 -10.59 1.18
CA PRO A 83 6.68 -9.93 -0.14
C PRO A 83 5.88 -10.70 -1.20
N GLY A 84 5.30 -9.95 -2.14
CA GLY A 84 4.44 -10.45 -3.23
C GLY A 84 4.14 -9.39 -4.30
N ILE A 85 3.10 -9.62 -5.11
CA ILE A 85 2.79 -8.82 -6.32
C ILE A 85 2.34 -7.38 -6.04
N ALA A 86 1.59 -7.14 -4.96
CA ALA A 86 0.90 -5.89 -4.70
C ALA A 86 1.69 -4.87 -3.87
N VAL A 87 2.95 -5.17 -3.53
CA VAL A 87 3.84 -4.31 -2.74
C VAL A 87 5.31 -4.56 -3.11
N GLU A 88 6.06 -3.49 -3.40
CA GLU A 88 7.49 -3.53 -3.75
C GLU A 88 8.30 -2.41 -3.10
N THR A 89 9.61 -2.61 -3.01
CA THR A 89 10.61 -1.66 -2.49
C THR A 89 11.43 -1.04 -3.64
N VAL A 90 12.01 0.13 -3.41
CA VAL A 90 13.05 0.72 -4.27
C VAL A 90 14.43 0.15 -3.91
N THR A 91 15.46 0.58 -4.65
CA THR A 91 16.86 0.13 -4.51
C THR A 91 17.79 1.18 -3.89
N ASP A 92 17.43 2.47 -3.96
CA ASP A 92 18.28 3.57 -3.48
C ASP A 92 18.04 3.93 -2.01
N SER A 93 16.76 4.04 -1.59
CA SER A 93 16.42 4.39 -0.19
C SER A 93 15.17 3.71 0.36
N SER A 94 15.28 3.03 1.51
CA SER A 94 14.23 2.20 2.12
C SER A 94 13.02 2.96 2.69
N ARG A 95 12.86 4.26 2.40
CA ARG A 95 11.69 5.08 2.77
C ARG A 95 10.63 5.22 1.66
N TYR A 96 10.73 4.41 0.60
CA TYR A 96 9.91 4.49 -0.60
C TYR A 96 9.45 3.10 -1.07
N PHE A 97 8.19 2.97 -1.51
CA PHE A 97 7.56 1.72 -1.94
C PHE A 97 6.68 1.92 -3.17
N VAL A 98 6.34 0.84 -3.86
CA VAL A 98 5.29 0.79 -4.88
C VAL A 98 4.20 -0.16 -4.40
N ILE A 99 2.92 0.15 -4.65
CA ILE A 99 1.82 -0.79 -4.40
C ILE A 99 0.87 -0.89 -5.59
N ARG A 100 0.28 -2.08 -5.79
CA ARG A 100 -0.67 -2.36 -6.88
C ARG A 100 -2.11 -2.09 -6.43
N ILE A 101 -2.51 -0.82 -6.48
CA ILE A 101 -3.89 -0.41 -6.15
C ILE A 101 -4.90 -0.95 -7.20
N GLN A 102 -6.07 -1.37 -6.73
CA GLN A 102 -7.07 -2.12 -7.49
C GLN A 102 -8.49 -1.64 -7.18
N ASP A 103 -9.40 -1.80 -8.15
CA ASP A 103 -10.82 -1.45 -8.03
C ASP A 103 -11.72 -2.64 -7.64
N GLY A 104 -11.12 -3.81 -7.41
CA GLY A 104 -11.80 -5.05 -6.99
C GLY A 104 -12.46 -5.84 -8.14
N THR A 105 -12.15 -5.49 -9.39
CA THR A 105 -12.79 -6.03 -10.62
C THR A 105 -11.78 -6.38 -11.73
N GLY A 106 -10.48 -6.43 -11.41
CA GLY A 106 -9.38 -6.70 -12.36
C GLY A 106 -8.72 -5.46 -12.97
N ARG A 107 -9.24 -4.26 -12.67
CA ARG A 107 -8.57 -2.97 -12.87
C ARG A 107 -7.46 -2.83 -11.86
N SER A 108 -6.29 -2.43 -12.33
CA SER A 108 -5.16 -2.12 -11.44
C SER A 108 -4.21 -1.04 -11.97
N ALA A 109 -3.45 -0.44 -11.05
CA ALA A 109 -2.31 0.44 -11.33
C ALA A 109 -1.21 0.25 -10.28
N PHE A 110 0.05 0.38 -10.68
CA PHE A 110 1.20 0.48 -9.76
C PHE A 110 1.48 1.95 -9.43
N ILE A 111 1.34 2.34 -8.17
CA ILE A 111 1.61 3.70 -7.68
C ILE A 111 2.78 3.70 -6.69
N GLY A 112 3.63 4.73 -6.75
CA GLY A 112 4.73 4.92 -5.81
C GLY A 112 4.28 5.73 -4.60
N ILE A 113 4.76 5.37 -3.41
CA ILE A 113 4.60 6.13 -2.17
C ILE A 113 5.95 6.39 -1.49
N GLY A 114 6.06 7.51 -0.79
CA GLY A 114 7.24 7.88 0.01
C GLY A 114 6.89 8.42 1.39
N PHE A 115 7.77 8.14 2.35
CA PHE A 115 7.70 8.61 3.73
C PHE A 115 8.72 9.72 3.98
N THR A 116 8.47 10.55 5.01
CA THR A 116 9.38 11.64 5.41
C THR A 116 10.62 11.13 6.13
N ASP A 117 10.61 9.89 6.61
CA ASP A 117 11.70 9.26 7.36
C ASP A 117 11.65 7.74 7.23
N ARG A 118 12.83 7.10 7.20
CA ARG A 118 12.96 5.64 7.07
C ARG A 118 12.38 4.87 8.25
N GLY A 119 12.34 5.45 9.44
CA GLY A 119 11.67 4.88 10.63
C GLY A 119 10.15 4.71 10.47
N ASP A 120 9.48 5.56 9.68
CA ASP A 120 8.04 5.43 9.41
C ASP A 120 7.76 4.41 8.30
N ALA A 121 8.65 4.34 7.31
CA ALA A 121 8.67 3.28 6.30
C ALA A 121 9.02 1.89 6.87
N PHE A 122 9.81 1.84 7.94
CA PHE A 122 10.00 0.63 8.76
C PHE A 122 8.66 0.14 9.32
N ASP A 123 7.86 1.01 9.93
CA ASP A 123 6.53 0.62 10.44
C ASP A 123 5.56 0.21 9.31
N PHE A 124 5.69 0.74 8.09
CA PHE A 124 4.94 0.26 6.93
C PHE A 124 5.29 -1.21 6.60
N ASN A 125 6.56 -1.50 6.28
CA ASN A 125 6.94 -2.83 5.78
C ASN A 125 7.02 -3.92 6.86
N VAL A 126 7.30 -3.56 8.11
CA VAL A 126 7.32 -4.51 9.23
C VAL A 126 5.91 -4.96 9.60
N SER A 127 4.92 -4.06 9.55
CA SER A 127 3.51 -4.40 9.81
C SER A 127 2.89 -5.31 8.74
N LEU A 128 3.52 -5.43 7.56
CA LEU A 128 3.19 -6.44 6.55
C LEU A 128 3.90 -7.78 6.85
N GLN A 129 5.24 -7.79 6.95
CA GLN A 129 6.00 -9.05 7.06
C GLN A 129 5.74 -9.80 8.38
N ASP A 130 5.52 -9.10 9.49
CA ASP A 130 5.20 -9.71 10.79
C ASP A 130 3.70 -10.01 10.96
N HIS A 131 2.88 -9.69 9.95
CA HIS A 131 1.51 -10.17 9.84
C HIS A 131 1.36 -11.35 8.88
N PHE A 132 2.23 -11.44 7.87
CA PHE A 132 2.22 -12.52 6.87
C PHE A 132 3.19 -13.68 7.13
N LYS A 133 4.07 -13.64 8.13
CA LYS A 133 5.12 -14.69 8.31
C LYS A 133 4.58 -16.13 8.34
N TRP A 134 3.36 -16.33 8.84
CA TRP A 134 2.68 -17.64 8.94
C TRP A 134 1.94 -18.03 7.65
N VAL A 135 1.52 -17.06 6.84
CA VAL A 135 0.88 -17.27 5.52
C VAL A 135 1.94 -17.56 4.45
N LYS A 136 3.09 -16.85 4.52
CA LYS A 136 4.20 -16.92 3.58
C LYS A 136 5.35 -17.77 4.14
N GLN A 137 5.01 -19.01 4.49
CA GLN A 137 5.98 -20.05 4.81
C GLN A 137 6.53 -20.65 3.49
N GLU A 138 7.61 -20.05 3.01
CA GLU A 138 8.30 -20.36 1.73
C GLU A 138 9.83 -20.41 1.88
N GLY A 1 -34.93 -12.35 8.90
CA GLY A 1 -35.01 -11.21 7.97
C GLY A 1 -34.18 -11.43 6.71
N SER A 2 -33.72 -10.34 6.09
CA SER A 2 -32.84 -10.33 4.89
C SER A 2 -33.31 -11.26 3.74
N PRO A 3 -34.51 -11.03 3.16
CA PRO A 3 -35.05 -11.86 2.07
C PRO A 3 -34.34 -11.67 0.72
N ASN A 4 -33.63 -10.55 0.54
CA ASN A 4 -32.84 -10.23 -0.66
C ASN A 4 -31.34 -10.51 -0.46
N SER A 5 -30.62 -10.75 -1.56
CA SER A 5 -29.19 -11.09 -1.56
C SER A 5 -28.24 -9.92 -1.22
N MET A 6 -28.74 -8.68 -1.33
CA MET A 6 -27.97 -7.45 -1.11
C MET A 6 -27.94 -7.06 0.37
N ALA A 7 -26.73 -6.85 0.91
CA ALA A 7 -26.47 -6.34 2.24
C ALA A 7 -25.09 -5.69 2.24
N THR A 8 -24.94 -4.53 2.88
CA THR A 8 -23.68 -3.77 2.86
C THR A 8 -22.75 -4.25 3.98
N GLU A 9 -22.18 -5.42 3.75
CA GLU A 9 -21.67 -6.32 4.80
C GLU A 9 -20.15 -6.21 5.06
N LEU A 10 -19.51 -5.18 4.52
CA LEU A 10 -18.07 -4.88 4.63
C LEU A 10 -17.71 -4.21 5.99
N GLU A 11 -18.29 -4.74 7.07
CA GLU A 11 -18.15 -4.24 8.44
C GLU A 11 -16.98 -4.97 9.17
N TYR A 12 -15.80 -4.97 8.54
CA TYR A 12 -14.59 -5.67 9.00
C TYR A 12 -13.32 -4.92 8.58
N GLU A 13 -12.32 -4.91 9.46
CA GLU A 13 -10.94 -4.51 9.18
C GLU A 13 -10.12 -4.69 10.46
N SER A 14 -9.03 -5.47 10.40
CA SER A 14 -8.01 -5.50 11.45
C SER A 14 -6.90 -4.51 11.08
N VAL A 15 -6.84 -3.37 11.77
CA VAL A 15 -5.79 -2.33 11.55
C VAL A 15 -4.45 -2.80 12.13
N LEU A 16 -3.35 -2.46 11.44
CA LEU A 16 -2.00 -2.98 11.69
C LEU A 16 -0.96 -1.84 11.78
N CYS A 17 -1.10 -0.79 10.96
CA CYS A 17 -0.33 0.45 11.03
C CYS A 17 -1.15 1.61 10.46
N VAL A 18 -1.03 2.79 11.06
CA VAL A 18 -1.55 4.06 10.51
C VAL A 18 -0.49 5.14 10.64
N LYS A 19 -0.16 5.83 9.53
CA LYS A 19 0.76 6.98 9.49
C LYS A 19 0.05 8.24 8.93
N PRO A 20 0.18 9.43 9.55
CA PRO A 20 -0.62 10.62 9.16
C PRO A 20 -0.29 11.22 7.80
N ASP A 21 0.96 11.11 7.34
CA ASP A 21 1.41 11.74 6.10
C ASP A 21 2.30 10.81 5.25
N VAL A 22 1.86 10.59 4.01
CA VAL A 22 2.52 9.80 2.97
C VAL A 22 2.16 10.38 1.59
N SER A 23 3.07 10.26 0.63
CA SER A 23 2.97 10.96 -0.67
C SER A 23 3.04 10.00 -1.85
N VAL A 24 2.12 10.12 -2.81
CA VAL A 24 2.00 9.27 -4.01
C VAL A 24 2.65 9.90 -5.22
N TYR A 25 3.38 9.06 -5.95
CA TYR A 25 3.93 9.36 -7.26
C TYR A 25 3.56 8.23 -8.24
N ARG A 26 2.95 8.58 -9.37
CA ARG A 26 2.77 7.67 -10.51
C ARG A 26 4.14 7.33 -11.11
N ILE A 27 4.41 6.05 -11.34
CA ILE A 27 5.71 5.53 -11.81
C ILE A 27 5.64 5.02 -13.27
N PRO A 28 6.75 5.07 -14.03
CA PRO A 28 6.86 4.35 -15.31
C PRO A 28 6.95 2.83 -15.09
N PRO A 29 6.62 2.01 -16.11
CA PRO A 29 6.86 0.56 -16.07
C PRO A 29 8.36 0.26 -15.99
N ARG A 30 8.74 -0.80 -15.26
CA ARG A 30 10.14 -1.14 -14.99
C ARG A 30 10.90 -1.68 -16.21
N ALA A 31 12.20 -1.42 -16.19
CA ALA A 31 13.25 -2.04 -17.00
C ALA A 31 13.48 -3.53 -16.61
N SER A 32 14.75 -3.95 -16.54
CA SER A 32 15.18 -5.31 -16.13
C SER A 32 16.45 -5.28 -15.26
N ASN A 33 17.37 -4.35 -15.56
CA ASN A 33 18.66 -4.16 -14.89
C ASN A 33 18.84 -2.70 -14.41
N ARG A 34 17.77 -2.10 -13.86
CA ARG A 34 17.76 -0.73 -13.30
C ARG A 34 17.12 -0.63 -11.92
N GLY A 35 15.85 -1.03 -11.81
CA GLY A 35 15.12 -0.95 -10.54
C GLY A 35 14.65 0.47 -10.22
N TYR A 36 13.56 0.59 -9.47
CA TYR A 36 13.08 1.86 -8.93
C TYR A 36 14.07 2.39 -7.89
N ARG A 37 14.45 3.66 -7.95
CA ARG A 37 15.48 4.26 -7.08
C ARG A 37 14.99 5.46 -6.26
N ALA A 38 13.67 5.60 -6.13
CA ALA A 38 12.96 6.75 -5.55
C ALA A 38 13.18 8.10 -6.28
N SER A 39 14.43 8.45 -6.59
CA SER A 39 14.83 9.69 -7.29
C SER A 39 14.35 9.79 -8.74
N ASP A 40 13.93 8.67 -9.35
CA ASP A 40 13.28 8.62 -10.65
C ASP A 40 11.82 9.13 -10.61
N TRP A 41 11.21 9.19 -9.43
CA TRP A 41 9.81 9.57 -9.22
C TRP A 41 9.66 11.10 -8.99
N LYS A 42 8.41 11.57 -8.92
CA LYS A 42 8.04 12.99 -8.79
C LYS A 42 8.15 13.54 -7.35
N LEU A 43 9.31 13.39 -6.73
CA LEU A 43 9.53 13.68 -5.30
C LEU A 43 9.27 15.15 -4.87
N ASP A 44 9.22 16.09 -5.82
CA ASP A 44 8.92 17.51 -5.56
C ASP A 44 7.51 17.93 -6.05
N GLN A 45 6.77 17.00 -6.68
CA GLN A 45 5.40 17.21 -7.16
C GLN A 45 4.57 15.90 -7.13
N PRO A 46 4.22 15.37 -5.93
CA PRO A 46 3.33 14.20 -5.81
C PRO A 46 1.99 14.39 -6.51
N ASP A 47 1.46 13.31 -7.06
CA ASP A 47 0.12 13.27 -7.67
C ASP A 47 -0.99 13.41 -6.61
N TRP A 48 -0.72 12.93 -5.40
CA TRP A 48 -1.59 13.03 -4.23
C TRP A 48 -0.79 12.90 -2.92
N THR A 49 -1.27 13.50 -1.83
CA THR A 49 -0.77 13.21 -0.47
C THR A 49 -1.90 12.99 0.53
N GLY A 50 -1.62 12.21 1.57
CA GLY A 50 -2.62 11.83 2.57
C GLY A 50 -2.08 10.86 3.62
N ARG A 51 -2.96 10.01 4.15
CA ARG A 51 -2.69 9.04 5.23
C ARG A 51 -2.40 7.65 4.68
N LEU A 52 -1.55 6.92 5.40
CA LEU A 52 -1.39 5.47 5.26
C LEU A 52 -2.33 4.76 6.25
N ARG A 53 -3.03 3.73 5.77
CA ARG A 53 -3.65 2.68 6.61
C ARG A 53 -3.21 1.31 6.10
N ILE A 54 -2.54 0.54 6.94
CA ILE A 54 -2.30 -0.89 6.72
C ILE A 54 -3.29 -1.67 7.58
N THR A 55 -3.93 -2.63 6.95
CA THR A 55 -5.11 -3.35 7.42
C THR A 55 -5.09 -4.78 6.91
N SER A 56 -5.91 -5.67 7.46
CA SER A 56 -6.08 -7.03 6.96
C SER A 56 -7.42 -7.64 7.36
N LYS A 57 -7.85 -8.68 6.64
CA LYS A 57 -8.76 -9.68 7.16
C LYS A 57 -8.44 -11.08 6.62
N GLY A 58 -8.18 -12.02 7.53
CA GLY A 58 -7.80 -13.40 7.26
C GLY A 58 -6.42 -13.46 6.61
N LYS A 59 -6.40 -13.98 5.38
CA LYS A 59 -5.21 -14.12 4.53
C LYS A 59 -5.09 -13.03 3.47
N THR A 60 -5.86 -11.95 3.59
CA THR A 60 -5.80 -10.80 2.68
C THR A 60 -5.52 -9.52 3.44
N ALA A 61 -4.31 -8.98 3.28
CA ALA A 61 -3.98 -7.64 3.76
C ALA A 61 -4.43 -6.56 2.77
N TYR A 62 -4.58 -5.35 3.27
CA TYR A 62 -5.09 -4.19 2.55
C TYR A 62 -4.25 -2.96 2.94
N ILE A 63 -3.48 -2.40 2.01
CA ILE A 63 -2.88 -1.06 2.16
C ILE A 63 -3.85 -0.06 1.55
N LYS A 64 -4.56 0.69 2.41
CA LYS A 64 -5.51 1.73 2.01
C LYS A 64 -4.91 3.12 2.23
N LEU A 65 -5.09 3.99 1.24
CA LEU A 65 -4.66 5.39 1.26
C LEU A 65 -5.89 6.29 1.41
N GLU A 66 -5.85 7.22 2.37
CA GLU A 66 -7.01 8.02 2.78
C GLU A 66 -6.66 9.51 2.89
N ASP A 67 -7.60 10.41 2.58
CA ASP A 67 -7.37 11.85 2.64
C ASP A 67 -7.22 12.32 4.10
N LYS A 68 -6.20 13.13 4.35
CA LYS A 68 -5.84 13.63 5.68
C LYS A 68 -6.72 14.78 6.22
N VAL A 69 -7.68 15.23 5.41
CA VAL A 69 -8.63 16.30 5.75
C VAL A 69 -10.08 15.82 5.61
N SER A 70 -10.41 15.09 4.55
CA SER A 70 -11.76 14.59 4.29
C SER A 70 -12.02 13.19 4.84
N GLY A 71 -10.96 12.40 5.07
CA GLY A 71 -11.04 11.01 5.54
C GLY A 71 -11.47 10.00 4.45
N GLU A 72 -11.53 10.45 3.20
CA GLU A 72 -12.06 9.69 2.07
C GLU A 72 -11.01 8.78 1.41
N LEU A 73 -11.42 7.64 0.84
CA LEU A 73 -10.51 6.68 0.23
C LEU A 73 -9.96 7.19 -1.12
N PHE A 74 -8.63 7.26 -1.25
CA PHE A 74 -7.92 7.56 -2.50
C PHE A 74 -7.68 6.29 -3.33
N ALA A 75 -7.05 5.28 -2.72
CA ALA A 75 -6.69 4.01 -3.35
C ALA A 75 -6.56 2.88 -2.33
N GLN A 76 -6.59 1.63 -2.79
CA GLN A 76 -6.47 0.42 -1.97
C GLN A 76 -5.72 -0.70 -2.70
N ALA A 77 -4.74 -1.31 -2.04
CA ALA A 77 -3.92 -2.41 -2.58
C ALA A 77 -4.12 -3.69 -1.74
N PRO A 78 -4.88 -4.69 -2.24
CA PRO A 78 -5.01 -5.99 -1.59
C PRO A 78 -3.76 -6.86 -1.82
N VAL A 79 -3.38 -7.66 -0.83
CA VAL A 79 -2.16 -8.49 -0.80
C VAL A 79 -2.51 -9.88 -0.25
N GLU A 80 -2.10 -10.95 -0.92
CA GLU A 80 -2.39 -12.33 -0.48
C GLU A 80 -1.25 -12.97 0.34
N GLN A 81 -0.03 -12.47 0.18
CA GLN A 81 1.17 -12.81 0.95
C GLN A 81 2.26 -11.74 0.74
N TYR A 82 3.12 -11.54 1.74
CA TYR A 82 4.24 -10.59 1.70
C TYR A 82 5.59 -11.32 1.96
N PRO A 83 6.61 -11.15 1.11
CA PRO A 83 6.60 -10.43 -0.18
C PRO A 83 5.66 -11.06 -1.22
N GLY A 84 5.10 -10.22 -2.10
CA GLY A 84 4.21 -10.60 -3.20
C GLY A 84 4.22 -9.59 -4.36
N ILE A 85 3.24 -9.66 -5.27
CA ILE A 85 3.17 -8.75 -6.43
C ILE A 85 2.73 -7.33 -6.05
N ALA A 86 1.81 -7.20 -5.08
CA ALA A 86 1.11 -5.96 -4.80
C ALA A 86 1.89 -4.98 -3.90
N VAL A 87 3.15 -5.29 -3.59
CA VAL A 87 4.04 -4.50 -2.73
C VAL A 87 5.51 -4.68 -3.13
N GLU A 88 6.26 -3.59 -3.28
CA GLU A 88 7.64 -3.54 -3.74
C GLU A 88 8.46 -2.42 -3.06
N THR A 89 9.79 -2.51 -3.11
CA THR A 89 10.77 -1.53 -2.58
C THR A 89 11.53 -0.81 -3.71
N VAL A 90 12.18 0.32 -3.38
CA VAL A 90 13.19 0.97 -4.21
C VAL A 90 14.59 0.39 -3.89
N THR A 91 15.60 0.82 -4.65
CA THR A 91 17.00 0.40 -4.48
C THR A 91 17.82 1.38 -3.65
N ASP A 92 17.55 2.69 -3.78
CA ASP A 92 18.53 3.71 -3.34
C ASP A 92 18.19 4.42 -2.01
N SER A 93 16.90 4.54 -1.63
CA SER A 93 16.50 5.25 -0.40
C SER A 93 15.49 4.47 0.45
N SER A 94 15.81 4.29 1.73
CA SER A 94 15.17 3.35 2.67
C SER A 94 13.78 3.77 3.22
N ARG A 95 13.07 4.65 2.51
CA ARG A 95 11.80 5.29 2.90
C ARG A 95 10.75 5.39 1.79
N TYR A 96 10.80 4.49 0.79
CA TYR A 96 9.95 4.49 -0.40
C TYR A 96 9.54 3.07 -0.82
N PHE A 97 8.30 2.91 -1.26
CA PHE A 97 7.71 1.63 -1.70
C PHE A 97 6.85 1.82 -2.94
N VAL A 98 6.53 0.73 -3.64
CA VAL A 98 5.50 0.67 -4.68
C VAL A 98 4.41 -0.30 -4.23
N ILE A 99 3.14 -0.03 -4.56
CA ILE A 99 2.05 -0.98 -4.35
C ILE A 99 1.13 -1.07 -5.57
N ARG A 100 0.52 -2.25 -5.78
CA ARG A 100 -0.50 -2.46 -6.83
C ARG A 100 -1.89 -2.21 -6.25
N ILE A 101 -2.48 -1.07 -6.55
CA ILE A 101 -3.85 -0.70 -6.13
C ILE A 101 -4.90 -1.24 -7.11
N GLN A 102 -6.10 -1.58 -6.62
CA GLN A 102 -7.23 -2.13 -7.40
C GLN A 102 -8.53 -1.38 -7.11
N ASP A 103 -9.33 -1.12 -8.15
CA ASP A 103 -10.64 -0.45 -8.05
C ASP A 103 -11.80 -1.42 -7.70
N GLY A 104 -11.49 -2.70 -7.44
CA GLY A 104 -12.44 -3.75 -7.05
C GLY A 104 -13.25 -4.35 -8.21
N THR A 105 -12.84 -4.08 -9.45
CA THR A 105 -13.58 -4.42 -10.68
C THR A 105 -12.67 -4.94 -11.82
N GLY A 106 -11.43 -5.37 -11.50
CA GLY A 106 -10.45 -5.86 -12.47
C GLY A 106 -9.51 -4.79 -13.07
N ARG A 107 -9.68 -3.53 -12.65
CA ARG A 107 -8.73 -2.44 -12.87
C ARG A 107 -7.61 -2.54 -11.84
N SER A 108 -6.40 -2.22 -12.27
CA SER A 108 -5.26 -2.02 -11.37
C SER A 108 -4.24 -0.98 -11.87
N ALA A 109 -3.44 -0.46 -10.94
CA ALA A 109 -2.29 0.39 -11.20
C ALA A 109 -1.16 0.14 -10.18
N PHE A 110 0.09 0.22 -10.62
CA PHE A 110 1.25 0.30 -9.72
C PHE A 110 1.54 1.78 -9.41
N ILE A 111 1.53 2.14 -8.13
CA ILE A 111 1.81 3.50 -7.63
C ILE A 111 2.98 3.49 -6.65
N GLY A 112 3.81 4.52 -6.66
CA GLY A 112 4.89 4.73 -5.69
C GLY A 112 4.40 5.54 -4.51
N ILE A 113 4.88 5.22 -3.30
CA ILE A 113 4.65 5.99 -2.07
C ILE A 113 5.97 6.32 -1.37
N GLY A 114 6.06 7.53 -0.83
CA GLY A 114 7.21 8.04 -0.07
C GLY A 114 6.84 8.51 1.33
N PHE A 115 7.69 8.18 2.29
CA PHE A 115 7.53 8.47 3.72
C PHE A 115 8.36 9.69 4.14
N THR A 116 7.97 10.31 5.25
CA THR A 116 8.67 11.48 5.83
C THR A 116 10.00 11.12 6.50
N ASP A 117 10.16 9.85 6.89
CA ASP A 117 11.35 9.35 7.58
C ASP A 117 11.51 7.82 7.42
N ARG A 118 12.75 7.34 7.45
CA ARG A 118 13.09 5.92 7.41
C ARG A 118 12.40 5.12 8.53
N GLY A 119 12.34 5.65 9.74
CA GLY A 119 11.72 5.00 10.90
C GLY A 119 10.23 4.71 10.73
N ASP A 120 9.51 5.51 9.95
CA ASP A 120 8.08 5.29 9.65
C ASP A 120 7.89 4.30 8.49
N ALA A 121 8.77 4.33 7.48
CA ALA A 121 8.83 3.29 6.45
C ALA A 121 9.22 1.92 7.04
N PHE A 122 10.03 1.90 8.10
CA PHE A 122 10.34 0.69 8.89
C PHE A 122 9.21 0.24 9.83
N ASP A 123 8.04 0.87 9.79
CA ASP A 123 6.79 0.26 10.27
C ASP A 123 5.94 -0.32 9.13
N PHE A 124 5.95 0.26 7.92
CA PHE A 124 5.19 -0.24 6.76
C PHE A 124 5.51 -1.70 6.43
N ASN A 125 6.81 -2.02 6.31
CA ASN A 125 7.30 -3.36 5.99
C ASN A 125 7.12 -4.37 7.14
N VAL A 126 7.24 -3.94 8.40
CA VAL A 126 7.06 -4.79 9.59
C VAL A 126 5.59 -5.12 9.81
N SER A 127 4.69 -4.15 9.59
CA SER A 127 3.24 -4.30 9.69
C SER A 127 2.71 -5.41 8.77
N LEU A 128 3.26 -5.53 7.56
CA LEU A 128 2.91 -6.58 6.60
C LEU A 128 3.52 -7.94 6.97
N GLN A 129 4.85 -8.01 7.19
CA GLN A 129 5.51 -9.29 7.45
C GLN A 129 5.06 -9.95 8.76
N ASP A 130 4.70 -9.17 9.78
CA ASP A 130 4.19 -9.65 11.07
C ASP A 130 2.66 -9.85 11.06
N HIS A 131 2.00 -9.70 9.91
CA HIS A 131 0.72 -10.35 9.64
C HIS A 131 0.89 -11.68 8.91
N PHE A 132 1.76 -11.74 7.89
CA PHE A 132 1.89 -12.90 7.01
C PHE A 132 2.83 -14.00 7.50
N LYS A 133 3.44 -13.86 8.69
CA LYS A 133 4.40 -14.83 9.27
C LYS A 133 3.85 -16.27 9.46
N TRP A 134 2.53 -16.45 9.47
CA TRP A 134 1.86 -17.77 9.48
C TRP A 134 1.37 -18.25 8.09
N VAL A 135 1.28 -17.33 7.11
CA VAL A 135 0.74 -17.59 5.76
C VAL A 135 1.86 -17.93 4.77
N LYS A 136 3.02 -17.25 4.87
CA LYS A 136 4.18 -17.38 3.97
C LYS A 136 5.17 -18.46 4.45
N GLN A 137 4.63 -19.51 5.07
CA GLN A 137 5.37 -20.67 5.57
C GLN A 137 5.44 -21.76 4.49
N GLU A 138 6.57 -21.78 3.77
CA GLU A 138 6.88 -22.69 2.65
C GLU A 138 8.26 -23.34 2.77
N GLY A 1 -27.82 -20.39 -3.62
CA GLY A 1 -26.61 -19.62 -3.97
C GLY A 1 -26.40 -19.55 -5.48
N SER A 2 -25.80 -18.46 -5.96
CA SER A 2 -25.56 -18.15 -7.37
C SER A 2 -24.18 -17.48 -7.55
N PRO A 3 -23.56 -17.52 -8.75
CA PRO A 3 -22.46 -16.62 -9.12
C PRO A 3 -22.82 -15.12 -8.97
N ASN A 4 -24.12 -14.79 -8.93
CA ASN A 4 -24.64 -13.43 -8.70
C ASN A 4 -24.72 -13.04 -7.21
N SER A 5 -24.50 -13.97 -6.27
CA SER A 5 -24.64 -13.74 -4.81
C SER A 5 -23.49 -12.91 -4.19
N MET A 6 -22.42 -12.65 -4.93
CA MET A 6 -21.23 -11.89 -4.51
C MET A 6 -20.61 -11.10 -5.67
N ALA A 7 -19.91 -10.01 -5.35
CA ALA A 7 -19.25 -9.12 -6.32
C ALA A 7 -17.86 -8.62 -5.87
N THR A 8 -17.21 -9.37 -4.96
CA THR A 8 -16.17 -8.91 -4.01
C THR A 8 -16.76 -7.86 -3.06
N GLU A 9 -17.01 -8.29 -1.82
CA GLU A 9 -17.94 -7.64 -0.89
C GLU A 9 -17.46 -7.85 0.55
N LEU A 10 -17.14 -6.73 1.21
CA LEU A 10 -16.67 -6.69 2.60
C LEU A 10 -17.12 -5.41 3.33
N GLU A 11 -17.39 -5.54 4.62
CA GLU A 11 -17.78 -4.46 5.54
C GLU A 11 -16.98 -4.55 6.86
N TYR A 12 -15.67 -4.77 6.72
CA TYR A 12 -14.72 -5.08 7.78
C TYR A 12 -13.31 -4.62 7.37
N GLU A 13 -12.44 -4.37 8.36
CA GLU A 13 -11.06 -3.90 8.18
C GLU A 13 -10.38 -3.88 9.56
N SER A 14 -9.49 -4.85 9.83
CA SER A 14 -8.63 -4.82 11.03
C SER A 14 -7.33 -4.09 10.73
N VAL A 15 -7.16 -2.88 11.29
CA VAL A 15 -5.93 -2.08 11.18
C VAL A 15 -4.70 -2.79 11.76
N LEU A 16 -3.56 -2.51 11.13
CA LEU A 16 -2.22 -3.03 11.47
C LEU A 16 -1.24 -1.87 11.73
N CYS A 17 -1.36 -0.80 10.94
CA CYS A 17 -0.68 0.48 11.14
C CYS A 17 -1.45 1.61 10.46
N VAL A 18 -1.39 2.81 11.06
CA VAL A 18 -1.95 4.05 10.53
C VAL A 18 -0.95 5.18 10.74
N LYS A 19 -0.56 5.90 9.68
CA LYS A 19 0.37 7.04 9.72
C LYS A 19 -0.20 8.29 9.04
N PRO A 20 0.07 9.50 9.58
CA PRO A 20 -0.53 10.76 9.11
C PRO A 20 0.03 11.32 7.80
N ASP A 21 1.24 10.90 7.37
CA ASP A 21 1.94 11.48 6.23
C ASP A 21 2.48 10.40 5.28
N VAL A 22 1.90 10.35 4.08
CA VAL A 22 2.37 9.55 2.94
C VAL A 22 2.10 10.31 1.63
N SER A 23 3.01 10.20 0.66
CA SER A 23 3.00 10.96 -0.59
C SER A 23 3.07 10.03 -1.80
N VAL A 24 2.15 10.17 -2.76
CA VAL A 24 2.05 9.35 -3.98
C VAL A 24 2.75 9.97 -5.16
N TYR A 25 3.44 9.11 -5.91
CA TYR A 25 4.00 9.41 -7.21
C TYR A 25 3.58 8.34 -8.22
N ARG A 26 3.00 8.75 -9.33
CA ARG A 26 2.83 7.88 -10.51
C ARG A 26 4.20 7.60 -11.14
N ILE A 27 4.60 6.33 -11.20
CA ILE A 27 5.97 5.90 -11.52
C ILE A 27 6.19 5.64 -13.02
N PRO A 28 7.43 5.78 -13.54
CA PRO A 28 7.79 5.26 -14.87
C PRO A 28 7.78 3.71 -14.91
N PRO A 29 7.64 3.09 -16.09
CA PRO A 29 7.66 1.63 -16.24
C PRO A 29 9.04 1.03 -15.89
N ARG A 30 9.05 -0.15 -15.27
CA ARG A 30 10.28 -0.81 -14.80
C ARG A 30 11.08 -1.45 -15.93
N ALA A 31 12.39 -1.55 -15.70
CA ALA A 31 13.27 -2.53 -16.32
C ALA A 31 14.38 -2.92 -15.33
N SER A 32 14.88 -4.14 -15.39
CA SER A 32 15.87 -4.71 -14.45
C SER A 32 17.25 -4.04 -14.50
N ASN A 33 17.61 -3.44 -15.63
CA ASN A 33 18.80 -2.61 -15.79
C ASN A 33 18.63 -1.18 -15.21
N ARG A 34 17.42 -0.85 -14.73
CA ARG A 34 17.05 0.43 -14.12
C ARG A 34 16.68 0.25 -12.64
N GLY A 35 15.68 -0.59 -12.37
CA GLY A 35 14.98 -0.61 -11.10
C GLY A 35 14.17 0.66 -10.87
N TYR A 36 13.31 0.63 -9.86
CA TYR A 36 12.79 1.83 -9.22
C TYR A 36 13.82 2.36 -8.22
N ARG A 37 14.17 3.64 -8.25
CA ARG A 37 15.28 4.22 -7.47
C ARG A 37 14.89 5.43 -6.64
N ALA A 38 13.60 5.62 -6.42
CA ALA A 38 12.94 6.77 -5.81
C ALA A 38 13.20 8.14 -6.51
N SER A 39 14.45 8.46 -6.83
CA SER A 39 14.88 9.72 -7.47
C SER A 39 14.38 9.93 -8.91
N ASP A 40 13.91 8.87 -9.57
CA ASP A 40 13.24 8.94 -10.88
C ASP A 40 11.72 9.19 -10.78
N TRP A 41 11.17 9.27 -9.56
CA TRP A 41 9.79 9.64 -9.30
C TRP A 41 9.68 11.15 -9.02
N LYS A 42 8.43 11.66 -8.97
CA LYS A 42 8.10 13.09 -8.76
C LYS A 42 8.23 13.57 -7.31
N LEU A 43 9.39 13.36 -6.69
CA LEU A 43 9.65 13.66 -5.27
C LEU A 43 9.45 15.13 -4.88
N ASP A 44 9.48 16.06 -5.85
CA ASP A 44 9.28 17.50 -5.59
C ASP A 44 7.85 17.98 -5.96
N GLN A 45 7.02 17.10 -6.52
CA GLN A 45 5.60 17.36 -6.84
C GLN A 45 4.76 16.05 -6.83
N PRO A 46 4.32 15.56 -5.65
CA PRO A 46 3.44 14.39 -5.55
C PRO A 46 2.19 14.51 -6.43
N ASP A 47 1.72 13.39 -6.97
CA ASP A 47 0.42 13.28 -7.63
C ASP A 47 -0.74 13.44 -6.62
N TRP A 48 -0.52 12.99 -5.38
CA TRP A 48 -1.42 13.14 -4.24
C TRP A 48 -0.66 13.04 -2.90
N THR A 49 -1.19 13.62 -1.81
CA THR A 49 -0.70 13.41 -0.44
C THR A 49 -1.85 13.17 0.55
N GLY A 50 -1.57 12.39 1.60
CA GLY A 50 -2.56 12.07 2.64
C GLY A 50 -2.02 11.13 3.73
N ARG A 51 -2.90 10.24 4.21
CA ARG A 51 -2.66 9.30 5.31
C ARG A 51 -2.54 7.86 4.81
N LEU A 52 -1.76 7.07 5.54
CA LEU A 52 -1.59 5.62 5.38
C LEU A 52 -2.54 4.85 6.30
N ARG A 53 -3.15 3.78 5.79
CA ARG A 53 -3.84 2.75 6.57
C ARG A 53 -3.44 1.36 6.05
N ILE A 54 -2.63 0.65 6.82
CA ILE A 54 -2.38 -0.78 6.62
C ILE A 54 -3.45 -1.55 7.40
N THR A 55 -4.07 -2.51 6.74
CA THR A 55 -5.28 -3.22 7.20
C THR A 55 -5.22 -4.69 6.76
N SER A 56 -6.06 -5.55 7.33
CA SER A 56 -6.26 -6.94 6.90
C SER A 56 -7.60 -7.49 7.39
N LYS A 57 -8.12 -8.51 6.71
CA LYS A 57 -9.02 -9.52 7.30
C LYS A 57 -8.81 -10.89 6.64
N GLY A 58 -8.61 -11.90 7.48
CA GLY A 58 -8.35 -13.28 7.10
C GLY A 58 -6.89 -13.42 6.66
N LYS A 59 -6.70 -13.96 5.46
CA LYS A 59 -5.41 -14.15 4.80
C LYS A 59 -5.14 -13.12 3.69
N THR A 60 -5.82 -11.97 3.76
CA THR A 60 -5.69 -10.86 2.82
C THR A 60 -5.41 -9.57 3.59
N ALA A 61 -4.31 -8.90 3.27
CA ALA A 61 -4.00 -7.55 3.73
C ALA A 61 -4.44 -6.49 2.70
N TYR A 62 -4.56 -5.25 3.15
CA TYR A 62 -5.03 -4.11 2.38
C TYR A 62 -4.19 -2.88 2.75
N ILE A 63 -3.38 -2.36 1.83
CA ILE A 63 -2.75 -1.04 1.99
C ILE A 63 -3.69 -0.01 1.38
N LYS A 64 -4.38 0.75 2.24
CA LYS A 64 -5.32 1.80 1.86
C LYS A 64 -4.76 3.19 2.16
N LEU A 65 -5.03 4.12 1.26
CA LEU A 65 -4.63 5.53 1.33
C LEU A 65 -5.86 6.42 1.55
N GLU A 66 -5.79 7.34 2.51
CA GLU A 66 -6.91 8.16 2.97
C GLU A 66 -6.63 9.66 2.94
N ASP A 67 -7.67 10.48 2.81
CA ASP A 67 -7.54 11.93 2.90
C ASP A 67 -7.27 12.40 4.34
N LYS A 68 -6.43 13.41 4.47
CA LYS A 68 -5.96 13.98 5.74
C LYS A 68 -6.89 15.05 6.36
N VAL A 69 -7.99 15.39 5.69
CA VAL A 69 -8.97 16.40 6.15
C VAL A 69 -10.39 15.83 6.17
N SER A 70 -10.77 15.03 5.18
CA SER A 70 -12.15 14.56 4.99
C SER A 70 -12.34 13.07 5.26
N GLY A 71 -11.24 12.29 5.31
CA GLY A 71 -11.30 10.84 5.55
C GLY A 71 -11.84 10.03 4.36
N GLU A 72 -11.76 10.60 3.15
CA GLU A 72 -12.05 9.92 1.89
C GLU A 72 -11.07 8.77 1.64
N LEU A 73 -11.44 7.84 0.76
CA LEU A 73 -10.54 6.80 0.22
C LEU A 73 -9.94 7.27 -1.10
N PHE A 74 -8.61 7.36 -1.18
CA PHE A 74 -7.88 7.66 -2.41
C PHE A 74 -7.67 6.39 -3.26
N ALA A 75 -7.08 5.36 -2.66
CA ALA A 75 -6.76 4.08 -3.31
C ALA A 75 -6.60 2.94 -2.29
N GLN A 76 -6.65 1.70 -2.78
CA GLN A 76 -6.51 0.48 -1.97
C GLN A 76 -5.76 -0.63 -2.74
N ALA A 77 -4.80 -1.30 -2.10
CA ALA A 77 -4.01 -2.40 -2.66
C ALA A 77 -4.16 -3.69 -1.82
N PRO A 78 -5.00 -4.65 -2.26
CA PRO A 78 -5.11 -5.98 -1.65
C PRO A 78 -3.86 -6.84 -1.87
N VAL A 79 -3.47 -7.61 -0.86
CA VAL A 79 -2.25 -8.46 -0.83
C VAL A 79 -2.60 -9.83 -0.25
N GLU A 80 -2.21 -10.93 -0.90
CA GLU A 80 -2.49 -12.30 -0.41
C GLU A 80 -1.36 -12.90 0.46
N GLN A 81 -0.13 -12.38 0.31
CA GLN A 81 1.05 -12.68 1.14
C GLN A 81 2.13 -11.62 0.92
N TYR A 82 2.94 -11.33 1.94
CA TYR A 82 4.08 -10.42 1.87
C TYR A 82 5.42 -11.16 2.09
N PRO A 83 6.44 -10.98 1.23
CA PRO A 83 6.42 -10.21 -0.02
C PRO A 83 5.53 -10.86 -1.10
N GLY A 84 4.93 -10.04 -1.96
CA GLY A 84 4.03 -10.48 -3.04
C GLY A 84 3.77 -9.41 -4.11
N ILE A 85 2.92 -9.73 -5.09
CA ILE A 85 2.67 -8.91 -6.31
C ILE A 85 2.23 -7.47 -6.03
N ALA A 86 1.50 -7.23 -4.94
CA ALA A 86 0.86 -5.95 -4.66
C ALA A 86 1.70 -4.98 -3.83
N VAL A 87 2.96 -5.33 -3.50
CA VAL A 87 3.88 -4.49 -2.71
C VAL A 87 5.34 -4.70 -3.14
N GLU A 88 6.05 -3.61 -3.41
CA GLU A 88 7.39 -3.57 -4.02
C GLU A 88 8.26 -2.44 -3.41
N THR A 89 9.57 -2.51 -3.63
CA THR A 89 10.60 -1.61 -3.05
C THR A 89 11.43 -0.92 -4.14
N VAL A 90 12.10 0.18 -3.78
CA VAL A 90 13.11 0.85 -4.61
C VAL A 90 14.52 0.29 -4.31
N THR A 91 15.52 0.74 -5.07
CA THR A 91 16.93 0.37 -4.94
C THR A 91 17.74 1.34 -4.08
N ASP A 92 17.42 2.64 -4.14
CA ASP A 92 18.29 3.69 -3.61
C ASP A 92 18.05 4.04 -2.14
N SER A 93 16.78 4.12 -1.73
CA SER A 93 16.43 4.52 -0.34
C SER A 93 15.23 3.76 0.23
N SER A 94 15.39 3.12 1.38
CA SER A 94 14.40 2.23 2.00
C SER A 94 13.16 2.93 2.58
N ARG A 95 12.96 4.24 2.32
CA ARG A 95 11.74 5.01 2.69
C ARG A 95 10.71 5.16 1.56
N TYR A 96 10.77 4.30 0.54
CA TYR A 96 9.92 4.36 -0.64
C TYR A 96 9.48 2.95 -1.09
N PHE A 97 8.20 2.81 -1.43
CA PHE A 97 7.57 1.56 -1.86
C PHE A 97 6.70 1.79 -3.08
N VAL A 98 6.36 0.72 -3.80
CA VAL A 98 5.31 0.69 -4.81
C VAL A 98 4.21 -0.28 -4.37
N ILE A 99 2.95 0.02 -4.62
CA ILE A 99 1.84 -0.91 -4.35
C ILE A 99 0.90 -1.03 -5.56
N ARG A 100 0.32 -2.22 -5.75
CA ARG A 100 -0.65 -2.49 -6.82
C ARG A 100 -2.07 -2.17 -6.35
N ILE A 101 -2.51 -0.92 -6.50
CA ILE A 101 -3.87 -0.52 -6.15
C ILE A 101 -4.88 -1.10 -7.15
N GLN A 102 -6.02 -1.60 -6.63
CA GLN A 102 -7.02 -2.39 -7.36
C GLN A 102 -8.44 -1.98 -6.95
N ASP A 103 -9.35 -2.00 -7.94
CA ASP A 103 -10.73 -1.53 -7.80
C ASP A 103 -11.72 -2.66 -7.39
N GLY A 104 -11.20 -3.85 -7.08
CA GLY A 104 -11.98 -5.02 -6.64
C GLY A 104 -12.71 -5.76 -7.76
N THR A 105 -12.36 -5.47 -9.02
CA THR A 105 -13.07 -5.92 -10.23
C THR A 105 -12.12 -6.36 -11.37
N GLY A 106 -10.81 -6.51 -11.07
CA GLY A 106 -9.76 -6.90 -12.04
C GLY A 106 -9.03 -5.72 -12.70
N ARG A 107 -9.38 -4.48 -12.35
CA ARG A 107 -8.61 -3.26 -12.64
C ARG A 107 -7.43 -3.19 -11.68
N SER A 108 -6.30 -2.72 -12.20
CA SER A 108 -5.12 -2.44 -11.38
C SER A 108 -4.23 -1.30 -11.91
N ALA A 109 -3.47 -0.69 -11.01
CA ALA A 109 -2.36 0.23 -11.30
C ALA A 109 -1.24 0.10 -10.24
N PHE A 110 0.01 0.27 -10.66
CA PHE A 110 1.15 0.38 -9.74
C PHE A 110 1.44 1.85 -9.43
N ILE A 111 1.35 2.23 -8.16
CA ILE A 111 1.66 3.59 -7.66
C ILE A 111 2.82 3.56 -6.67
N GLY A 112 3.68 4.58 -6.70
CA GLY A 112 4.77 4.76 -5.75
C GLY A 112 4.30 5.56 -4.54
N ILE A 113 4.81 5.25 -3.35
CA ILE A 113 4.62 6.00 -2.12
C ILE A 113 5.96 6.27 -1.42
N GLY A 114 6.10 7.48 -0.85
CA GLY A 114 7.24 7.91 -0.05
C GLY A 114 6.85 8.23 1.40
N PHE A 115 7.76 7.91 2.32
CA PHE A 115 7.63 8.14 3.76
C PHE A 115 8.53 9.29 4.22
N THR A 116 8.14 9.95 5.33
CA THR A 116 8.86 11.09 5.90
C THR A 116 10.16 10.69 6.62
N ASP A 117 10.29 9.41 6.98
CA ASP A 117 11.45 8.85 7.68
C ASP A 117 11.60 7.35 7.40
N ARG A 118 12.85 6.86 7.32
CA ARG A 118 13.14 5.44 7.06
C ARG A 118 12.71 4.51 8.19
N GLY A 119 12.71 4.97 9.44
CA GLY A 119 12.17 4.22 10.58
C GLY A 119 10.67 3.95 10.48
N ASP A 120 9.90 4.87 9.89
CA ASP A 120 8.46 4.69 9.66
C ASP A 120 8.17 3.84 8.42
N ALA A 121 9.03 3.88 7.40
CA ALA A 121 9.01 2.94 6.30
C ALA A 121 9.38 1.50 6.72
N PHE A 122 10.33 1.34 7.63
CA PHE A 122 10.59 0.05 8.30
C PHE A 122 9.36 -0.42 9.07
N ASP A 123 8.66 0.48 9.77
CA ASP A 123 7.41 0.14 10.48
C ASP A 123 6.29 -0.29 9.51
N PHE A 124 6.21 0.28 8.30
CA PHE A 124 5.35 -0.21 7.21
C PHE A 124 5.69 -1.66 6.80
N ASN A 125 6.94 -1.96 6.43
CA ASN A 125 7.30 -3.32 6.00
C ASN A 125 7.29 -4.35 7.13
N VAL A 126 7.47 -3.94 8.39
CA VAL A 126 7.32 -4.81 9.57
C VAL A 126 5.84 -5.10 9.84
N SER A 127 4.96 -4.10 9.73
CA SER A 127 3.50 -4.27 9.91
C SER A 127 2.84 -5.19 8.85
N LEU A 128 3.53 -5.45 7.73
CA LEU A 128 3.18 -6.49 6.76
C LEU A 128 3.80 -7.85 7.11
N GLN A 129 5.12 -7.95 7.26
CA GLN A 129 5.80 -9.26 7.44
C GLN A 129 5.49 -9.93 8.79
N ASP A 130 5.30 -9.14 9.85
CA ASP A 130 4.91 -9.62 11.19
C ASP A 130 3.39 -9.74 11.35
N HIS A 131 2.63 -9.53 10.26
CA HIS A 131 1.26 -9.99 10.12
C HIS A 131 1.17 -11.31 9.35
N PHE A 132 1.92 -11.45 8.25
CA PHE A 132 1.85 -12.62 7.35
C PHE A 132 2.69 -13.83 7.76
N LYS A 133 3.48 -13.74 8.85
CA LYS A 133 4.38 -14.82 9.30
C LYS A 133 3.71 -16.21 9.45
N TRP A 134 2.43 -16.25 9.82
CA TRP A 134 1.65 -17.49 9.98
C TRP A 134 1.02 -17.99 8.66
N VAL A 135 0.88 -17.11 7.66
CA VAL A 135 0.35 -17.42 6.32
C VAL A 135 1.47 -17.95 5.40
N LYS A 136 2.66 -17.34 5.48
CA LYS A 136 3.83 -17.66 4.65
C LYS A 136 4.73 -18.74 5.29
N GLN A 137 4.10 -19.77 5.86
CA GLN A 137 4.78 -20.92 6.47
C GLN A 137 5.22 -21.91 5.37
N GLU A 138 6.47 -21.74 4.95
CA GLU A 138 7.16 -22.54 3.91
C GLU A 138 7.91 -23.76 4.46
N GLY A 1 -32.26 -22.06 -5.75
CA GLY A 1 -32.52 -21.10 -4.66
C GLY A 1 -31.37 -21.06 -3.66
N SER A 2 -31.26 -19.97 -2.90
CA SER A 2 -30.17 -19.71 -1.94
C SER A 2 -30.73 -19.51 -0.52
N PRO A 3 -30.64 -20.52 0.38
CA PRO A 3 -31.20 -20.46 1.74
C PRO A 3 -30.29 -19.76 2.77
N ASN A 4 -29.17 -19.19 2.33
CA ASN A 4 -28.10 -18.64 3.17
C ASN A 4 -28.56 -17.44 4.03
N SER A 5 -28.00 -17.33 5.25
CA SER A 5 -28.31 -16.27 6.23
C SER A 5 -27.57 -14.95 5.97
N MET A 6 -26.52 -14.96 5.15
CA MET A 6 -25.71 -13.79 4.75
C MET A 6 -25.41 -13.81 3.24
N ALA A 7 -25.13 -12.62 2.68
CA ALA A 7 -24.80 -12.43 1.26
C ALA A 7 -23.92 -11.19 1.00
N THR A 8 -24.15 -10.10 1.74
CA THR A 8 -23.34 -8.87 1.76
C THR A 8 -23.09 -8.47 3.21
N GLU A 9 -21.87 -8.67 3.70
CA GLU A 9 -21.50 -8.63 5.12
C GLU A 9 -20.12 -8.00 5.38
N LEU A 10 -19.65 -7.16 4.46
CA LEU A 10 -18.32 -6.52 4.46
C LEU A 10 -18.24 -5.35 5.47
N GLU A 11 -18.27 -5.67 6.76
CA GLU A 11 -18.14 -4.75 7.90
C GLU A 11 -17.02 -5.23 8.84
N TYR A 12 -15.78 -5.26 8.31
CA TYR A 12 -14.59 -5.79 8.94
C TYR A 12 -13.33 -5.09 8.42
N GLU A 13 -12.28 -5.02 9.26
CA GLU A 13 -10.91 -4.64 8.90
C GLU A 13 -10.06 -4.67 10.18
N SER A 14 -9.01 -5.48 10.20
CA SER A 14 -7.98 -5.43 11.26
C SER A 14 -6.84 -4.50 10.85
N VAL A 15 -6.76 -3.32 11.48
CA VAL A 15 -5.66 -2.34 11.25
C VAL A 15 -4.30 -2.88 11.73
N LEU A 16 -3.22 -2.48 11.06
CA LEU A 16 -1.85 -3.00 11.24
C LEU A 16 -0.80 -1.88 11.36
N CYS A 17 -0.96 -0.79 10.58
CA CYS A 17 -0.13 0.41 10.65
C CYS A 17 -0.92 1.63 10.16
N VAL A 18 -0.79 2.75 10.86
CA VAL A 18 -1.33 4.06 10.45
C VAL A 18 -0.23 5.12 10.59
N LYS A 19 0.04 5.86 9.51
CA LYS A 19 1.01 6.98 9.46
C LYS A 19 0.35 8.23 8.86
N PRO A 20 0.58 9.44 9.42
CA PRO A 20 -0.14 10.66 9.03
C PRO A 20 0.40 11.37 7.77
N ASP A 21 1.60 11.01 7.30
CA ASP A 21 2.26 11.66 6.16
C ASP A 21 2.77 10.62 5.16
N VAL A 22 2.07 10.52 4.03
CA VAL A 22 2.46 9.72 2.87
C VAL A 22 2.11 10.45 1.56
N SER A 23 3.00 10.37 0.57
CA SER A 23 2.93 11.13 -0.68
C SER A 23 2.99 10.20 -1.89
N VAL A 24 2.03 10.31 -2.81
CA VAL A 24 1.91 9.48 -4.03
C VAL A 24 2.59 10.13 -5.21
N TYR A 25 3.29 9.30 -5.98
CA TYR A 25 3.84 9.62 -7.28
C TYR A 25 3.48 8.52 -8.28
N ARG A 26 3.00 8.94 -9.45
CA ARG A 26 3.05 8.13 -10.68
C ARG A 26 4.52 7.81 -11.03
N ILE A 27 4.80 6.54 -11.32
CA ILE A 27 6.16 6.02 -11.56
C ILE A 27 6.44 5.75 -13.04
N PRO A 28 7.71 5.86 -13.51
CA PRO A 28 8.11 5.39 -14.83
C PRO A 28 8.09 3.85 -14.91
N PRO A 29 8.01 3.25 -16.12
CA PRO A 29 7.98 1.80 -16.31
C PRO A 29 9.30 1.13 -15.89
N ARG A 30 9.19 -0.07 -15.31
CA ARG A 30 10.32 -0.94 -14.93
C ARG A 30 10.97 -1.59 -16.15
N ALA A 31 12.24 -1.92 -15.97
CA ALA A 31 12.99 -2.86 -16.79
C ALA A 31 12.75 -4.30 -16.28
N SER A 32 13.68 -4.83 -15.46
CA SER A 32 13.46 -5.96 -14.54
C SER A 32 14.39 -5.86 -13.33
N ASN A 33 15.70 -6.06 -13.52
CA ASN A 33 16.71 -6.12 -12.45
C ASN A 33 17.31 -4.76 -12.01
N ARG A 34 17.04 -3.67 -12.75
CA ARG A 34 17.52 -2.31 -12.43
C ARG A 34 16.91 -1.78 -11.14
N GLY A 35 15.58 -1.82 -11.08
CA GLY A 35 14.80 -1.37 -9.94
C GLY A 35 14.46 0.11 -9.99
N TYR A 36 13.38 0.46 -9.29
CA TYR A 36 13.01 1.84 -9.01
C TYR A 36 13.99 2.42 -7.99
N ARG A 37 14.31 3.71 -8.06
CA ARG A 37 15.39 4.34 -7.27
C ARG A 37 14.97 5.61 -6.53
N ALA A 38 13.66 5.77 -6.35
CA ALA A 38 12.96 6.92 -5.78
C ALA A 38 13.16 8.26 -6.52
N SER A 39 14.40 8.61 -6.86
CA SER A 39 14.81 9.83 -7.57
C SER A 39 14.27 9.96 -9.00
N ASP A 40 13.83 8.85 -9.60
CA ASP A 40 13.16 8.82 -10.92
C ASP A 40 11.66 9.18 -10.85
N TRP A 41 11.09 9.29 -9.64
CA TRP A 41 9.70 9.67 -9.40
C TRP A 41 9.59 11.19 -9.16
N LYS A 42 8.35 11.70 -9.12
CA LYS A 42 8.03 13.12 -8.96
C LYS A 42 8.09 13.61 -7.50
N LEU A 43 9.23 13.38 -6.83
CA LEU A 43 9.42 13.61 -5.39
C LEU A 43 9.08 15.01 -4.88
N ASP A 44 9.21 16.04 -5.72
CA ASP A 44 8.89 17.44 -5.37
C ASP A 44 7.43 17.82 -5.69
N GLN A 45 6.72 16.95 -6.42
CA GLN A 45 5.49 17.23 -7.15
C GLN A 45 4.49 16.07 -7.01
N PRO A 46 4.04 15.73 -5.78
CA PRO A 46 3.21 14.56 -5.59
C PRO A 46 1.86 14.69 -6.31
N ASP A 47 1.41 13.59 -6.91
CA ASP A 47 0.11 13.51 -7.58
C ASP A 47 -1.05 13.53 -6.56
N TRP A 48 -0.79 13.07 -5.34
CA TRP A 48 -1.67 13.18 -4.17
C TRP A 48 -0.87 13.09 -2.85
N THR A 49 -1.37 13.66 -1.76
CA THR A 49 -0.82 13.51 -0.41
C THR A 49 -1.91 13.24 0.63
N GLY A 50 -1.59 12.42 1.63
CA GLY A 50 -2.53 12.02 2.68
C GLY A 50 -1.92 11.11 3.74
N ARG A 51 -2.73 10.17 4.22
CA ARG A 51 -2.46 9.27 5.34
C ARG A 51 -2.45 7.80 4.89
N LEU A 52 -1.64 6.99 5.56
CA LEU A 52 -1.51 5.55 5.36
C LEU A 52 -2.44 4.78 6.32
N ARG A 53 -3.03 3.68 5.83
CA ARG A 53 -3.78 2.69 6.61
C ARG A 53 -3.51 1.29 6.07
N ILE A 54 -2.61 0.56 6.72
CA ILE A 54 -2.40 -0.86 6.46
C ILE A 54 -3.38 -1.66 7.30
N THR A 55 -4.03 -2.63 6.68
CA THR A 55 -5.18 -3.37 7.19
C THR A 55 -5.16 -4.82 6.69
N SER A 56 -5.99 -5.72 7.24
CA SER A 56 -6.14 -7.09 6.74
C SER A 56 -7.48 -7.69 7.14
N LYS A 57 -7.97 -8.61 6.30
CA LYS A 57 -8.85 -9.69 6.74
C LYS A 57 -8.70 -10.96 5.88
N GLY A 58 -8.61 -12.11 6.55
CA GLY A 58 -8.78 -13.44 5.93
C GLY A 58 -7.66 -13.86 4.98
N LYS A 59 -6.40 -13.74 5.43
CA LYS A 59 -5.16 -14.00 4.66
C LYS A 59 -5.02 -13.10 3.42
N THR A 60 -5.63 -11.93 3.48
CA THR A 60 -5.48 -10.83 2.53
C THR A 60 -5.20 -9.55 3.31
N ALA A 61 -4.09 -8.88 3.02
CA ALA A 61 -3.80 -7.54 3.53
C ALA A 61 -4.30 -6.47 2.56
N TYR A 62 -4.48 -5.25 3.06
CA TYR A 62 -5.07 -4.12 2.37
C TYR A 62 -4.26 -2.85 2.73
N ILE A 63 -3.46 -2.33 1.80
CA ILE A 63 -2.83 -1.00 1.95
C ILE A 63 -3.82 0.02 1.40
N LYS A 64 -4.49 0.74 2.30
CA LYS A 64 -5.43 1.82 1.97
C LYS A 64 -4.83 3.19 2.23
N LEU A 65 -5.09 4.13 1.32
CA LEU A 65 -4.67 5.53 1.38
C LEU A 65 -5.90 6.42 1.62
N GLU A 66 -5.82 7.34 2.59
CA GLU A 66 -6.94 8.18 3.03
C GLU A 66 -6.55 9.66 3.08
N ASP A 67 -7.50 10.58 2.86
CA ASP A 67 -7.22 12.01 2.94
C ASP A 67 -7.10 12.50 4.40
N LYS A 68 -6.33 13.58 4.58
CA LYS A 68 -5.99 14.19 5.86
C LYS A 68 -6.90 15.35 6.29
N VAL A 69 -7.89 15.71 5.48
CA VAL A 69 -8.94 16.71 5.78
C VAL A 69 -10.33 16.08 5.76
N SER A 70 -10.65 15.27 4.74
CA SER A 70 -12.00 14.71 4.54
C SER A 70 -12.16 13.29 5.08
N GLY A 71 -11.05 12.55 5.27
CA GLY A 71 -11.05 11.17 5.73
C GLY A 71 -11.44 10.15 4.66
N GLU A 72 -11.59 10.61 3.41
CA GLU A 72 -12.08 9.82 2.27
C GLU A 72 -10.98 8.92 1.68
N LEU A 73 -11.38 7.78 1.10
CA LEU A 73 -10.46 6.84 0.45
C LEU A 73 -9.93 7.41 -0.88
N PHE A 74 -8.61 7.44 -1.05
CA PHE A 74 -7.94 7.76 -2.31
C PHE A 74 -7.78 6.50 -3.19
N ALA A 75 -7.14 5.46 -2.64
CA ALA A 75 -6.85 4.20 -3.32
C ALA A 75 -6.67 3.04 -2.32
N GLN A 76 -6.80 1.79 -2.80
CA GLN A 76 -6.60 0.59 -1.98
C GLN A 76 -5.89 -0.54 -2.76
N ALA A 77 -4.92 -1.20 -2.14
CA ALA A 77 -4.12 -2.29 -2.70
C ALA A 77 -4.25 -3.58 -1.86
N PRO A 78 -5.11 -4.52 -2.28
CA PRO A 78 -5.15 -5.90 -1.78
C PRO A 78 -3.84 -6.67 -2.07
N VAL A 79 -3.41 -7.47 -1.09
CA VAL A 79 -2.19 -8.28 -1.13
C VAL A 79 -2.48 -9.67 -0.56
N GLU A 80 -2.18 -10.74 -1.29
CA GLU A 80 -2.48 -12.13 -0.84
C GLU A 80 -1.38 -12.72 0.06
N GLN A 81 -0.14 -12.26 -0.09
CA GLN A 81 1.02 -12.60 0.74
C GLN A 81 2.14 -11.57 0.56
N TYR A 82 2.98 -11.36 1.59
CA TYR A 82 4.14 -10.47 1.55
C TYR A 82 5.43 -11.23 1.90
N PRO A 83 6.52 -11.13 1.12
CA PRO A 83 6.60 -10.44 -0.18
C PRO A 83 5.69 -11.05 -1.27
N GLY A 84 5.21 -10.20 -2.17
CA GLY A 84 4.32 -10.55 -3.29
C GLY A 84 4.32 -9.51 -4.41
N ILE A 85 3.34 -9.56 -5.31
CA ILE A 85 3.24 -8.65 -6.46
C ILE A 85 2.76 -7.24 -6.07
N ALA A 86 1.82 -7.12 -5.13
CA ALA A 86 1.08 -5.89 -4.85
C ALA A 86 1.83 -4.90 -3.95
N VAL A 87 3.09 -5.19 -3.61
CA VAL A 87 3.98 -4.35 -2.79
C VAL A 87 5.43 -4.56 -3.23
N GLU A 88 6.16 -3.46 -3.43
CA GLU A 88 7.55 -3.42 -3.92
C GLU A 88 8.36 -2.30 -3.26
N THR A 89 9.69 -2.38 -3.30
CA THR A 89 10.64 -1.37 -2.76
C THR A 89 11.37 -0.63 -3.89
N VAL A 90 12.01 0.50 -3.55
CA VAL A 90 13.08 1.09 -4.37
C VAL A 90 14.45 0.47 -4.00
N THR A 91 15.52 0.91 -4.66
CA THR A 91 16.91 0.48 -4.44
C THR A 91 17.73 1.48 -3.62
N ASP A 92 17.42 2.77 -3.72
CA ASP A 92 18.27 3.87 -3.21
C ASP A 92 17.95 4.27 -1.77
N SER A 93 16.67 4.36 -1.41
CA SER A 93 16.26 4.82 -0.06
C SER A 93 15.01 4.10 0.49
N SER A 94 15.11 3.50 1.68
CA SER A 94 14.09 2.61 2.25
C SER A 94 12.76 3.30 2.64
N ARG A 95 12.67 4.63 2.53
CA ARG A 95 11.45 5.43 2.76
C ARG A 95 10.54 5.57 1.53
N TYR A 96 10.64 4.65 0.57
CA TYR A 96 9.84 4.64 -0.66
C TYR A 96 9.44 3.21 -1.08
N PHE A 97 8.17 3.03 -1.43
CA PHE A 97 7.59 1.76 -1.87
C PHE A 97 6.67 1.95 -3.08
N VAL A 98 6.37 0.86 -3.80
CA VAL A 98 5.32 0.80 -4.83
C VAL A 98 4.25 -0.17 -4.40
N ILE A 99 2.97 0.10 -4.69
CA ILE A 99 1.87 -0.85 -4.44
C ILE A 99 0.91 -0.96 -5.63
N ARG A 100 0.32 -2.15 -5.81
CA ARG A 100 -0.70 -2.42 -6.84
C ARG A 100 -2.09 -2.06 -6.31
N ILE A 101 -2.48 -0.79 -6.44
CA ILE A 101 -3.85 -0.38 -6.13
C ILE A 101 -4.84 -0.95 -7.15
N GLN A 102 -6.00 -1.39 -6.69
CA GLN A 102 -7.01 -2.14 -7.46
C GLN A 102 -8.41 -1.53 -7.28
N ASP A 103 -9.26 -1.69 -8.29
CA ASP A 103 -10.62 -1.12 -8.32
C ASP A 103 -11.71 -2.10 -7.82
N GLY A 104 -11.30 -3.25 -7.26
CA GLY A 104 -12.19 -4.32 -6.76
C GLY A 104 -12.80 -5.23 -7.83
N THR A 105 -12.83 -4.79 -9.09
CA THR A 105 -13.32 -5.56 -10.25
C THR A 105 -12.24 -6.47 -10.87
N GLY A 106 -10.96 -6.12 -10.70
CA GLY A 106 -9.79 -6.89 -11.14
C GLY A 106 -8.69 -6.05 -11.82
N ARG A 107 -9.03 -4.82 -12.26
CA ARG A 107 -8.10 -3.87 -12.86
C ARG A 107 -7.36 -3.05 -11.79
N SER A 108 -6.20 -2.55 -12.17
CA SER A 108 -5.19 -2.02 -11.27
C SER A 108 -4.26 -0.95 -11.87
N ALA A 109 -3.53 -0.27 -10.98
CA ALA A 109 -2.35 0.53 -11.31
C ALA A 109 -1.23 0.30 -10.27
N PHE A 110 0.02 0.42 -10.68
CA PHE A 110 1.17 0.43 -9.77
C PHE A 110 1.56 1.88 -9.45
N ILE A 111 1.38 2.31 -8.20
CA ILE A 111 1.68 3.67 -7.73
C ILE A 111 2.86 3.67 -6.74
N GLY A 112 3.67 4.72 -6.76
CA GLY A 112 4.77 4.93 -5.82
C GLY A 112 4.29 5.75 -4.62
N ILE A 113 4.79 5.42 -3.43
CA ILE A 113 4.58 6.18 -2.20
C ILE A 113 5.91 6.49 -1.49
N GLY A 114 6.01 7.70 -0.96
CA GLY A 114 7.13 8.18 -0.14
C GLY A 114 6.70 8.57 1.27
N PHE A 115 7.57 8.30 2.24
CA PHE A 115 7.35 8.51 3.67
C PHE A 115 8.13 9.73 4.19
N THR A 116 7.73 10.25 5.35
CA THR A 116 8.40 11.38 6.01
C THR A 116 9.75 11.02 6.62
N ASP A 117 9.94 9.76 7.02
CA ASP A 117 11.18 9.26 7.64
C ASP A 117 11.36 7.75 7.45
N ARG A 118 12.61 7.27 7.41
CA ARG A 118 12.97 5.85 7.27
C ARG A 118 12.47 4.99 8.44
N GLY A 119 12.45 5.51 9.67
CA GLY A 119 11.92 4.81 10.84
C GLY A 119 10.40 4.61 10.80
N ASP A 120 9.67 5.47 10.10
CA ASP A 120 8.22 5.33 9.87
C ASP A 120 7.93 4.44 8.66
N ALA A 121 8.78 4.46 7.63
CA ALA A 121 8.73 3.53 6.51
C ALA A 121 9.06 2.09 6.90
N PHE A 122 9.95 1.88 7.89
CA PHE A 122 10.21 0.55 8.45
C PHE A 122 8.94 -0.12 9.00
N ASP A 123 8.02 0.65 9.61
CA ASP A 123 6.74 0.12 10.10
C ASP A 123 5.82 -0.37 8.97
N PHE A 124 5.90 0.21 7.76
CA PHE A 124 5.15 -0.26 6.58
C PHE A 124 5.56 -1.69 6.18
N ASN A 125 6.86 -1.98 6.08
CA ASN A 125 7.34 -3.31 5.67
C ASN A 125 7.39 -4.34 6.82
N VAL A 126 7.52 -3.90 8.07
CA VAL A 126 7.51 -4.80 9.25
C VAL A 126 6.09 -5.23 9.62
N SER A 127 5.11 -4.32 9.59
CA SER A 127 3.71 -4.66 9.93
C SER A 127 3.07 -5.65 8.94
N LEU A 128 3.51 -5.64 7.67
CA LEU A 128 3.14 -6.64 6.67
C LEU A 128 3.81 -8.00 6.95
N GLN A 129 5.14 -8.05 7.07
CA GLN A 129 5.86 -9.32 7.21
C GLN A 129 5.58 -10.04 8.54
N ASP A 130 5.38 -9.29 9.63
CA ASP A 130 5.02 -9.83 10.95
C ASP A 130 3.50 -10.01 11.11
N HIS A 131 2.73 -9.82 10.04
CA HIS A 131 1.36 -10.31 9.91
C HIS A 131 1.26 -11.56 9.03
N PHE A 132 2.07 -11.66 7.97
CA PHE A 132 2.07 -12.80 7.04
C PHE A 132 3.00 -13.97 7.42
N LYS A 133 3.78 -13.89 8.51
CA LYS A 133 4.77 -14.92 8.90
C LYS A 133 4.22 -16.35 9.06
N TRP A 134 2.94 -16.50 9.36
CA TRP A 134 2.23 -17.79 9.45
C TRP A 134 1.65 -18.27 8.10
N VAL A 135 1.40 -17.35 7.16
CA VAL A 135 0.94 -17.61 5.79
C VAL A 135 2.09 -17.98 4.85
N LYS A 136 3.32 -17.51 5.15
CA LYS A 136 4.57 -17.77 4.42
C LYS A 136 5.27 -19.05 4.88
N GLN A 137 4.54 -19.94 5.55
CA GLN A 137 5.00 -21.27 5.95
C GLN A 137 4.79 -22.24 4.79
N GLU A 138 5.81 -22.38 3.95
CA GLU A 138 5.79 -23.06 2.64
C GLU A 138 7.00 -24.01 2.44
N GLY A 1 -32.38 -2.05 20.92
CA GLY A 1 -31.88 -3.13 20.05
C GLY A 1 -30.70 -2.68 19.18
N SER A 2 -30.33 -3.49 18.18
CA SER A 2 -29.23 -3.18 17.25
C SER A 2 -29.56 -2.01 16.31
N PRO A 3 -28.60 -1.11 16.00
CA PRO A 3 -28.78 -0.06 14.99
C PRO A 3 -28.70 -0.58 13.54
N ASN A 4 -28.29 -1.83 13.34
CA ASN A 4 -28.14 -2.47 12.02
C ASN A 4 -29.48 -2.98 11.47
N SER A 5 -29.58 -3.11 10.15
CA SER A 5 -30.78 -3.63 9.44
C SER A 5 -30.90 -5.16 9.46
N MET A 6 -29.89 -5.87 9.98
CA MET A 6 -29.69 -7.33 9.86
C MET A 6 -29.57 -7.82 8.40
N ALA A 7 -29.29 -6.91 7.46
CA ALA A 7 -29.02 -7.18 6.05
C ALA A 7 -27.76 -6.45 5.53
N THR A 8 -27.44 -5.28 6.11
CA THR A 8 -26.23 -4.49 5.84
C THR A 8 -25.56 -4.14 7.17
N GLU A 9 -24.42 -4.77 7.45
CA GLU A 9 -23.70 -4.69 8.74
C GLU A 9 -22.16 -4.78 8.59
N LEU A 10 -21.64 -4.39 7.41
CA LEU A 10 -20.21 -4.41 7.07
C LEU A 10 -19.41 -3.42 7.94
N GLU A 11 -18.67 -3.97 8.90
CA GLU A 11 -17.76 -3.25 9.80
C GLU A 11 -16.57 -4.16 10.14
N TYR A 12 -15.68 -4.38 9.16
CA TYR A 12 -14.44 -5.14 9.31
C TYR A 12 -13.27 -4.39 8.67
N GLU A 13 -12.11 -4.43 9.34
CA GLU A 13 -10.78 -4.05 8.84
C GLU A 13 -9.80 -4.12 10.02
N SER A 14 -8.88 -5.09 10.03
CA SER A 14 -7.85 -5.20 11.09
C SER A 14 -6.63 -4.37 10.74
N VAL A 15 -6.40 -3.28 11.46
CA VAL A 15 -5.29 -2.32 11.22
C VAL A 15 -3.92 -2.93 11.54
N LEU A 16 -2.91 -2.59 10.74
CA LEU A 16 -1.54 -3.11 10.81
C LEU A 16 -0.50 -1.98 10.93
N CYS A 17 -0.68 -0.88 10.19
CA CYS A 17 0.13 0.34 10.31
C CYS A 17 -0.67 1.56 9.87
N VAL A 18 -0.62 2.64 10.65
CA VAL A 18 -1.16 3.97 10.29
C VAL A 18 -0.07 5.02 10.47
N LYS A 19 0.16 5.82 9.42
CA LYS A 19 1.09 6.98 9.43
C LYS A 19 0.38 8.26 8.92
N PRO A 20 0.54 9.41 9.58
CA PRO A 20 -0.08 10.68 9.16
C PRO A 20 0.40 11.18 7.78
N ASP A 21 1.61 10.80 7.38
CA ASP A 21 2.25 11.18 6.12
C ASP A 21 2.42 10.01 5.15
N VAL A 22 1.97 10.20 3.91
CA VAL A 22 2.37 9.46 2.71
C VAL A 22 2.07 10.32 1.47
N SER A 23 2.95 10.27 0.48
CA SER A 23 2.84 11.05 -0.77
C SER A 23 2.88 10.11 -1.99
N VAL A 24 2.00 10.31 -2.97
CA VAL A 24 1.88 9.48 -4.18
C VAL A 24 2.49 10.15 -5.39
N TYR A 25 3.26 9.39 -6.15
CA TYR A 25 3.82 9.79 -7.45
C TYR A 25 3.76 8.60 -8.41
N ARG A 26 3.03 8.75 -9.51
CA ARG A 26 2.92 7.75 -10.58
C ARG A 26 4.29 7.51 -11.24
N ILE A 27 4.67 6.24 -11.37
CA ILE A 27 6.00 5.81 -11.85
C ILE A 27 6.01 5.47 -13.34
N PRO A 28 7.16 5.56 -14.04
CA PRO A 28 7.38 4.87 -15.31
C PRO A 28 7.56 3.35 -15.09
N PRO A 29 7.10 2.49 -16.01
CA PRO A 29 7.28 1.04 -15.90
C PRO A 29 8.74 0.62 -16.09
N ARG A 30 9.24 -0.28 -15.23
CA ARG A 30 10.62 -0.81 -15.25
C ARG A 30 10.71 -2.22 -14.65
N ALA A 31 11.93 -2.70 -14.44
CA ALA A 31 12.26 -3.99 -13.80
C ALA A 31 12.02 -4.05 -12.28
N SER A 32 11.58 -2.94 -11.68
CA SER A 32 11.42 -2.69 -10.24
C SER A 32 12.74 -2.79 -9.46
N ASN A 33 13.22 -4.00 -9.20
CA ASN A 33 14.25 -4.30 -8.20
C ASN A 33 15.62 -3.65 -8.49
N ARG A 34 15.96 -3.45 -9.77
CA ARG A 34 17.21 -2.81 -10.22
C ARG A 34 17.07 -1.36 -10.69
N GLY A 35 15.85 -0.86 -10.90
CA GLY A 35 15.60 0.35 -11.69
C GLY A 35 14.61 1.37 -11.15
N TYR A 36 13.75 1.05 -10.18
CA TYR A 36 13.08 2.06 -9.37
C TYR A 36 14.08 2.58 -8.31
N ARG A 37 14.49 3.86 -8.37
CA ARG A 37 15.51 4.45 -7.46
C ARG A 37 15.01 5.63 -6.64
N ALA A 38 13.70 5.73 -6.46
CA ALA A 38 12.94 6.85 -5.91
C ALA A 38 13.14 8.19 -6.67
N SER A 39 14.39 8.61 -6.92
CA SER A 39 14.78 9.86 -7.59
C SER A 39 14.33 9.97 -9.05
N ASP A 40 13.90 8.86 -9.66
CA ASP A 40 13.30 8.82 -11.00
C ASP A 40 11.85 9.36 -11.01
N TRP A 41 11.17 9.31 -9.87
CA TRP A 41 9.77 9.67 -9.68
C TRP A 41 9.60 11.17 -9.38
N LYS A 42 8.35 11.64 -9.43
CA LYS A 42 7.94 13.02 -9.12
C LYS A 42 7.87 13.31 -7.60
N LEU A 43 8.96 13.05 -6.88
CA LEU A 43 9.04 13.12 -5.41
C LEU A 43 8.63 14.49 -4.83
N ASP A 44 9.00 15.57 -5.51
CA ASP A 44 8.69 16.96 -5.11
C ASP A 44 7.32 17.45 -5.64
N GLN A 45 6.64 16.62 -6.44
CA GLN A 45 5.47 16.98 -7.26
C GLN A 45 4.38 15.89 -7.17
N PRO A 46 3.76 15.64 -5.99
CA PRO A 46 2.89 14.49 -5.85
C PRO A 46 1.59 14.61 -6.65
N ASP A 47 1.08 13.46 -7.12
CA ASP A 47 -0.27 13.35 -7.69
C ASP A 47 -1.35 13.52 -6.61
N TRP A 48 -1.04 13.10 -5.38
CA TRP A 48 -1.89 13.21 -4.18
C TRP A 48 -1.03 13.07 -2.90
N THR A 49 -1.50 13.61 -1.77
CA THR A 49 -0.92 13.41 -0.44
C THR A 49 -1.98 13.13 0.63
N GLY A 50 -1.63 12.33 1.62
CA GLY A 50 -2.53 11.96 2.72
C GLY A 50 -1.93 11.02 3.75
N ARG A 51 -2.74 10.08 4.25
CA ARG A 51 -2.42 9.13 5.32
C ARG A 51 -2.22 7.71 4.78
N LEU A 52 -1.31 6.97 5.39
CA LEU A 52 -1.21 5.52 5.26
C LEU A 52 -2.21 4.85 6.22
N ARG A 53 -2.90 3.80 5.76
CA ARG A 53 -3.62 2.85 6.62
C ARG A 53 -3.58 1.43 6.05
N ILE A 54 -2.55 0.68 6.44
CA ILE A 54 -2.45 -0.76 6.17
C ILE A 54 -3.44 -1.50 7.06
N THR A 55 -4.25 -2.34 6.44
CA THR A 55 -5.33 -3.13 7.06
C THR A 55 -5.30 -4.58 6.54
N SER A 56 -6.16 -5.47 7.05
CA SER A 56 -6.32 -6.84 6.56
C SER A 56 -7.68 -7.39 6.91
N LYS A 57 -8.19 -8.28 6.06
CA LYS A 57 -9.16 -9.30 6.44
C LYS A 57 -9.08 -10.56 5.57
N GLY A 58 -9.06 -11.72 6.24
CA GLY A 58 -9.20 -13.04 5.60
C GLY A 58 -7.99 -13.48 4.76
N LYS A 59 -6.79 -13.42 5.36
CA LYS A 59 -5.48 -13.69 4.72
C LYS A 59 -5.18 -12.79 3.52
N THR A 60 -5.82 -11.62 3.48
CA THR A 60 -5.62 -10.58 2.46
C THR A 60 -5.41 -9.24 3.16
N ALA A 61 -4.20 -8.71 3.07
CA ALA A 61 -3.89 -7.37 3.54
C ALA A 61 -4.31 -6.32 2.51
N TYR A 62 -4.50 -5.08 2.95
CA TYR A 62 -4.98 -3.96 2.16
C TYR A 62 -4.14 -2.72 2.52
N ILE A 63 -3.26 -2.27 1.63
CA ILE A 63 -2.62 -0.95 1.78
C ILE A 63 -3.65 0.09 1.31
N LYS A 64 -4.41 0.67 2.24
CA LYS A 64 -5.36 1.76 1.94
C LYS A 64 -4.73 3.14 2.19
N LEU A 65 -4.99 4.06 1.28
CA LEU A 65 -4.56 5.47 1.32
C LEU A 65 -5.77 6.39 1.56
N GLU A 66 -5.66 7.29 2.54
CA GLU A 66 -6.82 8.04 3.07
C GLU A 66 -6.56 9.55 3.20
N ASP A 67 -7.59 10.39 3.07
CA ASP A 67 -7.47 11.84 3.20
C ASP A 67 -7.08 12.28 4.62
N LYS A 68 -6.23 13.31 4.69
CA LYS A 68 -5.69 13.88 5.93
C LYS A 68 -6.64 14.75 6.77
N VAL A 69 -7.87 15.01 6.30
CA VAL A 69 -8.91 15.73 7.06
C VAL A 69 -10.14 14.85 7.30
N SER A 70 -10.61 14.12 6.29
CA SER A 70 -11.90 13.41 6.31
C SER A 70 -11.77 11.88 6.19
N GLY A 71 -10.57 11.36 5.97
CA GLY A 71 -10.30 9.91 5.91
C GLY A 71 -10.81 9.23 4.62
N GLU A 72 -11.13 10.03 3.60
CA GLU A 72 -11.67 9.60 2.31
C GLU A 72 -10.72 8.67 1.58
N LEU A 73 -11.20 7.54 1.07
CA LEU A 73 -10.36 6.54 0.38
C LEU A 73 -9.88 7.08 -0.98
N PHE A 74 -8.57 7.25 -1.13
CA PHE A 74 -7.92 7.61 -2.40
C PHE A 74 -7.71 6.38 -3.28
N ALA A 75 -7.07 5.34 -2.73
CA ALA A 75 -6.76 4.08 -3.41
C ALA A 75 -6.54 2.95 -2.41
N GLN A 76 -6.64 1.70 -2.87
CA GLN A 76 -6.34 0.50 -2.06
C GLN A 76 -5.64 -0.60 -2.87
N ALA A 77 -4.62 -1.23 -2.29
CA ALA A 77 -3.86 -2.33 -2.87
C ALA A 77 -4.01 -3.63 -2.04
N PRO A 78 -4.81 -4.61 -2.49
CA PRO A 78 -4.92 -5.93 -1.87
C PRO A 78 -3.63 -6.76 -2.06
N VAL A 79 -3.25 -7.51 -1.03
CA VAL A 79 -2.04 -8.34 -0.98
C VAL A 79 -2.38 -9.72 -0.39
N GLU A 80 -2.05 -10.81 -1.07
CA GLU A 80 -2.34 -12.17 -0.57
C GLU A 80 -1.20 -12.76 0.29
N GLN A 81 0.02 -12.28 0.07
CA GLN A 81 1.23 -12.58 0.87
C GLN A 81 2.31 -11.51 0.62
N TYR A 82 3.16 -11.23 1.61
CA TYR A 82 4.28 -10.31 1.52
C TYR A 82 5.62 -11.00 1.82
N PRO A 83 6.68 -10.82 1.01
CA PRO A 83 6.70 -10.13 -0.28
C PRO A 83 5.79 -10.79 -1.34
N GLY A 84 5.22 -9.96 -2.23
CA GLY A 84 4.31 -10.39 -3.29
C GLY A 84 4.08 -9.33 -4.38
N ILE A 85 3.15 -9.60 -5.30
CA ILE A 85 2.91 -8.79 -6.52
C ILE A 85 2.49 -7.34 -6.23
N ALA A 86 1.73 -7.11 -5.17
CA ALA A 86 1.08 -5.83 -4.90
C ALA A 86 1.90 -4.84 -4.07
N VAL A 87 3.15 -5.17 -3.75
CA VAL A 87 4.05 -4.32 -2.93
C VAL A 87 5.51 -4.54 -3.35
N GLU A 88 6.21 -3.44 -3.66
CA GLU A 88 7.56 -3.40 -4.23
C GLU A 88 8.40 -2.27 -3.60
N THR A 89 9.73 -2.39 -3.68
CA THR A 89 10.73 -1.44 -3.14
C THR A 89 11.51 -0.75 -4.26
N VAL A 90 12.19 0.35 -3.91
CA VAL A 90 13.23 0.98 -4.71
C VAL A 90 14.60 0.37 -4.39
N THR A 91 15.65 0.84 -5.07
CA THR A 91 17.04 0.38 -4.88
C THR A 91 17.92 1.39 -4.11
N ASP A 92 17.57 2.69 -4.11
CA ASP A 92 18.39 3.76 -3.52
C ASP A 92 18.12 4.02 -2.02
N SER A 93 16.85 4.22 -1.62
CA SER A 93 16.49 4.59 -0.24
C SER A 93 15.24 3.88 0.27
N SER A 94 15.31 3.27 1.46
CA SER A 94 14.25 2.40 2.00
C SER A 94 12.96 3.13 2.40
N ARG A 95 12.88 4.47 2.29
CA ARG A 95 11.68 5.27 2.61
C ARG A 95 10.67 5.38 1.46
N TYR A 96 10.77 4.53 0.42
CA TYR A 96 9.99 4.61 -0.80
C TYR A 96 9.58 3.20 -1.28
N PHE A 97 8.32 3.05 -1.70
CA PHE A 97 7.72 1.80 -2.17
C PHE A 97 6.85 2.02 -3.40
N VAL A 98 6.50 0.93 -4.08
CA VAL A 98 5.45 0.89 -5.09
C VAL A 98 4.37 -0.09 -4.63
N ILE A 99 3.09 0.21 -4.86
CA ILE A 99 1.99 -0.75 -4.61
C ILE A 99 1.04 -0.87 -5.80
N ARG A 100 0.47 -2.07 -5.99
CA ARG A 100 -0.51 -2.35 -7.06
C ARG A 100 -1.93 -2.07 -6.59
N ILE A 101 -2.36 -0.80 -6.64
CA ILE A 101 -3.73 -0.42 -6.30
C ILE A 101 -4.73 -0.97 -7.32
N GLN A 102 -5.89 -1.41 -6.84
CA GLN A 102 -6.91 -2.15 -7.60
C GLN A 102 -8.32 -1.65 -7.26
N ASP A 103 -9.23 -1.78 -8.24
CA ASP A 103 -10.65 -1.38 -8.11
C ASP A 103 -11.58 -2.55 -7.71
N GLY A 104 -11.01 -3.74 -7.49
CA GLY A 104 -11.74 -4.96 -7.08
C GLY A 104 -12.43 -5.71 -8.22
N THR A 105 -12.10 -5.36 -9.48
CA THR A 105 -12.78 -5.83 -10.71
C THR A 105 -11.80 -6.20 -11.85
N GLY A 106 -10.50 -6.29 -11.54
CA GLY A 106 -9.43 -6.59 -12.52
C GLY A 106 -8.74 -5.36 -13.12
N ARG A 107 -9.19 -4.15 -12.76
CA ARG A 107 -8.48 -2.89 -12.98
C ARG A 107 -7.35 -2.78 -11.97
N SER A 108 -6.18 -2.36 -12.44
CA SER A 108 -5.05 -2.04 -11.56
C SER A 108 -4.10 -0.98 -12.10
N ALA A 109 -3.32 -0.38 -11.19
CA ALA A 109 -2.17 0.48 -11.49
C ALA A 109 -1.06 0.29 -10.44
N PHE A 110 0.20 0.42 -10.84
CA PHE A 110 1.34 0.50 -9.93
C PHE A 110 1.63 1.98 -9.62
N ILE A 111 1.46 2.37 -8.35
CA ILE A 111 1.71 3.75 -7.86
C ILE A 111 2.90 3.77 -6.91
N GLY A 112 3.72 4.82 -6.98
CA GLY A 112 4.86 5.03 -6.08
C GLY A 112 4.41 5.82 -4.86
N ILE A 113 4.92 5.44 -3.68
CA ILE A 113 4.74 6.16 -2.41
C ILE A 113 6.07 6.40 -1.70
N GLY A 114 6.13 7.43 -0.86
CA GLY A 114 7.24 7.63 0.07
C GLY A 114 6.85 8.31 1.38
N PHE A 115 7.77 8.25 2.33
CA PHE A 115 7.63 8.72 3.71
C PHE A 115 8.62 9.86 4.01
N THR A 116 8.38 10.61 5.09
CA THR A 116 9.28 11.67 5.55
C THR A 116 10.57 11.12 6.17
N ASP A 117 10.55 9.85 6.63
CA ASP A 117 11.67 9.24 7.34
C ASP A 117 11.70 7.71 7.18
N ARG A 118 12.91 7.14 7.16
CA ARG A 118 13.16 5.70 7.02
C ARG A 118 12.58 4.87 8.17
N GLY A 119 12.53 5.41 9.39
CA GLY A 119 11.93 4.74 10.55
C GLY A 119 10.40 4.59 10.46
N ASP A 120 9.73 5.48 9.74
CA ASP A 120 8.28 5.40 9.49
C ASP A 120 7.95 4.49 8.32
N ALA A 121 8.79 4.49 7.28
CA ALA A 121 8.75 3.50 6.19
C ALA A 121 9.07 2.07 6.66
N PHE A 122 9.94 1.91 7.66
CA PHE A 122 10.20 0.59 8.26
C PHE A 122 8.93 -0.03 8.85
N ASP A 123 8.03 0.76 9.46
CA ASP A 123 6.76 0.24 9.97
C ASP A 123 5.80 -0.22 8.84
N PHE A 124 5.84 0.40 7.66
CA PHE A 124 5.11 -0.08 6.47
C PHE A 124 5.52 -1.51 6.08
N ASN A 125 6.83 -1.79 5.96
CA ASN A 125 7.29 -3.11 5.52
C ASN A 125 7.41 -4.16 6.63
N VAL A 126 7.57 -3.76 7.89
CA VAL A 126 7.61 -4.70 9.04
C VAL A 126 6.21 -5.16 9.42
N SER A 127 5.21 -4.27 9.41
CA SER A 127 3.81 -4.65 9.72
C SER A 127 3.23 -5.63 8.71
N LEU A 128 3.69 -5.60 7.45
CA LEU A 128 3.33 -6.59 6.42
C LEU A 128 4.00 -7.95 6.67
N GLN A 129 5.33 -8.00 6.85
CA GLN A 129 6.03 -9.28 7.01
C GLN A 129 5.71 -9.99 8.33
N ASP A 130 5.42 -9.23 9.39
CA ASP A 130 4.97 -9.76 10.70
C ASP A 130 3.44 -9.93 10.76
N HIS A 131 2.72 -9.65 9.69
CA HIS A 131 1.32 -10.10 9.52
C HIS A 131 1.23 -11.44 8.79
N PHE A 132 2.05 -11.66 7.76
CA PHE A 132 1.96 -12.88 6.94
C PHE A 132 2.79 -14.08 7.41
N LYS A 133 3.56 -13.97 8.51
CA LYS A 133 4.46 -15.06 8.95
C LYS A 133 3.76 -16.41 9.17
N TRP A 134 2.50 -16.41 9.60
CA TRP A 134 1.68 -17.60 9.82
C TRP A 134 1.05 -18.15 8.53
N VAL A 135 0.78 -17.29 7.54
CA VAL A 135 0.27 -17.66 6.21
C VAL A 135 1.37 -18.29 5.35
N LYS A 136 2.64 -17.91 5.58
CA LYS A 136 3.83 -18.36 4.85
C LYS A 136 4.67 -19.35 5.67
N GLN A 137 4.00 -20.25 6.38
CA GLN A 137 4.60 -21.48 6.92
C GLN A 137 4.71 -22.63 5.90
N GLU A 138 4.34 -22.34 4.65
CA GLU A 138 4.37 -23.21 3.46
C GLU A 138 4.55 -22.40 2.16
N GLY A 1 -36.63 -11.63 -4.16
CA GLY A 1 -36.02 -12.65 -3.26
C GLY A 1 -34.80 -13.27 -3.89
N SER A 2 -33.82 -13.65 -3.06
CA SER A 2 -32.50 -14.20 -3.48
C SER A 2 -32.12 -15.43 -2.64
N PRO A 3 -31.42 -16.45 -3.22
CA PRO A 3 -30.92 -17.60 -2.48
C PRO A 3 -29.76 -17.23 -1.54
N ASN A 4 -28.92 -16.29 -1.96
CA ASN A 4 -27.85 -15.65 -1.21
C ASN A 4 -28.41 -14.58 -0.26
N SER A 5 -27.89 -14.52 0.98
CA SER A 5 -28.30 -13.57 2.03
C SER A 5 -27.61 -12.21 1.97
N MET A 6 -26.56 -12.08 1.15
CA MET A 6 -25.75 -10.87 0.94
C MET A 6 -25.31 -10.72 -0.53
N ALA A 7 -24.71 -9.58 -0.87
CA ALA A 7 -24.11 -9.31 -2.18
C ALA A 7 -22.76 -8.57 -2.07
N THR A 8 -22.66 -7.60 -1.16
CA THR A 8 -21.42 -6.90 -0.75
C THR A 8 -21.46 -6.69 0.76
N GLU A 9 -20.43 -7.17 1.46
CA GLU A 9 -20.30 -7.12 2.92
C GLU A 9 -18.87 -6.77 3.40
N LEU A 10 -18.16 -5.92 2.64
CA LEU A 10 -16.80 -5.46 2.94
C LEU A 10 -16.77 -4.36 4.02
N GLU A 11 -17.31 -4.70 5.20
CA GLU A 11 -17.43 -3.85 6.39
C GLU A 11 -16.52 -4.35 7.54
N TYR A 12 -15.31 -4.76 7.19
CA TYR A 12 -14.31 -5.41 8.04
C TYR A 12 -12.92 -4.91 7.66
N GLU A 13 -12.03 -4.83 8.64
CA GLU A 13 -10.60 -4.56 8.47
C GLU A 13 -9.93 -4.62 9.85
N SER A 14 -8.90 -5.44 9.98
CA SER A 14 -7.98 -5.39 11.12
C SER A 14 -6.82 -4.45 10.81
N VAL A 15 -6.75 -3.29 11.47
CA VAL A 15 -5.67 -2.29 11.30
C VAL A 15 -4.30 -2.85 11.74
N LEU A 16 -3.24 -2.49 11.00
CA LEU A 16 -1.85 -2.95 11.20
C LEU A 16 -0.86 -1.78 11.30
N CYS A 17 -1.03 -0.73 10.49
CA CYS A 17 -0.23 0.50 10.54
C CYS A 17 -1.04 1.69 10.04
N VAL A 18 -1.01 2.80 10.77
CA VAL A 18 -1.58 4.09 10.37
C VAL A 18 -0.52 5.19 10.53
N LYS A 19 -0.29 5.96 9.47
CA LYS A 19 0.62 7.12 9.44
C LYS A 19 -0.08 8.35 8.84
N PRO A 20 0.04 9.55 9.43
CA PRO A 20 -0.69 10.75 9.01
C PRO A 20 -0.12 11.42 7.75
N ASP A 21 1.10 11.07 7.34
CA ASP A 21 1.82 11.72 6.24
C ASP A 21 2.46 10.68 5.31
N VAL A 22 1.86 10.52 4.12
CA VAL A 22 2.40 9.73 3.00
C VAL A 22 2.07 10.41 1.67
N SER A 23 2.98 10.31 0.70
CA SER A 23 2.87 10.96 -0.62
C SER A 23 2.83 9.93 -1.73
N VAL A 24 2.01 10.15 -2.77
CA VAL A 24 1.90 9.33 -3.98
C VAL A 24 2.55 9.99 -5.18
N TYR A 25 3.25 9.17 -5.95
CA TYR A 25 3.81 9.51 -7.25
C TYR A 25 3.32 8.48 -8.28
N ARG A 26 2.76 8.97 -9.39
CA ARG A 26 2.53 8.17 -10.60
C ARG A 26 3.86 7.99 -11.34
N ILE A 27 4.38 6.76 -11.36
CA ILE A 27 5.77 6.44 -11.72
C ILE A 27 5.98 6.22 -13.23
N PRO A 28 7.20 6.47 -13.77
CA PRO A 28 7.57 6.14 -15.15
C PRO A 28 7.56 4.62 -15.41
N PRO A 29 7.63 4.16 -16.68
CA PRO A 29 7.68 2.74 -17.03
C PRO A 29 8.99 2.07 -16.58
N ARG A 30 8.94 1.51 -15.37
CA ARG A 30 9.99 0.74 -14.66
C ARG A 30 9.36 -0.48 -13.97
N ALA A 31 10.21 -1.45 -13.63
CA ALA A 31 9.82 -2.70 -12.97
C ALA A 31 10.88 -3.14 -11.95
N SER A 32 10.50 -4.01 -11.02
CA SER A 32 11.33 -4.57 -9.94
C SER A 32 12.60 -5.30 -10.40
N ASN A 33 12.52 -5.96 -11.58
CA ASN A 33 13.63 -6.69 -12.20
C ASN A 33 14.66 -5.74 -12.88
N ARG A 34 14.37 -4.43 -12.88
CA ARG A 34 15.24 -3.32 -13.33
C ARG A 34 15.66 -2.47 -12.13
N GLY A 35 14.68 -2.20 -11.26
CA GLY A 35 14.80 -1.51 -9.99
C GLY A 35 14.47 -0.03 -10.08
N TYR A 36 13.44 0.39 -9.35
CA TYR A 36 13.18 1.78 -9.02
C TYR A 36 14.30 2.30 -8.10
N ARG A 37 14.70 3.56 -8.24
CA ARG A 37 15.75 4.20 -7.39
C ARG A 37 15.27 5.45 -6.68
N ALA A 38 13.95 5.53 -6.46
CA ALA A 38 13.21 6.68 -5.93
C ALA A 38 13.30 7.96 -6.80
N SER A 39 14.49 8.33 -7.27
CA SER A 39 14.77 9.48 -8.15
C SER A 39 14.12 9.39 -9.53
N ASP A 40 13.61 8.21 -9.92
CA ASP A 40 12.70 8.03 -11.05
C ASP A 40 11.40 8.86 -10.91
N TRP A 41 10.94 9.09 -9.67
CA TRP A 41 9.59 9.55 -9.34
C TRP A 41 9.54 11.06 -9.07
N LYS A 42 8.31 11.59 -8.95
CA LYS A 42 7.99 13.01 -8.71
C LYS A 42 8.16 13.46 -7.25
N LEU A 43 9.31 13.14 -6.65
CA LEU A 43 9.54 13.23 -5.20
C LEU A 43 9.25 14.61 -4.57
N ASP A 44 9.51 15.70 -5.29
CA ASP A 44 9.28 17.08 -4.83
C ASP A 44 7.92 17.67 -5.28
N GLN A 45 7.13 16.90 -6.05
CA GLN A 45 5.81 17.28 -6.57
C GLN A 45 4.84 16.06 -6.65
N PRO A 46 4.32 15.56 -5.51
CA PRO A 46 3.39 14.43 -5.47
C PRO A 46 2.16 14.63 -6.37
N ASP A 47 1.64 13.53 -6.92
CA ASP A 47 0.32 13.49 -7.58
C ASP A 47 -0.82 13.61 -6.56
N TRP A 48 -0.61 13.09 -5.35
CA TRP A 48 -1.52 13.19 -4.21
C TRP A 48 -0.74 13.06 -2.88
N THR A 49 -1.28 13.63 -1.79
CA THR A 49 -0.79 13.41 -0.42
C THR A 49 -1.93 13.12 0.55
N GLY A 50 -1.66 12.31 1.57
CA GLY A 50 -2.66 11.91 2.57
C GLY A 50 -2.09 10.99 3.64
N ARG A 51 -2.91 10.01 4.05
CA ARG A 51 -2.66 9.10 5.18
C ARG A 51 -2.50 7.65 4.70
N LEU A 52 -1.63 6.91 5.38
CA LEU A 52 -1.48 5.46 5.26
C LEU A 52 -2.48 4.76 6.20
N ARG A 53 -3.08 3.66 5.73
CA ARG A 53 -3.88 2.73 6.56
C ARG A 53 -3.72 1.30 6.07
N ILE A 54 -2.68 0.63 6.56
CA ILE A 54 -2.49 -0.80 6.34
C ILE A 54 -3.48 -1.55 7.23
N THR A 55 -4.23 -2.46 6.61
CA THR A 55 -5.28 -3.29 7.21
C THR A 55 -5.16 -4.74 6.69
N SER A 56 -5.92 -5.68 7.24
CA SER A 56 -5.92 -7.09 6.79
C SER A 56 -7.21 -7.79 7.17
N LYS A 57 -7.64 -8.75 6.36
CA LYS A 57 -8.60 -9.78 6.73
C LYS A 57 -8.43 -11.06 5.92
N GLY A 58 -8.33 -12.19 6.62
CA GLY A 58 -8.45 -13.55 6.04
C GLY A 58 -7.29 -13.93 5.10
N LYS A 59 -6.05 -13.83 5.60
CA LYS A 59 -4.79 -14.07 4.88
C LYS A 59 -4.60 -13.14 3.66
N THR A 60 -5.24 -11.97 3.71
CA THR A 60 -5.15 -10.92 2.69
C THR A 60 -5.00 -9.56 3.37
N ALA A 61 -3.84 -8.92 3.16
CA ALA A 61 -3.58 -7.56 3.62
C ALA A 61 -4.08 -6.52 2.60
N TYR A 62 -4.28 -5.30 3.06
CA TYR A 62 -4.83 -4.19 2.30
C TYR A 62 -4.06 -2.90 2.67
N ILE A 63 -3.17 -2.41 1.80
CA ILE A 63 -2.59 -1.07 1.96
C ILE A 63 -3.63 -0.07 1.45
N LYS A 64 -4.49 0.44 2.34
CA LYS A 64 -5.45 1.51 2.01
C LYS A 64 -4.79 2.89 2.19
N LEU A 65 -5.04 3.79 1.26
CA LEU A 65 -4.64 5.20 1.29
C LEU A 65 -5.89 6.08 1.44
N GLU A 66 -5.84 7.06 2.35
CA GLU A 66 -7.00 7.88 2.73
C GLU A 66 -6.67 9.38 2.81
N ASP A 67 -7.68 10.23 2.60
CA ASP A 67 -7.54 11.68 2.66
C ASP A 67 -7.40 12.18 4.11
N LYS A 68 -6.58 13.22 4.27
CA LYS A 68 -6.25 13.88 5.55
C LYS A 68 -7.25 14.95 6.01
N VAL A 69 -8.22 15.29 5.17
CA VAL A 69 -9.28 16.28 5.44
C VAL A 69 -10.67 15.65 5.31
N SER A 70 -10.92 14.86 4.26
CA SER A 70 -12.25 14.29 4.00
C SER A 70 -12.44 12.90 4.61
N GLY A 71 -11.36 12.18 4.88
CA GLY A 71 -11.39 10.81 5.42
C GLY A 71 -11.74 9.75 4.38
N GLU A 72 -11.83 10.14 3.12
CA GLU A 72 -12.24 9.29 1.99
C GLU A 72 -11.10 8.42 1.45
N LEU A 73 -11.43 7.29 0.83
CA LEU A 73 -10.45 6.39 0.21
C LEU A 73 -9.89 6.99 -1.10
N PHE A 74 -8.57 7.08 -1.22
CA PHE A 74 -7.87 7.43 -2.45
C PHE A 74 -7.67 6.19 -3.34
N ALA A 75 -7.05 5.14 -2.78
CA ALA A 75 -6.77 3.86 -3.44
C ALA A 75 -6.54 2.76 -2.39
N GLN A 76 -6.54 1.49 -2.81
CA GLN A 76 -6.08 0.37 -1.96
C GLN A 76 -5.39 -0.75 -2.75
N ALA A 77 -4.35 -1.34 -2.17
CA ALA A 77 -3.59 -2.45 -2.75
C ALA A 77 -3.76 -3.74 -1.92
N PRO A 78 -4.44 -4.78 -2.45
CA PRO A 78 -4.61 -6.07 -1.78
C PRO A 78 -3.39 -6.97 -1.99
N VAL A 79 -2.97 -7.70 -0.94
CA VAL A 79 -1.77 -8.54 -0.91
C VAL A 79 -2.09 -9.91 -0.33
N GLU A 80 -1.73 -11.00 -1.01
CA GLU A 80 -1.97 -12.37 -0.49
C GLU A 80 -0.81 -12.92 0.35
N GLN A 81 0.40 -12.40 0.14
CA GLN A 81 1.61 -12.65 0.94
C GLN A 81 2.69 -11.60 0.63
N TYR A 82 3.52 -11.27 1.61
CA TYR A 82 4.59 -10.25 1.52
C TYR A 82 5.97 -10.82 1.91
N PRO A 83 7.03 -10.64 1.10
CA PRO A 83 7.06 -9.96 -0.20
C PRO A 83 6.27 -10.69 -1.30
N GLY A 84 5.63 -9.93 -2.18
CA GLY A 84 4.77 -10.42 -3.26
C GLY A 84 4.41 -9.35 -4.30
N ILE A 85 3.44 -9.64 -5.18
CA ILE A 85 3.13 -8.84 -6.37
C ILE A 85 2.73 -7.39 -6.08
N ALA A 86 1.97 -7.16 -5.02
CA ALA A 86 1.30 -5.88 -4.77
C ALA A 86 2.13 -4.87 -3.96
N VAL A 87 3.39 -5.19 -3.63
CA VAL A 87 4.26 -4.35 -2.79
C VAL A 87 5.74 -4.58 -3.16
N GLU A 88 6.46 -3.51 -3.51
CA GLU A 88 7.85 -3.50 -3.96
C GLU A 88 8.65 -2.30 -3.42
N THR A 89 9.97 -2.35 -3.57
CA THR A 89 10.93 -1.42 -2.94
C THR A 89 11.79 -0.69 -3.98
N VAL A 90 12.36 0.45 -3.60
CA VAL A 90 13.44 1.12 -4.35
C VAL A 90 14.81 0.54 -3.99
N THR A 91 15.85 0.88 -4.76
CA THR A 91 17.23 0.42 -4.55
C THR A 91 18.10 1.42 -3.78
N ASP A 92 17.75 2.71 -3.83
CA ASP A 92 18.64 3.81 -3.39
C ASP A 92 18.36 4.32 -1.97
N SER A 93 17.09 4.42 -1.58
CA SER A 93 16.71 5.03 -0.27
C SER A 93 15.60 4.28 0.46
N SER A 94 15.85 3.88 1.70
CA SER A 94 15.01 2.94 2.48
C SER A 94 13.69 3.52 3.03
N ARG A 95 13.13 4.55 2.39
CA ARG A 95 11.86 5.22 2.78
C ARG A 95 10.81 5.28 1.66
N TYR A 96 10.90 4.45 0.63
CA TYR A 96 10.07 4.51 -0.58
C TYR A 96 9.67 3.12 -1.09
N PHE A 97 8.43 2.98 -1.59
CA PHE A 97 7.84 1.72 -2.06
C PHE A 97 6.98 1.92 -3.31
N VAL A 98 6.76 0.86 -4.09
CA VAL A 98 5.69 0.81 -5.10
C VAL A 98 4.62 -0.18 -4.64
N ILE A 99 3.34 0.13 -4.80
CA ILE A 99 2.24 -0.83 -4.54
C ILE A 99 1.30 -0.96 -5.74
N ARG A 100 0.74 -2.16 -5.93
CA ARG A 100 -0.26 -2.43 -6.98
C ARG A 100 -1.66 -2.22 -6.43
N ILE A 101 -2.20 -1.02 -6.59
CA ILE A 101 -3.57 -0.69 -6.18
C ILE A 101 -4.60 -1.29 -7.16
N GLN A 102 -5.80 -1.57 -6.68
CA GLN A 102 -6.95 -2.03 -7.47
C GLN A 102 -8.17 -1.10 -7.28
N ASP A 103 -9.01 -0.99 -8.31
CA ASP A 103 -10.21 -0.15 -8.34
C ASP A 103 -11.52 -0.93 -8.07
N GLY A 104 -11.40 -2.15 -7.50
CA GLY A 104 -12.52 -3.00 -7.07
C GLY A 104 -13.23 -3.76 -8.20
N THR A 105 -12.71 -3.70 -9.43
CA THR A 105 -13.32 -4.27 -10.65
C THR A 105 -12.34 -5.12 -11.50
N GLY A 106 -11.12 -5.35 -11.01
CA GLY A 106 -10.03 -6.06 -11.70
C GLY A 106 -9.07 -5.14 -12.47
N ARG A 107 -9.41 -3.84 -12.55
CA ARG A 107 -8.55 -2.73 -12.94
C ARG A 107 -7.52 -2.49 -11.84
N SER A 108 -6.27 -2.36 -12.26
CA SER A 108 -5.11 -2.14 -11.38
C SER A 108 -4.09 -1.12 -11.92
N ALA A 109 -3.28 -0.57 -11.02
CA ALA A 109 -2.14 0.31 -11.34
C ALA A 109 -1.01 0.13 -10.31
N PHE A 110 0.24 0.25 -10.75
CA PHE A 110 1.39 0.40 -9.85
C PHE A 110 1.61 1.89 -9.56
N ILE A 111 1.56 2.27 -8.28
CA ILE A 111 1.82 3.64 -7.78
C ILE A 111 3.01 3.65 -6.82
N GLY A 112 3.80 4.71 -6.84
CA GLY A 112 4.90 4.91 -5.90
C GLY A 112 4.41 5.65 -4.66
N ILE A 113 4.89 5.28 -3.48
CA ILE A 113 4.70 6.03 -2.22
C ILE A 113 6.02 6.34 -1.52
N GLY A 114 6.08 7.51 -0.89
CA GLY A 114 7.21 7.99 -0.12
C GLY A 114 6.85 8.41 1.29
N PHE A 115 7.72 8.03 2.23
CA PHE A 115 7.77 8.52 3.61
C PHE A 115 8.91 9.54 3.77
N THR A 116 8.88 10.32 4.85
CA THR A 116 9.95 11.28 5.18
C THR A 116 11.02 10.69 6.12
N ASP A 117 10.69 9.62 6.85
CA ASP A 117 11.28 9.37 8.17
C ASP A 117 12.28 8.19 8.23
N ARG A 118 12.23 7.29 7.24
CA ARG A 118 12.77 5.91 7.26
C ARG A 118 12.16 5.02 8.34
N GLY A 119 12.09 5.46 9.59
CA GLY A 119 11.42 4.73 10.69
C GLY A 119 9.93 4.42 10.42
N ASP A 120 9.22 5.27 9.67
CA ASP A 120 7.83 5.04 9.28
C ASP A 120 7.71 4.10 8.08
N ALA A 121 8.68 4.12 7.16
CA ALA A 121 8.83 3.12 6.10
C ALA A 121 9.24 1.73 6.64
N PHE A 122 10.02 1.70 7.72
CA PHE A 122 10.26 0.49 8.50
C PHE A 122 8.94 -0.04 9.08
N ASP A 123 8.13 0.82 9.69
CA ASP A 123 6.82 0.42 10.23
C ASP A 123 5.87 -0.13 9.14
N PHE A 124 5.84 0.49 7.95
CA PHE A 124 5.09 0.02 6.76
C PHE A 124 5.43 -1.43 6.40
N ASN A 125 6.72 -1.75 6.20
CA ASN A 125 7.10 -3.09 5.73
C ASN A 125 7.19 -4.14 6.84
N VAL A 126 7.45 -3.74 8.09
CA VAL A 126 7.50 -4.66 9.23
C VAL A 126 6.10 -5.09 9.66
N SER A 127 5.13 -4.18 9.68
CA SER A 127 3.72 -4.51 9.98
C SER A 127 3.09 -5.44 8.93
N LEU A 128 3.54 -5.36 7.67
CA LEU A 128 3.19 -6.32 6.61
C LEU A 128 3.81 -7.70 6.86
N GLN A 129 5.14 -7.80 6.95
CA GLN A 129 5.81 -9.11 7.04
C GLN A 129 5.48 -9.88 8.31
N ASP A 130 5.21 -9.18 9.42
CA ASP A 130 4.83 -9.78 10.71
C ASP A 130 3.33 -10.11 10.80
N HIS A 131 2.52 -9.77 9.79
CA HIS A 131 1.17 -10.31 9.66
C HIS A 131 1.09 -11.54 8.73
N PHE A 132 2.15 -11.84 7.98
CA PHE A 132 2.23 -12.99 7.05
C PHE A 132 3.18 -14.12 7.47
N LYS A 133 3.99 -13.99 8.54
CA LYS A 133 4.97 -15.05 8.91
C LYS A 133 4.35 -16.44 9.08
N TRP A 134 3.12 -16.50 9.61
CA TRP A 134 2.37 -17.74 9.82
C TRP A 134 1.77 -18.30 8.52
N VAL A 135 1.39 -17.43 7.58
CA VAL A 135 0.91 -17.80 6.23
C VAL A 135 2.06 -18.38 5.40
N LYS A 136 3.27 -17.82 5.54
CA LYS A 136 4.51 -18.29 4.91
C LYS A 136 5.23 -19.42 5.65
N GLN A 137 4.66 -19.83 6.78
CA GLN A 137 5.16 -20.85 7.73
C GLN A 137 6.65 -20.68 8.11
N GLU A 138 7.03 -19.43 8.35
CA GLU A 138 8.36 -19.00 8.82
C GLU A 138 8.55 -19.11 10.34
N GLY A 1 -25.81 -2.56 19.36
CA GLY A 1 -26.42 -1.46 18.59
C GLY A 1 -27.86 -1.75 18.20
N SER A 2 -28.52 -0.79 17.54
CA SER A 2 -29.92 -0.90 17.11
C SER A 2 -30.14 -1.97 16.01
N PRO A 3 -31.30 -2.66 15.99
CA PRO A 3 -31.55 -3.78 15.08
C PRO A 3 -31.62 -3.34 13.62
N ASN A 4 -30.56 -3.63 12.87
CA ASN A 4 -30.41 -3.39 11.43
C ASN A 4 -29.88 -4.65 10.70
N SER A 5 -30.26 -4.82 9.43
CA SER A 5 -29.81 -5.94 8.58
C SER A 5 -28.73 -5.53 7.57
N MET A 6 -28.60 -4.24 7.27
CA MET A 6 -27.56 -3.65 6.43
C MET A 6 -27.30 -2.20 6.84
N ALA A 7 -26.17 -1.95 7.49
CA ALA A 7 -25.74 -0.64 8.00
C ALA A 7 -24.21 -0.42 7.90
N THR A 8 -23.52 -1.22 7.09
CA THR A 8 -22.05 -1.29 6.95
C THR A 8 -21.36 -1.55 8.30
N GLU A 9 -21.51 -2.78 8.77
CA GLU A 9 -21.24 -3.24 10.14
C GLU A 9 -20.16 -4.33 10.24
N LEU A 10 -19.35 -4.49 9.18
CA LEU A 10 -18.37 -5.57 9.03
C LEU A 10 -17.32 -5.57 10.14
N GLU A 11 -17.09 -6.74 10.74
CA GLU A 11 -15.96 -7.02 11.65
C GLU A 11 -14.73 -7.49 10.84
N TYR A 12 -14.29 -6.67 9.88
CA TYR A 12 -13.22 -6.91 8.94
C TYR A 12 -12.42 -5.64 8.73
N GLU A 13 -11.33 -5.82 7.99
CA GLU A 13 -10.36 -4.80 7.63
C GLU A 13 -9.58 -4.44 8.89
N SER A 14 -8.88 -5.46 9.37
CA SER A 14 -8.20 -5.49 10.65
C SER A 14 -6.95 -4.64 10.58
N VAL A 15 -7.03 -3.46 11.19
CA VAL A 15 -5.99 -2.40 11.16
C VAL A 15 -4.64 -2.91 11.69
N LEU A 16 -3.55 -2.48 11.03
CA LEU A 16 -2.16 -2.90 11.30
C LEU A 16 -1.25 -1.68 11.54
N CYS A 17 -1.41 -0.62 10.76
CA CYS A 17 -0.67 0.63 10.88
C CYS A 17 -1.47 1.80 10.32
N VAL A 18 -1.49 2.92 11.03
CA VAL A 18 -2.08 4.19 10.58
C VAL A 18 -1.07 5.31 10.81
N LYS A 19 -0.75 6.09 9.76
CA LYS A 19 0.15 7.25 9.81
C LYS A 19 -0.46 8.48 9.10
N PRO A 20 -0.25 9.70 9.63
CA PRO A 20 -0.86 10.93 9.10
C PRO A 20 -0.28 11.43 7.77
N ASP A 21 0.94 11.01 7.41
CA ASP A 21 1.72 11.60 6.32
C ASP A 21 2.34 10.54 5.40
N VAL A 22 1.86 10.49 4.17
CA VAL A 22 2.41 9.70 3.05
C VAL A 22 2.13 10.41 1.72
N SER A 23 3.07 10.33 0.78
CA SER A 23 3.03 11.05 -0.50
C SER A 23 3.07 10.08 -1.68
N VAL A 24 2.15 10.21 -2.63
CA VAL A 24 2.05 9.38 -3.85
C VAL A 24 2.79 10.01 -5.01
N TYR A 25 3.46 9.14 -5.78
CA TYR A 25 4.03 9.46 -7.07
C TYR A 25 3.44 8.55 -8.13
N ARG A 26 2.96 9.16 -9.22
CA ARG A 26 2.50 8.48 -10.44
C ARG A 26 3.70 8.06 -11.30
N ILE A 27 4.40 7.02 -10.85
CA ILE A 27 5.75 6.63 -11.29
C ILE A 27 5.87 6.31 -12.80
N PRO A 28 7.04 6.52 -13.41
CA PRO A 28 7.33 6.08 -14.79
C PRO A 28 7.34 4.55 -14.92
N PRO A 29 7.17 4.00 -16.14
CA PRO A 29 7.22 2.56 -16.39
C PRO A 29 8.62 1.98 -16.09
N ARG A 30 8.64 0.76 -15.54
CA ARG A 30 9.83 0.01 -15.11
C ARG A 30 9.75 -1.46 -15.59
N ALA A 31 10.29 -2.39 -14.82
CA ALA A 31 10.40 -3.82 -15.12
C ALA A 31 9.79 -4.67 -13.98
N SER A 32 10.51 -5.69 -13.49
CA SER A 32 10.04 -6.66 -12.48
C SER A 32 11.09 -6.98 -11.41
N ASN A 33 12.38 -6.92 -11.79
CA ASN A 33 13.54 -7.31 -10.97
C ASN A 33 14.69 -6.27 -11.01
N ARG A 34 14.54 -5.19 -11.79
CA ARG A 34 15.58 -4.16 -12.02
C ARG A 34 15.55 -3.04 -10.98
N GLY A 35 14.39 -2.80 -10.37
CA GLY A 35 14.27 -1.90 -9.22
C GLY A 35 13.97 -0.46 -9.61
N TYR A 36 13.01 0.13 -8.89
CA TYR A 36 12.79 1.57 -8.84
C TYR A 36 13.88 2.21 -7.98
N ARG A 37 14.18 3.50 -8.16
CA ARG A 37 15.33 4.16 -7.50
C ARG A 37 14.98 5.48 -6.81
N ALA A 38 13.69 5.68 -6.56
CA ALA A 38 13.07 6.88 -5.98
C ALA A 38 13.30 8.19 -6.77
N SER A 39 14.52 8.49 -7.22
CA SER A 39 14.90 9.71 -7.94
C SER A 39 14.30 9.81 -9.35
N ASP A 40 13.79 8.70 -9.90
CA ASP A 40 13.01 8.71 -11.15
C ASP A 40 11.58 9.26 -10.96
N TRP A 41 11.09 9.41 -9.72
CA TRP A 41 9.74 9.81 -9.38
C TRP A 41 9.64 11.32 -9.11
N LYS A 42 8.40 11.82 -8.96
CA LYS A 42 8.08 13.25 -8.73
C LYS A 42 8.28 13.70 -7.28
N LEU A 43 9.47 13.49 -6.73
CA LEU A 43 9.79 13.73 -5.31
C LEU A 43 9.65 15.19 -4.83
N ASP A 44 9.55 16.15 -5.76
CA ASP A 44 9.34 17.58 -5.46
C ASP A 44 7.90 18.06 -5.80
N GLN A 45 7.09 17.18 -6.39
CA GLN A 45 5.68 17.44 -6.71
C GLN A 45 4.84 16.13 -6.68
N PRO A 46 4.47 15.61 -5.48
CA PRO A 46 3.60 14.44 -5.35
C PRO A 46 2.33 14.57 -6.18
N ASP A 47 1.89 13.45 -6.77
CA ASP A 47 0.64 13.38 -7.52
C ASP A 47 -0.59 13.45 -6.60
N TRP A 48 -0.41 12.98 -5.36
CA TRP A 48 -1.35 13.14 -4.24
C TRP A 48 -0.60 13.08 -2.89
N THR A 49 -1.17 13.66 -1.83
CA THR A 49 -0.69 13.51 -0.43
C THR A 49 -1.84 13.23 0.54
N GLY A 50 -1.56 12.43 1.57
CA GLY A 50 -2.53 12.12 2.61
C GLY A 50 -2.05 11.14 3.66
N ARG A 51 -2.95 10.27 4.11
CA ARG A 51 -2.81 9.37 5.26
C ARG A 51 -2.60 7.91 4.80
N LEU A 52 -1.77 7.18 5.54
CA LEU A 52 -1.58 5.73 5.42
C LEU A 52 -2.59 4.99 6.31
N ARG A 53 -3.17 3.90 5.80
CA ARG A 53 -3.96 2.94 6.58
C ARG A 53 -3.74 1.52 6.07
N ILE A 54 -2.84 0.79 6.72
CA ILE A 54 -2.62 -0.64 6.48
C ILE A 54 -3.68 -1.44 7.25
N THR A 55 -4.32 -2.34 6.54
CA THR A 55 -5.42 -3.22 6.99
C THR A 55 -5.18 -4.64 6.48
N SER A 56 -5.81 -5.65 7.07
CA SER A 56 -5.71 -7.04 6.63
C SER A 56 -6.86 -7.88 7.18
N LYS A 57 -7.13 -9.05 6.60
CA LYS A 57 -8.28 -9.88 6.96
C LYS A 57 -7.86 -11.33 7.21
N GLY A 58 -8.16 -12.25 6.31
CA GLY A 58 -7.64 -13.63 6.30
C GLY A 58 -6.21 -13.68 5.76
N LYS A 59 -6.01 -14.37 4.63
CA LYS A 59 -4.74 -14.43 3.89
C LYS A 59 -4.56 -13.27 2.90
N THR A 60 -5.23 -12.13 3.13
CA THR A 60 -5.18 -10.96 2.25
C THR A 60 -5.05 -9.67 3.07
N ALA A 61 -3.99 -8.90 2.79
CA ALA A 61 -3.76 -7.56 3.34
C ALA A 61 -4.18 -6.46 2.34
N TYR A 62 -4.32 -5.23 2.84
CA TYR A 62 -4.85 -4.09 2.11
C TYR A 62 -4.13 -2.81 2.57
N ILE A 63 -3.21 -2.29 1.76
CA ILE A 63 -2.63 -0.95 1.98
C ILE A 63 -3.61 0.07 1.38
N LYS A 64 -4.39 0.72 2.24
CA LYS A 64 -5.33 1.78 1.83
C LYS A 64 -4.78 3.17 2.16
N LEU A 65 -5.01 4.11 1.24
CA LEU A 65 -4.61 5.51 1.32
C LEU A 65 -5.84 6.41 1.46
N GLU A 66 -5.82 7.36 2.40
CA GLU A 66 -6.99 8.13 2.82
C GLU A 66 -6.71 9.64 2.92
N ASP A 67 -7.72 10.48 2.70
CA ASP A 67 -7.55 11.93 2.68
C ASP A 67 -7.23 12.54 4.04
N LYS A 68 -6.38 13.56 4.03
CA LYS A 68 -5.89 14.31 5.20
C LYS A 68 -6.88 15.29 5.85
N VAL A 69 -8.07 15.48 5.27
CA VAL A 69 -9.16 16.27 5.86
C VAL A 69 -10.39 15.40 6.09
N SER A 70 -10.84 14.65 5.08
CA SER A 70 -12.12 13.93 5.11
C SER A 70 -12.01 12.46 5.52
N GLY A 71 -10.81 11.87 5.45
CA GLY A 71 -10.56 10.45 5.71
C GLY A 71 -11.09 9.51 4.62
N GLU A 72 -11.46 10.06 3.47
CA GLU A 72 -12.06 9.33 2.34
C GLU A 72 -10.99 8.61 1.50
N LEU A 73 -11.36 7.49 0.87
CA LEU A 73 -10.44 6.59 0.18
C LEU A 73 -9.89 7.22 -1.12
N PHE A 74 -8.57 7.34 -1.22
CA PHE A 74 -7.87 7.71 -2.46
C PHE A 74 -7.62 6.46 -3.33
N ALA A 75 -6.95 5.45 -2.77
CA ALA A 75 -6.61 4.20 -3.44
C ALA A 75 -6.40 3.07 -2.43
N GLN A 76 -6.43 1.82 -2.92
CA GLN A 76 -6.26 0.61 -2.11
C GLN A 76 -5.48 -0.47 -2.87
N ALA A 77 -4.48 -1.09 -2.23
CA ALA A 77 -3.69 -2.19 -2.78
C ALA A 77 -3.91 -3.49 -1.98
N PRO A 78 -4.80 -4.38 -2.44
CA PRO A 78 -4.86 -5.78 -2.01
C PRO A 78 -3.54 -6.52 -2.25
N VAL A 79 -3.12 -7.29 -1.25
CA VAL A 79 -1.87 -8.08 -1.22
C VAL A 79 -2.19 -9.50 -0.76
N GLU A 80 -1.85 -10.52 -1.54
CA GLU A 80 -2.15 -11.93 -1.21
C GLU A 80 -1.02 -12.63 -0.44
N GLN A 81 0.17 -12.05 -0.49
CA GLN A 81 1.42 -12.50 0.13
C GLN A 81 2.43 -11.35 0.15
N TYR A 82 3.24 -11.23 1.21
CA TYR A 82 4.31 -10.24 1.30
C TYR A 82 5.61 -10.86 1.87
N PRO A 83 6.75 -10.81 1.14
CA PRO A 83 6.93 -10.24 -0.20
C PRO A 83 6.11 -10.92 -1.30
N GLY A 84 5.73 -10.13 -2.32
CA GLY A 84 4.89 -10.54 -3.45
C GLY A 84 4.83 -9.47 -4.56
N ILE A 85 3.80 -9.50 -5.40
CA ILE A 85 3.66 -8.58 -6.55
C ILE A 85 3.14 -7.19 -6.15
N ALA A 86 2.20 -7.09 -5.22
CA ALA A 86 1.44 -5.87 -4.93
C ALA A 86 2.19 -4.86 -4.05
N VAL A 87 3.46 -5.13 -3.70
CA VAL A 87 4.33 -4.30 -2.86
C VAL A 87 5.80 -4.54 -3.25
N GLU A 88 6.55 -3.47 -3.50
CA GLU A 88 7.98 -3.46 -3.82
C GLU A 88 8.72 -2.29 -3.16
N THR A 89 10.04 -2.40 -3.04
CA THR A 89 10.96 -1.37 -2.53
C THR A 89 11.69 -0.66 -3.68
N VAL A 90 12.21 0.54 -3.42
CA VAL A 90 13.25 1.17 -4.25
C VAL A 90 14.65 0.62 -3.90
N THR A 91 15.65 0.93 -4.71
CA THR A 91 17.04 0.46 -4.56
C THR A 91 17.96 1.49 -3.88
N ASP A 92 17.62 2.78 -3.96
CA ASP A 92 18.53 3.87 -3.60
C ASP A 92 18.26 4.48 -2.21
N SER A 93 16.99 4.65 -1.82
CA SER A 93 16.61 5.32 -0.55
C SER A 93 15.53 4.56 0.22
N SER A 94 15.85 4.07 1.42
CA SER A 94 15.08 3.08 2.18
C SER A 94 13.76 3.59 2.83
N ARG A 95 13.17 4.65 2.29
CA ARG A 95 11.93 5.32 2.75
C ARG A 95 10.86 5.49 1.65
N TYR A 96 10.92 4.64 0.61
CA TYR A 96 10.04 4.67 -0.56
C TYR A 96 9.65 3.25 -1.03
N PHE A 97 8.42 3.07 -1.51
CA PHE A 97 7.85 1.80 -1.96
C PHE A 97 6.96 1.99 -3.18
N VAL A 98 6.70 0.90 -3.92
CA VAL A 98 5.65 0.84 -4.95
C VAL A 98 4.59 -0.16 -4.52
N ILE A 99 3.30 0.14 -4.73
CA ILE A 99 2.20 -0.81 -4.47
C ILE A 99 1.24 -0.91 -5.66
N ARG A 100 0.65 -2.09 -5.85
CA ARG A 100 -0.34 -2.35 -6.92
C ARG A 100 -1.75 -2.07 -6.43
N ILE A 101 -2.21 -0.83 -6.59
CA ILE A 101 -3.58 -0.44 -6.24
C ILE A 101 -4.59 -1.04 -7.24
N GLN A 102 -5.74 -1.49 -6.74
CA GLN A 102 -6.78 -2.23 -7.50
C GLN A 102 -8.18 -1.74 -7.14
N ASP A 103 -9.07 -1.75 -8.14
CA ASP A 103 -10.49 -1.33 -7.98
C ASP A 103 -11.43 -2.50 -7.58
N GLY A 104 -10.87 -3.71 -7.41
CA GLY A 104 -11.59 -4.92 -7.00
C GLY A 104 -12.31 -5.66 -8.15
N THR A 105 -12.01 -5.29 -9.40
CA THR A 105 -12.69 -5.77 -10.63
C THR A 105 -11.72 -6.08 -11.79
N GLY A 106 -10.42 -6.24 -11.50
CA GLY A 106 -9.37 -6.51 -12.50
C GLY A 106 -8.69 -5.26 -13.09
N ARG A 107 -9.14 -4.06 -12.70
CA ARG A 107 -8.43 -2.79 -12.89
C ARG A 107 -7.33 -2.69 -11.86
N SER A 108 -6.14 -2.31 -12.31
CA SER A 108 -5.03 -2.00 -11.42
C SER A 108 -4.03 -0.96 -11.97
N ALA A 109 -3.24 -0.38 -11.06
CA ALA A 109 -2.09 0.47 -11.36
C ALA A 109 -0.98 0.27 -10.31
N PHE A 110 0.29 0.43 -10.73
CA PHE A 110 1.43 0.50 -9.82
C PHE A 110 1.74 1.97 -9.50
N ILE A 111 1.62 2.36 -8.21
CA ILE A 111 1.91 3.72 -7.72
C ILE A 111 3.07 3.70 -6.73
N GLY A 112 3.86 4.77 -6.70
CA GLY A 112 4.91 4.96 -5.71
C GLY A 112 4.35 5.66 -4.47
N ILE A 113 4.87 5.33 -3.28
CA ILE A 113 4.66 6.07 -2.03
C ILE A 113 5.99 6.38 -1.33
N GLY A 114 6.06 7.53 -0.68
CA GLY A 114 7.21 8.00 0.10
C GLY A 114 6.86 8.43 1.52
N PHE A 115 7.79 8.20 2.43
CA PHE A 115 7.71 8.54 3.86
C PHE A 115 8.66 9.70 4.21
N THR A 116 8.46 10.31 5.38
CA THR A 116 9.32 11.39 5.91
C THR A 116 10.67 10.88 6.42
N ASP A 117 10.75 9.61 6.83
CA ASP A 117 11.94 8.99 7.41
C ASP A 117 11.94 7.46 7.24
N ARG A 118 13.13 6.85 7.25
CA ARG A 118 13.32 5.39 7.18
C ARG A 118 12.60 4.65 8.31
N GLY A 119 12.54 5.21 9.53
CA GLY A 119 11.88 4.58 10.67
C GLY A 119 10.38 4.35 10.46
N ASP A 120 9.70 5.27 9.78
CA ASP A 120 8.27 5.15 9.46
C ASP A 120 8.02 4.24 8.26
N ALA A 121 8.90 4.25 7.26
CA ALA A 121 8.90 3.28 6.17
C ALA A 121 9.16 1.84 6.65
N PHE A 122 10.07 1.65 7.61
CA PHE A 122 10.30 0.33 8.22
C PHE A 122 9.12 -0.12 9.07
N ASP A 123 8.39 0.79 9.73
CA ASP A 123 7.17 0.46 10.47
C ASP A 123 6.01 0.05 9.52
N PHE A 124 5.90 0.68 8.34
CA PHE A 124 5.01 0.26 7.24
C PHE A 124 5.32 -1.17 6.77
N ASN A 125 6.62 -1.48 6.60
CA ASN A 125 7.10 -2.76 6.09
C ASN A 125 7.01 -3.91 7.14
N VAL A 126 7.28 -3.63 8.42
CA VAL A 126 7.25 -4.61 9.49
C VAL A 126 5.83 -4.93 9.93
N SER A 127 4.93 -3.94 10.02
CA SER A 127 3.53 -4.17 10.37
C SER A 127 2.76 -5.01 9.33
N LEU A 128 3.14 -4.92 8.04
CA LEU A 128 2.58 -5.71 6.96
C LEU A 128 3.09 -7.18 7.01
N GLN A 129 4.40 -7.39 7.14
CA GLN A 129 4.97 -8.76 7.18
C GLN A 129 4.63 -9.53 8.47
N ASP A 130 4.32 -8.83 9.57
CA ASP A 130 3.90 -9.42 10.83
C ASP A 130 2.41 -9.83 10.82
N HIS A 131 1.70 -9.58 9.72
CA HIS A 131 0.48 -10.33 9.40
C HIS A 131 0.74 -11.61 8.62
N PHE A 132 1.73 -11.62 7.73
CA PHE A 132 1.98 -12.75 6.81
C PHE A 132 2.93 -13.83 7.34
N LYS A 133 3.55 -13.69 8.52
CA LYS A 133 4.56 -14.66 9.02
C LYS A 133 4.08 -16.12 9.11
N TRP A 134 2.77 -16.35 9.28
CA TRP A 134 2.16 -17.70 9.28
C TRP A 134 1.81 -18.22 7.87
N VAL A 135 1.66 -17.32 6.89
CA VAL A 135 1.37 -17.62 5.48
C VAL A 135 2.68 -17.87 4.69
N LYS A 136 3.76 -17.16 5.05
CA LYS A 136 5.09 -17.20 4.40
C LYS A 136 6.01 -18.27 5.01
N GLN A 137 5.42 -19.36 5.49
CA GLN A 137 6.13 -20.54 5.97
C GLN A 137 6.56 -21.41 4.77
N GLU A 138 7.78 -21.16 4.30
CA GLU A 138 8.41 -21.80 3.11
C GLU A 138 9.84 -22.30 3.40
#